data_5H8K
#
_entry.id   5H8K
#
_cell.length_a   152.531
_cell.length_b   210.756
_cell.length_c   208.723
_cell.angle_alpha   90.00
_cell.angle_beta   90.00
_cell.angle_gamma   90.00
#
_symmetry.space_group_name_H-M   'P 21 21 2'
#
loop_
_entity.id
_entity.type
_entity.pdbx_description
1 polymer 'N-carbamoylputrescine amidohydrolase'
2 non-polymer GLYCEROL
3 non-polymer 1,2-ETHANEDIOL
4 non-polymer DI(HYDROXYETHYL)ETHER
5 water water
#
_entity_poly.entity_id   1
_entity_poly.type   'polypeptide(L)'
_entity_poly.pdbx_seq_one_letter_code
;SNAMAEDKGRKVVVSALQFACTDDVSTNVTTAERLVRAAHKQGANIVLIQELFEGYYFCQAQREDFIQRAKPYKDHPTIM
RLQKLAKELGVVIPVSFFEEANNAHYNSIAIIDADGTDLGIYRKSHIPDGPGYEEKFYFNPGDTGFKVFQTKYAKIGVAI
SWDQWFPEAARAMALQGAEILFYPTAIGSEPHDQSIDSRDHWKRVMQGHAGANLVPLVASNRIGNEIIETEHGKSEIKFY
GNSFIAGPTGEIVSIADDKEEAVLIAEFNLDKIKSMRHCWGVFRDRRPDLYKVLLTLDGKNPVL
;
_entity_poly.pdbx_strand_id   A,B,C,D,E,F,G,H,I,J,K,L,M,N,O,P
#
# COMPACT_ATOMS: atom_id res chain seq x y z
N LYS A 8 -10.85 -77.35 34.26
CA LYS A 8 -12.11 -76.72 34.76
C LYS A 8 -12.09 -75.24 34.50
N GLY A 9 -13.17 -74.74 33.87
CA GLY A 9 -13.36 -73.30 33.66
C GLY A 9 -13.80 -72.98 32.27
N ARG A 10 -14.15 -71.74 32.02
CA ARG A 10 -14.54 -71.36 30.68
C ARG A 10 -13.31 -71.32 29.81
N LYS A 11 -13.30 -72.19 28.82
CA LYS A 11 -12.27 -72.27 27.84
C LYS A 11 -12.73 -71.51 26.59
N VAL A 12 -11.86 -70.65 26.07
CA VAL A 12 -12.17 -69.96 24.81
C VAL A 12 -11.04 -70.03 23.81
N VAL A 13 -11.36 -70.35 22.55
CA VAL A 13 -10.39 -70.44 21.44
C VAL A 13 -10.43 -69.15 20.62
N VAL A 14 -9.29 -68.46 20.51
CA VAL A 14 -9.23 -67.28 19.68
C VAL A 14 -8.26 -67.44 18.49
N SER A 15 -8.47 -66.61 17.47
CA SER A 15 -7.73 -66.74 16.22
C SER A 15 -7.29 -65.41 15.68
N ALA A 16 -6.06 -65.34 15.17
CA ALA A 16 -5.59 -64.21 14.36
C ALA A 16 -5.42 -64.66 12.92
N LEU A 17 -5.96 -63.89 11.98
CA LEU A 17 -5.80 -64.16 10.58
C LEU A 17 -4.78 -63.18 10.00
N GLN A 18 -4.01 -63.63 9.02
CA GLN A 18 -3.11 -62.75 8.31
C GLN A 18 -3.19 -63.04 6.85
N PHE A 19 -3.49 -62.02 6.06
CA PHE A 19 -3.36 -62.17 4.59
C PHE A 19 -3.00 -60.87 3.89
N ALA A 20 -2.60 -60.99 2.62
CA ALA A 20 -2.37 -59.86 1.67
C ALA A 20 -3.66 -59.37 1.05
N CYS A 21 -3.79 -58.07 0.87
CA CYS A 21 -5.00 -57.53 0.31
C CYS A 21 -4.75 -57.24 -1.13
N THR A 22 -5.82 -57.41 -1.92
CA THR A 22 -5.87 -56.83 -3.24
C THR A 22 -6.63 -55.56 -3.04
N ASP A 23 -6.76 -54.79 -4.11
CA ASP A 23 -7.56 -53.57 -4.08
C ASP A 23 -8.95 -53.76 -4.72
N ASP A 24 -9.50 -54.96 -4.60
CA ASP A 24 -10.81 -55.25 -5.12
C ASP A 24 -11.59 -55.80 -3.95
N VAL A 25 -12.68 -55.13 -3.59
CA VAL A 25 -13.40 -55.45 -2.38
C VAL A 25 -13.91 -56.89 -2.30
N SER A 26 -14.53 -57.37 -3.37
CA SER A 26 -15.11 -58.71 -3.32
C SER A 26 -14.02 -59.73 -3.12
N THR A 27 -12.92 -59.56 -3.84
CA THR A 27 -11.85 -60.46 -3.59
C THR A 27 -11.50 -60.48 -2.07
N ASN A 28 -11.38 -59.33 -1.41
CA ASN A 28 -10.87 -59.38 -0.04
C ASN A 28 -11.88 -59.97 0.92
N VAL A 29 -13.15 -59.71 0.68
CA VAL A 29 -14.13 -60.27 1.60
C VAL A 29 -14.23 -61.78 1.39
N THR A 30 -14.05 -62.21 0.15
CA THR A 30 -14.05 -63.63 -0.07
C THR A 30 -12.85 -64.23 0.67
N THR A 31 -11.70 -63.55 0.66
CA THR A 31 -10.53 -64.06 1.35
C THR A 31 -10.79 -64.16 2.87
N ALA A 32 -11.40 -63.12 3.47
CA ALA A 32 -11.70 -63.08 4.88
C ALA A 32 -12.57 -64.27 5.23
N GLU A 33 -13.62 -64.48 4.45
CA GLU A 33 -14.52 -65.58 4.74
C GLU A 33 -13.79 -66.92 4.69
N ARG A 34 -12.97 -67.14 3.67
CA ARG A 34 -12.27 -68.41 3.57
C ARG A 34 -11.47 -68.69 4.86
N LEU A 35 -10.85 -67.64 5.42
CA LEU A 35 -9.95 -67.83 6.50
C LEU A 35 -10.69 -67.88 7.86
N VAL A 36 -11.79 -67.16 8.00
CA VAL A 36 -12.69 -67.35 9.13
C VAL A 36 -13.22 -68.80 9.20
N ARG A 37 -13.72 -69.33 8.08
CA ARG A 37 -14.14 -70.70 8.04
C ARG A 37 -13.03 -71.66 8.45
N ALA A 38 -11.79 -71.31 8.10
CA ALA A 38 -10.69 -72.22 8.42
C ALA A 38 -10.34 -72.15 9.91
N ALA A 39 -10.65 -71.03 10.52
CA ALA A 39 -10.35 -70.83 11.91
C ALA A 39 -11.38 -71.63 12.73
N HIS A 40 -12.61 -71.53 12.27
CA HIS A 40 -13.71 -72.22 12.87
C HIS A 40 -13.47 -73.70 12.76
N LYS A 41 -13.08 -74.15 11.60
CA LYS A 41 -12.79 -75.55 11.45
C LYS A 41 -11.75 -76.02 12.47
N GLN A 42 -10.81 -75.16 12.86
CA GLN A 42 -9.81 -75.51 13.90
C GLN A 42 -10.27 -75.24 15.31
N GLY A 43 -11.53 -74.83 15.48
CA GLY A 43 -12.14 -74.70 16.80
C GLY A 43 -12.27 -73.27 17.29
N ALA A 44 -11.99 -72.31 16.43
CA ALA A 44 -11.97 -70.95 16.91
C ALA A 44 -13.37 -70.48 17.32
N ASN A 45 -13.45 -69.77 18.44
CA ASN A 45 -14.70 -69.12 18.90
C ASN A 45 -14.77 -67.61 18.58
N ILE A 46 -13.60 -66.96 18.57
CA ILE A 46 -13.51 -65.54 18.24
C ILE A 46 -12.35 -65.34 17.28
N VAL A 47 -12.64 -64.68 16.16
CA VAL A 47 -11.71 -64.63 15.04
C VAL A 47 -11.41 -63.19 14.67
N LEU A 48 -10.15 -62.81 14.70
CA LEU A 48 -9.76 -61.46 14.30
C LEU A 48 -9.18 -61.23 12.85
N ILE A 49 -9.91 -60.43 12.05
CA ILE A 49 -9.45 -59.94 10.74
C ILE A 49 -8.69 -58.59 10.82
N GLN A 50 -7.58 -58.49 10.09
CA GLN A 50 -6.72 -57.31 10.10
C GLN A 50 -7.45 -55.99 9.72
N GLU A 51 -6.84 -54.88 10.08
CA GLU A 51 -7.48 -53.57 9.88
C GLU A 51 -7.65 -53.25 8.42
N LEU A 52 -8.78 -52.63 8.09
CA LEU A 52 -9.14 -52.11 6.75
C LEU A 52 -8.95 -53.10 5.63
N PHE A 53 -9.46 -54.30 5.85
CA PHE A 53 -9.08 -55.39 4.98
C PHE A 53 -9.77 -55.30 3.61
N GLU A 54 -10.82 -54.48 3.46
CA GLU A 54 -11.57 -54.43 2.19
C GLU A 54 -10.71 -53.86 1.07
N GLY A 55 -9.54 -53.34 1.37
CA GLY A 55 -8.63 -52.91 0.31
C GLY A 55 -7.21 -52.62 0.72
N TYR A 56 -6.50 -51.93 -0.18
CA TYR A 56 -5.14 -51.46 0.06
C TYR A 56 -5.22 -50.45 1.17
N TYR A 57 -4.12 -50.35 1.91
CA TYR A 57 -3.98 -49.37 2.96
C TYR A 57 -3.71 -48.01 2.33
N PHE A 58 -4.77 -47.20 2.26
CA PHE A 58 -4.84 -45.95 1.49
C PHE A 58 -4.51 -44.70 2.33
N CYS A 59 -4.58 -44.78 3.66
CA CYS A 59 -4.25 -43.64 4.53
C CYS A 59 -2.84 -43.14 4.13
N GLN A 60 -2.19 -43.96 3.29
CA GLN A 60 -0.90 -43.73 2.56
C GLN A 60 -0.89 -42.54 1.51
N ALA A 61 -2.08 -42.15 1.09
CA ALA A 61 -2.24 -41.16 0.10
C ALA A 61 -3.02 -40.10 0.73
N GLN A 62 -3.04 -38.94 0.12
CA GLN A 62 -3.78 -37.86 0.66
C GLN A 62 -4.59 -37.54 -0.54
N ARG A 63 -5.44 -38.49 -0.90
CA ARG A 63 -6.29 -38.36 -2.07
C ARG A 63 -7.72 -38.11 -1.72
N GLU A 64 -8.27 -37.09 -2.34
CA GLU A 64 -9.64 -36.69 -2.13
C GLU A 64 -10.59 -37.79 -2.53
N ASP A 65 -10.25 -38.51 -3.58
CA ASP A 65 -11.13 -39.57 -4.05
C ASP A 65 -11.34 -40.74 -3.09
N PHE A 66 -10.32 -41.13 -2.34
CA PHE A 66 -10.46 -42.25 -1.44
C PHE A 66 -11.46 -41.95 -0.32
N ILE A 67 -11.98 -40.73 -0.25
CA ILE A 67 -12.91 -40.40 0.82
C ILE A 67 -14.24 -41.11 0.58
N GLN A 68 -14.50 -41.37 -0.69
CA GLN A 68 -15.66 -42.09 -1.20
C GLN A 68 -15.81 -43.46 -0.60
N ARG A 69 -14.70 -44.08 -0.30
CA ARG A 69 -14.71 -45.45 0.16
C ARG A 69 -15.44 -45.63 1.47
N ALA A 70 -15.52 -44.57 2.26
CA ALA A 70 -16.21 -44.65 3.54
C ALA A 70 -17.69 -44.91 3.27
N LYS A 71 -18.28 -45.75 4.11
CA LYS A 71 -19.73 -45.95 4.12
C LYS A 71 -20.28 -45.81 5.55
N PRO A 72 -21.58 -45.51 5.68
CA PRO A 72 -22.10 -45.46 7.04
C PRO A 72 -22.11 -46.81 7.83
N TYR A 73 -22.14 -46.68 9.15
CA TYR A 73 -22.27 -47.84 10.07
C TYR A 73 -23.60 -48.59 9.80
N LYS A 74 -24.66 -47.83 9.50
CA LYS A 74 -25.98 -48.37 9.27
C LYS A 74 -26.14 -49.10 7.92
N ASP A 75 -26.57 -50.35 8.00
CA ASP A 75 -26.73 -51.18 6.81
C ASP A 75 -25.42 -51.37 6.01
N HIS A 76 -24.30 -51.58 6.65
CA HIS A 76 -23.05 -51.67 5.89
C HIS A 76 -22.93 -53.01 5.14
N PRO A 77 -22.75 -52.98 3.82
CA PRO A 77 -22.79 -54.27 3.12
C PRO A 77 -21.80 -55.30 3.64
N THR A 78 -20.61 -54.87 4.07
CA THR A 78 -19.63 -55.84 4.57
C THR A 78 -19.99 -56.30 5.97
N ILE A 79 -20.52 -55.41 6.80
CA ILE A 79 -20.84 -55.80 8.13
C ILE A 79 -21.96 -56.84 8.08
N MET A 80 -22.99 -56.55 7.29
CA MET A 80 -24.17 -57.44 7.08
C MET A 80 -23.80 -58.84 6.59
N ARG A 81 -22.88 -58.89 5.65
CA ARG A 81 -22.45 -60.18 5.17
C ARG A 81 -21.71 -60.94 6.28
N LEU A 82 -20.90 -60.24 7.06
CA LEU A 82 -20.13 -60.91 8.12
C LEU A 82 -21.03 -61.29 9.31
N GLN A 83 -22.12 -60.56 9.49
CA GLN A 83 -23.12 -60.91 10.48
C GLN A 83 -23.68 -62.30 10.09
N LYS A 84 -23.97 -62.54 8.81
CA LYS A 84 -24.57 -63.83 8.46
C LYS A 84 -23.65 -64.99 8.76
N LEU A 85 -22.36 -64.74 8.67
CA LEU A 85 -21.35 -65.76 8.75
C LEU A 85 -21.02 -66.00 10.22
N ALA A 86 -21.08 -64.94 11.01
CA ALA A 86 -20.97 -65.10 12.47
C ALA A 86 -22.09 -66.02 13.00
N LYS A 87 -23.32 -65.79 12.55
CA LYS A 87 -24.47 -66.52 12.99
C LYS A 87 -24.45 -67.93 12.45
N GLU A 88 -23.90 -68.13 11.27
CA GLU A 88 -23.87 -69.46 10.69
C GLU A 88 -22.88 -70.36 11.44
N LEU A 89 -21.75 -69.83 11.86
CA LEU A 89 -20.68 -70.65 12.37
C LEU A 89 -20.63 -70.59 13.89
N GLY A 90 -21.41 -69.70 14.50
CA GLY A 90 -21.31 -69.46 15.95
C GLY A 90 -19.99 -68.86 16.38
N VAL A 91 -19.50 -67.87 15.63
CA VAL A 91 -18.23 -67.22 15.98
C VAL A 91 -18.35 -65.69 16.05
N VAL A 92 -17.58 -65.10 16.95
CA VAL A 92 -17.55 -63.65 17.14
C VAL A 92 -16.53 -63.05 16.14
N ILE A 93 -16.99 -62.04 15.42
CA ILE A 93 -16.19 -61.37 14.40
C ILE A 93 -16.22 -59.84 14.55
N PRO A 94 -15.16 -59.22 15.09
CA PRO A 94 -15.07 -57.77 14.96
C PRO A 94 -14.69 -57.37 13.53
N VAL A 95 -15.46 -56.45 12.96
CA VAL A 95 -15.33 -56.08 11.54
C VAL A 95 -14.82 -54.67 11.37
N SER A 96 -13.54 -54.54 11.02
CA SER A 96 -12.90 -53.22 10.71
C SER A 96 -13.52 -52.60 9.42
N PHE A 97 -13.74 -51.30 9.40
CA PHE A 97 -14.32 -50.61 8.23
C PHE A 97 -14.11 -49.09 8.32
N PHE A 98 -14.23 -48.44 7.16
CA PHE A 98 -14.03 -47.00 7.05
C PHE A 98 -15.37 -46.36 7.10
N GLU A 99 -15.68 -45.68 8.20
CA GLU A 99 -17.04 -45.22 8.49
C GLU A 99 -17.26 -43.80 8.03
N GLU A 100 -18.34 -43.62 7.30
CA GLU A 100 -18.87 -42.30 7.06
C GLU A 100 -19.94 -42.06 8.10
N ALA A 101 -19.90 -40.91 8.73
CA ALA A 101 -20.98 -40.53 9.60
C ALA A 101 -21.22 -39.03 9.59
N ASN A 102 -21.89 -38.47 8.57
CA ASN A 102 -22.41 -37.10 8.79
C ASN A 102 -21.32 -36.01 8.81
N ASN A 103 -20.55 -35.92 7.72
CA ASN A 103 -19.49 -34.90 7.61
C ASN A 103 -18.29 -35.15 8.55
N ALA A 104 -18.33 -36.24 9.31
CA ALA A 104 -17.22 -36.77 10.04
C ALA A 104 -16.94 -38.22 9.57
N HIS A 105 -15.72 -38.68 9.74
CA HIS A 105 -15.25 -39.97 9.23
C HIS A 105 -14.34 -40.65 10.25
N TYR A 106 -14.41 -41.96 10.34
CA TYR A 106 -13.71 -42.60 11.42
C TYR A 106 -13.15 -43.92 10.97
N ASN A 107 -12.05 -44.32 11.58
CA ASN A 107 -11.53 -45.64 11.40
C ASN A 107 -12.15 -46.50 12.49
N SER A 108 -13.04 -47.39 12.13
CA SER A 108 -13.97 -47.97 13.09
C SER A 108 -14.00 -49.49 13.06
N ILE A 109 -14.67 -50.06 14.04
CA ILE A 109 -14.85 -51.48 14.07
C ILE A 109 -16.12 -51.80 14.79
N ALA A 110 -16.83 -52.80 14.31
CA ALA A 110 -18.14 -53.14 14.83
C ALA A 110 -18.06 -54.57 15.30
N ILE A 111 -18.48 -54.82 16.54
CA ILE A 111 -18.40 -56.13 17.13
C ILE A 111 -19.62 -57.00 16.90
N ILE A 112 -19.43 -58.10 16.16
CA ILE A 112 -20.51 -59.05 15.92
C ILE A 112 -20.39 -60.32 16.78
N ASP A 113 -21.48 -60.66 17.46
CA ASP A 113 -21.52 -61.77 18.43
C ASP A 113 -21.81 -63.13 17.72
N ALA A 114 -21.71 -64.23 18.45
CA ALA A 114 -21.83 -65.55 17.85
C ALA A 114 -23.20 -65.87 17.31
N ASP A 115 -24.22 -65.10 17.72
CA ASP A 115 -25.59 -65.19 17.19
C ASP A 115 -25.86 -64.18 16.09
N GLY A 116 -24.84 -63.46 15.67
CA GLY A 116 -25.00 -62.44 14.61
C GLY A 116 -25.41 -61.03 15.05
N THR A 117 -25.66 -60.86 16.33
CA THR A 117 -26.01 -59.56 16.85
C THR A 117 -24.84 -58.55 16.74
N ASP A 118 -25.19 -57.35 16.30
CA ASP A 118 -24.27 -56.22 16.20
C ASP A 118 -24.21 -55.57 17.55
N LEU A 119 -23.14 -55.74 18.29
CA LEU A 119 -23.11 -55.33 19.66
C LEU A 119 -22.68 -53.88 19.84
N GLY A 120 -22.21 -53.29 18.75
CA GLY A 120 -21.74 -51.92 18.77
C GLY A 120 -20.41 -51.64 18.12
N ILE A 121 -19.90 -50.45 18.40
CA ILE A 121 -18.85 -49.84 17.59
C ILE A 121 -17.81 -49.19 18.51
N TYR A 122 -16.55 -49.28 18.11
CA TYR A 122 -15.47 -48.52 18.68
C TYR A 122 -14.86 -47.72 17.54
N ARG A 123 -14.31 -46.56 17.84
CA ARG A 123 -13.71 -45.68 16.83
C ARG A 123 -12.25 -45.37 17.18
N LYS A 124 -11.31 -45.52 16.22
CA LYS A 124 -9.88 -45.39 16.52
C LYS A 124 -9.66 -44.05 17.19
N SER A 125 -9.00 -44.11 18.34
CA SER A 125 -8.82 -42.95 19.19
C SER A 125 -7.56 -42.18 18.87
N HIS A 126 -6.45 -42.85 18.64
CA HIS A 126 -5.22 -42.09 18.47
C HIS A 126 -4.90 -41.96 17.03
N ILE A 127 -4.78 -40.72 16.57
CA ILE A 127 -4.55 -40.42 15.10
C ILE A 127 -3.29 -39.60 14.96
N PRO A 128 -2.26 -40.26 14.47
CA PRO A 128 -0.99 -39.61 14.14
C PRO A 128 -1.11 -38.39 13.17
N ASP A 129 -0.87 -37.17 13.70
CA ASP A 129 -0.49 -35.99 12.85
C ASP A 129 1.02 -35.88 12.53
N GLY A 130 1.61 -37.03 12.16
CA GLY A 130 3.06 -37.19 12.07
C GLY A 130 3.60 -36.34 10.95
N PRO A 131 4.95 -36.26 10.83
CA PRO A 131 5.49 -35.55 9.73
C PRO A 131 5.43 -36.41 8.45
N GLY A 132 5.23 -37.73 8.63
CA GLY A 132 5.23 -38.74 7.55
C GLY A 132 3.88 -39.42 7.33
N TYR A 133 2.85 -38.91 8.01
CA TYR A 133 1.43 -39.12 7.62
C TYR A 133 0.47 -37.97 7.93
N GLU A 134 -0.44 -37.84 6.97
CA GLU A 134 -1.54 -36.92 7.07
C GLU A 134 -2.81 -37.80 7.20
N GLU A 135 -2.73 -38.81 8.04
CA GLU A 135 -3.90 -39.63 8.36
C GLU A 135 -5.13 -38.86 8.85
N LYS A 136 -4.93 -37.74 9.55
CA LYS A 136 -6.07 -36.88 9.95
C LYS A 136 -6.92 -36.48 8.73
N PHE A 137 -6.35 -36.78 7.56
CA PHE A 137 -6.93 -36.38 6.29
C PHE A 137 -8.17 -37.17 6.13
N TYR A 138 -8.15 -38.39 6.65
CA TYR A 138 -9.26 -39.29 6.45
C TYR A 138 -10.06 -39.35 7.72
N PHE A 139 -9.41 -39.48 8.87
CA PHE A 139 -10.14 -39.86 10.07
C PHE A 139 -10.17 -38.78 11.14
N ASN A 140 -11.34 -38.50 11.67
CA ASN A 140 -11.41 -37.78 12.91
C ASN A 140 -11.00 -38.70 14.06
N PRO A 141 -10.43 -38.09 15.10
CA PRO A 141 -10.17 -38.79 16.34
C PRO A 141 -11.45 -39.36 16.87
N GLY A 142 -11.38 -40.60 17.38
CA GLY A 142 -12.57 -41.27 17.86
C GLY A 142 -13.19 -40.60 19.08
N ASP A 143 -14.51 -40.57 19.07
CA ASP A 143 -15.28 -40.10 20.20
C ASP A 143 -16.03 -41.25 20.98
N THR A 144 -15.67 -42.50 20.79
CA THR A 144 -16.39 -43.55 21.51
C THR A 144 -15.74 -43.74 22.83
N GLY A 145 -14.46 -43.43 22.93
CA GLY A 145 -13.69 -43.90 24.04
C GLY A 145 -13.48 -45.42 23.99
N PHE A 146 -12.73 -45.94 24.94
CA PHE A 146 -12.40 -47.36 24.99
C PHE A 146 -13.56 -48.18 25.57
N LYS A 147 -13.90 -49.25 24.86
CA LYS A 147 -15.10 -49.98 25.15
C LYS A 147 -14.77 -51.40 25.41
N VAL A 148 -15.66 -52.07 26.11
CA VAL A 148 -15.65 -53.53 26.18
C VAL A 148 -16.98 -54.07 25.77
N PHE A 149 -16.99 -55.24 25.17
CA PHE A 149 -18.24 -55.78 24.71
C PHE A 149 -18.36 -57.17 25.31
N GLN A 150 -19.54 -57.41 25.86
CA GLN A 150 -19.88 -58.70 26.35
C GLN A 150 -20.30 -59.61 25.21
N THR A 151 -19.48 -60.59 24.84
CA THR A 151 -19.88 -61.59 23.82
C THR A 151 -20.38 -62.91 24.43
N LYS A 152 -20.83 -63.88 23.64
CA LYS A 152 -21.23 -65.17 24.21
C LYS A 152 -20.08 -65.93 24.84
N TYR A 153 -18.84 -65.52 24.60
CA TYR A 153 -17.71 -66.31 25.00
C TYR A 153 -16.85 -65.61 26.03
N ALA A 154 -16.86 -64.28 26.03
CA ALA A 154 -15.97 -63.52 26.86
C ALA A 154 -16.34 -62.04 26.82
N LYS A 155 -15.83 -61.29 27.81
CA LYS A 155 -15.82 -59.84 27.70
C LYS A 155 -14.59 -59.46 26.95
N ILE A 156 -14.71 -58.67 25.89
CA ILE A 156 -13.52 -58.37 25.10
C ILE A 156 -13.33 -56.86 24.90
N GLY A 157 -12.08 -56.47 24.78
CA GLY A 157 -11.74 -55.09 24.43
C GLY A 157 -11.13 -55.12 23.06
N VAL A 158 -11.51 -54.18 22.20
CA VAL A 158 -10.94 -54.11 20.87
C VAL A 158 -10.44 -52.69 20.62
N ALA A 159 -9.21 -52.53 20.16
CA ALA A 159 -8.78 -51.21 19.69
C ALA A 159 -8.11 -51.36 18.33
N ILE A 160 -7.64 -50.27 17.72
CA ILE A 160 -7.27 -50.29 16.31
C ILE A 160 -5.93 -49.62 15.98
N SER A 161 -5.14 -50.27 15.13
CA SER A 161 -3.87 -49.72 14.59
C SER A 161 -3.06 -48.89 15.62
N TRP A 162 -2.86 -47.61 15.38
CA TRP A 162 -1.96 -46.80 16.19
C TRP A 162 -2.30 -46.87 17.70
N ASP A 163 -3.53 -47.31 18.03
CA ASP A 163 -3.99 -47.39 19.42
C ASP A 163 -3.02 -48.31 20.17
N GLN A 164 -2.41 -49.18 19.38
CA GLN A 164 -1.53 -50.28 19.82
C GLN A 164 -0.36 -49.81 20.71
N TRP A 165 0.03 -48.56 20.51
CA TRP A 165 1.23 -48.06 21.09
C TRP A 165 0.97 -47.54 22.54
N PHE A 166 -0.30 -47.48 22.94
CA PHE A 166 -0.70 -46.65 24.07
C PHE A 166 -1.11 -47.51 25.27
N PRO A 167 -0.24 -47.64 26.25
CA PRO A 167 -0.59 -48.45 27.47
C PRO A 167 -1.90 -48.07 28.07
N GLU A 168 -2.26 -46.80 27.97
CA GLU A 168 -3.50 -46.37 28.55
C GLU A 168 -4.72 -47.07 27.96
N ALA A 169 -4.68 -47.38 26.66
CA ALA A 169 -5.89 -47.90 26.06
C ALA A 169 -6.11 -49.30 26.54
N ALA A 170 -5.05 -50.12 26.59
CA ALA A 170 -5.13 -51.49 27.16
C ALA A 170 -5.58 -51.50 28.64
N ARG A 171 -5.04 -50.57 29.42
CA ARG A 171 -5.42 -50.48 30.84
C ARG A 171 -6.89 -50.11 30.94
N ALA A 172 -7.35 -49.17 30.12
CA ALA A 172 -8.73 -48.75 30.19
C ALA A 172 -9.67 -49.90 29.87
N MET A 173 -9.30 -50.75 28.95
CA MET A 173 -10.19 -51.82 28.60
C MET A 173 -10.19 -52.89 29.74
N ALA A 174 -9.02 -53.19 30.25
CA ALA A 174 -8.86 -54.11 31.37
C ALA A 174 -9.58 -53.68 32.68
N LEU A 175 -9.52 -52.40 33.02
CA LEU A 175 -10.23 -51.92 34.21
C LEU A 175 -11.68 -52.16 34.08
N GLN A 176 -12.16 -52.23 32.85
CA GLN A 176 -13.60 -52.36 32.63
C GLN A 176 -14.07 -53.82 32.41
N GLY A 177 -13.17 -54.78 32.66
CA GLY A 177 -13.49 -56.22 32.63
C GLY A 177 -13.05 -56.97 31.37
N ALA A 178 -12.37 -56.32 30.43
CA ALA A 178 -11.92 -57.03 29.23
C ALA A 178 -11.10 -58.20 29.67
N GLU A 179 -11.39 -59.37 29.12
CA GLU A 179 -10.67 -60.54 29.49
C GLU A 179 -9.71 -60.95 28.39
N ILE A 180 -9.92 -60.40 27.19
CA ILE A 180 -9.03 -60.64 26.05
C ILE A 180 -8.96 -59.36 25.24
N LEU A 181 -7.79 -58.93 24.84
CA LEU A 181 -7.68 -57.71 24.02
C LEU A 181 -7.42 -58.03 22.54
N PHE A 182 -7.99 -57.25 21.64
CA PHE A 182 -7.81 -57.49 20.21
C PHE A 182 -7.31 -56.23 19.51
N TYR A 183 -6.26 -56.35 18.70
CA TYR A 183 -5.69 -55.19 17.98
C TYR A 183 -5.53 -55.45 16.46
N PRO A 184 -6.58 -55.17 15.68
CA PRO A 184 -6.40 -55.27 14.23
C PRO A 184 -5.51 -54.13 13.77
N THR A 185 -4.46 -54.44 13.00
CA THR A 185 -3.54 -53.40 12.56
C THR A 185 -3.03 -53.55 11.12
N ALA A 186 -2.19 -52.61 10.73
CA ALA A 186 -1.57 -52.66 9.44
C ALA A 186 -0.25 -51.92 9.54
N ILE A 187 0.86 -52.61 9.42
CA ILE A 187 2.09 -51.93 9.53
C ILE A 187 3.22 -52.61 8.75
N GLY A 188 4.04 -51.78 8.10
CA GLY A 188 5.22 -52.17 7.35
C GLY A 188 6.06 -50.91 7.11
N SER A 189 6.78 -50.82 6.00
CA SER A 189 7.64 -49.66 5.73
C SER A 189 8.09 -49.60 4.24
N GLU A 190 8.96 -48.61 3.91
CA GLU A 190 9.54 -48.44 2.54
C GLU A 190 10.60 -49.50 2.15
N PRO A 191 10.61 -49.95 0.88
CA PRO A 191 11.75 -50.71 0.33
C PRO A 191 12.78 -49.83 -0.39
N SER A 195 15.06 -48.50 5.40
CA SER A 195 16.04 -48.60 6.51
C SER A 195 15.55 -49.52 7.67
N ILE A 196 15.26 -48.98 8.85
CA ILE A 196 14.84 -49.86 9.96
C ILE A 196 13.42 -50.51 9.79
N ASP A 197 13.10 -51.43 10.68
CA ASP A 197 11.84 -52.14 10.63
C ASP A 197 11.31 -52.24 12.05
N SER A 198 10.03 -51.95 12.24
CA SER A 198 9.52 -51.73 13.59
C SER A 198 8.93 -53.00 14.23
N ARG A 199 9.21 -54.14 13.63
CA ARG A 199 8.44 -55.35 14.00
C ARG A 199 8.71 -55.76 15.45
N ASP A 200 9.93 -55.59 15.95
CA ASP A 200 10.27 -55.96 17.31
C ASP A 200 9.77 -54.98 18.35
N HIS A 201 9.91 -53.71 18.04
CA HIS A 201 9.39 -52.64 18.86
C HIS A 201 7.88 -52.79 19.05
N TRP A 202 7.17 -53.09 17.98
CA TRP A 202 5.72 -53.28 18.01
C TRP A 202 5.31 -54.40 18.98
N LYS A 203 5.90 -55.59 18.78
CA LYS A 203 5.61 -56.80 19.57
C LYS A 203 5.96 -56.59 21.03
N ARG A 204 7.11 -55.97 21.27
CA ARG A 204 7.50 -55.73 22.63
C ARG A 204 6.51 -54.82 23.35
N VAL A 205 5.98 -53.81 22.67
CA VAL A 205 5.05 -52.93 23.38
C VAL A 205 3.79 -53.68 23.67
N MET A 206 3.45 -54.60 22.82
CA MET A 206 2.16 -55.25 22.94
C MET A 206 2.23 -56.40 23.98
N GLN A 207 3.36 -57.10 23.98
CA GLN A 207 3.58 -58.13 24.98
C GLN A 207 3.51 -57.44 26.33
N GLY A 208 3.96 -56.17 26.35
CA GLY A 208 3.91 -55.33 27.52
C GLY A 208 2.54 -55.16 28.09
N HIS A 209 1.56 -54.88 27.22
CA HIS A 209 0.18 -54.67 27.70
C HIS A 209 -0.44 -55.96 28.22
N ALA A 210 -0.17 -57.04 27.52
CA ALA A 210 -0.69 -58.33 27.95
C ALA A 210 -0.15 -58.67 29.34
N GLY A 211 1.12 -58.40 29.54
CA GLY A 211 1.80 -58.68 30.78
C GLY A 211 1.34 -57.83 31.95
N ALA A 212 1.14 -56.54 31.69
CA ALA A 212 0.79 -55.61 32.72
C ALA A 212 -0.62 -55.79 33.20
N ASN A 213 -1.48 -56.29 32.30
CA ASN A 213 -2.90 -56.47 32.60
C ASN A 213 -3.26 -57.95 32.89
N LEU A 214 -2.34 -58.83 32.64
CA LEU A 214 -2.59 -60.25 32.74
C LEU A 214 -3.86 -60.65 31.99
N VAL A 215 -3.91 -60.24 30.72
CA VAL A 215 -4.95 -60.68 29.78
C VAL A 215 -4.27 -61.13 28.53
N PRO A 216 -4.76 -62.18 27.91
CA PRO A 216 -4.31 -62.51 26.56
C PRO A 216 -4.59 -61.40 25.52
N LEU A 217 -3.88 -61.46 24.42
CA LEU A 217 -3.91 -60.37 23.46
C LEU A 217 -3.68 -60.93 22.07
N VAL A 218 -4.59 -60.62 21.16
CA VAL A 218 -4.53 -61.09 19.75
C VAL A 218 -4.30 -59.90 18.82
N ALA A 219 -3.22 -59.96 18.02
CA ALA A 219 -2.92 -58.98 16.93
C ALA A 219 -2.88 -59.60 15.51
N SER A 220 -3.64 -58.98 14.59
CA SER A 220 -3.67 -59.37 13.17
C SER A 220 -3.13 -58.22 12.32
N ASN A 221 -2.09 -58.51 11.52
CA ASN A 221 -1.46 -57.53 10.66
C ASN A 221 -1.42 -58.10 9.29
N ARG A 222 -1.55 -57.25 8.26
CA ARG A 222 -1.49 -57.70 6.91
C ARG A 222 -0.06 -58.05 6.47
N ILE A 223 0.04 -58.75 5.34
CA ILE A 223 1.30 -58.95 4.60
C ILE A 223 1.19 -58.39 3.18
N GLY A 224 2.33 -58.29 2.48
CA GLY A 224 2.32 -57.98 1.03
C GLY A 224 2.82 -56.58 0.72
N ASN A 225 3.28 -56.38 -0.49
CA ASN A 225 3.65 -55.07 -1.02
C ASN A 225 2.43 -54.41 -1.58
N GLU A 226 2.36 -53.08 -1.50
CA GLU A 226 1.26 -52.31 -2.05
C GLU A 226 1.74 -50.98 -2.58
N ILE A 227 1.35 -50.67 -3.81
CA ILE A 227 1.78 -49.47 -4.45
C ILE A 227 0.54 -48.62 -4.70
N ILE A 228 0.52 -47.41 -4.17
CA ILE A 228 -0.54 -46.44 -4.40
C ILE A 228 0.03 -45.24 -5.14
N GLU A 229 -0.68 -44.70 -6.12
CA GLU A 229 -0.23 -43.44 -6.77
C GLU A 229 -0.73 -42.27 -5.93
N THR A 230 0.06 -41.19 -5.83
CA THR A 230 -0.25 -40.09 -4.91
C THR A 230 0.21 -38.71 -5.36
N GLU A 231 -0.04 -37.73 -4.50
CA GLU A 231 0.44 -36.36 -4.66
C GLU A 231 1.87 -36.24 -5.20
N HIS A 232 2.82 -36.93 -4.58
CA HIS A 232 4.21 -36.94 -5.10
C HIS A 232 4.31 -37.86 -6.34
N GLY A 233 3.67 -39.03 -6.21
CA GLY A 233 3.77 -40.16 -7.13
C GLY A 233 3.77 -41.43 -6.29
N LYS A 234 4.45 -42.48 -6.74
CA LYS A 234 4.39 -43.79 -6.09
C LYS A 234 4.82 -43.80 -4.63
N SER A 235 4.08 -44.56 -3.83
CA SER A 235 4.54 -45.00 -2.54
C SER A 235 4.26 -46.49 -2.43
N GLU A 236 5.14 -47.15 -1.71
CA GLU A 236 5.22 -48.59 -1.70
C GLU A 236 5.42 -48.98 -0.27
N ILE A 237 4.72 -50.00 0.17
CA ILE A 237 4.87 -50.45 1.51
C ILE A 237 4.97 -51.95 1.52
N LYS A 238 5.95 -52.49 2.25
CA LYS A 238 5.96 -53.92 2.50
C LYS A 238 5.52 -54.21 3.91
N PHE A 239 4.26 -54.59 4.02
CA PHE A 239 3.65 -54.94 5.30
C PHE A 239 4.28 -56.21 5.82
N TYR A 240 4.62 -56.19 7.09
CA TYR A 240 5.57 -57.18 7.56
C TYR A 240 4.94 -58.38 8.34
N GLY A 241 3.61 -58.51 8.30
CA GLY A 241 2.96 -59.61 9.00
C GLY A 241 3.21 -59.71 10.51
N ASN A 242 3.82 -60.80 10.90
CA ASN A 242 4.00 -61.06 12.32
C ASN A 242 2.79 -60.93 13.23
N SER A 243 1.58 -61.16 12.70
CA SER A 243 0.40 -61.36 13.54
C SER A 243 0.72 -62.37 14.65
N PHE A 244 0.16 -62.17 15.81
CA PHE A 244 0.52 -63.07 16.90
C PHE A 244 -0.60 -63.13 17.91
N ILE A 245 -0.53 -64.16 18.75
CA ILE A 245 -1.37 -64.24 19.92
C ILE A 245 -0.44 -64.36 21.12
N ALA A 246 -0.69 -63.51 22.13
CA ALA A 246 0.12 -63.55 23.33
C ALA A 246 -0.73 -63.91 24.53
N GLY A 247 -0.13 -64.64 25.45
CA GLY A 247 -0.78 -64.93 26.73
C GLY A 247 -0.65 -63.85 27.81
N PRO A 248 -1.25 -64.13 28.97
CA PRO A 248 -1.39 -63.17 30.04
C PRO A 248 -0.10 -62.82 30.79
N THR A 249 1.03 -63.47 30.52
CA THR A 249 2.33 -62.92 30.95
C THR A 249 3.12 -62.32 29.76
N GLY A 250 2.47 -62.18 28.62
CA GLY A 250 3.12 -61.58 27.46
C GLY A 250 3.88 -62.58 26.62
N GLU A 251 3.86 -63.83 27.02
CA GLU A 251 4.53 -64.86 26.26
C GLU A 251 3.83 -65.00 24.89
N ILE A 252 4.59 -65.03 23.80
CA ILE A 252 4.02 -65.35 22.48
C ILE A 252 3.71 -66.84 22.42
N VAL A 253 2.44 -67.19 22.18
CA VAL A 253 2.03 -68.60 22.05
C VAL A 253 1.82 -69.03 20.61
N SER A 254 1.47 -68.10 19.70
CA SER A 254 1.50 -68.38 18.23
C SER A 254 1.91 -67.14 17.48
N ILE A 255 2.67 -67.34 16.43
CA ILE A 255 3.09 -66.21 15.63
C ILE A 255 3.24 -66.59 14.20
N ALA A 256 2.98 -65.60 13.37
CA ALA A 256 3.13 -65.74 11.91
C ALA A 256 4.45 -65.15 11.43
N ASP A 257 4.84 -65.49 10.20
CA ASP A 257 6.01 -64.85 9.55
C ASP A 257 5.60 -63.59 8.75
N ASP A 258 6.56 -63.04 7.99
CA ASP A 258 6.35 -61.78 7.24
C ASP A 258 5.85 -61.88 5.82
N LYS A 259 5.42 -63.07 5.42
CA LYS A 259 5.16 -63.28 4.03
C LYS A 259 4.12 -64.32 3.68
N GLU A 260 3.60 -65.11 4.61
CA GLU A 260 2.56 -66.06 4.22
C GLU A 260 1.23 -65.83 4.92
N GLU A 261 0.15 -66.32 4.30
CA GLU A 261 -1.14 -66.40 4.98
C GLU A 261 -1.05 -67.26 6.19
N ALA A 262 -1.75 -66.84 7.23
CA ALA A 262 -1.80 -67.62 8.46
C ALA A 262 -3.14 -67.58 9.16
N VAL A 263 -3.38 -68.68 9.89
CA VAL A 263 -4.53 -68.88 10.77
C VAL A 263 -3.93 -69.37 12.07
N LEU A 264 -3.86 -68.48 13.05
CA LEU A 264 -3.33 -68.76 14.40
C LEU A 264 -4.45 -69.03 15.37
N ILE A 265 -4.21 -70.06 16.18
CA ILE A 265 -5.18 -70.64 17.10
C ILE A 265 -4.55 -70.74 18.51
N ALA A 266 -5.28 -70.26 19.50
CA ALA A 266 -4.89 -70.54 20.86
C ALA A 266 -6.12 -70.61 21.76
N GLU A 267 -6.11 -71.60 22.66
CA GLU A 267 -7.13 -71.79 23.73
C GLU A 267 -6.68 -71.11 25.01
N PHE A 268 -7.57 -70.31 25.60
CA PHE A 268 -7.33 -69.76 26.94
C PHE A 268 -8.38 -70.19 27.97
N ASN A 269 -7.94 -70.51 29.19
CA ASN A 269 -8.92 -70.74 30.26
C ASN A 269 -9.19 -69.44 30.98
N LEU A 270 -10.29 -68.81 30.66
CA LEU A 270 -10.54 -67.48 31.21
C LEU A 270 -10.76 -67.45 32.73
N ASP A 271 -11.28 -68.53 33.31
CA ASP A 271 -11.39 -68.59 34.79
C ASP A 271 -10.01 -68.73 35.47
N LYS A 272 -9.12 -69.60 34.97
CA LYS A 272 -7.80 -69.70 35.55
C LYS A 272 -7.07 -68.39 35.37
N ILE A 273 -7.32 -67.74 34.25
CA ILE A 273 -6.57 -66.50 34.02
C ILE A 273 -7.09 -65.38 34.94
N LYS A 274 -8.39 -65.27 35.08
CA LYS A 274 -8.95 -64.34 36.05
C LYS A 274 -8.30 -64.55 37.43
N SER A 275 -8.20 -65.78 37.89
CA SER A 275 -7.70 -66.03 39.24
C SER A 275 -6.23 -65.64 39.33
N MET A 276 -5.48 -65.85 38.27
CA MET A 276 -4.05 -65.52 38.22
C MET A 276 -3.86 -64.01 38.24
N ARG A 277 -4.70 -63.33 37.49
CA ARG A 277 -4.64 -61.86 37.37
C ARG A 277 -4.87 -61.19 38.70
N HIS A 278 -5.89 -61.65 39.41
CA HIS A 278 -6.20 -61.12 40.73
C HIS A 278 -5.19 -61.46 41.80
N CYS A 279 -4.54 -62.63 41.75
CA CYS A 279 -3.57 -63.03 42.77
CA CYS A 279 -3.60 -62.95 42.83
C CYS A 279 -2.23 -62.32 42.62
N TRP A 280 -1.86 -62.00 41.36
CA TRP A 280 -0.62 -61.27 41.07
C TRP A 280 -0.71 -59.93 41.74
N GLY A 281 -1.89 -59.34 41.73
CA GLY A 281 -2.13 -58.20 42.62
C GLY A 281 -1.99 -56.80 42.05
N VAL A 282 -1.65 -56.67 40.75
CA VAL A 282 -1.44 -55.37 40.21
C VAL A 282 -2.66 -54.49 40.33
N PHE A 283 -3.87 -55.02 40.11
CA PHE A 283 -5.06 -54.19 40.21
C PHE A 283 -5.49 -53.86 41.64
N ARG A 284 -5.05 -54.65 42.63
CA ARG A 284 -5.32 -54.33 43.99
C ARG A 284 -4.41 -53.17 44.42
N ASP A 285 -3.27 -53.09 43.76
CA ASP A 285 -2.21 -52.21 44.16
C ASP A 285 -2.12 -50.89 43.39
N ARG A 286 -2.97 -50.67 42.39
CA ARG A 286 -2.92 -49.42 41.61
C ARG A 286 -3.18 -48.22 42.49
N ARG A 287 -2.64 -47.08 42.04
CA ARG A 287 -2.74 -45.84 42.72
C ARG A 287 -3.29 -44.68 41.85
N PRO A 288 -4.55 -44.71 41.52
CA PRO A 288 -5.17 -43.62 40.74
C PRO A 288 -5.09 -42.25 41.38
N ASP A 289 -4.87 -42.21 42.69
CA ASP A 289 -4.73 -40.95 43.35
C ASP A 289 -3.42 -40.26 42.91
N LEU A 290 -2.48 -41.00 42.36
CA LEU A 290 -1.22 -40.42 41.94
C LEU A 290 -1.07 -40.41 40.39
N TYR A 291 -2.15 -40.75 39.67
CA TYR A 291 -2.16 -40.86 38.22
C TYR A 291 -2.75 -39.63 37.41
N LYS A 292 -2.97 -38.50 38.07
CA LYS A 292 -3.59 -37.40 37.42
C LYS A 292 -2.84 -36.79 36.22
N VAL A 293 -1.53 -36.87 36.33
CA VAL A 293 -0.69 -36.31 35.36
C VAL A 293 -0.96 -37.01 34.02
N LEU A 294 -1.57 -38.19 34.02
CA LEU A 294 -1.83 -38.85 32.76
C LEU A 294 -2.95 -38.18 31.97
N LEU A 295 -3.66 -37.24 32.59
CA LEU A 295 -4.72 -36.52 31.89
C LEU A 295 -4.18 -35.16 31.41
N THR A 296 -2.87 -35.04 31.33
CA THR A 296 -2.22 -33.90 30.73
C THR A 296 -1.54 -34.43 29.45
N LEU A 297 -1.22 -33.50 28.52
CA LEU A 297 -0.30 -33.81 27.43
C LEU A 297 1.09 -33.43 27.82
N ASP A 298 1.24 -32.30 28.49
CA ASP A 298 2.59 -31.73 28.67
C ASP A 298 3.17 -32.10 30.04
N GLY A 299 2.47 -32.98 30.75
CA GLY A 299 2.89 -33.37 32.10
C GLY A 299 2.64 -32.41 33.26
N LYS A 300 1.87 -31.34 33.04
CA LYS A 300 1.59 -30.31 34.05
C LYS A 300 0.11 -29.81 34.05
N ASN A 301 -0.42 -29.42 32.87
CA ASN A 301 -1.79 -28.97 32.67
C ASN A 301 -2.85 -30.00 32.31
N PRO A 302 -3.91 -30.11 33.14
CA PRO A 302 -5.05 -31.02 32.80
C PRO A 302 -5.67 -30.64 31.45
N VAL A 303 -6.10 -31.61 30.64
CA VAL A 303 -6.91 -31.19 29.51
C VAL A 303 -8.39 -31.20 29.85
N LEU A 304 -9.14 -30.53 28.99
CA LEU A 304 -10.59 -30.35 29.10
C LEU A 304 -11.43 -31.67 28.93
N LYS B 8 26.99 -37.67 17.39
CA LYS B 8 26.95 -36.27 17.92
C LYS B 8 25.73 -35.95 18.84
N GLY B 9 26.00 -35.33 19.99
CA GLY B 9 24.98 -35.06 21.07
C GLY B 9 25.32 -35.58 22.48
N ARG B 10 24.54 -35.20 23.50
CA ARG B 10 24.74 -35.65 24.90
C ARG B 10 24.74 -37.16 25.07
N LYS B 11 25.89 -37.72 25.39
CA LYS B 11 25.98 -39.10 25.68
C LYS B 11 25.93 -39.29 27.19
N VAL B 12 25.40 -40.44 27.59
CA VAL B 12 25.31 -40.85 28.96
C VAL B 12 25.51 -42.36 29.05
N VAL B 13 26.45 -42.72 29.91
CA VAL B 13 26.73 -44.09 30.22
C VAL B 13 26.05 -44.40 31.56
N VAL B 14 25.11 -45.34 31.54
CA VAL B 14 24.43 -45.80 32.74
C VAL B 14 24.83 -47.25 33.06
N SER B 15 24.68 -47.64 34.34
CA SER B 15 25.06 -48.98 34.81
C SER B 15 24.05 -49.62 35.73
N ALA B 16 23.80 -50.90 35.55
CA ALA B 16 23.05 -51.69 36.53
C ALA B 16 24.02 -52.55 37.27
N LEU B 17 23.82 -52.60 38.59
CA LEU B 17 24.65 -53.43 39.49
C LEU B 17 23.83 -54.56 40.05
N GLN B 18 24.53 -55.65 40.32
CA GLN B 18 23.91 -56.84 40.81
C GLN B 18 24.86 -57.53 41.79
N PHE B 19 24.33 -57.87 42.97
CA PHE B 19 25.11 -58.58 43.99
C PHE B 19 24.22 -59.28 45.06
N ALA B 20 24.85 -60.09 45.88
CA ALA B 20 24.20 -60.82 46.96
C ALA B 20 24.39 -60.03 48.28
N CYS B 21 23.40 -60.05 49.14
CA CYS B 21 23.47 -59.26 50.36
C CYS B 21 23.79 -60.18 51.52
N THR B 22 24.54 -59.65 52.49
CA THR B 22 24.70 -60.25 53.80
C THR B 22 23.79 -59.51 54.80
N ASP B 23 23.81 -59.96 56.05
CA ASP B 23 23.03 -59.38 57.19
C ASP B 23 23.72 -58.14 57.87
N ASP B 24 24.94 -57.82 57.44
CA ASP B 24 25.67 -56.68 57.97
C ASP B 24 25.59 -55.46 57.03
N VAL B 25 25.03 -54.37 57.56
CA VAL B 25 24.81 -53.15 56.81
C VAL B 25 26.06 -52.63 56.16
N SER B 26 27.09 -52.51 56.94
CA SER B 26 28.26 -51.82 56.54
C SER B 26 29.02 -52.69 55.54
N THR B 27 28.97 -54.01 55.70
CA THR B 27 29.51 -54.90 54.62
C THR B 27 28.83 -54.62 53.25
N ASN B 28 27.51 -54.52 53.26
CA ASN B 28 26.73 -54.39 52.06
C ASN B 28 26.94 -53.04 51.38
N VAL B 29 27.16 -52.00 52.17
CA VAL B 29 27.41 -50.70 51.59
C VAL B 29 28.80 -50.72 50.96
N THR B 30 29.74 -51.44 51.58
CA THR B 30 31.08 -51.57 50.99
C THR B 30 30.99 -52.33 49.65
N THR B 31 30.07 -53.29 49.58
CA THR B 31 29.84 -54.05 48.37
C THR B 31 29.33 -53.10 47.27
N ALA B 32 28.34 -52.30 47.63
CA ALA B 32 27.89 -51.22 46.77
C ALA B 32 29.06 -50.31 46.35
N GLU B 33 29.91 -49.90 47.29
CA GLU B 33 31.02 -48.99 46.95
CA GLU B 33 30.97 -48.98 46.94
C GLU B 33 31.92 -49.64 45.92
N ARG B 34 32.27 -50.90 46.13
CA ARG B 34 33.20 -51.57 45.24
C ARG B 34 32.64 -51.65 43.78
N LEU B 35 31.34 -51.89 43.62
CA LEU B 35 30.79 -52.14 42.29
C LEU B 35 30.57 -50.82 41.56
N VAL B 36 30.19 -49.80 42.34
CA VAL B 36 30.09 -48.42 41.86
C VAL B 36 31.42 -47.94 41.31
N ARG B 37 32.49 -48.14 42.07
CA ARG B 37 33.84 -47.85 41.56
C ARG B 37 34.15 -48.60 40.27
N ALA B 38 33.67 -49.83 40.15
CA ALA B 38 33.99 -50.62 38.98
C ALA B 38 33.18 -50.12 37.76
N ALA B 39 31.96 -49.66 38.00
CA ALA B 39 31.13 -49.05 36.96
C ALA B 39 31.78 -47.72 36.52
N HIS B 40 32.24 -46.95 37.48
CA HIS B 40 32.90 -45.70 37.17
C HIS B 40 34.12 -45.86 36.28
N LYS B 41 34.92 -46.88 36.58
CA LYS B 41 36.11 -47.21 35.82
C LYS B 41 35.85 -47.61 34.36
N GLN B 42 34.68 -48.17 34.11
CA GLN B 42 34.27 -48.58 32.80
C GLN B 42 33.42 -47.45 32.19
N GLY B 43 33.43 -46.28 32.83
CA GLY B 43 32.91 -45.06 32.22
C GLY B 43 31.52 -44.61 32.61
N ALA B 44 30.93 -45.24 33.63
CA ALA B 44 29.57 -44.94 34.00
C ALA B 44 29.43 -43.54 34.60
N ASN B 45 28.30 -42.89 34.29
CA ASN B 45 27.91 -41.57 34.85
C ASN B 45 26.78 -41.66 35.86
N ILE B 46 25.99 -42.71 35.76
CA ILE B 46 24.84 -42.91 36.63
C ILE B 46 24.85 -44.42 36.87
N VAL B 47 24.82 -44.81 38.15
CA VAL B 47 25.00 -46.20 38.54
C VAL B 47 23.85 -46.58 39.42
N LEU B 48 23.19 -47.71 39.14
CA LEU B 48 22.00 -48.10 39.90
C LEU B 48 22.17 -49.30 40.85
N ILE B 49 21.92 -49.09 42.13
CA ILE B 49 22.04 -50.12 43.18
C ILE B 49 20.71 -50.78 43.50
N GLN B 50 20.73 -52.10 43.71
CA GLN B 50 19.47 -52.84 43.92
C GLN B 50 18.64 -52.35 45.16
N GLU B 51 17.35 -52.68 45.19
CA GLU B 51 16.45 -52.28 46.32
C GLU B 51 16.85 -52.79 47.74
N LEU B 52 16.81 -51.92 48.75
CA LEU B 52 17.00 -52.40 50.13
C LEU B 52 18.31 -53.17 50.36
N PHE B 53 19.32 -52.75 49.62
CA PHE B 53 20.62 -53.41 49.55
C PHE B 53 21.39 -53.40 50.88
N GLU B 54 20.94 -52.58 51.83
CA GLU B 54 21.57 -52.55 53.15
C GLU B 54 21.45 -53.87 53.90
N GLY B 55 20.53 -54.76 53.52
CA GLY B 55 20.41 -56.02 54.22
C GLY B 55 19.61 -57.04 53.48
N TYR B 56 19.39 -58.16 54.14
CA TYR B 56 18.52 -59.22 53.66
C TYR B 56 17.17 -58.58 53.37
N TYR B 57 16.46 -59.14 52.40
CA TYR B 57 15.10 -58.71 52.15
C TYR B 57 14.18 -59.27 53.23
N PHE B 58 13.93 -58.44 54.23
CA PHE B 58 13.35 -58.87 55.54
C PHE B 58 11.82 -59.10 55.45
N CYS B 59 11.26 -58.64 54.34
CA CYS B 59 9.81 -58.66 54.12
C CYS B 59 9.18 -60.04 53.91
N GLN B 60 9.98 -61.10 53.93
CA GLN B 60 9.41 -62.43 54.04
C GLN B 60 8.61 -62.59 55.37
N ALA B 61 9.09 -61.87 56.39
CA ALA B 61 8.51 -61.94 57.71
C ALA B 61 7.59 -60.74 57.96
N GLN B 62 6.63 -60.90 58.84
CA GLN B 62 5.87 -59.77 59.33
C GLN B 62 6.21 -59.61 60.80
N ARG B 63 7.28 -58.90 61.12
CA ARG B 63 7.78 -58.80 62.52
C ARG B 63 7.82 -57.34 63.03
N GLU B 64 7.38 -57.14 64.27
CA GLU B 64 7.48 -55.87 65.00
C GLU B 64 8.90 -55.28 65.03
N ASP B 65 9.88 -56.09 65.41
CA ASP B 65 11.24 -55.67 65.50
C ASP B 65 11.81 -55.34 64.14
N PHE B 66 11.32 -55.95 63.06
CA PHE B 66 11.87 -55.62 61.76
C PHE B 66 11.46 -54.18 61.30
N ILE B 67 10.33 -53.72 61.82
CA ILE B 67 9.87 -52.40 61.48
C ILE B 67 10.91 -51.37 62.01
N GLN B 68 11.46 -51.61 63.18
CA GLN B 68 12.38 -50.65 63.81
C GLN B 68 13.72 -50.68 63.11
N ARG B 69 13.86 -51.42 62.01
CA ARG B 69 15.06 -51.24 61.19
C ARG B 69 15.00 -49.96 60.37
N ALA B 70 13.87 -49.25 60.36
CA ALA B 70 13.76 -48.06 59.55
C ALA B 70 14.60 -46.97 60.18
N LYS B 71 15.02 -46.00 59.37
CA LYS B 71 15.78 -44.84 59.83
C LYS B 71 15.29 -43.59 59.15
N PRO B 72 15.44 -42.45 59.80
CA PRO B 72 15.00 -41.26 59.12
C PRO B 72 15.83 -40.89 57.87
N TYR B 73 15.21 -40.22 56.91
CA TYR B 73 15.97 -39.61 55.78
C TYR B 73 17.04 -38.67 56.30
N LYS B 74 16.73 -37.83 57.26
CA LYS B 74 17.74 -36.93 57.76
C LYS B 74 18.91 -37.61 58.46
N ASP B 75 20.09 -37.15 58.09
CA ASP B 75 21.37 -37.69 58.50
C ASP B 75 21.48 -39.22 58.41
N HIS B 76 20.94 -39.80 57.35
CA HIS B 76 21.03 -41.24 57.19
C HIS B 76 22.45 -41.63 56.92
N PRO B 77 23.03 -42.57 57.69
CA PRO B 77 24.46 -42.81 57.49
C PRO B 77 24.83 -43.50 56.16
N THR B 78 23.93 -44.29 55.61
CA THR B 78 24.20 -44.85 54.29
C THR B 78 24.08 -43.81 53.14
N ILE B 79 23.07 -42.95 53.22
CA ILE B 79 23.02 -41.86 52.27
C ILE B 79 24.26 -40.98 52.38
N MET B 80 24.63 -40.55 53.58
CA MET B 80 25.77 -39.66 53.73
C MET B 80 27.09 -40.27 53.22
N ARG B 81 27.26 -41.59 53.33
CA ARG B 81 28.50 -42.23 52.93
C ARG B 81 28.58 -42.27 51.43
N LEU B 82 27.46 -42.61 50.84
CA LEU B 82 27.33 -42.62 49.38
C LEU B 82 27.40 -41.22 48.71
N GLN B 83 27.10 -40.15 49.45
CA GLN B 83 27.27 -38.81 48.94
C GLN B 83 28.72 -38.57 48.75
N LYS B 84 29.53 -39.09 49.68
CA LYS B 84 30.96 -38.85 49.63
C LYS B 84 31.51 -39.50 48.39
N LEU B 85 30.93 -40.62 48.00
CA LEU B 85 31.47 -41.35 46.87
C LEU B 85 31.05 -40.73 45.51
N ALA B 86 29.80 -40.26 45.44
CA ALA B 86 29.26 -39.64 44.25
C ALA B 86 30.05 -38.41 43.93
N LYS B 87 30.45 -37.69 44.95
CA LYS B 87 31.25 -36.50 44.77
C LYS B 87 32.66 -36.81 44.30
N GLU B 88 33.26 -37.85 44.89
CA GLU B 88 34.62 -38.23 44.53
C GLU B 88 34.74 -38.69 43.06
N LEU B 89 33.81 -39.49 42.62
CA LEU B 89 33.87 -40.07 41.30
C LEU B 89 33.08 -39.29 40.23
N GLY B 90 32.24 -38.32 40.63
CA GLY B 90 31.39 -37.56 39.70
C GLY B 90 30.31 -38.41 39.06
N VAL B 91 29.68 -39.26 39.88
CA VAL B 91 28.59 -40.12 39.44
C VAL B 91 27.30 -39.93 40.25
N VAL B 92 26.18 -40.15 39.60
CA VAL B 92 24.89 -40.03 40.17
C VAL B 92 24.55 -41.39 40.73
N ILE B 93 24.11 -41.37 42.00
CA ILE B 93 23.83 -42.60 42.73
C ILE B 93 22.53 -42.54 43.50
N PRO B 94 21.51 -43.27 43.06
CA PRO B 94 20.26 -43.31 43.81
C PRO B 94 20.35 -44.32 44.94
N VAL B 95 19.91 -43.97 46.11
CA VAL B 95 20.17 -44.80 47.31
C VAL B 95 18.86 -45.28 47.95
N SER B 96 18.52 -46.56 47.72
CA SER B 96 17.34 -47.22 48.30
C SER B 96 17.56 -47.39 49.81
N PHE B 97 16.53 -47.11 50.62
CA PHE B 97 16.58 -47.19 52.10
C PHE B 97 15.18 -47.26 52.71
N PHE B 98 15.11 -47.74 53.95
CA PHE B 98 13.86 -47.93 54.70
C PHE B 98 13.69 -46.71 55.56
N GLU B 99 12.68 -45.92 55.22
CA GLU B 99 12.47 -44.64 55.84
C GLU B 99 11.50 -44.69 57.04
N GLU B 100 11.92 -44.16 58.17
CA GLU B 100 11.02 -43.77 59.26
C GLU B 100 10.75 -42.26 59.14
N ALA B 101 9.49 -41.87 59.15
CA ALA B 101 9.15 -40.47 59.21
C ALA B 101 8.03 -40.25 60.24
N ASN B 102 8.43 -39.89 61.46
CA ASN B 102 7.54 -39.91 62.64
C ASN B 102 6.84 -41.27 62.70
N ASN B 103 5.54 -41.37 62.53
CA ASN B 103 4.91 -42.70 62.66
C ASN B 103 4.65 -43.37 61.31
N ALA B 104 5.05 -42.73 60.22
CA ALA B 104 4.89 -43.32 58.90
C ALA B 104 6.18 -44.05 58.62
N HIS B 105 6.10 -45.04 57.76
CA HIS B 105 7.29 -45.73 57.29
C HIS B 105 7.17 -45.96 55.79
N TYR B 106 8.26 -45.79 55.04
CA TYR B 106 8.20 -45.97 53.59
C TYR B 106 9.41 -46.69 53.03
N ASN B 107 9.22 -47.22 51.84
CA ASN B 107 10.31 -47.82 51.07
C ASN B 107 10.72 -46.70 50.11
N SER B 108 11.87 -46.07 50.34
CA SER B 108 12.19 -44.81 49.75
C SER B 108 13.54 -44.85 49.03
N ILE B 109 13.80 -43.81 48.23
CA ILE B 109 15.08 -43.71 47.52
C ILE B 109 15.45 -42.26 47.38
N ALA B 110 16.70 -41.97 47.69
CA ALA B 110 17.24 -40.63 47.63
C ALA B 110 18.18 -40.55 46.44
N ILE B 111 18.05 -39.49 45.66
CA ILE B 111 18.83 -39.35 44.42
C ILE B 111 20.04 -38.46 44.68
N ILE B 112 21.23 -39.03 44.66
CA ILE B 112 22.42 -38.20 44.86
C ILE B 112 23.02 -37.79 43.50
N ASP B 113 23.32 -36.51 43.34
CA ASP B 113 23.85 -35.97 42.09
C ASP B 113 25.40 -36.10 42.06
N ALA B 114 25.92 -35.96 40.85
CA ALA B 114 27.34 -36.16 40.59
C ALA B 114 28.28 -35.26 41.40
N ASP B 115 27.74 -34.20 42.00
CA ASP B 115 28.52 -33.35 42.93
C ASP B 115 28.21 -33.66 44.43
N GLY B 116 27.45 -34.73 44.68
CA GLY B 116 27.17 -35.16 46.05
C GLY B 116 25.90 -34.59 46.63
N THR B 117 25.23 -33.71 45.85
CA THR B 117 24.12 -32.96 46.38
C THR B 117 22.96 -33.89 46.46
N ASP B 118 22.28 -33.90 47.61
CA ASP B 118 21.13 -34.77 47.81
C ASP B 118 19.90 -34.14 47.17
N LEU B 119 19.43 -34.62 46.03
CA LEU B 119 18.32 -33.93 45.37
C LEU B 119 16.91 -34.17 45.94
N GLY B 120 16.73 -35.13 46.83
CA GLY B 120 15.41 -35.41 47.37
C GLY B 120 15.05 -36.86 47.17
N ILE B 121 13.80 -37.20 47.45
CA ILE B 121 13.43 -38.61 47.51
C ILE B 121 12.15 -38.92 46.82
N TYR B 122 12.05 -40.20 46.45
CA TYR B 122 10.80 -40.75 45.93
C TYR B 122 10.42 -41.82 46.92
N ARG B 123 9.12 -41.92 47.22
CA ARG B 123 8.60 -43.02 48.06
C ARG B 123 7.76 -44.01 47.27
N LYS B 124 8.05 -45.30 47.48
CA LYS B 124 7.46 -46.37 46.66
C LYS B 124 5.98 -46.27 46.69
N SER B 125 5.36 -46.25 45.51
CA SER B 125 3.90 -45.97 45.41
C SER B 125 3.04 -47.22 45.50
N HIS B 126 3.47 -48.28 44.77
CA HIS B 126 2.67 -49.47 44.69
C HIS B 126 3.34 -50.48 45.61
N ILE B 127 2.60 -51.06 46.57
CA ILE B 127 3.27 -51.92 47.62
C ILE B 127 2.78 -53.33 47.46
N PRO B 128 3.67 -54.24 47.11
CA PRO B 128 3.23 -55.58 46.86
C PRO B 128 2.85 -56.34 48.15
N ASP B 129 2.26 -57.54 48.00
CA ASP B 129 1.85 -58.33 49.14
C ASP B 129 1.74 -59.83 48.82
N GLY B 130 1.74 -60.66 49.85
CA GLY B 130 1.72 -62.10 49.68
C GLY B 130 2.94 -62.85 50.25
N PRO B 131 2.89 -64.18 50.29
CA PRO B 131 4.02 -64.89 50.92
C PRO B 131 5.36 -64.53 50.32
N GLY B 132 6.33 -64.28 51.19
CA GLY B 132 7.65 -63.88 50.76
C GLY B 132 7.85 -62.39 50.57
N TYR B 133 6.75 -61.67 50.29
CA TYR B 133 6.83 -60.27 49.89
C TYR B 133 5.74 -59.47 50.64
N GLU B 134 5.75 -59.61 51.97
CA GLU B 134 4.79 -58.93 52.84
C GLU B 134 5.03 -57.44 53.05
N GLU B 135 5.24 -56.71 51.96
CA GLU B 135 5.66 -55.34 52.07
C GLU B 135 4.58 -54.45 52.63
N LYS B 136 3.33 -54.83 52.43
CA LYS B 136 2.26 -53.96 52.87
C LYS B 136 2.17 -53.92 54.40
N PHE B 137 2.83 -54.83 55.09
CA PHE B 137 2.85 -54.80 56.54
C PHE B 137 3.83 -53.70 57.03
N TYR B 138 4.80 -53.33 56.20
CA TYR B 138 5.88 -52.41 56.59
C TYR B 138 5.74 -50.99 56.06
N PHE B 139 5.26 -50.80 54.82
CA PHE B 139 5.35 -49.49 54.24
C PHE B 139 3.99 -48.84 54.00
N ASN B 140 3.76 -47.64 54.55
CA ASN B 140 2.76 -46.79 53.95
C ASN B 140 2.90 -46.70 52.42
N PRO B 141 1.78 -46.77 51.73
CA PRO B 141 1.88 -46.40 50.31
C PRO B 141 2.41 -44.98 50.13
N GLY B 142 3.39 -44.84 49.25
CA GLY B 142 4.08 -43.59 48.99
C GLY B 142 3.18 -42.42 48.59
N ASP B 143 3.56 -41.25 49.07
CA ASP B 143 2.85 -40.00 48.95
C ASP B 143 3.68 -38.88 48.24
N THR B 144 4.86 -39.20 47.71
CA THR B 144 5.60 -38.22 46.91
C THR B 144 4.97 -38.08 45.52
N GLY B 145 4.37 -39.16 45.06
CA GLY B 145 3.96 -39.21 43.66
C GLY B 145 5.19 -39.53 42.82
N PHE B 146 4.99 -39.74 41.52
CA PHE B 146 6.14 -40.05 40.63
C PHE B 146 6.97 -38.79 40.42
N LYS B 147 8.27 -38.98 40.38
CA LYS B 147 9.14 -37.80 40.24
C LYS B 147 10.20 -38.00 39.18
N VAL B 148 10.66 -36.87 38.64
CA VAL B 148 11.89 -36.83 37.88
C VAL B 148 12.88 -35.87 38.48
N PHE B 149 14.16 -36.22 38.42
CA PHE B 149 15.21 -35.42 38.98
C PHE B 149 16.16 -34.96 37.89
N GLN B 150 16.57 -33.72 38.02
CA GLN B 150 17.48 -33.14 37.09
C GLN B 150 18.89 -33.33 37.60
N THR B 151 19.63 -34.28 37.02
CA THR B 151 21.01 -34.50 37.42
C THR B 151 21.97 -33.81 36.46
N LYS B 152 23.27 -33.83 36.73
CA LYS B 152 24.19 -33.23 35.82
C LYS B 152 24.17 -33.83 34.43
N TYR B 153 23.70 -35.06 34.26
CA TYR B 153 23.86 -35.78 32.99
C TYR B 153 22.53 -35.93 32.25
N ALA B 154 21.43 -35.95 33.00
CA ALA B 154 20.16 -36.31 32.44
C ALA B 154 19.06 -36.05 33.45
N LYS B 155 17.86 -35.74 32.96
CA LYS B 155 16.66 -35.79 33.76
C LYS B 155 16.32 -37.25 33.84
N ILE B 156 16.17 -37.78 35.05
CA ILE B 156 15.86 -39.18 35.20
C ILE B 156 14.59 -39.48 36.03
N GLY B 157 14.04 -40.67 35.81
CA GLY B 157 12.86 -41.10 36.51
C GLY B 157 13.24 -42.32 37.30
N VAL B 158 13.13 -42.24 38.61
CA VAL B 158 13.48 -43.37 39.46
C VAL B 158 12.21 -43.81 40.18
N ALA B 159 11.82 -45.07 39.99
CA ALA B 159 10.78 -45.65 40.86
C ALA B 159 11.32 -46.95 41.51
N ILE B 160 10.50 -47.70 42.23
CA ILE B 160 11.07 -48.78 43.06
C ILE B 160 10.34 -50.07 42.90
N SER B 161 11.11 -51.04 42.44
CA SER B 161 10.73 -52.43 42.47
C SER B 161 9.34 -52.67 41.87
N TRP B 162 8.35 -53.00 42.74
CA TRP B 162 7.01 -53.34 42.28
C TRP B 162 6.42 -52.22 41.43
N ASP B 163 6.86 -50.99 41.61
CA ASP B 163 6.38 -49.91 40.76
C ASP B 163 6.58 -50.32 39.29
N GLN B 164 7.60 -51.10 39.03
CA GLN B 164 7.95 -51.47 37.63
C GLN B 164 6.93 -52.27 36.85
N TRP B 165 5.88 -52.79 37.51
CA TRP B 165 4.83 -53.51 36.82
C TRP B 165 3.69 -52.64 36.28
N PHE B 166 3.74 -51.33 36.54
CA PHE B 166 2.63 -50.38 36.31
C PHE B 166 2.99 -49.43 35.19
N PRO B 167 2.33 -49.58 34.04
CA PRO B 167 2.59 -48.68 32.95
C PRO B 167 2.31 -47.26 33.33
N GLU B 168 1.45 -47.04 34.31
CA GLU B 168 1.12 -45.68 34.64
C GLU B 168 2.33 -44.95 35.24
N ALA B 169 3.19 -45.65 35.98
CA ALA B 169 4.31 -44.95 36.59
C ALA B 169 5.35 -44.52 35.58
N ALA B 170 5.64 -45.39 34.61
CA ALA B 170 6.64 -45.12 33.62
C ALA B 170 6.18 -43.96 32.69
N ARG B 171 4.90 -43.94 32.40
CA ARG B 171 4.31 -42.88 31.59
C ARG B 171 4.29 -41.57 32.34
N ALA B 172 4.00 -41.63 33.63
CA ALA B 172 3.97 -40.42 34.49
C ALA B 172 5.35 -39.76 34.49
N MET B 173 6.39 -40.57 34.68
CA MET B 173 7.74 -40.06 34.62
C MET B 173 8.11 -39.50 33.23
N ALA B 174 7.75 -40.17 32.14
CA ALA B 174 8.15 -39.69 30.81
C ALA B 174 7.46 -38.38 30.49
N LEU B 175 6.22 -38.27 30.96
CA LEU B 175 5.49 -37.03 30.73
C LEU B 175 6.14 -35.86 31.47
N GLN B 176 6.83 -36.11 32.56
CA GLN B 176 7.45 -35.02 33.31
C GLN B 176 8.89 -34.82 32.87
N GLY B 177 9.25 -35.44 31.76
CA GLY B 177 10.60 -35.26 31.15
C GLY B 177 11.67 -36.32 31.46
N ALA B 178 11.39 -37.45 32.10
CA ALA B 178 12.46 -38.42 32.29
C ALA B 178 13.12 -38.85 30.96
N GLU B 179 14.46 -38.84 30.89
CA GLU B 179 15.15 -39.30 29.69
C GLU B 179 15.56 -40.73 29.80
N ILE B 180 15.58 -41.24 31.03
CA ILE B 180 15.97 -42.63 31.37
C ILE B 180 15.16 -43.00 32.60
N LEU B 181 14.63 -44.24 32.64
CA LEU B 181 13.95 -44.80 33.78
C LEU B 181 14.85 -45.79 34.56
N PHE B 182 14.78 -45.72 35.89
CA PHE B 182 15.51 -46.66 36.77
C PHE B 182 14.60 -47.41 37.74
N TYR B 183 14.85 -48.70 37.90
CA TYR B 183 14.05 -49.51 38.77
C TYR B 183 14.94 -50.47 39.58
N PRO B 184 15.41 -50.02 40.73
CA PRO B 184 16.08 -50.93 41.68
C PRO B 184 15.05 -51.91 42.24
N THR B 185 15.43 -53.19 42.34
CA THR B 185 14.48 -54.27 42.47
C THR B 185 14.93 -55.35 43.43
N ALA B 186 13.97 -56.02 44.05
CA ALA B 186 14.30 -57.26 44.80
C ALA B 186 13.26 -58.27 44.42
N ILE B 187 13.62 -59.22 43.54
CA ILE B 187 12.62 -60.15 43.13
C ILE B 187 13.18 -61.50 42.84
N GLY B 188 12.46 -62.53 43.29
CA GLY B 188 12.87 -63.89 43.05
C GLY B 188 11.77 -64.90 43.10
N SER B 189 12.09 -66.09 43.57
CA SER B 189 11.12 -67.15 43.79
C SER B 189 10.15 -66.76 44.90
N GLU B 190 9.07 -67.52 44.99
CA GLU B 190 8.04 -67.31 46.01
C GLU B 190 7.89 -68.56 46.87
N PRO B 191 7.92 -68.39 48.20
CA PRO B 191 7.99 -69.49 49.18
C PRO B 191 6.79 -70.45 49.24
N HIS B 192 5.59 -70.00 48.87
CA HIS B 192 4.39 -70.87 48.92
C HIS B 192 4.17 -71.72 47.65
N ASP B 193 4.92 -71.43 46.56
CA ASP B 193 4.70 -72.12 45.28
C ASP B 193 5.95 -72.13 44.44
N GLN B 194 6.67 -73.23 44.46
CA GLN B 194 7.91 -73.32 43.73
C GLN B 194 7.69 -73.33 42.18
N SER B 195 6.44 -73.32 41.72
CA SER B 195 6.20 -73.31 40.27
C SER B 195 6.19 -71.89 39.66
N ILE B 196 6.12 -70.89 40.50
CA ILE B 196 6.24 -69.54 40.00
C ILE B 196 7.69 -69.12 39.67
N ASP B 197 7.90 -68.80 38.39
CA ASP B 197 9.14 -68.21 37.89
C ASP B 197 8.74 -67.04 37.02
N SER B 198 8.87 -65.86 37.56
CA SER B 198 8.32 -64.68 37.00
C SER B 198 9.31 -63.88 36.18
N ARG B 199 10.54 -64.36 36.00
CA ARG B 199 11.58 -63.50 35.40
C ARG B 199 11.33 -63.04 33.94
N ASP B 200 10.76 -63.90 33.09
CA ASP B 200 10.44 -63.52 31.72
C ASP B 200 9.30 -62.49 31.69
N HIS B 201 8.22 -62.77 32.41
CA HIS B 201 7.13 -61.84 32.59
C HIS B 201 7.59 -60.43 33.05
N TRP B 202 8.46 -60.38 34.04
CA TRP B 202 8.98 -59.16 34.67
C TRP B 202 9.78 -58.32 33.65
N LYS B 203 10.64 -58.97 32.88
CA LYS B 203 11.34 -58.32 31.79
C LYS B 203 10.43 -57.73 30.74
N ARG B 204 9.46 -58.52 30.31
CA ARG B 204 8.56 -58.11 29.23
C ARG B 204 7.78 -56.88 29.61
N VAL B 205 7.38 -56.77 30.88
CA VAL B 205 6.51 -55.69 31.25
C VAL B 205 7.30 -54.41 31.18
N MET B 206 8.53 -54.44 31.71
CA MET B 206 9.42 -53.29 31.63
C MET B 206 9.87 -52.96 30.18
N GLN B 207 10.18 -53.96 29.38
CA GLN B 207 10.59 -53.73 28.02
C GLN B 207 9.45 -53.02 27.33
N GLY B 208 8.25 -53.38 27.74
CA GLY B 208 7.08 -52.66 27.30
C GLY B 208 7.05 -51.17 27.59
N HIS B 209 7.41 -50.78 28.81
CA HIS B 209 7.47 -49.38 29.18
C HIS B 209 8.53 -48.67 28.37
N ALA B 210 9.71 -49.24 28.28
CA ALA B 210 10.75 -48.58 27.51
C ALA B 210 10.19 -48.25 26.08
N GLY B 211 9.50 -49.21 25.47
CA GLY B 211 9.16 -49.07 24.09
C GLY B 211 7.97 -48.17 23.92
N ALA B 212 7.15 -48.03 24.95
CA ALA B 212 5.93 -47.27 24.78
C ALA B 212 6.20 -45.78 24.89
N ASN B 213 7.17 -45.49 25.75
CA ASN B 213 7.67 -44.14 26.00
C ASN B 213 8.93 -43.75 25.19
N LEU B 214 9.54 -44.73 24.51
CA LEU B 214 10.77 -44.47 23.80
C LEU B 214 11.85 -43.86 24.68
N VAL B 215 12.07 -44.50 25.79
CA VAL B 215 13.15 -44.15 26.69
C VAL B 215 13.91 -45.41 27.17
N PRO B 216 15.22 -45.28 27.36
CA PRO B 216 16.00 -46.36 27.93
C PRO B 216 15.59 -46.68 29.36
N LEU B 217 15.83 -47.90 29.77
CA LEU B 217 15.40 -48.36 31.09
C LEU B 217 16.43 -49.26 31.76
N VAL B 218 16.68 -48.97 33.03
CA VAL B 218 17.67 -49.75 33.81
C VAL B 218 17.04 -50.47 35.02
N ALA B 219 17.30 -51.77 35.13
CA ALA B 219 16.82 -52.56 36.28
C ALA B 219 17.94 -53.33 36.91
N SER B 220 18.04 -53.17 38.23
CA SER B 220 19.04 -53.82 39.03
C SER B 220 18.37 -54.68 40.07
N ASN B 221 18.65 -55.98 39.99
CA ASN B 221 18.05 -56.98 40.86
C ASN B 221 19.11 -57.76 41.62
N ARG B 222 18.71 -58.15 42.79
CA ARG B 222 19.48 -58.94 43.75
C ARG B 222 19.72 -60.37 43.20
N ILE B 223 20.78 -61.01 43.66
CA ILE B 223 20.93 -62.44 43.54
C ILE B 223 21.11 -63.06 44.93
N GLY B 224 21.13 -64.38 44.99
CA GLY B 224 21.38 -65.13 46.24
C GLY B 224 20.16 -65.79 46.85
N ASN B 225 20.37 -66.82 47.64
CA ASN B 225 19.32 -67.40 48.53
C ASN B 225 19.32 -66.75 49.89
N GLU B 226 18.16 -66.33 50.37
CA GLU B 226 18.09 -65.71 51.67
C GLU B 226 17.03 -66.46 52.48
N ILE B 227 17.42 -66.84 53.68
CA ILE B 227 16.52 -67.47 54.63
C ILE B 227 16.23 -66.46 55.71
N ILE B 228 14.94 -66.20 55.93
CA ILE B 228 14.44 -65.33 56.98
C ILE B 228 13.65 -66.15 58.05
N GLU B 229 13.89 -65.88 59.32
CA GLU B 229 13.07 -66.45 60.40
C GLU B 229 11.76 -65.72 60.51
N THR B 230 10.70 -66.31 60.02
CA THR B 230 9.42 -65.63 60.14
C THR B 230 8.87 -65.94 61.50
N GLU B 231 7.75 -65.31 61.78
CA GLU B 231 6.73 -65.65 62.75
C GLU B 231 6.17 -67.05 62.68
N HIS B 232 6.39 -67.79 61.59
CA HIS B 232 5.89 -69.21 61.47
C HIS B 232 6.95 -70.18 60.98
N GLY B 233 8.19 -69.72 60.90
CA GLY B 233 9.32 -70.61 60.65
C GLY B 233 10.18 -69.99 59.55
N LYS B 234 11.18 -70.77 59.15
CA LYS B 234 12.10 -70.36 58.09
C LYS B 234 11.31 -70.20 56.81
N SER B 235 11.59 -69.16 56.05
CA SER B 235 11.06 -69.01 54.74
C SER B 235 12.21 -68.64 53.79
N GLU B 236 12.24 -69.24 52.61
CA GLU B 236 13.35 -69.02 51.69
C GLU B 236 13.00 -68.39 50.30
N ILE B 237 13.71 -67.35 49.90
CA ILE B 237 13.63 -66.89 48.54
C ILE B 237 14.90 -67.04 47.74
N LYS B 238 14.86 -67.57 46.52
CA LYS B 238 16.04 -67.49 45.71
C LYS B 238 15.92 -66.34 44.74
N PHE B 239 16.71 -65.30 44.96
CA PHE B 239 16.69 -64.12 44.09
C PHE B 239 17.34 -64.42 42.71
N TYR B 240 16.73 -63.91 41.64
CA TYR B 240 17.04 -64.43 40.33
C TYR B 240 17.79 -63.51 39.41
N GLY B 241 18.31 -62.42 39.95
CA GLY B 241 19.17 -61.56 39.15
C GLY B 241 18.50 -61.09 37.86
N ASN B 242 19.14 -61.33 36.73
CA ASN B 242 18.60 -60.87 35.47
C ASN B 242 18.45 -59.32 35.44
N SER B 243 19.38 -58.62 36.07
CA SER B 243 19.51 -57.17 35.92
C SER B 243 19.74 -56.86 34.46
N PHE B 244 19.08 -55.84 33.93
CA PHE B 244 19.27 -55.51 32.53
C PHE B 244 19.23 -54.04 32.25
N ILE B 245 19.66 -53.69 31.05
CA ILE B 245 19.46 -52.36 30.54
C ILE B 245 18.77 -52.50 29.19
N ALA B 246 17.73 -51.72 29.00
CA ALA B 246 17.04 -51.75 27.74
C ALA B 246 17.08 -50.45 27.02
N GLY B 247 17.05 -50.52 25.71
CA GLY B 247 17.11 -49.34 24.86
C GLY B 247 15.74 -48.77 24.68
N PRO B 248 15.65 -47.70 23.91
CA PRO B 248 14.34 -47.03 23.79
C PRO B 248 13.32 -47.77 22.91
N THR B 249 13.68 -48.80 22.15
CA THR B 249 12.58 -49.56 21.59
C THR B 249 12.28 -50.81 22.45
N GLY B 250 12.94 -50.92 23.59
CA GLY B 250 12.71 -52.08 24.43
C GLY B 250 13.64 -53.25 24.21
N GLU B 251 14.59 -53.13 23.28
CA GLU B 251 15.64 -54.11 23.10
C GLU B 251 16.48 -54.13 24.36
N ILE B 252 16.87 -55.32 24.80
CA ILE B 252 17.81 -55.48 25.91
C ILE B 252 19.23 -55.29 25.36
N VAL B 253 20.00 -54.34 25.87
CA VAL B 253 21.35 -54.16 25.35
C VAL B 253 22.40 -54.81 26.23
N SER B 254 22.00 -55.15 27.44
CA SER B 254 22.88 -55.72 28.42
C SER B 254 22.05 -56.43 29.50
N ILE B 255 22.53 -57.62 29.87
CA ILE B 255 21.83 -58.47 30.82
C ILE B 255 22.74 -59.40 31.59
N ALA B 256 22.44 -59.55 32.88
CA ALA B 256 23.25 -60.38 33.79
C ALA B 256 22.57 -61.70 33.97
N ASP B 257 23.27 -62.69 34.52
CA ASP B 257 22.65 -64.00 34.75
C ASP B 257 21.98 -64.03 36.12
N ASP B 258 21.62 -65.24 36.56
CA ASP B 258 20.86 -65.38 37.78
C ASP B 258 21.65 -65.72 39.05
N LYS B 259 22.97 -65.64 39.00
CA LYS B 259 23.75 -65.94 40.20
C LYS B 259 25.09 -65.25 40.41
N GLU B 260 25.59 -64.51 39.42
CA GLU B 260 26.88 -63.85 39.60
C GLU B 260 26.73 -62.36 39.91
N GLU B 261 27.75 -61.78 40.52
CA GLU B 261 27.84 -60.35 40.64
C GLU B 261 27.99 -59.76 39.23
N ALA B 262 27.35 -58.65 38.94
CA ALA B 262 27.55 -57.99 37.62
C ALA B 262 27.63 -56.46 37.68
N VAL B 263 28.37 -55.92 36.70
CA VAL B 263 28.39 -54.50 36.42
C VAL B 263 27.94 -54.34 34.97
N LEU B 264 26.77 -53.79 34.71
CA LEU B 264 26.39 -53.64 33.33
C LEU B 264 26.55 -52.19 32.87
N ILE B 265 27.07 -52.02 31.67
CA ILE B 265 27.31 -50.70 31.11
C ILE B 265 26.60 -50.54 29.74
N ALA B 266 25.98 -49.38 29.53
CA ALA B 266 25.42 -49.02 28.21
C ALA B 266 25.46 -47.53 28.02
N GLU B 267 25.85 -47.12 26.81
CA GLU B 267 25.82 -45.72 26.39
C GLU B 267 24.58 -45.36 25.56
N PHE B 268 23.96 -44.24 25.88
CA PHE B 268 22.85 -43.70 25.11
C PHE B 268 23.06 -42.28 24.65
N ASN B 269 22.72 -42.02 23.41
CA ASN B 269 22.79 -40.64 22.97
C ASN B 269 21.45 -39.97 23.24
N LEU B 270 21.37 -39.17 24.29
CA LEU B 270 20.08 -38.63 24.73
C LEU B 270 19.41 -37.62 23.79
N ASP B 271 20.17 -36.84 23.02
CA ASP B 271 19.60 -35.85 22.11
C ASP B 271 19.04 -36.49 20.84
N LYS B 272 19.73 -37.52 20.38
CA LYS B 272 19.26 -38.34 19.28
C LYS B 272 17.94 -39.06 19.68
N ILE B 273 17.95 -39.77 20.81
CA ILE B 273 16.71 -40.37 21.29
C ILE B 273 15.57 -39.37 21.49
N LYS B 274 15.87 -38.20 22.04
CA LYS B 274 14.83 -37.19 22.25
C LYS B 274 14.21 -36.86 20.90
N SER B 275 15.06 -36.58 19.94
CA SER B 275 14.59 -36.28 18.62
C SER B 275 13.79 -37.44 18.02
N MET B 276 14.22 -38.68 18.25
CA MET B 276 13.52 -39.86 17.71
C MET B 276 12.14 -40.00 18.40
N ARG B 277 12.03 -39.59 19.67
CA ARG B 277 10.73 -39.50 20.42
C ARG B 277 9.79 -38.41 19.89
N HIS B 278 10.27 -37.18 19.66
CA HIS B 278 9.44 -36.14 19.06
C HIS B 278 8.90 -36.51 17.68
N CYS B 279 9.78 -36.99 16.81
CA CYS B 279 9.39 -37.55 15.51
C CYS B 279 8.32 -38.63 15.61
N TRP B 280 8.56 -39.62 16.46
CA TRP B 280 7.63 -40.73 16.58
C TRP B 280 6.21 -40.24 16.94
N GLY B 281 6.15 -39.16 17.70
CA GLY B 281 4.90 -38.43 17.95
C GLY B 281 3.87 -38.98 18.96
N VAL B 282 4.22 -40.02 19.71
CA VAL B 282 3.17 -40.61 20.54
C VAL B 282 2.65 -39.62 21.55
N PHE B 283 3.54 -38.91 22.23
CA PHE B 283 3.15 -37.84 23.15
C PHE B 283 2.29 -36.70 22.56
N ARG B 284 2.44 -36.36 21.29
CA ARG B 284 1.65 -35.28 20.78
C ARG B 284 0.28 -35.90 20.48
N ASP B 285 0.26 -37.21 20.18
CA ASP B 285 -0.97 -37.98 19.84
C ASP B 285 -1.80 -38.68 20.98
N ARG B 286 -1.43 -38.47 22.26
CA ARG B 286 -2.12 -39.13 23.37
C ARG B 286 -3.48 -38.54 23.47
N ARG B 287 -4.46 -39.26 24.04
CA ARG B 287 -5.86 -38.77 24.29
C ARG B 287 -6.25 -38.75 25.82
N PRO B 288 -5.75 -37.75 26.57
CA PRO B 288 -6.09 -37.69 28.00
C PRO B 288 -7.54 -37.41 28.25
N ASP B 289 -8.20 -36.85 27.26
CA ASP B 289 -9.64 -36.67 27.34
C ASP B 289 -10.37 -38.03 27.40
N LEU B 290 -9.69 -39.10 26.99
CA LEU B 290 -10.32 -40.40 27.03
C LEU B 290 -9.76 -41.35 28.14
N TYR B 291 -8.82 -40.85 28.95
CA TYR B 291 -8.15 -41.62 29.95
C TYR B 291 -8.73 -41.52 31.34
N LYS B 292 -9.94 -40.98 31.47
CA LYS B 292 -10.47 -40.83 32.86
C LYS B 292 -10.64 -42.07 33.69
N VAL B 293 -10.89 -43.18 33.04
CA VAL B 293 -11.16 -44.40 33.67
C VAL B 293 -9.90 -44.89 34.35
N LEU B 294 -8.72 -44.40 33.95
CA LEU B 294 -7.53 -44.72 34.72
C LEU B 294 -7.57 -44.16 36.15
N LEU B 295 -8.51 -43.29 36.48
CA LEU B 295 -8.49 -42.77 37.83
C LEU B 295 -9.51 -43.58 38.70
N THR B 296 -10.00 -44.71 38.17
CA THR B 296 -10.78 -45.64 38.92
C THR B 296 -9.90 -46.83 39.28
N LEU B 297 -10.38 -47.59 40.27
CA LEU B 297 -9.87 -48.92 40.53
C LEU B 297 -10.73 -49.94 39.85
N ASP B 298 -12.02 -49.68 39.83
CA ASP B 298 -13.05 -50.68 39.47
C ASP B 298 -13.69 -50.48 38.05
N GLY B 299 -13.18 -49.51 37.29
CA GLY B 299 -13.63 -49.21 35.95
C GLY B 299 -14.88 -48.33 35.81
N LYS B 300 -15.40 -47.81 36.90
CA LYS B 300 -16.56 -46.93 36.90
C LYS B 300 -16.41 -45.77 37.87
N ASN B 301 -16.03 -46.01 39.15
CA ASN B 301 -15.99 -44.95 40.17
C ASN B 301 -14.65 -44.24 40.32
N PRO B 302 -14.62 -42.94 40.04
CA PRO B 302 -13.34 -42.27 40.20
C PRO B 302 -12.95 -42.16 41.67
N VAL B 303 -11.69 -42.34 41.99
CA VAL B 303 -11.34 -42.24 43.40
C VAL B 303 -11.42 -40.80 43.86
N LEU B 304 -11.53 -40.65 45.19
CA LEU B 304 -11.62 -39.35 45.84
C LEU B 304 -10.26 -38.63 45.87
N MET C 4 -50.19 -37.73 82.16
CA MET C 4 -48.72 -37.44 82.05
C MET C 4 -48.06 -38.03 80.80
N ALA C 5 -47.59 -37.15 79.93
CA ALA C 5 -47.12 -37.52 78.60
C ALA C 5 -45.70 -38.11 78.59
N GLU C 6 -45.48 -39.08 77.70
CA GLU C 6 -44.14 -39.62 77.44
C GLU C 6 -43.20 -38.46 77.02
N ASP C 7 -41.89 -38.58 77.29
CA ASP C 7 -40.92 -37.57 76.83
C ASP C 7 -40.84 -37.54 75.30
N LYS C 8 -41.05 -36.38 74.71
CA LYS C 8 -41.17 -36.26 73.24
C LYS C 8 -39.82 -36.40 72.53
N GLY C 9 -39.88 -36.83 71.27
CA GLY C 9 -38.69 -36.97 70.40
C GLY C 9 -38.70 -38.28 69.62
N ARG C 10 -37.92 -38.38 68.55
CA ARG C 10 -37.90 -39.60 67.79
C ARG C 10 -37.17 -40.66 68.58
N LYS C 11 -37.78 -41.80 68.72
CA LYS C 11 -37.12 -42.91 69.39
C LYS C 11 -36.63 -43.97 68.41
N VAL C 12 -35.45 -44.49 68.62
CA VAL C 12 -35.00 -45.58 67.82
C VAL C 12 -34.41 -46.69 68.63
N VAL C 13 -34.82 -47.91 68.33
CA VAL C 13 -34.23 -49.05 69.00
C VAL C 13 -33.21 -49.72 68.10
N VAL C 14 -31.99 -49.89 68.60
CA VAL C 14 -30.92 -50.53 67.88
C VAL C 14 -30.44 -51.84 68.52
N SER C 15 -29.78 -52.67 67.72
CA SER C 15 -29.39 -54.01 68.15
C SER C 15 -28.08 -54.42 67.59
N ALA C 16 -27.28 -55.02 68.46
CA ALA C 16 -26.05 -55.66 68.08
C ALA C 16 -26.28 -57.14 68.25
N LEU C 17 -25.90 -57.91 67.23
CA LEU C 17 -26.03 -59.37 67.27
C LEU C 17 -24.63 -59.96 67.36
N GLN C 18 -24.53 -61.15 67.90
CA GLN C 18 -23.25 -61.78 68.18
C GLN C 18 -23.45 -63.29 68.02
N PHE C 19 -22.68 -63.90 67.13
CA PHE C 19 -22.84 -65.30 66.88
C PHE C 19 -21.62 -65.94 66.23
N ALA C 20 -21.64 -67.27 66.20
CA ALA C 20 -20.61 -68.06 65.56
C ALA C 20 -20.99 -68.44 64.15
N CYS C 21 -19.97 -68.60 63.33
CA CYS C 21 -20.13 -68.98 61.95
C CYS C 21 -19.48 -70.30 61.61
N THR C 22 -20.12 -71.06 60.73
CA THR C 22 -19.40 -72.07 59.95
C THR C 22 -18.87 -71.52 58.60
N ASP C 23 -18.19 -72.35 57.83
CA ASP C 23 -17.72 -71.85 56.57
C ASP C 23 -18.73 -72.19 55.46
N ASP C 24 -19.97 -72.45 55.85
CA ASP C 24 -21.06 -72.68 54.92
C ASP C 24 -22.13 -71.52 54.90
N VAL C 25 -22.30 -70.91 53.72
CA VAL C 25 -23.08 -69.66 53.59
C VAL C 25 -24.56 -69.80 53.96
N SER C 26 -25.21 -70.92 53.66
CA SER C 26 -26.64 -71.02 53.94
C SER C 26 -26.90 -71.09 55.43
N THR C 27 -26.05 -71.85 56.13
CA THR C 27 -26.10 -71.96 57.57
C THR C 27 -25.96 -70.58 58.24
N ASN C 28 -24.99 -69.78 57.79
CA ASN C 28 -24.76 -68.53 58.47
C ASN C 28 -25.85 -67.48 58.18
N VAL C 29 -26.39 -67.49 56.99
CA VAL C 29 -27.50 -66.59 56.67
C VAL C 29 -28.71 -67.04 57.46
N THR C 30 -28.94 -68.32 57.59
CA THR C 30 -30.06 -68.77 58.41
C THR C 30 -29.88 -68.34 59.88
N THR C 31 -28.65 -68.39 60.35
CA THR C 31 -28.35 -67.95 61.70
C THR C 31 -28.74 -66.44 61.84
N ALA C 32 -28.31 -65.64 60.86
CA ALA C 32 -28.62 -64.22 60.84
C ALA C 32 -30.12 -63.93 60.80
N GLU C 33 -30.89 -64.55 59.89
CA GLU C 33 -32.35 -64.33 59.87
C GLU C 33 -32.90 -64.57 61.26
N ARG C 34 -32.39 -65.59 61.95
CA ARG C 34 -32.99 -66.03 63.21
C ARG C 34 -32.78 -64.97 64.28
N LEU C 35 -31.61 -64.36 64.27
CA LEU C 35 -31.28 -63.37 65.26
C LEU C 35 -31.89 -62.00 64.93
N VAL C 36 -31.98 -61.67 63.65
CA VAL C 36 -32.69 -60.50 63.25
C VAL C 36 -34.15 -60.61 63.66
N ARG C 37 -34.73 -61.75 63.44
CA ARG C 37 -36.11 -61.92 63.84
C ARG C 37 -36.30 -61.76 65.34
N ALA C 38 -35.32 -62.16 66.13
CA ALA C 38 -35.43 -62.16 67.60
C ALA C 38 -35.24 -60.73 68.06
N ALA C 39 -34.39 -60.05 67.34
CA ALA C 39 -34.13 -58.66 67.61
C ALA C 39 -35.36 -57.78 67.39
N HIS C 40 -36.00 -57.91 66.23
CA HIS C 40 -37.29 -57.25 65.90
C HIS C 40 -38.37 -57.61 66.90
N LYS C 41 -38.33 -58.81 67.40
CA LYS C 41 -39.34 -59.20 68.40
C LYS C 41 -39.17 -58.43 69.70
N GLN C 42 -37.94 -58.13 70.06
CA GLN C 42 -37.64 -57.22 71.15
C GLN C 42 -37.78 -55.73 70.79
N GLY C 43 -38.43 -55.41 69.66
CA GLY C 43 -38.68 -54.02 69.26
C GLY C 43 -37.61 -53.28 68.46
N ALA C 44 -36.53 -53.97 68.10
CA ALA C 44 -35.43 -53.36 67.35
C ALA C 44 -35.85 -52.80 65.98
N ASN C 45 -35.26 -51.67 65.59
CA ASN C 45 -35.55 -50.94 64.33
C ASN C 45 -34.40 -51.06 63.36
N ILE C 46 -33.20 -51.05 63.90
CA ILE C 46 -32.05 -51.22 63.06
C ILE C 46 -31.27 -52.34 63.67
N VAL C 47 -30.87 -53.33 62.88
CA VAL C 47 -30.12 -54.46 63.40
C VAL C 47 -28.77 -54.68 62.71
N LEU C 48 -27.71 -54.83 63.49
CA LEU C 48 -26.36 -54.98 63.01
C LEU C 48 -25.73 -56.41 63.12
N ILE C 49 -25.48 -56.99 61.96
CA ILE C 49 -24.79 -58.28 61.79
C ILE C 49 -23.31 -58.02 61.58
N GLN C 50 -22.48 -58.88 62.18
CA GLN C 50 -21.05 -58.79 62.19
C GLN C 50 -20.40 -58.93 60.81
N GLU C 51 -19.12 -58.55 60.76
CA GLU C 51 -18.34 -58.55 59.54
C GLU C 51 -18.13 -59.90 58.85
N LEU C 52 -18.33 -59.90 57.51
CA LEU C 52 -18.07 -61.06 56.68
C LEU C 52 -18.75 -62.35 57.24
N PHE C 53 -19.98 -62.17 57.73
CA PHE C 53 -20.73 -63.25 58.39
C PHE C 53 -21.07 -64.43 57.49
N GLU C 54 -20.88 -64.27 56.19
CA GLU C 54 -21.31 -65.37 55.28
C GLU C 54 -20.37 -66.60 55.43
N GLY C 55 -19.19 -66.40 55.98
CA GLY C 55 -18.28 -67.50 56.16
C GLY C 55 -17.35 -67.27 57.30
N TYR C 56 -16.40 -68.17 57.44
CA TYR C 56 -15.23 -67.97 58.26
C TYR C 56 -14.53 -66.71 57.82
N TYR C 57 -13.81 -66.15 58.80
CA TYR C 57 -12.89 -65.08 58.59
C TYR C 57 -11.65 -65.63 57.87
N PHE C 58 -11.69 -65.56 56.56
CA PHE C 58 -10.76 -66.32 55.74
C PHE C 58 -9.43 -65.60 55.63
N CYS C 59 -9.38 -64.36 56.08
CA CYS C 59 -8.16 -63.61 55.93
C CYS C 59 -7.00 -64.06 56.80
N GLN C 60 -7.12 -65.15 57.53
CA GLN C 60 -5.94 -65.67 58.21
C GLN C 60 -4.92 -66.15 57.20
N ALA C 61 -5.42 -66.64 56.06
CA ALA C 61 -4.56 -67.09 54.94
C ALA C 61 -4.47 -66.07 53.83
N GLN C 62 -3.39 -66.15 53.06
CA GLN C 62 -3.19 -65.37 51.80
C GLN C 62 -3.26 -66.33 50.64
N ARG C 63 -4.47 -66.61 50.20
CA ARG C 63 -4.71 -67.61 49.15
C ARG C 63 -5.38 -67.09 47.88
N GLU C 64 -4.92 -67.55 46.73
CA GLU C 64 -5.50 -67.23 45.42
C GLU C 64 -6.96 -67.63 45.35
N ASP C 65 -7.30 -68.86 45.70
CA ASP C 65 -8.69 -69.31 45.60
C ASP C 65 -9.64 -68.57 46.53
N PHE C 66 -9.18 -68.05 47.67
CA PHE C 66 -10.05 -67.30 48.55
C PHE C 66 -10.38 -65.91 47.95
N ILE C 67 -9.51 -65.33 47.10
CA ILE C 67 -9.90 -64.07 46.42
C ILE C 67 -11.21 -64.29 45.65
N GLN C 68 -11.35 -65.45 45.01
CA GLN C 68 -12.57 -65.75 44.21
C GLN C 68 -13.86 -66.10 45.01
N ARG C 69 -13.85 -65.84 46.29
CA ARG C 69 -15.09 -65.85 47.07
C ARG C 69 -15.81 -64.50 46.92
N ALA C 70 -15.17 -63.51 46.32
CA ALA C 70 -15.87 -62.24 46.12
C ALA C 70 -16.95 -62.40 45.11
N LYS C 71 -17.95 -61.52 45.16
CA LYS C 71 -19.10 -61.49 44.25
C LYS C 71 -19.53 -60.06 43.98
N PRO C 72 -20.13 -59.79 42.80
CA PRO C 72 -20.54 -58.38 42.56
C PRO C 72 -21.56 -58.00 43.55
N TYR C 73 -21.63 -56.70 43.79
CA TYR C 73 -22.72 -56.02 44.50
C TYR C 73 -24.08 -56.22 43.81
N LYS C 74 -24.08 -56.20 42.49
CA LYS C 74 -25.28 -56.39 41.72
C LYS C 74 -25.81 -57.81 41.74
N ASP C 75 -27.10 -57.93 42.00
CA ASP C 75 -27.78 -59.22 42.12
C ASP C 75 -27.13 -60.17 43.15
N HIS C 76 -26.74 -59.64 44.29
CA HIS C 76 -26.04 -60.48 45.28
C HIS C 76 -27.06 -61.35 46.03
N PRO C 77 -26.89 -62.68 46.04
CA PRO C 77 -27.94 -63.51 46.65
C PRO C 77 -28.15 -63.24 48.14
N THR C 78 -27.09 -63.03 48.88
CA THR C 78 -27.26 -62.75 50.31
C THR C 78 -27.95 -61.43 50.54
N ILE C 79 -27.66 -60.43 49.72
CA ILE C 79 -28.26 -59.11 49.91
C ILE C 79 -29.73 -59.16 49.50
N MET C 80 -30.02 -59.87 48.45
CA MET C 80 -31.37 -59.91 47.95
C MET C 80 -32.28 -60.62 48.96
N ARG C 81 -31.74 -61.65 49.60
CA ARG C 81 -32.49 -62.39 50.58
C ARG C 81 -32.79 -61.51 51.81
N LEU C 82 -31.77 -60.81 52.32
CA LEU C 82 -31.97 -59.94 53.46
C LEU C 82 -32.78 -58.73 53.13
N GLN C 83 -32.85 -58.31 51.86
CA GLN C 83 -33.76 -57.24 51.49
C GLN C 83 -35.16 -57.69 51.77
N LYS C 84 -35.46 -58.96 51.50
CA LYS C 84 -36.81 -59.52 51.74
C LYS C 84 -37.18 -59.46 53.21
N LEU C 85 -36.21 -59.79 54.04
CA LEU C 85 -36.40 -59.84 55.47
C LEU C 85 -36.66 -58.45 56.01
N ALA C 86 -35.82 -57.51 55.56
CA ALA C 86 -35.99 -56.12 55.92
C ALA C 86 -37.37 -55.58 55.63
N LYS C 87 -37.87 -55.76 54.43
CA LYS C 87 -39.20 -55.28 54.10
C LYS C 87 -40.25 -56.02 54.95
N GLU C 88 -40.06 -57.32 55.14
CA GLU C 88 -41.07 -58.04 55.90
C GLU C 88 -41.21 -57.49 57.34
N LEU C 89 -40.10 -57.25 58.04
CA LEU C 89 -40.14 -56.88 59.44
C LEU C 89 -40.15 -55.40 59.64
N GLY C 90 -39.80 -54.64 58.63
CA GLY C 90 -39.81 -53.20 58.78
C GLY C 90 -38.59 -52.71 59.51
N VAL C 91 -37.42 -53.34 59.27
CA VAL C 91 -36.14 -52.96 59.93
C VAL C 91 -34.98 -52.68 58.96
N VAL C 92 -34.03 -51.90 59.42
CA VAL C 92 -32.86 -51.54 58.65
C VAL C 92 -31.77 -52.55 58.88
N ILE C 93 -31.15 -53.02 57.81
CA ILE C 93 -30.18 -54.11 57.91
C ILE C 93 -28.93 -53.88 57.05
N PRO C 94 -27.81 -53.54 57.69
CA PRO C 94 -26.61 -53.45 56.93
C PRO C 94 -26.04 -54.81 56.60
N VAL C 95 -25.70 -55.05 55.34
CA VAL C 95 -25.18 -56.35 54.94
C VAL C 95 -23.75 -56.38 54.44
N SER C 96 -22.89 -56.98 55.22
CA SER C 96 -21.48 -57.01 54.98
C SER C 96 -21.18 -58.13 54.01
N PHE C 97 -20.35 -57.86 53.01
CA PHE C 97 -20.01 -58.86 51.96
C PHE C 97 -18.67 -58.57 51.28
N PHE C 98 -18.11 -59.58 50.65
CA PHE C 98 -16.83 -59.47 49.96
C PHE C 98 -17.17 -59.16 48.46
N GLU C 99 -16.83 -57.94 48.02
CA GLU C 99 -17.27 -57.40 46.73
C GLU C 99 -16.27 -57.61 45.61
N GLU C 100 -16.79 -58.06 44.49
CA GLU C 100 -16.01 -58.06 43.25
C GLU C 100 -16.51 -56.95 42.35
N ALA C 101 -15.57 -56.15 41.86
CA ALA C 101 -15.88 -55.04 40.96
C ALA C 101 -14.86 -54.94 39.86
N ASN C 102 -15.19 -55.62 38.77
CA ASN C 102 -14.26 -55.94 37.74
C ASN C 102 -12.97 -56.57 38.35
N ASN C 103 -11.85 -55.83 38.30
CA ASN C 103 -10.61 -56.35 38.82
C ASN C 103 -10.26 -55.87 40.26
N ALA C 104 -11.11 -54.99 40.80
CA ALA C 104 -11.00 -54.56 42.15
C ALA C 104 -11.85 -55.43 43.06
N HIS C 105 -11.43 -55.53 44.33
CA HIS C 105 -12.18 -56.26 45.36
C HIS C 105 -12.19 -55.44 46.61
N TYR C 106 -13.27 -55.51 47.35
CA TYR C 106 -13.47 -54.65 48.52
C TYR C 106 -14.21 -55.41 49.62
N ASN C 107 -14.00 -54.98 50.85
CA ASN C 107 -14.79 -55.42 51.94
C ASN C 107 -15.86 -54.37 52.04
N SER C 108 -17.09 -54.72 51.73
CA SER C 108 -18.10 -53.71 51.57
C SER C 108 -19.33 -53.98 52.43
N ILE C 109 -20.28 -53.06 52.41
CA ILE C 109 -21.50 -53.20 53.18
C ILE C 109 -22.60 -52.40 52.48
N ALA C 110 -23.67 -53.10 52.16
CA ALA C 110 -24.81 -52.46 51.56
C ALA C 110 -25.86 -52.12 52.63
N ILE C 111 -26.36 -50.89 52.64
CA ILE C 111 -27.38 -50.49 53.63
C ILE C 111 -28.82 -50.66 53.11
N ILE C 112 -29.52 -51.68 53.64
CA ILE C 112 -30.91 -51.96 53.32
C ILE C 112 -31.85 -51.28 54.29
N ASP C 113 -32.77 -50.51 53.75
CA ASP C 113 -33.68 -49.70 54.51
C ASP C 113 -34.91 -50.55 54.93
N ALA C 114 -35.80 -49.95 55.72
CA ALA C 114 -36.90 -50.71 56.30
C ALA C 114 -38.03 -50.96 55.37
N ASP C 115 -37.95 -50.42 54.17
CA ASP C 115 -38.92 -50.80 53.13
C ASP C 115 -38.31 -51.76 52.14
N GLY C 116 -37.07 -52.20 52.37
CA GLY C 116 -36.43 -53.14 51.48
C GLY C 116 -35.47 -52.50 50.49
N THR C 117 -35.46 -51.17 50.43
CA THR C 117 -34.66 -50.44 49.47
C THR C 117 -33.19 -50.45 49.81
N ASP C 118 -32.39 -50.88 48.85
CA ASP C 118 -30.92 -50.78 48.88
C ASP C 118 -30.52 -49.33 48.68
N LEU C 119 -29.94 -48.75 49.73
CA LEU C 119 -29.59 -47.34 49.75
C LEU C 119 -28.17 -47.11 49.30
N GLY C 120 -27.40 -48.17 49.06
CA GLY C 120 -26.03 -48.03 48.57
C GLY C 120 -25.00 -48.73 49.42
N ILE C 121 -23.73 -48.51 49.10
CA ILE C 121 -22.66 -49.19 49.78
C ILE C 121 -21.60 -48.26 50.34
N TYR C 122 -20.91 -48.83 51.31
CA TYR C 122 -19.72 -48.22 51.88
C TYR C 122 -18.64 -49.27 51.65
N ARG C 123 -17.45 -48.80 51.26
CA ARG C 123 -16.32 -49.67 51.05
C ARG C 123 -15.25 -49.42 52.12
N LYS C 124 -14.81 -50.47 52.82
CA LYS C 124 -13.92 -50.30 54.00
C LYS C 124 -12.67 -49.52 53.60
N SER C 125 -12.38 -48.45 54.32
CA SER C 125 -11.29 -47.57 53.98
C SER C 125 -9.93 -47.97 54.57
N HIS C 126 -9.96 -48.37 55.84
CA HIS C 126 -8.75 -48.77 56.53
C HIS C 126 -8.62 -50.29 56.56
N ILE C 127 -7.54 -50.80 55.97
CA ILE C 127 -7.38 -52.22 55.80
C ILE C 127 -6.23 -52.73 56.69
N PRO C 128 -6.54 -53.66 57.59
CA PRO C 128 -5.51 -54.17 58.46
C PRO C 128 -4.59 -55.18 57.81
N ASP C 129 -3.49 -55.41 58.51
CA ASP C 129 -2.49 -56.37 58.08
C ASP C 129 -1.76 -57.01 59.26
N GLY C 130 -1.32 -58.24 59.06
CA GLY C 130 -0.42 -58.96 59.97
C GLY C 130 -0.92 -60.37 60.18
N PRO C 131 -0.22 -61.15 61.02
CA PRO C 131 -0.62 -62.54 61.21
C PRO C 131 -2.07 -62.69 61.68
N GLY C 132 -2.86 -63.55 60.99
CA GLY C 132 -4.25 -63.82 61.31
C GLY C 132 -5.20 -62.85 60.60
N TYR C 133 -4.70 -61.69 60.15
CA TYR C 133 -5.59 -60.59 59.70
C TYR C 133 -4.97 -59.95 58.46
N GLU C 134 -4.75 -60.78 57.45
CA GLU C 134 -4.01 -60.42 56.26
C GLU C 134 -4.98 -59.80 55.23
N GLU C 135 -5.79 -58.85 55.66
CA GLU C 135 -6.74 -58.24 54.74
C GLU C 135 -6.17 -57.43 53.51
N LYS C 136 -5.03 -56.81 53.71
CA LYS C 136 -4.42 -56.01 52.68
C LYS C 136 -4.18 -56.87 51.42
N PHE C 137 -4.18 -58.19 51.58
CA PHE C 137 -3.88 -59.05 50.46
C PHE C 137 -5.15 -59.21 49.56
N TYR C 138 -6.34 -59.00 50.12
CA TYR C 138 -7.63 -59.28 49.51
C TYR C 138 -8.32 -58.06 48.95
N PHE C 139 -8.24 -56.97 49.68
CA PHE C 139 -9.12 -55.79 49.48
C PHE C 139 -8.35 -54.54 49.05
N ASN C 140 -8.78 -53.95 47.94
CA ASN C 140 -8.37 -52.61 47.65
C ASN C 140 -8.81 -51.75 48.81
N PRO C 141 -8.01 -50.77 49.22
CA PRO C 141 -8.58 -49.79 50.14
C PRO C 141 -9.74 -49.11 49.54
N GLY C 142 -10.79 -48.96 50.33
CA GLY C 142 -12.01 -48.35 49.91
C GLY C 142 -11.89 -46.97 49.27
N ASP C 143 -12.81 -46.77 48.32
CA ASP C 143 -12.84 -45.62 47.52
C ASP C 143 -14.17 -44.85 47.59
N THR C 144 -15.10 -45.21 48.45
CA THR C 144 -16.33 -44.43 48.58
C THR C 144 -16.17 -43.24 49.47
N GLY C 145 -15.18 -43.26 50.33
CA GLY C 145 -15.18 -42.36 51.45
C GLY C 145 -16.23 -42.72 52.49
N PHE C 146 -16.14 -42.03 53.64
CA PHE C 146 -17.10 -42.16 54.71
C PHE C 146 -18.41 -41.53 54.29
N LYS C 147 -19.46 -42.29 54.52
CA LYS C 147 -20.82 -42.02 54.08
C LYS C 147 -21.81 -42.08 55.26
N VAL C 148 -22.91 -41.35 55.14
CA VAL C 148 -24.06 -41.51 55.99
C VAL C 148 -25.27 -41.81 55.12
N PHE C 149 -26.24 -42.54 55.70
CA PHE C 149 -27.41 -43.02 54.96
C PHE C 149 -28.67 -42.54 55.63
N GLN C 150 -29.61 -41.99 54.86
CA GLN C 150 -30.88 -41.64 55.41
C GLN C 150 -31.82 -42.82 55.40
N THR C 151 -32.12 -43.36 56.59
CA THR C 151 -33.07 -44.45 56.73
C THR C 151 -34.38 -43.97 57.20
N LYS C 152 -35.36 -44.87 57.20
CA LYS C 152 -36.68 -44.54 57.70
C LYS C 152 -36.66 -44.06 59.11
N TYR C 153 -35.61 -44.33 59.86
CA TYR C 153 -35.67 -44.03 61.27
C TYR C 153 -34.63 -43.05 61.71
N ALA C 154 -33.60 -42.86 60.89
CA ALA C 154 -32.41 -42.09 61.29
C ALA C 154 -31.37 -41.92 60.19
N LYS C 155 -30.55 -40.87 60.31
CA LYS C 155 -29.38 -40.82 59.48
C LYS C 155 -28.34 -41.61 60.22
N ILE C 156 -27.79 -42.67 59.62
CA ILE C 156 -26.78 -43.46 60.30
C ILE C 156 -25.45 -43.49 59.56
N GLY C 157 -24.39 -43.72 60.31
CA GLY C 157 -23.05 -43.89 59.80
C GLY C 157 -22.64 -45.35 59.99
N VAL C 158 -22.16 -45.94 58.93
CA VAL C 158 -21.68 -47.29 58.95
C VAL C 158 -20.32 -47.38 58.35
N ALA C 159 -19.44 -47.93 59.14
CA ALA C 159 -18.10 -48.28 58.70
C ALA C 159 -17.86 -49.70 59.15
N ILE C 160 -16.65 -50.21 58.92
CA ILE C 160 -16.38 -51.65 59.01
C ILE C 160 -15.13 -51.94 59.79
N SER C 161 -15.32 -52.75 60.84
CA SER C 161 -14.22 -53.37 61.59
C SER C 161 -13.09 -52.40 61.91
N TRP C 162 -11.97 -52.63 61.27
CA TRP C 162 -10.75 -51.89 61.58
C TRP C 162 -10.94 -50.39 61.43
N ASP C 163 -11.93 -49.97 60.64
CA ASP C 163 -12.28 -48.53 60.59
C ASP C 163 -12.52 -47.98 61.99
N GLN C 164 -12.94 -48.86 62.89
CA GLN C 164 -13.43 -48.40 64.19
C GLN C 164 -12.29 -47.91 65.05
N TRP C 165 -11.04 -48.14 64.66
CA TRP C 165 -9.91 -47.67 65.46
C TRP C 165 -9.51 -46.20 65.13
N PHE C 166 -10.16 -45.65 64.10
CA PHE C 166 -9.75 -44.36 63.52
C PHE C 166 -10.73 -43.25 63.87
N PRO C 167 -10.31 -42.34 64.74
CA PRO C 167 -11.15 -41.20 65.10
C PRO C 167 -11.65 -40.41 63.89
N GLU C 168 -10.81 -40.29 62.87
CA GLU C 168 -11.14 -39.57 61.63
C GLU C 168 -12.44 -40.08 61.00
N ALA C 169 -12.67 -41.39 61.10
CA ALA C 169 -13.86 -41.98 60.45
C ALA C 169 -15.13 -41.64 61.18
N ALA C 170 -15.10 -41.76 62.52
CA ALA C 170 -16.26 -41.42 63.31
C ALA C 170 -16.60 -39.97 63.12
N ARG C 171 -15.58 -39.13 63.12
CA ARG C 171 -15.84 -37.71 63.02
C ARG C 171 -16.38 -37.38 61.64
N ALA C 172 -15.83 -38.00 60.63
CA ALA C 172 -16.28 -37.69 59.25
C ALA C 172 -17.75 -38.05 59.10
N MET C 173 -18.14 -39.15 59.74
CA MET C 173 -19.54 -39.53 59.63
C MET C 173 -20.38 -38.54 60.44
N ALA C 174 -19.90 -38.19 61.61
CA ALA C 174 -20.69 -37.29 62.47
C ALA C 174 -20.87 -35.90 61.85
N LEU C 175 -19.86 -35.40 61.15
CA LEU C 175 -19.92 -34.06 60.56
C LEU C 175 -20.93 -34.04 59.46
N GLN C 176 -21.17 -35.22 58.86
CA GLN C 176 -22.17 -35.30 57.82
C GLN C 176 -23.52 -35.64 58.37
N GLY C 177 -23.72 -35.58 59.67
CA GLY C 177 -25.08 -35.78 60.15
C GLY C 177 -25.47 -37.14 60.73
N ALA C 178 -24.54 -38.07 60.79
CA ALA C 178 -24.85 -39.37 61.37
C ALA C 178 -25.31 -39.21 62.85
N GLU C 179 -26.45 -39.83 63.14
CA GLU C 179 -27.04 -39.79 64.42
C GLU C 179 -26.70 -41.00 65.28
N ILE C 180 -26.27 -42.09 64.62
CA ILE C 180 -25.80 -43.31 65.28
C ILE C 180 -24.65 -43.94 64.48
N LEU C 181 -23.60 -44.45 65.13
CA LEU C 181 -22.57 -45.18 64.39
C LEU C 181 -22.67 -46.69 64.59
N PHE C 182 -22.34 -47.41 63.52
CA PHE C 182 -22.40 -48.84 63.43
C PHE C 182 -21.08 -49.40 62.89
N TYR C 183 -20.53 -50.36 63.64
CA TYR C 183 -19.30 -51.06 63.26
C TYR C 183 -19.42 -52.61 63.39
N PRO C 184 -19.79 -53.29 62.30
CA PRO C 184 -19.65 -54.73 62.30
C PRO C 184 -18.18 -55.09 62.29
N THR C 185 -17.85 -56.17 62.99
CA THR C 185 -16.50 -56.39 63.36
C THR C 185 -16.16 -57.86 63.33
N ALA C 186 -14.89 -58.17 63.08
CA ALA C 186 -14.33 -59.50 63.36
C ALA C 186 -12.96 -59.37 64.03
N ILE C 187 -12.90 -59.49 65.34
CA ILE C 187 -11.62 -59.33 65.99
C ILE C 187 -11.46 -60.39 67.14
N GLY C 188 -10.27 -60.98 67.31
CA GLY C 188 -10.00 -61.93 68.41
C GLY C 188 -8.54 -61.97 68.79
N SER C 189 -8.13 -63.14 69.19
CA SER C 189 -6.74 -63.44 69.49
C SER C 189 -5.94 -63.35 68.20
N GLU C 190 -4.61 -63.44 68.34
CA GLU C 190 -3.66 -63.28 67.25
C GLU C 190 -2.75 -64.49 67.24
N PRO C 191 -2.64 -65.19 66.11
CA PRO C 191 -2.05 -66.52 66.16
C PRO C 191 -0.56 -66.52 66.35
N HIS C 192 0.10 -65.40 66.18
CA HIS C 192 1.52 -65.39 66.39
C HIS C 192 1.95 -65.04 67.80
N ASP C 193 1.03 -64.56 68.63
CA ASP C 193 1.38 -64.14 70.01
C ASP C 193 0.12 -64.21 70.86
N GLN C 194 0.02 -65.29 71.60
CA GLN C 194 -1.14 -65.50 72.46
C GLN C 194 -1.20 -64.55 73.66
N SER C 195 -0.19 -63.72 73.90
CA SER C 195 -0.29 -62.70 74.98
C SER C 195 -1.04 -61.39 74.51
N ILE C 196 -1.38 -61.28 73.24
CA ILE C 196 -2.07 -60.08 72.77
C ILE C 196 -3.54 -60.27 73.07
N ASP C 197 -4.10 -59.42 73.90
CA ASP C 197 -5.53 -59.41 74.18
C ASP C 197 -6.00 -57.97 74.05
N SER C 198 -6.64 -57.71 72.92
CA SER C 198 -6.92 -56.36 72.50
C SER C 198 -8.29 -55.86 72.92
N ARG C 199 -9.11 -56.69 73.59
CA ARG C 199 -10.53 -56.39 73.79
C ARG C 199 -10.82 -55.09 74.53
N ASP C 200 -10.03 -54.76 75.56
CA ASP C 200 -10.25 -53.54 76.32
C ASP C 200 -9.85 -52.30 75.57
N HIS C 201 -8.64 -52.33 74.98
CA HIS C 201 -8.13 -51.34 74.07
C HIS C 201 -9.18 -51.05 72.99
N TRP C 202 -9.69 -52.11 72.34
CA TRP C 202 -10.77 -52.02 71.31
C TRP C 202 -12.01 -51.23 71.83
N LYS C 203 -12.56 -51.63 72.97
CA LYS C 203 -13.69 -50.89 73.50
C LYS C 203 -13.38 -49.44 73.76
N ARG C 204 -12.27 -49.17 74.47
CA ARG C 204 -11.94 -47.79 74.90
C ARG C 204 -11.82 -46.83 73.73
N VAL C 205 -11.29 -47.29 72.61
CA VAL C 205 -11.12 -46.39 71.48
C VAL C 205 -12.47 -45.99 70.87
N MET C 206 -13.37 -46.96 70.72
CA MET C 206 -14.71 -46.69 70.23
C MET C 206 -15.55 -45.89 71.25
N GLN C 207 -15.52 -46.23 72.53
CA GLN C 207 -16.16 -45.36 73.53
C GLN C 207 -15.69 -43.92 73.37
N GLY C 208 -14.44 -43.77 72.96
CA GLY C 208 -13.91 -42.47 72.80
C GLY C 208 -14.58 -41.79 71.62
N HIS C 209 -14.93 -42.53 70.58
CA HIS C 209 -15.56 -41.91 69.38
C HIS C 209 -16.95 -41.49 69.76
N ALA C 210 -17.62 -42.35 70.51
CA ALA C 210 -18.96 -42.05 70.94
C ALA C 210 -18.96 -40.79 71.78
N GLY C 211 -18.02 -40.63 72.69
CA GLY C 211 -18.04 -39.46 73.59
C GLY C 211 -17.62 -38.17 72.94
N ALA C 212 -16.78 -38.27 71.93
CA ALA C 212 -16.20 -37.06 71.27
C ALA C 212 -17.14 -36.46 70.23
N ASN C 213 -18.01 -37.31 69.72
CA ASN C 213 -19.01 -36.90 68.75
C ASN C 213 -20.42 -36.81 69.35
N LEU C 214 -20.59 -37.26 70.61
CA LEU C 214 -21.88 -37.29 71.26
C LEU C 214 -22.91 -37.98 70.39
N VAL C 215 -22.58 -39.17 69.89
CA VAL C 215 -23.53 -40.06 69.25
C VAL C 215 -23.39 -41.49 69.82
N PRO C 216 -24.49 -42.23 69.90
CA PRO C 216 -24.44 -43.63 70.25
C PRO C 216 -23.74 -44.49 69.18
N LEU C 217 -23.33 -45.69 69.59
CA LEU C 217 -22.42 -46.48 68.81
C LEU C 217 -22.65 -47.95 69.10
N VAL C 218 -22.71 -48.72 68.01
CA VAL C 218 -23.10 -50.13 68.04
C VAL C 218 -21.97 -50.91 67.42
N ALA C 219 -21.49 -51.93 68.10
CA ALA C 219 -20.48 -52.82 67.54
C ALA C 219 -20.91 -54.27 67.68
N SER C 220 -20.83 -54.99 66.58
CA SER C 220 -21.17 -56.40 66.56
C SER C 220 -19.90 -57.16 66.19
N ASN C 221 -19.51 -58.10 67.05
CA ASN C 221 -18.32 -58.89 66.82
C ASN C 221 -18.63 -60.36 66.99
N ARG C 222 -17.77 -61.13 66.32
CA ARG C 222 -17.95 -62.55 66.15
C ARG C 222 -17.55 -63.28 67.44
N ILE C 223 -18.08 -64.47 67.60
CA ILE C 223 -17.59 -65.39 68.61
C ILE C 223 -17.12 -66.71 67.99
N GLY C 224 -16.47 -67.52 68.78
CA GLY C 224 -16.06 -68.87 68.42
C GLY C 224 -14.63 -68.99 67.94
N ASN C 225 -14.16 -70.20 67.90
CA ASN C 225 -12.84 -70.51 67.36
C ASN C 225 -12.97 -70.89 65.90
N GLU C 226 -12.08 -70.37 65.08
CA GLU C 226 -12.03 -70.75 63.68
C GLU C 226 -10.62 -71.10 63.27
N ILE C 227 -10.51 -72.20 62.54
CA ILE C 227 -9.23 -72.67 62.04
C ILE C 227 -9.18 -72.61 60.49
N ILE C 228 -8.15 -71.96 59.94
CA ILE C 228 -8.02 -71.84 58.49
C ILE C 228 -6.77 -72.55 57.98
N GLU C 229 -6.89 -73.20 56.83
CA GLU C 229 -5.72 -73.84 56.21
C GLU C 229 -4.97 -72.71 55.54
N THR C 230 -3.72 -72.49 55.89
CA THR C 230 -2.92 -71.51 55.20
C THR C 230 -1.75 -72.13 54.48
N GLU C 231 -1.12 -71.27 53.67
CA GLU C 231 0.10 -71.54 52.95
C GLU C 231 1.09 -72.28 53.85
N HIS C 232 1.05 -72.04 55.17
CA HIS C 232 2.06 -72.58 56.08
C HIS C 232 1.50 -73.43 57.24
N GLY C 233 0.28 -73.91 57.11
CA GLY C 233 -0.29 -74.83 58.08
C GLY C 233 -1.51 -74.18 58.65
N LYS C 234 -2.14 -74.86 59.59
CA LYS C 234 -3.38 -74.35 60.16
C LYS C 234 -3.12 -73.22 61.16
N SER C 235 -4.07 -72.30 61.25
CA SER C 235 -3.94 -71.11 62.05
C SER C 235 -5.30 -70.92 62.70
N GLU C 236 -5.32 -70.51 63.95
CA GLU C 236 -6.55 -70.45 64.71
C GLU C 236 -6.68 -69.07 65.30
N ILE C 237 -7.89 -68.55 65.25
CA ILE C 237 -8.29 -67.42 66.06
C ILE C 237 -9.49 -67.74 66.96
N LYS C 238 -9.45 -67.23 68.16
CA LYS C 238 -10.62 -67.28 69.03
C LYS C 238 -11.23 -65.88 69.00
N PHE C 239 -12.38 -65.74 68.39
CA PHE C 239 -13.07 -64.48 68.37
C PHE C 239 -13.68 -64.16 69.73
N TYR C 240 -13.51 -62.93 70.20
CA TYR C 240 -13.82 -62.62 71.60
C TYR C 240 -15.12 -61.92 71.93
N GLY C 241 -16.09 -61.97 71.02
CA GLY C 241 -17.35 -61.27 71.22
C GLY C 241 -17.22 -59.88 71.77
N ASN C 242 -17.73 -59.64 72.96
CA ASN C 242 -17.76 -58.29 73.57
C ASN C 242 -18.48 -57.24 72.71
N SER C 243 -19.45 -57.68 71.93
CA SER C 243 -20.39 -56.80 71.27
C SER C 243 -21.01 -55.84 72.30
N PHE C 244 -21.25 -54.62 71.88
CA PHE C 244 -21.73 -53.70 72.82
C PHE C 244 -22.39 -52.52 72.17
N ILE C 245 -23.20 -51.84 72.97
CA ILE C 245 -23.85 -50.59 72.61
C ILE C 245 -23.49 -49.52 73.63
N ALA C 246 -23.03 -48.37 73.11
CA ALA C 246 -22.58 -47.26 73.94
C ALA C 246 -23.40 -46.03 73.63
N GLY C 247 -23.68 -45.23 74.65
CA GLY C 247 -24.45 -44.03 74.54
C GLY C 247 -23.56 -42.87 74.20
N PRO C 248 -24.11 -41.67 74.11
CA PRO C 248 -23.35 -40.53 73.56
C PRO C 248 -22.42 -39.81 74.53
N THR C 249 -22.13 -40.43 75.66
CA THR C 249 -21.02 -39.96 76.50
C THR C 249 -19.97 -41.04 76.50
N GLY C 250 -20.18 -42.04 75.65
CA GLY C 250 -19.34 -43.23 75.66
C GLY C 250 -19.64 -44.27 76.75
N GLU C 251 -20.71 -44.09 77.53
CA GLU C 251 -21.16 -45.10 78.48
C GLU C 251 -21.59 -46.40 77.75
N ILE C 252 -21.10 -47.56 78.17
CA ILE C 252 -21.66 -48.85 77.70
C ILE C 252 -23.10 -49.08 78.23
N VAL C 253 -24.14 -49.14 77.41
CA VAL C 253 -25.49 -49.34 77.91
C VAL C 253 -25.85 -50.81 77.85
N SER C 254 -25.20 -51.56 76.98
CA SER C 254 -25.45 -52.96 76.91
C SER C 254 -24.24 -53.70 76.38
N ILE C 255 -23.91 -54.85 76.97
CA ILE C 255 -22.71 -55.57 76.56
C ILE C 255 -22.83 -57.08 76.64
N ALA C 256 -22.17 -57.75 75.70
CA ALA C 256 -22.14 -59.19 75.69
C ALA C 256 -20.80 -59.73 76.22
N ASP C 257 -20.74 -60.99 76.66
CA ASP C 257 -19.44 -61.57 76.97
C ASP C 257 -18.72 -62.17 75.76
N ASP C 258 -17.63 -62.90 76.02
CA ASP C 258 -16.73 -63.40 74.98
C ASP C 258 -17.08 -64.71 74.39
N LYS C 259 -18.29 -65.23 74.66
CA LYS C 259 -18.61 -66.60 74.18
C LYS C 259 -20.06 -66.91 73.82
N GLU C 260 -21.00 -66.18 74.38
CA GLU C 260 -22.44 -66.40 74.15
C GLU C 260 -22.87 -65.79 72.85
N GLU C 261 -23.89 -66.40 72.26
CA GLU C 261 -24.69 -65.80 71.21
C GLU C 261 -25.55 -64.74 71.88
N ALA C 262 -25.70 -63.57 71.31
CA ALA C 262 -26.42 -62.55 71.96
C ALA C 262 -27.15 -61.60 71.04
N VAL C 263 -28.23 -61.08 71.61
CA VAL C 263 -29.04 -60.03 71.02
C VAL C 263 -29.13 -58.84 71.95
N LEU C 264 -28.36 -57.79 71.65
CA LEU C 264 -28.34 -56.60 72.46
C LEU C 264 -29.32 -55.58 71.90
N ILE C 265 -30.00 -54.90 72.82
CA ILE C 265 -31.11 -54.01 72.53
C ILE C 265 -30.95 -52.70 73.31
N ALA C 266 -31.09 -51.54 72.67
CA ALA C 266 -31.18 -50.29 73.40
C ALA C 266 -31.97 -49.26 72.64
N GLU C 267 -32.70 -48.42 73.39
CA GLU C 267 -33.47 -47.30 72.85
C GLU C 267 -32.80 -45.95 73.08
N PHE C 268 -32.77 -45.11 72.06
CA PHE C 268 -32.23 -43.74 72.14
C PHE C 268 -33.23 -42.71 71.65
N ASN C 269 -33.40 -41.63 72.42
CA ASN C 269 -34.13 -40.47 71.95
C ASN C 269 -33.22 -39.62 71.10
N LEU C 270 -33.41 -39.66 69.78
CA LEU C 270 -32.45 -38.97 68.87
C LEU C 270 -32.53 -37.46 68.90
N ASP C 271 -33.68 -36.93 69.26
CA ASP C 271 -33.88 -35.52 69.47
C ASP C 271 -33.27 -35.01 70.77
N LYS C 272 -33.28 -35.80 71.82
CA LYS C 272 -32.63 -35.31 73.03
C LYS C 272 -31.14 -35.35 72.82
N ILE C 273 -30.66 -36.39 72.20
CA ILE C 273 -29.25 -36.49 72.00
C ILE C 273 -28.75 -35.39 71.06
N LYS C 274 -29.56 -34.98 70.08
CA LYS C 274 -29.16 -33.94 69.15
C LYS C 274 -28.98 -32.70 69.98
N SER C 275 -29.94 -32.48 70.83
CA SER C 275 -29.91 -31.26 71.62
C SER C 275 -28.68 -31.22 72.54
N MET C 276 -28.36 -32.36 73.12
CA MET C 276 -27.20 -32.54 74.00
C MET C 276 -25.90 -32.35 73.24
N ARG C 277 -25.83 -32.98 72.08
CA ARG C 277 -24.63 -32.90 71.25
C ARG C 277 -24.31 -31.43 70.93
N HIS C 278 -25.32 -30.62 70.60
CA HIS C 278 -25.10 -29.22 70.21
C HIS C 278 -24.78 -28.34 71.39
N CYS C 279 -25.43 -28.53 72.52
CA CYS C 279 -25.12 -27.73 73.68
CA CYS C 279 -25.07 -27.63 73.61
C CYS C 279 -23.74 -28.02 74.28
N TRP C 280 -23.22 -29.25 74.08
CA TRP C 280 -21.90 -29.51 74.65
C TRP C 280 -20.85 -28.67 73.90
N GLY C 281 -21.09 -28.48 72.61
CA GLY C 281 -20.44 -27.42 71.86
C GLY C 281 -19.20 -27.82 71.08
N VAL C 282 -18.83 -29.08 71.09
CA VAL C 282 -17.56 -29.39 70.48
C VAL C 282 -17.57 -29.04 68.96
N PHE C 283 -18.73 -29.24 68.29
CA PHE C 283 -18.85 -28.98 66.84
C PHE C 283 -18.84 -27.47 66.52
N ARG C 284 -19.20 -26.64 67.50
CA ARG C 284 -19.20 -25.16 67.37
C ARG C 284 -17.75 -24.67 67.51
N ASP C 285 -16.93 -25.45 68.20
CA ASP C 285 -15.62 -24.99 68.58
C ASP C 285 -14.49 -25.63 67.78
N ARG C 286 -14.80 -26.59 66.91
CA ARG C 286 -13.74 -27.23 66.11
C ARG C 286 -12.99 -26.20 65.26
N ARG C 287 -11.76 -26.57 64.90
CA ARG C 287 -10.80 -25.64 64.27
C ARG C 287 -10.24 -26.26 62.98
N PRO C 288 -11.05 -26.32 61.93
CA PRO C 288 -10.52 -27.02 60.76
C PRO C 288 -9.38 -26.30 60.06
N ASP C 289 -9.26 -25.00 60.28
CA ASP C 289 -8.11 -24.25 59.80
C ASP C 289 -6.81 -24.77 60.40
N LEU C 290 -6.85 -25.46 61.55
CA LEU C 290 -5.66 -25.99 62.19
C LEU C 290 -5.48 -27.47 61.93
N TYR C 291 -6.39 -28.09 61.20
CA TYR C 291 -6.28 -29.53 61.01
C TYR C 291 -5.61 -30.07 59.73
N LYS C 292 -4.95 -29.25 58.93
CA LYS C 292 -4.34 -29.72 57.66
C LYS C 292 -3.33 -30.85 57.87
N VAL C 293 -2.66 -30.85 59.00
CA VAL C 293 -1.73 -31.88 59.26
C VAL C 293 -2.41 -33.27 59.27
N LEU C 294 -3.71 -33.34 59.53
CA LEU C 294 -4.34 -34.63 59.41
C LEU C 294 -4.36 -35.18 58.00
N LEU C 295 -4.15 -34.33 56.99
CA LEU C 295 -4.03 -34.79 55.61
C LEU C 295 -2.60 -35.24 55.21
N THR C 296 -1.73 -35.33 56.20
CA THR C 296 -0.46 -35.96 56.05
C THR C 296 -0.51 -37.38 56.66
N LEU C 297 0.48 -38.19 56.30
CA LEU C 297 0.78 -39.43 56.99
C LEU C 297 1.93 -39.25 57.97
N ASP C 298 2.86 -38.38 57.61
CA ASP C 298 4.14 -38.23 58.31
C ASP C 298 4.30 -36.99 59.15
N GLY C 299 3.21 -36.27 59.32
CA GLY C 299 3.28 -35.05 60.08
C GLY C 299 3.81 -33.79 59.38
N LYS C 300 4.18 -33.85 58.09
CA LYS C 300 4.74 -32.70 57.41
C LYS C 300 4.18 -32.54 55.98
N ASN C 301 4.09 -33.64 55.24
CA ASN C 301 3.84 -33.62 53.81
C ASN C 301 2.39 -34.02 53.48
N PRO C 302 1.59 -33.08 52.98
CA PRO C 302 0.20 -33.35 52.54
C PRO C 302 0.17 -34.43 51.46
N VAL C 303 -0.74 -35.40 51.53
CA VAL C 303 -0.77 -36.37 50.47
C VAL C 303 -1.43 -35.74 49.30
N LEU C 304 -1.10 -36.22 48.10
CA LEU C 304 -1.81 -35.76 46.90
C LEU C 304 -3.26 -36.32 46.69
N ASP D 7 13.80 -55.05 81.00
CA ASP D 7 12.98 -53.91 80.50
C ASP D 7 13.90 -52.83 79.83
N LYS D 8 14.49 -53.11 78.65
CA LYS D 8 15.52 -52.21 78.05
C LYS D 8 14.90 -51.04 77.28
N GLY D 9 15.58 -49.89 77.22
CA GLY D 9 15.08 -48.72 76.43
C GLY D 9 14.96 -47.41 77.24
N ARG D 10 14.80 -46.32 76.52
CA ARG D 10 14.70 -45.01 77.08
C ARG D 10 13.40 -44.96 77.93
N LYS D 11 13.56 -44.60 79.19
CA LYS D 11 12.46 -44.54 80.15
C LYS D 11 12.30 -43.10 80.57
N VAL D 12 11.06 -42.73 80.85
CA VAL D 12 10.74 -41.42 81.35
C VAL D 12 9.61 -41.47 82.39
N VAL D 13 9.78 -40.67 83.43
CA VAL D 13 8.79 -40.65 84.52
C VAL D 13 8.03 -39.34 84.46
N VAL D 14 6.70 -39.43 84.34
CA VAL D 14 5.81 -38.30 84.28
C VAL D 14 4.91 -38.17 85.51
N SER D 15 4.45 -36.94 85.76
CA SER D 15 3.65 -36.62 86.92
C SER D 15 2.48 -35.75 86.61
N ALA D 16 1.35 -36.10 87.19
CA ALA D 16 0.21 -35.19 87.26
C ALA D 16 0.10 -34.68 88.70
N LEU D 17 0.02 -33.38 88.84
CA LEU D 17 -0.28 -32.72 90.08
C LEU D 17 -1.72 -32.24 90.14
N GLN D 18 -2.20 -32.01 91.35
CA GLN D 18 -3.62 -31.72 91.59
C GLN D 18 -3.64 -30.93 92.89
N PHE D 19 -4.08 -29.69 92.81
CA PHE D 19 -4.18 -28.83 93.98
C PHE D 19 -5.29 -27.81 93.83
N ALA D 20 -5.60 -27.17 94.95
CA ALA D 20 -6.57 -26.08 95.04
C ALA D 20 -5.85 -24.73 94.95
N CYS D 21 -6.57 -23.72 94.44
CA CYS D 21 -5.96 -22.40 94.23
C CYS D 21 -6.65 -21.36 95.07
N THR D 22 -5.92 -20.38 95.58
CA THR D 22 -6.56 -19.12 95.97
C THR D 22 -6.55 -18.14 94.79
N ASP D 23 -6.90 -16.88 95.08
CA ASP D 23 -6.83 -15.85 94.01
C ASP D 23 -5.63 -14.92 94.17
N ASP D 24 -4.62 -15.44 94.84
CA ASP D 24 -3.39 -14.73 94.98
C ASP D 24 -2.20 -15.47 94.25
N VAL D 25 -1.57 -14.81 93.30
CA VAL D 25 -0.53 -15.48 92.52
C VAL D 25 0.64 -16.05 93.36
N SER D 26 1.15 -15.26 94.30
CA SER D 26 2.27 -15.78 95.10
C SER D 26 1.95 -17.08 95.85
N THR D 27 0.75 -17.20 96.41
CA THR D 27 0.38 -18.42 97.14
C THR D 27 0.38 -19.56 96.18
N ASN D 28 -0.16 -19.32 95.00
CA ASN D 28 -0.35 -20.44 94.11
C ASN D 28 0.95 -20.93 93.54
N VAL D 29 1.86 -20.02 93.25
CA VAL D 29 3.13 -20.43 92.71
C VAL D 29 3.94 -21.17 93.79
N THR D 30 3.95 -20.68 95.00
CA THR D 30 4.54 -21.45 96.13
C THR D 30 3.92 -22.89 96.18
N THR D 31 2.60 -23.01 96.09
CA THR D 31 1.98 -24.32 96.06
C THR D 31 2.54 -25.22 94.89
N ALA D 32 2.53 -24.66 93.68
CA ALA D 32 3.16 -25.35 92.55
C ALA D 32 4.64 -25.77 92.78
N GLU D 33 5.49 -24.85 93.25
CA GLU D 33 6.89 -25.19 93.59
C GLU D 33 6.94 -26.36 94.51
N ARG D 34 6.03 -26.41 95.50
CA ARG D 34 6.04 -27.47 96.53
C ARG D 34 5.77 -28.83 95.92
N LEU D 35 4.84 -28.86 94.98
CA LEU D 35 4.42 -30.14 94.42
C LEU D 35 5.33 -30.60 93.30
N VAL D 36 5.87 -29.65 92.53
CA VAL D 36 6.92 -30.00 91.61
C VAL D 36 8.14 -30.63 92.36
N ARG D 37 8.60 -30.02 93.45
CA ARG D 37 9.63 -30.69 94.21
C ARG D 37 9.27 -32.08 94.76
N ALA D 38 8.02 -32.25 95.17
CA ALA D 38 7.58 -33.55 95.68
C ALA D 38 7.57 -34.58 94.54
N ALA D 39 7.22 -34.13 93.36
CA ALA D 39 7.20 -35.05 92.21
C ALA D 39 8.61 -35.52 91.84
N HIS D 40 9.53 -34.58 91.73
CA HIS D 40 10.96 -34.83 91.51
C HIS D 40 11.55 -35.77 92.57
N LYS D 41 11.13 -35.57 93.82
CA LYS D 41 11.56 -36.42 94.92
C LYS D 41 11.22 -37.87 94.62
N GLN D 42 10.01 -38.09 94.10
CA GLN D 42 9.54 -39.38 93.70
C GLN D 42 10.03 -39.82 92.30
N GLY D 43 10.92 -39.06 91.64
CA GLY D 43 11.62 -39.54 90.46
C GLY D 43 11.20 -38.93 89.12
N ALA D 44 10.32 -37.94 89.16
CA ALA D 44 9.72 -37.40 87.97
C ALA D 44 10.68 -36.57 87.09
N ASN D 45 10.49 -36.73 85.78
CA ASN D 45 11.27 -36.00 84.77
C ASN D 45 10.46 -34.89 84.18
N ILE D 46 9.15 -35.10 84.07
CA ILE D 46 8.27 -34.11 83.44
C ILE D 46 7.05 -33.94 84.35
N VAL D 47 6.81 -32.76 84.87
CA VAL D 47 5.72 -32.55 85.81
C VAL D 47 4.71 -31.58 85.26
N LEU D 48 3.44 -31.98 85.29
CA LEU D 48 2.34 -31.18 84.72
C LEU D 48 1.46 -30.42 85.80
N ILE D 49 1.60 -29.10 85.77
CA ILE D 49 0.77 -28.22 86.57
C ILE D 49 -0.51 -27.82 85.79
N GLN D 50 -1.64 -27.83 86.49
CA GLN D 50 -2.99 -27.53 85.94
C GLN D 50 -3.20 -26.13 85.31
N GLU D 51 -4.31 -25.98 84.59
CA GLU D 51 -4.62 -24.79 83.81
C GLU D 51 -4.84 -23.55 84.65
N LEU D 52 -4.28 -22.42 84.22
CA LEU D 52 -4.54 -21.13 84.82
C LEU D 52 -4.36 -21.09 86.38
N PHE D 53 -3.33 -21.80 86.82
CA PHE D 53 -3.12 -22.14 88.19
C PHE D 53 -2.67 -20.95 88.96
N GLU D 54 -2.38 -19.86 88.26
CA GLU D 54 -1.96 -18.61 88.97
C GLU D 54 -3.07 -17.99 89.82
N GLY D 55 -4.33 -18.37 89.57
CA GLY D 55 -5.46 -17.76 90.31
C GLY D 55 -6.70 -18.61 90.29
N TYR D 56 -7.79 -18.07 90.82
CA TYR D 56 -9.11 -18.65 90.60
C TYR D 56 -9.40 -18.75 89.07
N TYR D 57 -10.19 -19.75 88.68
CA TYR D 57 -10.65 -19.88 87.32
C TYR D 57 -11.66 -18.73 87.05
N PHE D 58 -11.16 -17.60 86.54
CA PHE D 58 -11.93 -16.36 86.53
C PHE D 58 -12.94 -16.29 85.39
N CYS D 59 -12.91 -17.25 84.49
CA CYS D 59 -13.84 -17.31 83.36
C CYS D 59 -15.33 -17.61 83.68
N GLN D 60 -15.69 -17.64 84.94
CA GLN D 60 -17.08 -17.73 85.32
C GLN D 60 -17.70 -16.38 85.04
N ALA D 61 -16.92 -15.31 85.19
CA ALA D 61 -17.43 -14.00 84.91
C ALA D 61 -16.98 -13.52 83.53
N GLN D 62 -17.72 -12.59 82.95
CA GLN D 62 -17.32 -11.82 81.74
C GLN D 62 -17.12 -10.37 82.13
N ARG D 63 -15.91 -10.01 82.55
CA ARG D 63 -15.61 -8.70 83.14
C ARG D 63 -14.42 -8.04 82.46
N GLU D 64 -14.58 -6.76 82.21
CA GLU D 64 -13.55 -5.91 81.62
C GLU D 64 -12.25 -6.01 82.43
N ASP D 65 -12.34 -5.81 83.74
CA ASP D 65 -11.12 -5.88 84.55
C ASP D 65 -10.42 -7.24 84.55
N PHE D 66 -11.14 -8.34 84.33
CA PHE D 66 -10.47 -9.60 84.39
C PHE D 66 -9.54 -9.81 83.18
N ILE D 67 -9.85 -9.17 82.04
CA ILE D 67 -9.04 -9.28 80.87
C ILE D 67 -7.65 -8.76 81.10
N GLN D 68 -7.55 -7.69 81.91
CA GLN D 68 -6.26 -7.10 82.23
C GLN D 68 -5.45 -7.89 83.23
N ARG D 69 -5.88 -9.09 83.59
CA ARG D 69 -4.96 -10.06 84.28
C ARG D 69 -3.90 -10.64 83.37
N ALA D 70 -4.13 -10.59 82.07
CA ALA D 70 -3.19 -11.14 81.10
C ALA D 70 -1.88 -10.42 81.21
N LYS D 71 -0.79 -11.09 80.84
CA LYS D 71 0.54 -10.49 80.80
C LYS D 71 1.32 -10.99 79.59
N PRO D 72 2.33 -10.22 79.16
CA PRO D 72 3.10 -10.67 78.02
C PRO D 72 3.89 -11.96 78.26
N TYR D 73 4.04 -12.76 77.22
CA TYR D 73 4.91 -13.93 77.22
C TYR D 73 6.29 -13.51 77.61
N LYS D 74 6.74 -12.35 77.11
CA LYS D 74 8.10 -11.90 77.38
C LYS D 74 8.31 -11.42 78.79
N ASP D 75 9.42 -11.89 79.39
CA ASP D 75 9.73 -11.63 80.83
C ASP D 75 8.57 -11.89 81.80
N HIS D 76 7.79 -12.92 81.57
CA HIS D 76 6.69 -13.21 82.45
C HIS D 76 7.22 -13.64 83.81
N PRO D 77 6.78 -13.02 84.88
CA PRO D 77 7.52 -13.43 86.10
C PRO D 77 7.26 -14.89 86.55
N THR D 78 6.09 -15.42 86.26
CA THR D 78 5.84 -16.77 86.77
C THR D 78 6.68 -17.80 85.98
N ILE D 79 6.73 -17.61 84.65
CA ILE D 79 7.56 -18.43 83.79
C ILE D 79 9.03 -18.31 84.21
N MET D 80 9.47 -17.11 84.50
CA MET D 80 10.87 -16.91 84.82
C MET D 80 11.23 -17.61 86.11
N ARG D 81 10.28 -17.69 87.03
CA ARG D 81 10.60 -18.31 88.31
C ARG D 81 10.65 -19.86 88.22
N LEU D 82 9.79 -20.45 87.42
CA LEU D 82 9.81 -21.86 87.24
C LEU D 82 10.95 -22.31 86.31
N GLN D 83 11.45 -21.44 85.45
CA GLN D 83 12.67 -21.77 84.74
C GLN D 83 13.79 -22.02 85.75
N LYS D 84 13.82 -21.23 86.80
CA LYS D 84 14.84 -21.46 87.82
C LYS D 84 14.68 -22.81 88.50
N LEU D 85 13.44 -23.20 88.78
CA LEU D 85 13.17 -24.49 89.38
C LEU D 85 13.48 -25.64 88.42
N ALA D 86 13.05 -25.47 87.17
CA ALA D 86 13.28 -26.50 86.13
C ALA D 86 14.75 -26.79 86.03
N LYS D 87 15.54 -25.74 86.04
CA LYS D 87 16.97 -25.88 85.91
C LYS D 87 17.59 -26.50 87.17
N GLU D 88 17.08 -26.13 88.33
CA GLU D 88 17.61 -26.68 89.59
C GLU D 88 17.41 -28.20 89.68
N LEU D 89 16.21 -28.70 89.34
CA LEU D 89 15.89 -30.13 89.48
C LEU D 89 16.07 -30.92 88.19
N GLY D 90 16.28 -30.23 87.06
CA GLY D 90 16.43 -30.95 85.81
C GLY D 90 15.14 -31.64 85.46
N VAL D 91 14.04 -30.91 85.60
CA VAL D 91 12.71 -31.39 85.13
C VAL D 91 12.06 -30.42 84.11
N VAL D 92 11.33 -30.98 83.16
CA VAL D 92 10.52 -30.29 82.20
C VAL D 92 9.20 -29.86 82.85
N ILE D 93 8.80 -28.61 82.66
CA ILE D 93 7.68 -28.00 83.34
C ILE D 93 6.98 -27.06 82.33
N PRO D 94 5.78 -27.44 81.87
CA PRO D 94 4.92 -26.58 81.08
C PRO D 94 4.19 -25.62 81.96
N VAL D 95 4.23 -24.33 81.60
CA VAL D 95 3.66 -23.29 82.43
C VAL D 95 2.49 -22.61 81.74
N SER D 96 1.31 -22.92 82.21
CA SER D 96 0.08 -22.27 81.81
C SER D 96 -0.03 -20.83 82.31
N PHE D 97 -0.37 -19.93 81.37
CA PHE D 97 -0.57 -18.51 81.66
C PHE D 97 -1.51 -17.80 80.67
N PHE D 98 -2.02 -16.68 81.14
CA PHE D 98 -2.93 -15.83 80.43
C PHE D 98 -2.14 -14.76 79.66
N GLU D 99 -2.03 -14.93 78.35
CA GLU D 99 -1.08 -14.16 77.53
C GLU D 99 -1.71 -12.90 76.93
N GLU D 100 -1.02 -11.80 77.12
CA GLU D 100 -1.30 -10.60 76.36
C GLU D 100 -0.26 -10.47 75.25
N ALA D 101 -0.77 -10.22 74.05
CA ALA D 101 0.10 -10.02 72.86
C ALA D 101 -0.44 -8.85 72.02
N ASN D 102 0.01 -7.66 72.36
CA ASN D 102 -0.54 -6.44 71.86
C ASN D 102 -2.04 -6.40 72.18
N ASN D 103 -2.94 -6.45 71.19
CA ASN D 103 -4.38 -6.38 71.53
C ASN D 103 -5.04 -7.75 71.45
N ALA D 104 -4.26 -8.77 71.08
CA ALA D 104 -4.72 -10.13 71.21
C ALA D 104 -4.47 -10.72 72.62
N HIS D 105 -5.30 -11.69 73.00
CA HIS D 105 -5.14 -12.43 74.25
C HIS D 105 -5.31 -13.92 74.01
N TYR D 106 -4.55 -14.71 74.76
CA TYR D 106 -4.58 -16.14 74.58
C TYR D 106 -4.49 -16.90 75.89
N ASN D 107 -5.12 -18.05 75.93
CA ASN D 107 -4.88 -19.02 76.98
C ASN D 107 -3.66 -19.84 76.53
N SER D 108 -2.50 -19.57 77.12
CA SER D 108 -1.27 -20.15 76.63
C SER D 108 -0.46 -21.06 77.60
N ILE D 109 0.57 -21.68 77.03
CA ILE D 109 1.45 -22.57 77.78
C ILE D 109 2.88 -22.56 77.23
N ALA D 110 3.83 -22.30 78.13
CA ALA D 110 5.24 -22.24 77.79
C ALA D 110 5.93 -23.49 78.33
N ILE D 111 6.73 -24.09 77.48
CA ILE D 111 7.33 -25.37 77.79
C ILE D 111 8.76 -25.16 78.24
N ILE D 112 9.06 -25.35 79.51
CA ILE D 112 10.43 -25.17 79.95
C ILE D 112 11.14 -26.51 79.94
N ASP D 113 12.29 -26.62 79.28
CA ASP D 113 13.09 -27.85 79.25
C ASP D 113 13.84 -28.10 80.60
N ALA D 114 14.43 -29.28 80.79
CA ALA D 114 15.07 -29.65 82.05
C ALA D 114 16.31 -28.85 82.29
N ASP D 115 16.77 -28.10 81.30
CA ASP D 115 17.92 -27.23 81.59
C ASP D 115 17.49 -25.79 81.85
N GLY D 116 16.18 -25.59 81.95
CA GLY D 116 15.65 -24.23 82.18
C GLY D 116 15.34 -23.39 80.94
N THR D 117 15.59 -23.96 79.75
CA THR D 117 15.41 -23.25 78.48
C THR D 117 13.97 -23.16 78.07
N ASP D 118 13.54 -22.01 77.56
CA ASP D 118 12.14 -21.86 77.20
C ASP D 118 12.03 -22.39 75.80
N LEU D 119 11.30 -23.47 75.59
CA LEU D 119 11.30 -24.07 74.23
C LEU D 119 10.25 -23.43 73.33
N GLY D 120 9.38 -22.60 73.89
CA GLY D 120 8.35 -21.86 73.10
C GLY D 120 6.97 -22.04 73.69
N ILE D 121 5.93 -21.60 72.96
CA ILE D 121 4.56 -21.66 73.42
C ILE D 121 3.58 -22.37 72.48
N TYR D 122 2.50 -22.81 73.11
CA TYR D 122 1.37 -23.35 72.42
C TYR D 122 0.23 -22.46 72.94
N ARG D 123 -0.66 -22.07 72.01
CA ARG D 123 -1.84 -21.23 72.33
C ARG D 123 -3.11 -22.03 72.15
N LYS D 124 -3.92 -22.08 73.20
CA LYS D 124 -5.12 -22.90 73.23
C LYS D 124 -5.98 -22.70 71.96
N SER D 125 -6.36 -23.79 71.29
CA SER D 125 -7.01 -23.73 69.97
C SER D 125 -8.51 -23.74 70.06
N HIS D 126 -9.03 -24.66 70.86
CA HIS D 126 -10.46 -24.77 71.04
C HIS D 126 -10.89 -24.07 72.30
N ILE D 127 -11.74 -23.07 72.17
CA ILE D 127 -12.19 -22.21 73.29
C ILE D 127 -13.63 -22.51 73.73
N PRO D 128 -13.83 -22.92 75.00
CA PRO D 128 -15.17 -23.28 75.37
C PRO D 128 -16.01 -22.05 75.71
N ASP D 129 -17.30 -22.25 75.87
CA ASP D 129 -18.23 -21.21 76.19
C ASP D 129 -19.46 -21.79 76.96
N GLY D 130 -20.19 -20.94 77.64
CA GLY D 130 -21.35 -21.36 78.43
C GLY D 130 -21.19 -20.97 79.90
N PRO D 131 -22.29 -21.02 80.65
CA PRO D 131 -22.32 -20.65 82.07
C PRO D 131 -21.21 -21.34 82.84
N GLY D 132 -20.43 -20.55 83.54
CA GLY D 132 -19.28 -21.03 84.29
C GLY D 132 -17.95 -21.06 83.58
N TYR D 133 -17.99 -21.07 82.23
CA TYR D 133 -16.83 -21.32 81.39
C TYR D 133 -16.85 -20.38 80.17
N GLU D 134 -16.88 -19.09 80.45
CA GLU D 134 -17.08 -18.10 79.45
C GLU D 134 -15.71 -17.76 78.92
N GLU D 135 -15.01 -18.73 78.37
CA GLU D 135 -13.67 -18.46 77.86
C GLU D 135 -13.62 -17.69 76.52
N LYS D 136 -14.69 -17.80 75.73
CA LYS D 136 -14.67 -17.15 74.42
C LYS D 136 -14.70 -15.65 74.56
N PHE D 137 -14.96 -15.16 75.75
CA PHE D 137 -15.02 -13.75 76.03
C PHE D 137 -13.60 -13.21 76.22
N TYR D 138 -12.67 -14.07 76.65
CA TYR D 138 -11.32 -13.62 76.98
C TYR D 138 -10.25 -13.98 75.93
N PHE D 139 -10.39 -15.14 75.28
CA PHE D 139 -9.31 -15.63 74.48
C PHE D 139 -9.56 -15.61 72.99
N ASN D 140 -8.59 -15.02 72.27
CA ASN D 140 -8.60 -15.26 70.83
C ASN D 140 -8.43 -16.77 70.61
N PRO D 141 -9.21 -17.37 69.71
CA PRO D 141 -8.82 -18.73 69.45
C PRO D 141 -7.35 -18.78 68.99
N GLY D 142 -6.62 -19.79 69.53
CA GLY D 142 -5.19 -20.03 69.26
C GLY D 142 -4.74 -20.06 67.80
N ASP D 143 -3.56 -19.50 67.54
CA ASP D 143 -3.03 -19.44 66.20
C ASP D 143 -1.62 -20.05 66.06
N THR D 144 -1.17 -20.80 67.05
CA THR D 144 0.08 -21.56 66.92
C THR D 144 -0.11 -22.86 66.09
N GLY D 145 -1.30 -23.42 66.15
CA GLY D 145 -1.46 -24.75 65.66
C GLY D 145 -1.01 -25.70 66.76
N PHE D 146 -1.36 -26.96 66.59
CA PHE D 146 -0.83 -28.01 67.44
C PHE D 146 0.67 -28.23 67.29
N LYS D 147 1.37 -28.21 68.44
CA LYS D 147 2.81 -28.36 68.46
C LYS D 147 3.30 -29.58 69.23
N VAL D 148 4.51 -29.95 68.90
CA VAL D 148 5.31 -30.86 69.68
C VAL D 148 6.65 -30.18 70.02
N PHE D 149 7.21 -30.54 71.15
CA PHE D 149 8.43 -29.96 71.65
C PHE D 149 9.40 -31.06 71.98
N GLN D 150 10.65 -30.85 71.54
CA GLN D 150 11.73 -31.75 71.84
C GLN D 150 12.41 -31.36 73.14
N THR D 151 12.12 -32.15 74.18
CA THR D 151 12.76 -31.97 75.53
C THR D 151 14.00 -32.88 75.74
N LYS D 152 14.75 -32.65 76.80
CA LYS D 152 15.72 -33.62 77.24
C LYS D 152 15.27 -35.07 77.31
N TYR D 153 14.01 -35.32 77.67
CA TYR D 153 13.60 -36.68 77.98
C TYR D 153 12.75 -37.32 76.93
N ALA D 154 12.06 -36.50 76.13
CA ALA D 154 11.07 -37.00 75.17
C ALA D 154 10.60 -35.88 74.27
N LYS D 155 9.98 -36.27 73.19
CA LYS D 155 9.24 -35.35 72.34
C LYS D 155 7.87 -35.36 72.90
N ILE D 156 7.34 -34.22 73.34
CA ILE D 156 6.03 -34.18 73.93
C ILE D 156 5.05 -33.30 73.17
N GLY D 157 3.78 -33.62 73.31
CA GLY D 157 2.73 -32.81 72.80
C GLY D 157 1.93 -32.29 73.97
N VAL D 158 1.79 -30.98 74.00
CA VAL D 158 1.05 -30.31 75.03
C VAL D 158 -0.08 -29.50 74.40
N ALA D 159 -1.30 -29.75 74.86
CA ALA D 159 -2.45 -28.87 74.60
C ALA D 159 -3.09 -28.49 75.92
N ILE D 160 -4.23 -27.82 75.87
CA ILE D 160 -4.82 -27.15 77.01
C ILE D 160 -6.32 -27.41 77.09
N SER D 161 -6.63 -28.04 78.22
CA SER D 161 -7.95 -28.13 78.77
C SER D 161 -8.96 -28.62 77.72
N TRP D 162 -9.93 -27.77 77.38
CA TRP D 162 -10.95 -28.07 76.35
C TRP D 162 -10.38 -28.69 75.08
N ASP D 163 -9.13 -28.38 74.72
CA ASP D 163 -8.52 -29.09 73.60
C ASP D 163 -8.63 -30.61 73.74
N GLN D 164 -8.70 -31.03 75.00
CA GLN D 164 -8.70 -32.44 75.32
C GLN D 164 -9.91 -33.19 74.83
N TRP D 165 -10.99 -32.49 74.48
CA TRP D 165 -12.16 -33.16 73.93
C TRP D 165 -12.05 -33.49 72.41
N PHE D 166 -10.98 -33.05 71.77
CA PHE D 166 -10.87 -33.07 70.30
C PHE D 166 -9.84 -34.11 69.79
N PRO D 167 -10.32 -35.22 69.23
CA PRO D 167 -9.41 -36.23 68.69
C PRO D 167 -8.46 -35.59 67.71
N GLU D 168 -8.92 -34.56 66.98
CA GLU D 168 -8.08 -33.93 65.98
C GLU D 168 -6.79 -33.40 66.59
N ALA D 169 -6.88 -32.92 67.82
CA ALA D 169 -5.68 -32.34 68.41
C ALA D 169 -4.68 -33.41 68.83
N ALA D 170 -5.15 -34.48 69.44
CA ALA D 170 -4.27 -35.61 69.82
C ALA D 170 -3.60 -36.26 68.57
N ARG D 171 -4.36 -36.49 67.53
CA ARG D 171 -3.81 -37.06 66.30
C ARG D 171 -2.76 -36.11 65.72
N ALA D 172 -3.00 -34.80 65.77
CA ALA D 172 -2.04 -33.87 65.16
C ALA D 172 -0.72 -33.90 65.87
N MET D 173 -0.74 -34.05 67.21
CA MET D 173 0.50 -34.13 67.95
C MET D 173 1.23 -35.44 67.69
N ALA D 174 0.47 -36.52 67.68
CA ALA D 174 1.06 -37.82 67.43
C ALA D 174 1.66 -37.89 66.03
N LEU D 175 1.00 -37.31 65.04
CA LEU D 175 1.49 -37.39 63.68
C LEU D 175 2.82 -36.69 63.57
N GLN D 176 3.01 -35.72 64.43
CA GLN D 176 4.25 -34.94 64.43
C GLN D 176 5.35 -35.52 65.37
N GLY D 177 5.10 -36.71 65.91
CA GLY D 177 6.10 -37.44 66.65
C GLY D 177 6.02 -37.34 68.18
N ALA D 178 4.95 -36.76 68.68
CA ALA D 178 4.79 -36.71 70.12
C ALA D 178 4.73 -38.13 70.69
N GLU D 179 5.47 -38.34 71.79
CA GLU D 179 5.58 -39.62 72.48
C GLU D 179 4.73 -39.68 73.74
N ILE D 180 4.28 -38.55 74.22
CA ILE D 180 3.39 -38.47 75.38
C ILE D 180 2.58 -37.19 75.22
N LEU D 181 1.30 -37.23 75.60
CA LEU D 181 0.39 -36.08 75.55
C LEU D 181 0.10 -35.55 76.92
N PHE D 182 0.02 -34.23 77.04
CA PHE D 182 -0.24 -33.53 78.26
C PHE D 182 -1.38 -32.55 78.12
N TYR D 183 -2.33 -32.58 79.06
CA TYR D 183 -3.46 -31.68 79.07
C TYR D 183 -3.67 -31.06 80.47
N PRO D 184 -3.11 -29.89 80.71
CA PRO D 184 -3.58 -29.20 81.93
C PRO D 184 -4.98 -28.70 81.75
N THR D 185 -5.75 -28.84 82.82
CA THR D 185 -7.18 -28.67 82.80
C THR D 185 -7.76 -27.86 83.95
N ALA D 186 -8.93 -27.31 83.72
CA ALA D 186 -9.82 -26.87 84.83
C ALA D 186 -11.29 -27.17 84.48
N ILE D 187 -11.85 -28.25 85.01
CA ILE D 187 -13.25 -28.61 84.75
C ILE D 187 -13.89 -29.13 86.05
N GLY D 188 -15.14 -28.74 86.28
CA GLY D 188 -15.90 -29.15 87.44
C GLY D 188 -17.39 -29.18 87.15
N SER D 189 -18.17 -28.89 88.17
CA SER D 189 -19.61 -28.66 88.02
C SER D 189 -19.93 -27.42 87.11
N GLU D 190 -21.20 -27.31 86.75
CA GLU D 190 -21.65 -26.23 85.90
C GLU D 190 -22.78 -25.52 86.59
N PRO D 191 -22.66 -24.18 86.73
CA PRO D 191 -23.48 -23.44 87.67
C PRO D 191 -24.92 -23.29 87.19
N HIS D 192 -25.19 -23.49 85.89
CA HIS D 192 -26.60 -23.39 85.46
C HIS D 192 -27.40 -24.69 85.61
N ASP D 193 -26.73 -25.81 85.87
CA ASP D 193 -27.36 -27.16 85.96
C ASP D 193 -26.57 -28.11 86.86
N GLN D 194 -27.04 -28.24 88.08
CA GLN D 194 -26.36 -29.12 89.05
C GLN D 194 -26.40 -30.65 88.68
N SER D 195 -27.24 -31.07 87.73
CA SER D 195 -27.28 -32.47 87.31
C SER D 195 -26.18 -32.81 86.29
N ILE D 196 -25.46 -31.84 85.78
CA ILE D 196 -24.39 -32.18 84.86
C ILE D 196 -23.13 -32.59 85.62
N ASP D 197 -22.66 -33.81 85.34
CA ASP D 197 -21.44 -34.40 85.92
C ASP D 197 -20.59 -35.01 84.80
N SER D 198 -19.63 -34.24 84.35
CA SER D 198 -18.93 -34.59 83.13
C SER D 198 -17.75 -35.54 83.34
N ARG D 199 -17.41 -35.91 84.59
CA ARG D 199 -16.11 -36.53 84.78
C ARG D 199 -15.87 -37.89 84.06
N ASP D 200 -16.87 -38.73 83.97
CA ASP D 200 -16.66 -40.00 83.30
C ASP D 200 -16.49 -39.81 81.78
N HIS D 201 -17.33 -38.94 81.25
CA HIS D 201 -17.36 -38.58 79.84
C HIS D 201 -15.99 -38.01 79.45
N TRP D 202 -15.48 -37.13 80.30
CA TRP D 202 -14.19 -36.47 80.15
C TRP D 202 -13.03 -37.46 80.14
N LYS D 203 -13.01 -38.40 81.10
CA LYS D 203 -11.99 -39.44 81.06
C LYS D 203 -12.02 -40.31 79.79
N ARG D 204 -13.21 -40.80 79.48
CA ARG D 204 -13.41 -41.68 78.35
C ARG D 204 -12.93 -41.14 77.04
N VAL D 205 -13.15 -39.85 76.80
CA VAL D 205 -12.73 -39.25 75.55
C VAL D 205 -11.18 -39.16 75.50
N MET D 206 -10.56 -38.82 76.62
CA MET D 206 -9.10 -38.81 76.65
C MET D 206 -8.54 -40.24 76.54
N GLN D 207 -9.12 -41.15 77.25
CA GLN D 207 -8.61 -42.49 77.16
C GLN D 207 -8.68 -42.96 75.67
N GLY D 208 -9.67 -42.47 74.93
CA GLY D 208 -9.79 -42.82 73.54
C GLY D 208 -8.66 -42.26 72.70
N HIS D 209 -8.21 -41.05 72.98
CA HIS D 209 -7.06 -40.51 72.29
C HIS D 209 -5.82 -41.33 72.56
N ALA D 210 -5.62 -41.73 73.82
CA ALA D 210 -4.42 -42.48 74.12
C ALA D 210 -4.41 -43.81 73.39
N GLY D 211 -5.55 -44.48 73.36
CA GLY D 211 -5.62 -45.79 72.72
C GLY D 211 -5.54 -45.68 71.19
N ALA D 212 -6.02 -44.59 70.63
CA ALA D 212 -6.09 -44.47 69.13
C ALA D 212 -4.73 -44.05 68.54
N ASN D 213 -3.96 -43.30 69.32
CA ASN D 213 -2.61 -42.95 68.95
C ASN D 213 -1.53 -43.78 69.58
N LEU D 214 -1.92 -44.63 70.51
CA LEU D 214 -0.97 -45.43 71.27
C LEU D 214 0.12 -44.59 71.84
N VAL D 215 -0.26 -43.55 72.55
CA VAL D 215 0.71 -42.81 73.34
C VAL D 215 0.14 -42.59 74.71
N PRO D 216 1.00 -42.49 75.73
CA PRO D 216 0.46 -42.24 77.09
C PRO D 216 -0.04 -40.81 77.18
N LEU D 217 -0.94 -40.58 78.12
CA LEU D 217 -1.60 -39.29 78.22
C LEU D 217 -1.72 -38.90 79.70
N VAL D 218 -1.42 -37.64 79.96
CA VAL D 218 -1.35 -37.06 81.30
C VAL D 218 -2.33 -35.89 81.40
N ALA D 219 -3.23 -35.98 82.40
CA ALA D 219 -4.19 -34.91 82.73
C ALA D 219 -4.16 -34.44 84.19
N SER D 220 -3.81 -33.17 84.37
CA SER D 220 -3.83 -32.49 85.66
C SER D 220 -5.01 -31.53 85.72
N ASN D 221 -5.88 -31.79 86.69
CA ASN D 221 -7.07 -30.97 86.90
C ASN D 221 -7.15 -30.40 88.33
N ARG D 222 -7.91 -29.32 88.45
CA ARG D 222 -8.01 -28.51 89.64
C ARG D 222 -8.97 -29.21 90.58
N ILE D 223 -8.86 -28.89 91.87
CA ILE D 223 -9.84 -29.36 92.86
C ILE D 223 -10.25 -28.13 93.65
N GLY D 224 -11.33 -28.26 94.45
CA GLY D 224 -11.80 -27.22 95.37
C GLY D 224 -12.98 -26.43 94.82
N ASN D 225 -13.72 -25.77 95.71
CA ASN D 225 -14.77 -24.82 95.38
C ASN D 225 -14.21 -23.42 95.20
N GLU D 226 -14.76 -22.75 94.18
CA GLU D 226 -14.38 -21.36 93.80
C GLU D 226 -15.63 -20.55 93.49
N ILE D 227 -15.78 -19.45 94.19
CA ILE D 227 -16.89 -18.53 94.05
C ILE D 227 -16.34 -17.25 93.45
N ILE D 228 -16.79 -16.89 92.24
CA ILE D 228 -16.45 -15.62 91.54
C ILE D 228 -17.59 -14.63 91.63
N GLU D 229 -17.31 -13.35 91.86
CA GLU D 229 -18.34 -12.29 91.67
C GLU D 229 -18.53 -11.95 90.15
N THR D 230 -19.60 -12.39 89.52
CA THR D 230 -19.86 -12.04 88.12
C THR D 230 -20.65 -10.75 88.08
N GLU D 231 -20.68 -10.20 86.85
CA GLU D 231 -21.54 -9.07 86.41
C GLU D 231 -23.04 -9.26 86.76
N HIS D 232 -23.44 -10.48 87.12
CA HIS D 232 -24.84 -10.77 87.50
C HIS D 232 -25.00 -11.43 88.88
N GLY D 233 -23.94 -11.38 89.71
CA GLY D 233 -23.95 -11.95 91.09
C GLY D 233 -22.97 -13.11 91.27
N LYS D 234 -23.04 -13.80 92.40
CA LYS D 234 -22.12 -14.91 92.66
C LYS D 234 -22.35 -16.15 91.80
N SER D 235 -21.26 -16.78 91.40
CA SER D 235 -21.29 -17.98 90.63
C SER D 235 -20.26 -18.93 91.22
N GLU D 236 -20.64 -20.19 91.40
CA GLU D 236 -19.80 -21.13 92.07
C GLU D 236 -19.53 -22.37 91.20
N ILE D 237 -18.28 -22.78 91.10
CA ILE D 237 -17.91 -24.10 90.60
C ILE D 237 -17.22 -25.03 91.65
N LYS D 238 -17.59 -26.30 91.69
CA LYS D 238 -16.82 -27.28 92.43
C LYS D 238 -15.97 -28.10 91.48
N PHE D 239 -14.68 -27.86 91.48
CA PHE D 239 -13.79 -28.57 90.56
C PHE D 239 -13.54 -30.02 91.01
N TYR D 240 -13.59 -30.97 90.06
CA TYR D 240 -13.73 -32.37 90.46
C TYR D 240 -12.49 -33.25 90.36
N GLY D 241 -11.34 -32.62 90.19
CA GLY D 241 -10.12 -33.41 90.28
C GLY D 241 -10.05 -34.53 89.24
N ASN D 242 -9.79 -35.75 89.70
CA ASN D 242 -9.71 -36.89 88.82
C ASN D 242 -8.58 -36.77 87.86
N SER D 243 -7.53 -36.14 88.33
CA SER D 243 -6.31 -36.12 87.56
C SER D 243 -5.87 -37.56 87.33
N PHE D 244 -5.36 -37.85 86.13
CA PHE D 244 -4.99 -39.22 85.87
C PHE D 244 -3.89 -39.33 84.85
N ILE D 245 -3.32 -40.54 84.82
CA ILE D 245 -2.34 -40.90 83.81
C ILE D 245 -2.82 -42.16 83.07
N ALA D 246 -2.93 -42.07 81.74
CA ALA D 246 -3.32 -43.24 80.97
C ALA D 246 -2.15 -43.72 80.08
N GLY D 247 -2.05 -45.04 79.89
CA GLY D 247 -1.03 -45.70 79.09
C GLY D 247 -1.48 -45.82 77.64
N PRO D 248 -0.66 -46.45 76.79
CA PRO D 248 -0.83 -46.35 75.38
C PRO D 248 -2.00 -47.14 74.81
N THR D 249 -2.67 -47.96 75.62
CA THR D 249 -3.92 -48.62 75.19
C THR D 249 -5.15 -47.93 75.80
N GLY D 250 -4.96 -46.75 76.34
CA GLY D 250 -6.05 -46.14 77.11
C GLY D 250 -6.27 -46.53 78.59
N GLU D 251 -5.54 -47.51 79.12
CA GLU D 251 -5.72 -47.88 80.51
C GLU D 251 -5.35 -46.77 81.52
N ILE D 252 -6.13 -46.64 82.59
CA ILE D 252 -5.73 -45.70 83.63
C ILE D 252 -4.64 -46.37 84.45
N VAL D 253 -3.44 -45.82 84.54
CA VAL D 253 -2.50 -46.51 85.41
C VAL D 253 -2.38 -45.81 86.73
N SER D 254 -2.93 -44.61 86.83
CA SER D 254 -2.78 -43.87 88.04
C SER D 254 -3.84 -42.80 88.04
N ILE D 255 -4.56 -42.65 89.15
CA ILE D 255 -5.65 -41.70 89.23
C ILE D 255 -5.89 -41.18 90.62
N ALA D 256 -6.31 -39.92 90.70
CA ALA D 256 -6.65 -39.21 91.93
C ALA D 256 -8.17 -39.11 92.11
N ASP D 257 -8.66 -38.78 93.31
CA ASP D 257 -10.10 -38.66 93.55
C ASP D 257 -10.47 -37.20 93.31
N ASP D 258 -11.65 -36.79 93.79
CA ASP D 258 -12.22 -35.47 93.50
C ASP D 258 -12.02 -34.35 94.53
N LYS D 259 -11.20 -34.63 95.56
CA LYS D 259 -10.91 -33.61 96.58
C LYS D 259 -9.49 -33.55 97.19
N GLU D 260 -8.71 -34.63 97.04
CA GLU D 260 -7.35 -34.71 97.59
C GLU D 260 -6.37 -33.97 96.69
N GLU D 261 -5.45 -33.28 97.34
CA GLU D 261 -4.22 -32.85 96.72
C GLU D 261 -3.49 -34.10 96.27
N ALA D 262 -2.85 -34.13 95.09
CA ALA D 262 -2.14 -35.34 94.70
C ALA D 262 -0.89 -35.10 93.87
N VAL D 263 0.01 -36.06 94.01
CA VAL D 263 1.14 -36.21 93.14
C VAL D 263 0.97 -37.58 92.53
N LEU D 264 0.86 -37.66 91.21
CA LEU D 264 0.70 -38.96 90.55
C LEU D 264 1.96 -39.16 89.74
N ILE D 265 2.42 -40.41 89.71
CA ILE D 265 3.67 -40.82 89.12
C ILE D 265 3.55 -42.13 88.27
N ALA D 266 4.06 -42.10 87.03
CA ALA D 266 4.13 -43.28 86.14
C ALA D 266 5.43 -43.31 85.30
N GLU D 267 6.09 -44.46 85.25
CA GLU D 267 7.18 -44.65 84.33
C GLU D 267 6.65 -45.28 83.04
N PHE D 268 7.16 -44.79 81.90
CA PHE D 268 6.85 -45.34 80.58
C PHE D 268 8.14 -45.62 79.79
N ASN D 269 8.16 -46.77 79.12
CA ASN D 269 9.30 -47.08 78.28
C ASN D 269 8.97 -46.67 76.83
N LEU D 270 9.54 -45.56 76.38
CA LEU D 270 9.21 -44.97 75.07
C LEU D 270 9.70 -45.78 73.87
N ASP D 271 10.83 -46.46 74.00
CA ASP D 271 11.27 -47.38 72.97
C ASP D 271 10.29 -48.53 72.79
N LYS D 272 9.84 -49.14 73.87
CA LYS D 272 8.84 -50.20 73.71
C LYS D 272 7.50 -49.68 73.19
N ILE D 273 7.10 -48.55 73.70
CA ILE D 273 5.83 -48.02 73.29
C ILE D 273 5.89 -47.62 71.80
N LYS D 274 7.00 -47.09 71.33
CA LYS D 274 7.16 -46.74 69.92
C LYS D 274 6.96 -48.01 69.05
N SER D 275 7.62 -49.09 69.48
CA SER D 275 7.62 -50.33 68.73
C SER D 275 6.21 -50.91 68.65
N MET D 276 5.50 -50.81 69.77
CA MET D 276 4.12 -51.23 69.86
C MET D 276 3.16 -50.38 69.03
N ARG D 277 3.33 -49.07 69.04
CA ARG D 277 2.50 -48.16 68.30
C ARG D 277 2.61 -48.44 66.78
N HIS D 278 3.84 -48.65 66.33
CA HIS D 278 4.07 -48.97 64.98
C HIS D 278 3.55 -50.31 64.59
N CYS D 279 3.78 -51.37 65.37
CA CYS D 279 3.35 -52.70 64.96
CA CYS D 279 3.36 -52.68 64.93
C CYS D 279 1.84 -52.84 64.97
N TRP D 280 1.15 -52.01 65.76
CA TRP D 280 -0.32 -52.11 65.79
C TRP D 280 -0.89 -51.62 64.44
N GLY D 281 -0.24 -50.64 63.84
CA GLY D 281 -0.45 -50.40 62.44
C GLY D 281 -1.36 -49.24 62.05
N VAL D 282 -1.98 -48.56 62.99
CA VAL D 282 -2.95 -47.53 62.62
C VAL D 282 -2.31 -46.41 61.77
N PHE D 283 -1.14 -45.94 62.16
CA PHE D 283 -0.42 -44.99 61.32
C PHE D 283 0.02 -45.42 59.91
N ARG D 284 0.23 -46.70 59.73
CA ARG D 284 0.46 -47.31 58.43
C ARG D 284 -0.82 -47.28 57.59
N ASP D 285 -1.96 -47.33 58.25
CA ASP D 285 -3.23 -47.62 57.59
C ASP D 285 -4.18 -46.39 57.39
N ARG D 286 -3.77 -45.23 57.89
CA ARG D 286 -4.57 -44.02 57.75
C ARG D 286 -4.76 -43.65 56.29
N ARG D 287 -5.86 -42.93 56.08
CA ARG D 287 -6.31 -42.53 54.74
C ARG D 287 -6.58 -41.01 54.66
N PRO D 288 -5.52 -40.20 54.76
CA PRO D 288 -5.67 -38.77 54.57
C PRO D 288 -6.39 -38.38 53.29
N ASP D 289 -6.32 -39.22 52.25
CA ASP D 289 -7.05 -38.90 50.97
C ASP D 289 -8.56 -38.83 51.15
N LEU D 290 -9.06 -39.43 52.24
CA LEU D 290 -10.48 -39.54 52.51
C LEU D 290 -10.86 -38.66 53.69
N TYR D 291 -9.89 -37.94 54.25
CA TYR D 291 -10.16 -37.06 55.41
C TYR D 291 -10.47 -35.56 55.12
N LYS D 292 -10.63 -35.18 53.87
CA LYS D 292 -10.81 -33.76 53.56
C LYS D 292 -12.04 -33.17 54.28
N VAL D 293 -13.03 -34.00 54.58
CA VAL D 293 -14.23 -33.55 55.22
C VAL D 293 -13.96 -33.05 56.62
N LEU D 294 -12.83 -33.41 57.21
CA LEU D 294 -12.51 -32.85 58.52
C LEU D 294 -12.16 -31.39 58.44
N LEU D 295 -12.01 -30.84 57.21
CA LEU D 295 -11.60 -29.44 57.11
C LEU D 295 -12.88 -28.66 56.92
N THR D 296 -14.00 -29.31 57.17
CA THR D 296 -15.29 -28.61 57.18
C THR D 296 -15.76 -28.46 58.61
N LEU D 297 -16.75 -27.58 58.81
CA LEU D 297 -17.52 -27.52 60.06
C LEU D 297 -18.89 -28.15 59.87
N ASP D 298 -19.46 -27.99 58.67
CA ASP D 298 -20.85 -28.36 58.38
C ASP D 298 -20.98 -29.67 57.59
N GLY D 299 -19.88 -30.35 57.41
CA GLY D 299 -19.88 -31.59 56.62
C GLY D 299 -19.84 -31.49 55.10
N LYS D 300 -19.83 -30.29 54.54
CA LYS D 300 -19.97 -30.10 53.06
C LYS D 300 -18.90 -29.11 52.58
N ASN D 301 -18.73 -27.99 53.30
CA ASN D 301 -17.98 -26.81 52.86
C ASN D 301 -16.66 -26.65 53.51
N PRO D 302 -15.59 -26.82 52.74
CA PRO D 302 -14.29 -26.68 53.39
C PRO D 302 -14.07 -25.24 53.81
N VAL D 303 -13.44 -25.05 54.95
CA VAL D 303 -13.30 -23.69 55.44
C VAL D 303 -12.20 -22.98 54.68
N LEU D 304 -12.27 -21.64 54.68
CA LEU D 304 -11.31 -20.86 53.88
C LEU D 304 -9.87 -20.84 54.46
N LYS E 8 -28.43 11.20 34.64
CA LYS E 8 -28.30 9.97 33.77
C LYS E 8 -27.28 8.96 34.31
N GLY E 9 -27.51 7.68 33.98
CA GLY E 9 -26.78 6.54 34.54
C GLY E 9 -27.69 5.59 35.32
N ARG E 10 -27.25 4.37 35.54
CA ARG E 10 -27.98 3.44 36.44
C ARG E 10 -28.34 3.99 37.83
N LYS E 11 -29.64 4.08 38.14
CA LYS E 11 -30.08 4.53 39.48
C LYS E 11 -30.71 3.38 40.27
N VAL E 12 -30.57 3.41 41.59
CA VAL E 12 -31.12 2.38 42.42
C VAL E 12 -31.64 3.00 43.69
N VAL E 13 -32.89 2.69 44.02
CA VAL E 13 -33.46 3.16 45.29
C VAL E 13 -33.30 2.10 46.35
N VAL E 14 -32.61 2.42 47.44
CA VAL E 14 -32.49 1.50 48.59
C VAL E 14 -33.32 1.96 49.80
N SER E 15 -33.58 1.02 50.71
CA SER E 15 -34.44 1.21 51.87
C SER E 15 -33.95 0.46 53.07
N ALA E 16 -33.98 1.09 54.23
CA ALA E 16 -33.82 0.40 55.50
C ALA E 16 -35.15 0.38 56.23
N LEU E 17 -35.42 -0.75 56.86
CA LEU E 17 -36.61 -0.91 57.67
C LEU E 17 -36.21 -1.00 59.14
N GLN E 18 -37.06 -0.45 60.01
CA GLN E 18 -36.79 -0.50 61.45
C GLN E 18 -38.10 -0.80 62.14
N PHE E 19 -38.16 -1.88 62.90
CA PHE E 19 -39.38 -2.25 63.64
C PHE E 19 -39.15 -3.12 64.87
N ALA E 20 -40.21 -3.37 65.61
CA ALA E 20 -40.12 -4.18 66.82
C ALA E 20 -40.56 -5.62 66.55
N CYS E 21 -39.97 -6.54 67.31
CA CYS E 21 -40.31 -7.96 67.17
C CYS E 21 -41.04 -8.54 68.39
N THR E 22 -41.95 -9.47 68.15
CA THR E 22 -42.38 -10.37 69.22
C THR E 22 -41.56 -11.64 69.03
N ASP E 23 -41.93 -12.70 69.73
CA ASP E 23 -41.17 -13.96 69.57
C ASP E 23 -41.99 -14.97 68.84
N ASP E 24 -42.97 -14.49 68.09
CA ASP E 24 -43.78 -15.32 67.22
C ASP E 24 -43.39 -15.06 65.76
N VAL E 25 -42.85 -16.07 65.11
CA VAL E 25 -42.41 -15.94 63.72
C VAL E 25 -43.51 -15.34 62.78
N SER E 26 -44.73 -15.84 62.83
CA SER E 26 -45.71 -15.42 61.85
C SER E 26 -46.03 -13.94 61.99
N THR E 27 -46.17 -13.46 63.21
CA THR E 27 -46.34 -12.03 63.48
C THR E 27 -45.24 -11.21 62.82
N ASN E 28 -44.00 -11.63 63.00
CA ASN E 28 -42.89 -10.81 62.64
C ASN E 28 -42.65 -10.75 61.16
N VAL E 29 -42.84 -11.90 60.51
CA VAL E 29 -42.79 -11.97 59.07
C VAL E 29 -43.93 -11.16 58.45
N THR E 30 -45.09 -11.17 59.05
CA THR E 30 -46.20 -10.31 58.63
C THR E 30 -45.79 -8.86 58.70
N THR E 31 -45.18 -8.46 59.81
CA THR E 31 -44.61 -7.13 59.96
C THR E 31 -43.59 -6.80 58.82
N ALA E 32 -42.63 -7.67 58.62
CA ALA E 32 -41.62 -7.47 57.59
C ALA E 32 -42.27 -7.24 56.25
N GLU E 33 -43.16 -8.16 55.87
CA GLU E 33 -43.94 -8.09 54.63
C GLU E 33 -44.66 -6.75 54.45
N ARG E 34 -45.22 -6.24 55.54
CA ARG E 34 -45.96 -4.99 55.51
C ARG E 34 -45.04 -3.79 55.21
N LEU E 35 -43.86 -3.84 55.80
CA LEU E 35 -42.93 -2.73 55.66
C LEU E 35 -42.22 -2.81 54.29
N VAL E 36 -41.90 -4.03 53.87
CA VAL E 36 -41.33 -4.21 52.53
C VAL E 36 -42.28 -3.63 51.50
N ARG E 37 -43.56 -3.86 51.67
CA ARG E 37 -44.52 -3.38 50.70
C ARG E 37 -44.59 -1.87 50.67
N ALA E 38 -44.43 -1.29 51.86
CA ALA E 38 -44.50 0.15 51.99
C ALA E 38 -43.29 0.80 51.32
N ALA E 39 -42.14 0.19 51.48
CA ALA E 39 -40.93 0.68 50.79
C ALA E 39 -41.00 0.57 49.26
N HIS E 40 -41.57 -0.55 48.79
CA HIS E 40 -41.76 -0.75 47.36
C HIS E 40 -42.69 0.30 46.79
N LYS E 41 -43.72 0.67 47.53
CA LYS E 41 -44.66 1.71 47.09
C LYS E 41 -43.98 3.06 47.01
N GLN E 42 -42.99 3.29 47.86
CA GLN E 42 -42.21 4.49 47.79
C GLN E 42 -41.05 4.40 46.75
N GLY E 43 -41.00 3.33 45.97
CA GLY E 43 -40.00 3.20 44.92
C GLY E 43 -38.84 2.23 45.16
N ALA E 44 -38.74 1.62 46.34
CA ALA E 44 -37.54 0.82 46.64
C ALA E 44 -37.29 -0.36 45.68
N ASN E 45 -36.02 -0.61 45.35
CA ASN E 45 -35.61 -1.78 44.61
C ASN E 45 -34.92 -2.86 45.49
N ILE E 46 -34.26 -2.41 46.55
CA ILE E 46 -33.60 -3.25 47.45
C ILE E 46 -34.00 -2.77 48.85
N VAL E 47 -34.46 -3.71 49.65
CA VAL E 47 -35.08 -3.42 50.95
C VAL E 47 -34.37 -4.31 51.98
N LEU E 48 -33.89 -3.72 53.05
CA LEU E 48 -33.19 -4.45 54.10
C LEU E 48 -33.96 -4.65 55.44
N ILE E 49 -34.16 -5.92 55.80
CA ILE E 49 -34.74 -6.30 57.10
C ILE E 49 -33.62 -6.59 58.16
N GLN E 50 -33.84 -6.10 59.37
CA GLN E 50 -32.89 -6.25 60.48
C GLN E 50 -32.50 -7.71 60.87
N GLU E 51 -31.41 -7.89 61.60
CA GLU E 51 -30.87 -9.21 61.97
C GLU E 51 -31.89 -9.99 62.80
N LEU E 52 -32.07 -11.28 62.47
CA LEU E 52 -32.81 -12.26 63.26
C LEU E 52 -34.22 -11.83 63.57
N PHE E 53 -34.84 -11.24 62.55
CA PHE E 53 -36.13 -10.59 62.74
C PHE E 53 -37.24 -11.56 63.00
N GLU E 54 -37.06 -12.84 62.69
CA GLU E 54 -38.06 -13.90 62.98
C GLU E 54 -38.52 -14.02 64.46
N GLY E 55 -37.72 -13.52 65.42
CA GLY E 55 -38.13 -13.52 66.79
C GLY E 55 -37.25 -12.62 67.61
N TYR E 56 -37.35 -12.83 68.92
CA TYR E 56 -36.62 -11.99 69.89
C TYR E 56 -35.11 -12.20 69.66
N TYR E 57 -34.30 -11.24 70.08
CA TYR E 57 -32.86 -11.37 70.02
C TYR E 57 -32.49 -12.24 71.21
N PHE E 58 -32.49 -13.55 70.99
CA PHE E 58 -32.53 -14.51 72.07
C PHE E 58 -31.15 -14.65 72.69
N CYS E 59 -30.16 -14.01 72.06
CA CYS E 59 -28.78 -14.21 72.46
C CYS E 59 -28.42 -13.56 73.80
N GLN E 60 -29.37 -12.98 74.50
CA GLN E 60 -29.10 -12.55 75.88
C GLN E 60 -28.85 -13.76 76.80
N ALA E 61 -29.42 -14.90 76.41
CA ALA E 61 -29.27 -16.10 77.17
C ALA E 61 -28.32 -17.01 76.48
N GLN E 62 -27.78 -17.96 77.25
CA GLN E 62 -27.03 -19.09 76.71
C GLN E 62 -27.78 -20.34 77.04
N ARG E 63 -28.77 -20.67 76.22
CA ARG E 63 -29.67 -21.80 76.53
C ARG E 63 -29.67 -22.92 75.47
N GLU E 64 -29.55 -24.18 75.91
CA GLU E 64 -29.59 -25.36 75.04
C GLU E 64 -30.81 -25.33 74.12
N ASP E 65 -31.96 -24.99 74.69
CA ASP E 65 -33.18 -25.02 73.89
C ASP E 65 -33.20 -23.95 72.82
N PHE E 66 -32.52 -22.84 73.01
CA PHE E 66 -32.51 -21.81 71.99
C PHE E 66 -31.65 -22.21 70.80
N ILE E 67 -30.64 -23.04 71.01
CA ILE E 67 -29.85 -23.50 69.90
C ILE E 67 -30.76 -24.19 68.87
N GLN E 68 -31.76 -24.92 69.32
CA GLN E 68 -32.71 -25.60 68.44
C GLN E 68 -33.73 -24.68 67.71
N ARG E 69 -33.59 -23.37 67.83
CA ARG E 69 -34.35 -22.46 66.97
C ARG E 69 -33.81 -22.45 65.54
N ALA E 70 -32.64 -23.04 65.33
CA ALA E 70 -32.00 -22.98 64.06
C ALA E 70 -32.75 -23.86 63.06
N LYS E 71 -32.54 -23.63 61.78
CA LYS E 71 -33.22 -24.40 60.73
C LYS E 71 -32.37 -24.51 59.52
N PRO E 72 -32.51 -25.61 58.81
CA PRO E 72 -31.70 -25.66 57.57
C PRO E 72 -32.04 -24.52 56.63
N TYR E 73 -31.02 -24.04 55.93
CA TYR E 73 -31.15 -23.20 54.76
C TYR E 73 -32.09 -23.79 53.71
N LYS E 74 -31.92 -25.06 53.40
CA LYS E 74 -32.80 -25.72 52.49
C LYS E 74 -34.27 -25.77 52.92
N ASP E 75 -35.11 -25.33 51.97
CA ASP E 75 -36.57 -25.28 52.14
C ASP E 75 -37.00 -24.57 53.40
N HIS E 76 -36.34 -23.48 53.71
CA HIS E 76 -36.68 -22.68 54.85
C HIS E 76 -38.01 -21.98 54.68
N PRO E 77 -38.91 -22.02 55.70
CA PRO E 77 -40.23 -21.51 55.37
C PRO E 77 -40.32 -20.00 55.25
N THR E 78 -39.44 -19.30 55.96
CA THR E 78 -39.37 -17.84 55.91
C THR E 78 -38.69 -17.37 54.60
N ILE E 79 -37.58 -18.00 54.20
CA ILE E 79 -36.95 -17.61 52.94
C ILE E 79 -37.92 -17.86 51.78
N MET E 80 -38.62 -19.01 51.81
CA MET E 80 -39.54 -19.37 50.73
C MET E 80 -40.70 -18.39 50.62
N ARG E 81 -41.25 -17.99 51.76
CA ARG E 81 -42.28 -16.96 51.82
C ARG E 81 -41.85 -15.62 51.19
N LEU E 82 -40.66 -15.17 51.58
CA LEU E 82 -40.14 -13.91 51.10
C LEU E 82 -39.64 -13.95 49.65
N GLN E 83 -39.31 -15.15 49.13
CA GLN E 83 -39.02 -15.31 47.68
C GLN E 83 -40.26 -14.92 46.87
N LYS E 84 -41.45 -15.26 47.36
CA LYS E 84 -42.69 -14.96 46.64
C LYS E 84 -42.92 -13.48 46.61
N LEU E 85 -42.60 -12.84 47.72
CA LEU E 85 -42.78 -11.43 47.85
C LEU E 85 -41.78 -10.68 46.93
N ALA E 86 -40.53 -11.07 46.98
CA ALA E 86 -39.51 -10.57 46.06
C ALA E 86 -40.04 -10.55 44.65
N LYS E 87 -40.56 -11.70 44.25
CA LYS E 87 -41.00 -11.93 42.92
C LYS E 87 -42.19 -11.04 42.59
N GLU E 88 -43.25 -11.16 43.39
CA GLU E 88 -44.42 -10.32 43.21
C GLU E 88 -44.04 -8.86 43.10
N LEU E 89 -43.02 -8.42 43.85
CA LEU E 89 -42.72 -6.99 43.88
C LEU E 89 -41.62 -6.49 42.94
N GLY E 90 -40.74 -7.40 42.50
CA GLY E 90 -39.55 -7.01 41.77
C GLY E 90 -38.53 -6.35 42.65
N VAL E 91 -38.48 -6.73 43.92
CA VAL E 91 -37.41 -6.23 44.81
C VAL E 91 -36.47 -7.33 45.32
N VAL E 92 -35.31 -6.86 45.79
CA VAL E 92 -34.21 -7.65 46.29
C VAL E 92 -34.30 -7.58 47.81
N ILE E 93 -34.27 -8.73 48.46
CA ILE E 93 -34.58 -8.84 49.88
C ILE E 93 -33.59 -9.81 50.51
N PRO E 94 -32.60 -9.28 51.21
CA PRO E 94 -31.71 -10.12 51.99
C PRO E 94 -32.44 -10.64 53.22
N VAL E 95 -32.40 -11.95 53.40
CA VAL E 95 -33.16 -12.56 54.45
C VAL E 95 -32.34 -13.17 55.58
N SER E 96 -32.29 -12.53 56.73
CA SER E 96 -31.55 -13.03 57.88
C SER E 96 -32.24 -14.24 58.57
N PHE E 97 -31.48 -15.31 58.90
CA PHE E 97 -32.01 -16.52 59.59
C PHE E 97 -30.91 -17.23 60.39
N PHE E 98 -31.35 -18.00 61.38
CA PHE E 98 -30.47 -18.79 62.20
C PHE E 98 -30.36 -20.16 61.48
N GLU E 99 -29.15 -20.45 60.96
CA GLU E 99 -28.90 -21.65 60.16
C GLU E 99 -28.38 -22.87 60.93
N GLU E 100 -29.04 -24.00 60.74
CA GLU E 100 -28.49 -25.29 61.14
C GLU E 100 -27.89 -25.97 59.90
N ALA E 101 -26.63 -26.42 59.97
CA ALA E 101 -26.04 -27.21 58.88
C ALA E 101 -25.33 -28.45 59.48
N ASN E 102 -26.04 -29.54 59.50
CA ASN E 102 -25.60 -30.68 60.27
C ASN E 102 -25.32 -30.23 61.73
N ASN E 103 -24.16 -30.49 62.31
CA ASN E 103 -23.90 -30.05 63.68
C ASN E 103 -23.32 -28.67 63.75
N ALA E 104 -23.12 -28.00 62.63
CA ALA E 104 -22.66 -26.60 62.68
C ALA E 104 -23.86 -25.68 62.72
N HIS E 105 -23.69 -24.45 63.24
CA HIS E 105 -24.77 -23.44 63.26
C HIS E 105 -24.23 -22.04 62.93
N TYR E 106 -24.98 -21.26 62.18
CA TYR E 106 -24.44 -19.98 61.72
C TYR E 106 -25.50 -18.90 61.80
N ASN E 107 -25.05 -17.67 61.99
CA ASN E 107 -25.94 -16.57 61.86
C ASN E 107 -25.78 -16.16 60.35
N SER E 108 -26.81 -16.44 59.55
CA SER E 108 -26.73 -16.38 58.10
C SER E 108 -27.73 -15.47 57.43
N ILE E 109 -27.49 -15.28 56.13
CA ILE E 109 -28.39 -14.44 55.37
C ILE E 109 -28.50 -14.88 53.93
N ALA E 110 -29.73 -15.03 53.44
CA ALA E 110 -29.89 -15.44 52.04
C ALA E 110 -30.34 -14.26 51.20
N ILE E 111 -29.67 -14.05 50.07
CA ILE E 111 -29.93 -12.88 49.23
C ILE E 111 -30.91 -13.27 48.12
N ILE E 112 -32.13 -12.77 48.21
CA ILE E 112 -33.13 -13.00 47.20
C ILE E 112 -33.21 -11.89 46.17
N ASP E 113 -33.01 -12.28 44.92
CA ASP E 113 -33.05 -11.39 43.77
C ASP E 113 -34.49 -10.99 43.42
N ALA E 114 -34.64 -9.93 42.61
CA ALA E 114 -35.92 -9.38 42.26
C ALA E 114 -36.78 -10.31 41.41
N ASP E 115 -36.23 -11.44 40.99
CA ASP E 115 -37.08 -12.41 40.29
C ASP E 115 -37.41 -13.60 41.17
N GLY E 116 -36.97 -13.58 42.42
CA GLY E 116 -37.31 -14.60 43.41
C GLY E 116 -36.22 -15.64 43.57
N THR E 117 -35.20 -15.55 42.74
CA THR E 117 -34.07 -16.44 42.72
C THR E 117 -33.21 -16.29 44.00
N ASP E 118 -32.97 -17.40 44.68
CA ASP E 118 -32.09 -17.43 45.88
C ASP E 118 -30.70 -17.45 45.35
N LEU E 119 -29.94 -16.38 45.55
CA LEU E 119 -28.63 -16.25 44.94
C LEU E 119 -27.52 -16.81 45.82
N GLY E 120 -27.88 -17.22 47.03
CA GLY E 120 -26.90 -17.76 47.96
C GLY E 120 -26.89 -17.16 49.36
N ILE E 121 -25.86 -17.54 50.12
CA ILE E 121 -25.70 -17.05 51.45
C ILE E 121 -24.34 -16.57 51.86
N TYR E 122 -24.40 -15.76 52.89
CA TYR E 122 -23.26 -15.28 53.63
C TYR E 122 -23.51 -15.66 55.07
N ARG E 123 -22.47 -16.21 55.69
CA ARG E 123 -22.50 -16.64 57.08
C ARG E 123 -21.67 -15.67 57.86
N LYS E 124 -22.26 -15.09 58.89
CA LYS E 124 -21.65 -14.02 59.65
C LYS E 124 -20.27 -14.44 60.12
N SER E 125 -19.29 -13.54 60.00
CA SER E 125 -17.91 -13.85 60.20
C SER E 125 -17.39 -13.52 61.59
N HIS E 126 -17.72 -12.33 62.07
CA HIS E 126 -17.20 -11.80 63.32
C HIS E 126 -18.30 -12.03 64.31
N ILE E 127 -18.05 -12.80 65.38
CA ILE E 127 -19.13 -13.12 66.30
C ILE E 127 -18.88 -12.48 67.68
N PRO E 128 -19.79 -11.61 68.09
CA PRO E 128 -19.61 -10.89 69.34
C PRO E 128 -19.92 -11.74 70.56
N ASP E 129 -19.66 -11.15 71.72
CA ASP E 129 -19.75 -11.81 72.99
C ASP E 129 -19.82 -10.81 74.11
N GLY E 130 -20.39 -11.26 75.20
CA GLY E 130 -20.45 -10.51 76.45
C GLY E 130 -21.91 -10.41 76.86
N PRO E 131 -22.17 -9.80 78.06
CA PRO E 131 -23.54 -9.69 78.55
C PRO E 131 -24.46 -9.03 77.55
N GLY E 132 -25.56 -9.73 77.29
CA GLY E 132 -26.61 -9.26 76.38
C GLY E 132 -26.47 -9.79 74.97
N TYR E 133 -25.22 -10.09 74.60
CA TYR E 133 -24.86 -10.47 73.24
C TYR E 133 -23.98 -11.77 73.17
N GLU E 134 -24.52 -12.84 73.71
CA GLU E 134 -23.78 -14.08 73.86
C GLU E 134 -23.82 -14.90 72.57
N GLU E 135 -23.50 -14.26 71.46
CA GLU E 135 -23.56 -14.89 70.16
C GLU E 135 -22.57 -16.05 69.92
N LYS E 136 -21.42 -15.98 70.58
CA LYS E 136 -20.42 -17.00 70.40
C LYS E 136 -20.89 -18.36 70.91
N PHE E 137 -21.89 -18.37 71.79
CA PHE E 137 -22.37 -19.61 72.31
C PHE E 137 -23.16 -20.38 71.26
N TYR E 138 -23.75 -19.62 70.34
CA TYR E 138 -24.70 -20.12 69.38
C TYR E 138 -24.08 -20.39 67.99
N PHE E 139 -23.16 -19.54 67.53
CA PHE E 139 -22.75 -19.59 66.10
C PHE E 139 -21.29 -19.91 65.88
N ASN E 140 -21.02 -20.97 65.10
CA ASN E 140 -19.69 -21.12 64.47
C ASN E 140 -19.36 -19.80 63.73
N PRO E 141 -18.13 -19.30 63.85
CA PRO E 141 -17.68 -18.23 63.00
C PRO E 141 -17.88 -18.62 61.54
N GLY E 142 -18.39 -17.68 60.77
CA GLY E 142 -18.67 -17.90 59.38
C GLY E 142 -17.55 -18.45 58.55
N ASP E 143 -17.91 -19.33 57.63
CA ASP E 143 -16.93 -19.93 56.74
C ASP E 143 -17.22 -19.66 55.24
N THR E 144 -18.07 -18.70 54.91
CA THR E 144 -18.26 -18.35 53.50
C THR E 144 -17.19 -17.38 53.01
N GLY E 145 -16.68 -16.58 53.94
CA GLY E 145 -15.84 -15.46 53.61
C GLY E 145 -16.81 -14.37 53.26
N PHE E 146 -16.27 -13.18 53.03
CA PHE E 146 -17.06 -12.03 52.53
C PHE E 146 -17.44 -12.15 51.08
N LYS E 147 -18.67 -11.80 50.82
CA LYS E 147 -19.20 -12.03 49.47
C LYS E 147 -19.87 -10.85 48.89
N VAL E 148 -19.95 -10.85 47.57
CA VAL E 148 -20.80 -9.90 46.85
C VAL E 148 -21.76 -10.66 45.95
N PHE E 149 -22.88 -10.05 45.63
CA PHE E 149 -23.97 -10.71 44.96
C PHE E 149 -24.38 -9.84 43.81
N GLN E 150 -24.37 -10.40 42.62
CA GLN E 150 -24.94 -9.75 41.45
C GLN E 150 -26.47 -9.87 41.40
N THR E 151 -27.15 -8.77 41.72
CA THR E 151 -28.63 -8.69 41.70
C THR E 151 -29.10 -7.99 40.43
N LYS E 152 -30.39 -7.90 40.16
CA LYS E 152 -30.84 -7.22 38.90
C LYS E 152 -30.49 -5.76 38.87
N TYR E 153 -30.17 -5.17 40.01
CA TYR E 153 -30.01 -3.71 40.08
C TYR E 153 -28.59 -3.29 40.32
N ALA E 154 -27.84 -4.18 40.97
CA ALA E 154 -26.53 -3.79 41.49
C ALA E 154 -25.77 -4.98 42.00
N LYS E 155 -24.44 -4.90 41.91
CA LYS E 155 -23.55 -5.76 42.67
C LYS E 155 -23.60 -5.28 44.16
N ILE E 156 -24.04 -6.12 45.10
CA ILE E 156 -24.18 -5.65 46.45
C ILE E 156 -23.32 -6.50 47.42
N GLY E 157 -22.87 -5.86 48.51
CA GLY E 157 -22.15 -6.59 49.54
C GLY E 157 -22.99 -6.57 50.80
N VAL E 158 -23.27 -7.75 51.34
CA VAL E 158 -24.13 -7.89 52.53
C VAL E 158 -23.36 -8.65 53.60
N ALA E 159 -23.21 -8.02 54.77
CA ALA E 159 -22.67 -8.67 55.95
C ALA E 159 -23.66 -8.43 57.08
N ILE E 160 -23.34 -8.89 58.30
CA ILE E 160 -24.34 -9.00 59.32
C ILE E 160 -23.84 -8.38 60.62
N SER E 161 -24.61 -7.39 61.10
CA SER E 161 -24.48 -6.87 62.42
C SER E 161 -23.02 -6.57 62.78
N TRP E 162 -22.52 -7.26 63.82
CA TRP E 162 -21.19 -7.03 64.36
C TRP E 162 -20.11 -6.96 63.29
N ASP E 163 -20.30 -7.64 62.15
CA ASP E 163 -19.38 -7.49 60.97
C ASP E 163 -19.15 -6.01 60.66
N GLN E 164 -20.15 -5.17 60.92
CA GLN E 164 -20.10 -3.76 60.59
C GLN E 164 -19.04 -2.97 61.36
N TRP E 165 -18.39 -3.56 62.35
CA TRP E 165 -17.37 -2.81 63.11
C TRP E 165 -15.97 -2.96 62.54
N PHE E 166 -15.87 -3.92 61.60
CA PHE E 166 -14.63 -4.30 60.94
C PHE E 166 -14.40 -3.71 59.50
N PRO E 167 -13.37 -2.84 59.34
CA PRO E 167 -13.08 -2.19 58.06
C PRO E 167 -12.66 -3.23 57.07
N GLU E 168 -12.03 -4.31 57.54
CA GLU E 168 -11.60 -5.38 56.67
C GLU E 168 -12.81 -5.94 55.89
N ALA E 169 -13.95 -6.10 56.56
CA ALA E 169 -15.14 -6.67 55.89
C ALA E 169 -15.62 -5.78 54.71
N ALA E 170 -15.76 -4.50 55.00
CA ALA E 170 -16.16 -3.50 54.02
C ALA E 170 -15.21 -3.44 52.83
N ARG E 171 -13.91 -3.45 53.11
CA ARG E 171 -12.92 -3.39 52.10
C ARG E 171 -13.01 -4.64 51.23
N ALA E 172 -13.13 -5.78 51.89
CA ALA E 172 -13.18 -7.04 51.18
C ALA E 172 -14.32 -7.02 50.17
N MET E 173 -15.47 -6.51 50.58
CA MET E 173 -16.61 -6.46 49.75
C MET E 173 -16.37 -5.48 48.56
N ALA E 174 -15.75 -4.35 48.85
CA ALA E 174 -15.60 -3.34 47.82
C ALA E 174 -14.56 -3.78 46.76
N LEU E 175 -13.51 -4.44 47.18
CA LEU E 175 -12.51 -4.93 46.29
C LEU E 175 -13.08 -5.93 45.31
N GLN E 176 -14.15 -6.59 45.69
CA GLN E 176 -14.81 -7.59 44.87
C GLN E 176 -15.97 -6.99 44.07
N GLY E 177 -16.06 -5.67 44.02
CA GLY E 177 -17.03 -4.95 43.20
C GLY E 177 -18.30 -4.49 43.90
N ALA E 178 -18.47 -4.70 45.20
CA ALA E 178 -19.69 -4.19 45.83
C ALA E 178 -19.92 -2.72 45.51
N GLU E 179 -21.14 -2.37 45.11
CA GLU E 179 -21.47 -0.97 44.79
C GLU E 179 -22.30 -0.37 45.89
N ILE E 180 -22.79 -1.19 46.80
CA ILE E 180 -23.52 -0.75 48.00
C ILE E 180 -23.30 -1.85 49.04
N LEU E 181 -23.14 -1.41 50.29
CA LEU E 181 -22.99 -2.30 51.45
C LEU E 181 -24.27 -2.24 52.28
N PHE E 182 -24.65 -3.39 52.81
CA PHE E 182 -25.84 -3.54 53.63
C PHE E 182 -25.48 -4.33 54.92
N TYR E 183 -25.96 -3.82 56.06
CA TYR E 183 -25.72 -4.37 57.38
C TYR E 183 -27.02 -4.44 58.20
N PRO E 184 -27.74 -5.53 58.08
CA PRO E 184 -28.81 -5.83 59.04
C PRO E 184 -28.29 -6.08 60.46
N THR E 185 -28.98 -5.49 61.42
CA THR E 185 -28.38 -5.27 62.73
C THR E 185 -29.33 -5.48 63.89
N ALA E 186 -28.80 -5.97 65.00
CA ALA E 186 -29.53 -5.93 66.31
C ALA E 186 -28.63 -5.34 67.39
N ILE E 187 -28.91 -4.14 67.83
CA ILE E 187 -27.99 -3.52 68.83
C ILE E 187 -28.66 -2.47 69.67
N GLY E 188 -28.39 -2.51 70.98
CA GLY E 188 -29.00 -1.56 71.93
C GLY E 188 -28.12 -1.38 73.14
N SER E 189 -28.76 -1.03 74.24
CA SER E 189 -28.13 -1.02 75.52
C SER E 189 -27.55 -2.38 75.90
N GLU E 190 -26.83 -2.36 77.02
CA GLU E 190 -26.15 -3.54 77.52
C GLU E 190 -26.56 -3.80 78.96
N PRO E 191 -27.09 -5.01 79.22
CA PRO E 191 -27.76 -5.35 80.49
C PRO E 191 -26.87 -5.23 81.72
N HIS E 192 -25.56 -5.23 81.54
CA HIS E 192 -24.65 -5.21 82.71
C HIS E 192 -24.20 -3.83 83.15
N ASP E 193 -24.34 -2.84 82.28
CA ASP E 193 -23.84 -1.49 82.51
C ASP E 193 -24.74 -0.50 81.77
N GLN E 194 -25.63 0.12 82.54
CA GLN E 194 -26.61 1.03 81.99
C GLN E 194 -25.97 2.30 81.32
N SER E 195 -24.67 2.52 81.49
CA SER E 195 -24.05 3.76 81.05
C SER E 195 -23.38 3.53 79.67
N ILE E 196 -23.42 2.31 79.15
CA ILE E 196 -22.88 2.09 77.84
C ILE E 196 -23.92 2.53 76.82
N ASP E 197 -23.60 3.56 76.07
CA ASP E 197 -24.48 4.03 75.00
C ASP E 197 -23.70 4.01 73.70
N SER E 198 -23.90 2.99 72.89
CA SER E 198 -23.00 2.82 71.76
C SER E 198 -23.41 3.46 70.42
N ARG E 199 -24.55 4.17 70.35
CA ARG E 199 -25.16 4.52 69.05
C ARG E 199 -24.32 5.46 68.17
N ASP E 200 -23.57 6.36 68.80
CA ASP E 200 -22.79 7.32 68.03
C ASP E 200 -21.55 6.72 67.47
N HIS E 201 -20.92 5.92 68.31
CA HIS E 201 -19.74 5.15 67.96
C HIS E 201 -20.03 4.22 66.79
N TRP E 202 -21.10 3.46 66.92
CA TRP E 202 -21.59 2.53 65.89
C TRP E 202 -21.78 3.20 64.50
N LYS E 203 -22.36 4.39 64.48
CA LYS E 203 -22.57 5.14 63.23
C LYS E 203 -21.23 5.57 62.64
N ARG E 204 -20.37 6.15 63.48
CA ARG E 204 -19.08 6.68 62.97
C ARG E 204 -18.28 5.62 62.25
N VAL E 205 -18.24 4.43 62.83
CA VAL E 205 -17.39 3.40 62.28
C VAL E 205 -17.93 3.02 60.89
N MET E 206 -19.26 2.95 60.76
CA MET E 206 -19.88 2.58 59.48
C MET E 206 -19.75 3.70 58.44
N GLN E 207 -19.76 4.93 58.89
CA GLN E 207 -19.55 6.06 57.99
C GLN E 207 -18.14 6.07 57.46
N GLY E 208 -17.23 5.56 58.27
CA GLY E 208 -15.86 5.48 57.84
C GLY E 208 -15.75 4.48 56.69
N HIS E 209 -16.44 3.35 56.80
CA HIS E 209 -16.35 2.36 55.78
C HIS E 209 -16.90 2.94 54.50
N ALA E 210 -18.02 3.64 54.62
CA ALA E 210 -18.64 4.19 53.43
C ALA E 210 -17.68 5.20 52.77
N GLY E 211 -17.16 6.16 53.54
CA GLY E 211 -16.21 7.14 52.99
C GLY E 211 -14.90 6.59 52.44
N ALA E 212 -14.42 5.57 53.09
CA ALA E 212 -13.16 4.98 52.73
C ALA E 212 -13.24 4.15 51.47
N ASN E 213 -14.38 3.52 51.19
CA ASN E 213 -14.52 2.72 49.97
C ASN E 213 -15.32 3.45 48.89
N LEU E 214 -15.85 4.63 49.22
CA LEU E 214 -16.70 5.44 48.35
C LEU E 214 -17.85 4.63 47.77
N VAL E 215 -18.62 4.03 48.66
CA VAL E 215 -19.82 3.29 48.33
C VAL E 215 -20.89 3.60 49.39
N PRO E 216 -22.14 3.82 48.99
CA PRO E 216 -23.14 3.96 50.01
C PRO E 216 -23.32 2.73 50.90
N LEU E 217 -24.00 2.96 52.02
CA LEU E 217 -24.11 1.95 53.05
C LEU E 217 -25.46 2.06 53.73
N VAL E 218 -26.06 0.93 54.02
CA VAL E 218 -27.42 0.88 54.55
C VAL E 218 -27.39 0.05 55.83
N ALA E 219 -27.99 0.56 56.90
CA ALA E 219 -28.03 -0.18 58.17
C ALA E 219 -29.43 -0.16 58.75
N SER E 220 -29.93 -1.36 59.01
CA SER E 220 -31.26 -1.58 59.52
C SER E 220 -31.14 -2.15 60.93
N ASN E 221 -31.65 -1.45 61.94
CA ASN E 221 -31.54 -1.92 63.31
C ASN E 221 -32.88 -1.96 63.93
N ARG E 222 -32.98 -2.86 64.89
CA ARG E 222 -34.17 -3.13 65.73
C ARG E 222 -34.52 -1.99 66.69
N ILE E 223 -35.80 -1.93 67.07
CA ILE E 223 -36.29 -1.09 68.15
C ILE E 223 -37.03 -1.93 69.19
N GLY E 224 -37.33 -1.28 70.31
CA GLY E 224 -38.06 -1.94 71.38
C GLY E 224 -37.25 -2.54 72.50
N ASN E 225 -37.89 -2.61 73.66
CA ASN E 225 -37.43 -3.38 74.81
C ASN E 225 -37.68 -4.87 74.67
N GLU E 226 -36.66 -5.68 74.90
CA GLU E 226 -36.86 -7.13 74.98
C GLU E 226 -36.35 -7.68 76.26
N ILE E 227 -37.21 -8.48 76.89
CA ILE E 227 -36.90 -9.11 78.19
C ILE E 227 -36.84 -10.61 77.96
N ILE E 228 -35.67 -11.20 78.16
CA ILE E 228 -35.42 -12.61 77.97
C ILE E 228 -35.07 -13.32 79.31
N GLU E 229 -35.60 -14.51 79.55
CA GLU E 229 -35.22 -15.30 80.75
C GLU E 229 -33.90 -16.06 80.50
N THR E 230 -32.89 -15.83 81.33
CA THR E 230 -31.62 -16.48 81.19
C THR E 230 -31.38 -17.36 82.42
N GLU E 231 -30.28 -18.11 82.32
CA GLU E 231 -29.69 -18.95 83.36
C GLU E 231 -29.59 -18.25 84.70
N HIS E 232 -29.50 -16.90 84.70
CA HIS E 232 -29.34 -16.14 85.94
C HIS E 232 -30.51 -15.13 86.18
N GLY E 233 -31.68 -15.42 85.62
CA GLY E 233 -32.84 -14.53 85.73
C GLY E 233 -33.03 -13.69 84.48
N LYS E 234 -33.85 -12.67 84.64
CA LYS E 234 -34.23 -11.74 83.55
C LYS E 234 -33.11 -10.85 83.07
N SER E 235 -33.11 -10.62 81.79
CA SER E 235 -32.15 -9.74 81.17
C SER E 235 -32.94 -8.92 80.13
N GLU E 236 -32.60 -7.65 80.03
CA GLU E 236 -33.30 -6.66 79.22
C GLU E 236 -32.37 -5.83 78.38
N ILE E 237 -32.71 -5.71 77.10
CA ILE E 237 -32.07 -4.72 76.20
C ILE E 237 -33.15 -3.79 75.68
N LYS E 238 -32.90 -2.48 75.71
CA LYS E 238 -33.63 -1.56 74.82
C LYS E 238 -32.89 -1.36 73.53
N PHE E 239 -33.44 -1.89 72.47
CA PHE E 239 -32.88 -1.61 71.12
C PHE E 239 -33.07 -0.16 70.65
N TYR E 240 -32.01 0.45 70.10
CA TYR E 240 -31.98 1.93 69.93
C TYR E 240 -32.15 2.45 68.48
N GLY E 241 -32.67 1.60 67.58
CA GLY E 241 -33.06 2.03 66.27
C GLY E 241 -31.88 2.72 65.58
N ASN E 242 -32.07 3.95 65.13
CA ASN E 242 -31.05 4.70 64.46
C ASN E 242 -30.60 4.09 63.14
N SER E 243 -31.49 3.29 62.53
CA SER E 243 -31.31 2.79 61.20
C SER E 243 -31.02 3.97 60.29
N PHE E 244 -30.03 3.82 59.42
CA PHE E 244 -29.65 4.94 58.56
C PHE E 244 -29.13 4.48 57.19
N ILE E 245 -29.21 5.39 56.24
CA ILE E 245 -28.52 5.28 54.97
C ILE E 245 -27.42 6.37 54.84
N ALA E 246 -26.19 5.95 54.56
CA ALA E 246 -25.08 6.87 54.26
C ALA E 246 -24.66 6.83 52.79
N GLY E 247 -24.19 7.97 52.31
CA GLY E 247 -23.76 8.13 50.93
C GLY E 247 -22.28 7.83 50.88
N PRO E 248 -21.69 8.04 49.71
CA PRO E 248 -20.37 7.51 49.48
C PRO E 248 -19.21 8.34 50.07
N THR E 249 -19.48 9.52 50.62
CA THR E 249 -18.48 10.19 51.45
C THR E 249 -18.79 9.98 52.96
N GLY E 250 -19.72 9.08 53.25
CA GLY E 250 -20.09 8.83 54.62
C GLY E 250 -21.11 9.76 55.24
N GLU E 251 -21.65 10.70 54.49
CA GLU E 251 -22.67 11.59 55.03
C GLU E 251 -23.96 10.80 55.15
N ILE E 252 -24.67 11.03 56.25
CA ILE E 252 -25.98 10.44 56.44
C ILE E 252 -27.01 11.13 55.55
N VAL E 253 -27.69 10.39 54.67
CA VAL E 253 -28.79 10.99 53.92
C VAL E 253 -30.16 10.74 54.52
N SER E 254 -30.27 9.77 55.41
CA SER E 254 -31.55 9.34 55.93
C SER E 254 -31.30 8.61 57.23
N ILE E 255 -32.10 8.97 58.23
CA ILE E 255 -31.93 8.43 59.56
C ILE E 255 -33.23 8.43 60.35
N ALA E 256 -33.41 7.35 61.10
CA ALA E 256 -34.52 7.19 62.02
C ALA E 256 -34.08 7.45 63.47
N ASP E 257 -35.07 7.73 64.35
CA ASP E 257 -34.81 7.93 65.79
C ASP E 257 -34.73 6.58 66.52
N ASP E 258 -34.85 6.58 67.86
CA ASP E 258 -34.59 5.32 68.60
C ASP E 258 -35.82 4.53 69.02
N LYS E 259 -36.99 4.95 68.57
CA LYS E 259 -38.19 4.22 68.90
C LYS E 259 -39.26 4.05 67.87
N GLU E 260 -39.26 4.88 66.85
CA GLU E 260 -40.28 4.86 65.81
C GLU E 260 -40.06 3.65 64.93
N GLU E 261 -41.14 3.06 64.44
CA GLU E 261 -41.08 2.11 63.35
C GLU E 261 -40.78 3.00 62.13
N ALA E 262 -39.93 2.55 61.20
CA ALA E 262 -39.56 3.41 60.05
C ALA E 262 -39.25 2.69 58.75
N VAL E 263 -39.53 3.42 57.67
CA VAL E 263 -39.15 3.02 56.35
C VAL E 263 -38.32 4.15 55.73
N LEU E 264 -37.04 3.91 55.50
CA LEU E 264 -36.11 4.93 54.96
C LEU E 264 -35.75 4.63 53.48
N ILE E 265 -35.72 5.69 52.66
CA ILE E 265 -35.57 5.61 51.20
C ILE E 265 -34.46 6.54 50.77
N ALA E 266 -33.63 6.07 49.85
CA ALA E 266 -32.59 6.92 49.25
C ALA E 266 -32.24 6.40 47.88
N GLU E 267 -31.96 7.34 46.97
CA GLU E 267 -31.61 7.00 45.59
C GLU E 267 -30.15 7.27 45.34
N PHE E 268 -29.49 6.32 44.68
CA PHE E 268 -28.11 6.49 44.27
C PHE E 268 -27.90 6.27 42.78
N ASN E 269 -27.09 7.17 42.21
CA ASN E 269 -26.61 7.00 40.84
C ASN E 269 -25.28 6.21 40.79
N LEU E 270 -25.41 4.89 40.61
CA LEU E 270 -24.29 3.97 40.69
C LEU E 270 -23.16 4.21 39.67
N ASP E 271 -23.47 4.67 38.49
CA ASP E 271 -22.44 5.01 37.51
C ASP E 271 -21.67 6.25 37.92
N LYS E 272 -22.36 7.25 38.42
CA LYS E 272 -21.66 8.43 38.88
C LYS E 272 -20.88 8.18 40.19
N ILE E 273 -21.37 7.33 41.06
CA ILE E 273 -20.58 6.99 42.24
C ILE E 273 -19.29 6.20 41.84
N LYS E 274 -19.42 5.21 40.98
CA LYS E 274 -18.27 4.48 40.42
C LYS E 274 -17.22 5.42 39.88
N SER E 275 -17.66 6.41 39.13
CA SER E 275 -16.74 7.33 38.55
C SER E 275 -16.17 8.23 39.63
N MET E 276 -16.97 8.71 40.54
CA MET E 276 -16.42 9.38 41.73
C MET E 276 -15.36 8.49 42.47
N ARG E 277 -15.66 7.20 42.69
CA ARG E 277 -14.77 6.25 43.45
C ARG E 277 -13.44 5.99 42.75
N HIS E 278 -13.46 5.87 41.45
CA HIS E 278 -12.20 5.71 40.70
C HIS E 278 -11.28 6.92 40.63
N CYS E 279 -11.87 8.03 40.25
CA CYS E 279 -11.26 9.32 40.27
C CYS E 279 -10.56 9.63 41.59
N TRP E 280 -11.21 9.34 42.73
CA TRP E 280 -10.69 9.76 44.06
C TRP E 280 -9.37 9.12 44.36
N GLY E 281 -9.13 7.97 43.73
CA GLY E 281 -7.82 7.36 43.72
C GLY E 281 -7.53 6.18 44.65
N VAL E 282 -8.21 6.06 45.79
CA VAL E 282 -7.78 5.10 46.80
C VAL E 282 -7.49 3.65 46.31
N PHE E 283 -8.33 3.10 45.44
CA PHE E 283 -8.08 1.73 45.00
C PHE E 283 -6.88 1.63 44.05
N ARG E 284 -6.52 2.75 43.46
CA ARG E 284 -5.29 2.89 42.66
C ARG E 284 -4.03 2.88 43.56
N ASP E 285 -4.13 3.37 44.81
CA ASP E 285 -2.97 3.69 45.62
C ASP E 285 -2.76 2.72 46.81
N ARG E 286 -3.68 1.79 46.99
CA ARG E 286 -3.54 0.76 48.01
C ARG E 286 -2.21 -0.03 47.85
N ARG E 287 -1.68 -0.43 48.99
CA ARG E 287 -0.38 -1.10 49.05
C ARG E 287 -0.53 -2.51 49.66
N PRO E 288 -1.21 -3.44 48.98
CA PRO E 288 -1.28 -4.82 49.57
C PRO E 288 0.09 -5.46 49.88
N ASP E 289 1.19 -5.02 49.25
CA ASP E 289 2.54 -5.50 49.62
C ASP E 289 2.92 -5.19 51.09
N LEU E 290 2.21 -4.27 51.72
CA LEU E 290 2.61 -3.76 53.01
C LEU E 290 1.58 -4.10 54.05
N TYR E 291 0.53 -4.82 53.66
CA TYR E 291 -0.56 -5.18 54.54
C TYR E 291 -0.52 -6.63 55.15
N LYS E 292 0.60 -7.34 55.11
CA LYS E 292 0.62 -8.73 55.60
C LYS E 292 0.26 -8.84 57.06
N VAL E 293 0.55 -7.79 57.82
CA VAL E 293 0.27 -7.76 59.22
C VAL E 293 -1.23 -7.94 59.53
N LEU E 294 -2.11 -7.61 58.60
CA LEU E 294 -3.54 -7.83 58.78
C LEU E 294 -3.91 -9.32 58.76
N LEU E 295 -3.01 -10.17 58.33
CA LEU E 295 -3.26 -11.56 58.45
C LEU E 295 -2.73 -12.10 59.81
N THR E 296 -2.38 -11.22 60.77
CA THR E 296 -2.12 -11.64 62.19
C THR E 296 -3.23 -11.16 63.14
N LEU E 297 -3.33 -11.77 64.31
CA LEU E 297 -4.17 -11.25 65.40
C LEU E 297 -3.34 -10.34 66.32
N ASP E 298 -2.08 -10.74 66.45
CA ASP E 298 -1.17 -10.21 67.48
C ASP E 298 -0.12 -9.22 67.00
N GLY E 299 -0.23 -8.85 65.72
CA GLY E 299 0.69 -7.90 65.11
C GLY E 299 2.05 -8.45 64.75
N LYS E 300 2.26 -9.77 64.88
CA LYS E 300 3.56 -10.39 64.58
C LYS E 300 3.39 -11.74 63.89
N ASN E 301 2.54 -12.62 64.41
CA ASN E 301 2.43 -13.98 63.87
C ASN E 301 1.29 -14.19 62.89
N PRO E 302 1.63 -14.54 61.63
CA PRO E 302 0.60 -14.83 60.67
C PRO E 302 -0.12 -16.09 61.06
N VAL E 303 -1.44 -16.05 60.95
CA VAL E 303 -2.26 -17.20 61.27
C VAL E 303 -2.16 -18.29 60.21
N LEU E 304 -2.35 -19.52 60.65
CA LEU E 304 -2.33 -20.69 59.77
C LEU E 304 -3.58 -20.73 58.84
N ASP F 7 -8.88 9.38 86.47
CA ASP F 7 -8.43 8.66 87.69
C ASP F 7 -7.02 8.04 87.57
N LYS F 8 -6.97 6.73 87.77
CA LYS F 8 -5.71 6.01 87.85
C LYS F 8 -5.29 5.69 86.41
N GLY F 9 -4.00 5.84 86.10
CA GLY F 9 -3.41 5.35 84.82
C GLY F 9 -2.47 6.36 84.15
N ARG F 10 -1.73 5.91 83.13
CA ARG F 10 -0.83 6.79 82.40
C ARG F 10 -1.69 7.80 81.67
N LYS F 11 -1.39 9.07 81.88
CA LYS F 11 -2.09 10.13 81.17
C LYS F 11 -1.10 10.72 80.23
N VAL F 12 -1.54 11.07 79.03
CA VAL F 12 -0.70 11.68 78.02
C VAL F 12 -1.49 12.81 77.41
N VAL F 13 -0.83 13.95 77.17
CA VAL F 13 -1.49 15.09 76.57
C VAL F 13 -0.95 15.21 75.15
N VAL F 14 -1.85 15.22 74.18
CA VAL F 14 -1.44 15.42 72.81
C VAL F 14 -1.85 16.80 72.26
N SER F 15 -1.12 17.24 71.24
CA SER F 15 -1.40 18.49 70.57
C SER F 15 -1.32 18.37 69.09
N ALA F 16 -2.26 19.04 68.42
CA ALA F 16 -2.17 19.24 66.99
C ALA F 16 -1.93 20.72 66.77
N LEU F 17 -0.99 21.06 65.88
CA LEU F 17 -0.70 22.46 65.52
C LEU F 17 -1.22 22.72 64.13
N GLN F 18 -1.71 23.93 63.91
CA GLN F 18 -2.18 24.34 62.61
C GLN F 18 -1.61 25.70 62.30
N PHE F 19 -0.89 25.86 61.18
CA PHE F 19 -0.37 27.19 60.76
C PHE F 19 -0.13 27.41 59.25
N ALA F 20 0.29 28.61 58.89
CA ALA F 20 0.50 28.99 57.49
C ALA F 20 1.97 28.89 57.14
N CYS F 21 2.27 28.59 55.88
CA CYS F 21 3.66 28.42 55.49
C CYS F 21 4.09 29.45 54.46
N THR F 22 5.33 29.97 54.59
CA THR F 22 5.99 30.62 53.46
C THR F 22 6.87 29.59 52.75
N ASP F 23 7.70 30.02 51.80
CA ASP F 23 8.62 29.06 51.18
C ASP F 23 10.05 29.29 51.65
N ASP F 24 10.20 30.05 52.73
CA ASP F 24 11.47 30.06 53.45
C ASP F 24 11.55 28.99 54.59
N VAL F 25 12.44 28.02 54.41
CA VAL F 25 12.62 26.97 55.40
C VAL F 25 12.76 27.51 56.80
N SER F 26 13.62 28.50 56.95
CA SER F 26 13.94 28.95 58.30
C SER F 26 12.82 29.78 58.91
N THR F 27 12.04 30.49 58.09
CA THR F 27 10.84 31.17 58.60
C THR F 27 9.78 30.18 59.14
N ASN F 28 9.69 29.01 58.49
CA ASN F 28 8.66 28.05 58.86
C ASN F 28 9.07 27.23 60.06
N VAL F 29 10.37 27.00 60.23
CA VAL F 29 10.85 26.23 61.38
C VAL F 29 10.77 27.10 62.61
N THR F 30 10.87 28.42 62.44
CA THR F 30 10.66 29.35 63.54
C THR F 30 9.19 29.31 63.93
N THR F 31 8.29 29.24 62.94
CA THR F 31 6.87 29.17 63.24
C THR F 31 6.58 27.85 64.02
N ALA F 32 7.23 26.77 63.61
CA ALA F 32 6.99 25.45 64.26
C ALA F 32 7.42 25.50 65.71
N GLU F 33 8.62 26.02 65.90
CA GLU F 33 9.21 26.11 67.20
C GLU F 33 8.32 26.98 68.12
N ARG F 34 7.88 28.13 67.60
CA ARG F 34 6.99 28.99 68.37
C ARG F 34 5.81 28.21 68.93
N LEU F 35 5.21 27.37 68.09
CA LEU F 35 3.94 26.76 68.43
C LEU F 35 4.09 25.47 69.21
N VAL F 36 5.19 24.74 69.02
CA VAL F 36 5.54 23.64 69.92
C VAL F 36 5.73 24.18 71.34
N ARG F 37 6.36 25.34 71.48
CA ARG F 37 6.65 25.93 72.79
C ARG F 37 5.36 26.34 73.48
N ALA F 38 4.40 26.80 72.68
CA ALA F 38 3.11 27.19 73.20
C ALA F 38 2.35 25.94 73.69
N ALA F 39 2.52 24.84 72.99
CA ALA F 39 1.81 23.62 73.29
C ALA F 39 2.36 22.91 74.52
N HIS F 40 3.68 23.01 74.70
CA HIS F 40 4.35 22.59 75.92
C HIS F 40 3.75 23.38 77.04
N LYS F 41 3.68 24.68 76.84
CA LYS F 41 3.17 25.60 77.86
C LYS F 41 1.77 25.19 78.33
N GLN F 42 0.96 24.64 77.42
CA GLN F 42 -0.33 24.09 77.84
C GLN F 42 -0.24 22.61 78.22
N GLY F 43 0.94 22.02 78.37
CA GLY F 43 1.08 20.68 78.97
C GLY F 43 1.29 19.52 78.04
N ALA F 44 1.46 19.83 76.76
CA ALA F 44 1.58 18.79 75.80
C ALA F 44 2.84 17.94 76.01
N ASN F 45 2.68 16.63 75.74
CA ASN F 45 3.81 15.69 75.80
C ASN F 45 4.25 15.25 74.40
N ILE F 46 3.34 15.27 73.44
CA ILE F 46 3.63 14.86 72.09
C ILE F 46 2.96 15.91 71.18
N VAL F 47 3.71 16.50 70.29
CA VAL F 47 3.17 17.61 69.51
C VAL F 47 3.33 17.33 68.04
N LEU F 48 2.25 17.35 67.29
CA LEU F 48 2.28 17.07 65.85
C LEU F 48 2.31 18.30 64.90
N ILE F 49 3.42 18.51 64.19
CA ILE F 49 3.53 19.55 63.14
C ILE F 49 3.07 19.00 61.77
N GLN F 50 2.36 19.83 61.01
CA GLN F 50 1.84 19.42 59.68
C GLN F 50 2.86 18.93 58.58
N GLU F 51 2.33 18.24 57.54
CA GLU F 51 3.14 17.60 56.49
C GLU F 51 3.91 18.66 55.66
N LEU F 52 5.22 18.42 55.52
CA LEU F 52 6.16 19.19 54.68
C LEU F 52 6.20 20.67 55.02
N PHE F 53 6.10 20.94 56.31
CA PHE F 53 6.07 22.28 56.81
C PHE F 53 7.27 23.21 56.53
N GLU F 54 8.36 22.71 55.95
CA GLU F 54 9.56 23.51 55.78
C GLU F 54 9.33 24.46 54.59
N GLY F 55 8.25 24.23 53.85
CA GLY F 55 7.98 25.09 52.70
C GLY F 55 6.56 25.02 52.19
N TYR F 56 6.37 25.68 51.05
CA TYR F 56 5.12 25.63 50.29
C TYR F 56 4.82 24.18 49.97
N TYR F 57 3.56 23.82 49.91
CA TYR F 57 3.26 22.47 49.44
C TYR F 57 3.56 22.43 47.93
N PHE F 58 4.74 21.94 47.56
CA PHE F 58 5.24 22.18 46.21
C PHE F 58 4.73 21.14 45.20
N CYS F 59 3.91 20.21 45.65
CA CYS F 59 3.47 19.16 44.73
C CYS F 59 2.30 19.63 43.81
N GLN F 60 2.00 20.92 43.80
CA GLN F 60 1.07 21.47 42.79
C GLN F 60 1.62 21.38 41.36
N ALA F 61 2.95 21.48 41.26
CA ALA F 61 3.71 21.37 40.02
C ALA F 61 4.42 20.03 39.99
N GLN F 62 4.87 19.68 38.79
CA GLN F 62 5.81 18.61 38.46
C GLN F 62 7.06 19.20 37.81
N ARG F 63 7.98 19.66 38.66
CA ARG F 63 9.17 20.41 38.25
C ARG F 63 10.54 19.77 38.57
N GLU F 64 11.52 19.98 37.71
CA GLU F 64 12.83 19.33 37.87
C GLU F 64 13.53 19.81 39.15
N ASP F 65 13.56 21.13 39.32
CA ASP F 65 14.31 21.79 40.39
C ASP F 65 13.75 21.58 41.80
N PHE F 66 12.49 21.18 41.86
CA PHE F 66 11.82 20.98 43.14
C PHE F 66 12.15 19.59 43.69
N ILE F 67 12.60 18.67 42.83
CA ILE F 67 13.05 17.37 43.31
C ILE F 67 14.28 17.60 44.18
N GLN F 68 15.03 18.64 43.86
CA GLN F 68 16.27 18.89 44.55
C GLN F 68 16.12 19.57 45.92
N ARG F 69 14.92 19.97 46.32
CA ARG F 69 14.71 20.39 47.72
C ARG F 69 14.82 19.23 48.72
N ALA F 70 14.99 18.00 48.22
CA ALA F 70 15.10 16.90 49.16
C ALA F 70 16.51 16.91 49.70
N LYS F 71 16.60 16.39 50.93
CA LYS F 71 17.82 16.30 51.71
C LYS F 71 17.95 14.91 52.31
N PRO F 72 19.17 14.57 52.74
CA PRO F 72 19.25 13.21 53.23
C PRO F 72 18.71 13.15 54.65
N TYR F 73 18.37 11.96 55.12
CA TYR F 73 18.00 11.71 56.54
C TYR F 73 19.16 12.01 57.46
N LYS F 74 20.36 11.58 57.06
CA LYS F 74 21.54 11.77 57.88
C LYS F 74 21.82 13.24 57.97
N ASP F 75 22.04 13.71 59.20
CA ASP F 75 22.46 15.09 59.44
C ASP F 75 21.54 16.08 58.73
N HIS F 76 20.27 16.00 59.02
CA HIS F 76 19.29 16.87 58.41
C HIS F 76 19.15 18.05 59.36
N PRO F 77 19.30 19.29 58.85
CA PRO F 77 19.39 20.44 59.73
C PRO F 77 18.10 20.75 60.47
N THR F 78 16.95 20.38 59.90
CA THR F 78 15.65 20.68 60.51
C THR F 78 15.39 19.65 61.59
N ILE F 79 15.72 18.39 61.30
CA ILE F 79 15.60 17.32 62.30
C ILE F 79 16.54 17.56 63.46
N MET F 80 17.77 17.94 63.15
CA MET F 80 18.80 18.17 64.16
C MET F 80 18.39 19.31 65.04
N ARG F 81 17.75 20.31 64.46
CA ARG F 81 17.39 21.48 65.20
C ARG F 81 16.28 21.21 66.18
N LEU F 82 15.30 20.44 65.73
CA LEU F 82 14.10 20.09 66.52
C LEU F 82 14.38 19.00 67.51
N GLN F 83 15.42 18.20 67.26
CA GLN F 83 15.94 17.28 68.25
C GLN F 83 16.32 18.05 69.50
N LYS F 84 16.93 19.21 69.33
CA LYS F 84 17.33 19.98 70.51
C LYS F 84 16.12 20.58 71.23
N LEU F 85 15.10 20.97 70.47
CA LEU F 85 13.92 21.56 71.08
C LEU F 85 13.18 20.49 71.87
N ALA F 86 13.10 19.31 71.26
CA ALA F 86 12.48 18.16 71.89
C ALA F 86 13.15 17.78 73.21
N LYS F 87 14.48 17.72 73.21
CA LYS F 87 15.23 17.59 74.45
C LYS F 87 14.94 18.78 75.36
N GLU F 88 15.10 20.01 74.90
CA GLU F 88 14.91 21.12 75.84
C GLU F 88 13.60 20.98 76.63
N LEU F 89 12.51 20.68 75.96
CA LEU F 89 11.22 20.69 76.62
C LEU F 89 10.67 19.35 77.08
N GLY F 90 11.34 18.24 76.75
CA GLY F 90 10.82 16.94 77.11
C GLY F 90 9.53 16.62 76.40
N VAL F 91 9.48 16.92 75.12
CA VAL F 91 8.32 16.55 74.25
C VAL F 91 8.66 15.69 73.03
N VAL F 92 7.78 14.75 72.71
CA VAL F 92 7.91 13.97 71.48
C VAL F 92 7.49 14.79 70.26
N ILE F 93 8.34 14.79 69.23
CA ILE F 93 8.11 15.60 68.03
C ILE F 93 8.37 14.82 66.71
N PRO F 94 7.31 14.38 66.04
CA PRO F 94 7.45 13.88 64.68
C PRO F 94 7.81 14.97 63.65
N VAL F 95 8.89 14.74 62.89
CA VAL F 95 9.41 15.70 61.94
C VAL F 95 9.27 15.22 60.49
N SER F 96 8.31 15.83 59.79
CA SER F 96 8.08 15.63 58.36
C SER F 96 9.13 16.35 57.51
N PHE F 97 9.68 15.67 56.52
CA PHE F 97 10.68 16.20 55.62
C PHE F 97 10.71 15.39 54.34
N PHE F 98 11.36 16.00 53.35
CA PHE F 98 11.46 15.48 52.01
C PHE F 98 12.81 14.81 51.91
N GLU F 99 12.82 13.50 51.74
CA GLU F 99 14.03 12.72 51.85
C GLU F 99 14.68 12.33 50.53
N GLU F 100 15.98 12.57 50.42
CA GLU F 100 16.80 11.99 49.37
C GLU F 100 17.59 10.83 49.99
N ALA F 101 17.53 9.66 49.37
CA ALA F 101 18.34 8.53 49.78
C ALA F 101 18.91 7.88 48.54
N ASN F 102 20.11 8.31 48.17
CA ASN F 102 20.67 8.02 46.88
C ASN F 102 19.76 8.53 45.71
N ASN F 103 19.35 7.68 44.78
CA ASN F 103 18.40 8.13 43.72
C ASN F 103 16.90 7.90 44.01
N ALA F 104 16.61 7.27 45.15
CA ALA F 104 15.26 7.17 45.66
C ALA F 104 14.91 8.48 46.35
N HIS F 105 13.62 8.83 46.40
CA HIS F 105 13.10 9.93 47.22
C HIS F 105 11.81 9.56 47.89
N TYR F 106 11.57 10.14 49.05
CA TYR F 106 10.41 9.78 49.80
C TYR F 106 9.86 10.97 50.55
N ASN F 107 8.58 10.90 50.89
CA ASN F 107 7.94 11.80 51.83
C ASN F 107 8.03 11.09 53.20
N SER F 108 8.96 11.52 54.04
CA SER F 108 9.31 10.78 55.26
C SER F 108 8.95 11.57 56.49
N ILE F 109 8.97 10.86 57.62
CA ILE F 109 8.83 11.45 58.96
C ILE F 109 9.75 10.74 60.00
N ALA F 110 10.52 11.57 60.74
CA ALA F 110 11.47 11.09 61.76
C ALA F 110 10.85 11.38 63.06
N ILE F 111 10.86 10.40 63.95
CA ILE F 111 10.19 10.48 65.23
C ILE F 111 11.22 10.77 66.29
N ILE F 112 11.20 12.00 66.80
CA ILE F 112 12.10 12.38 67.92
C ILE F 112 11.47 12.18 69.30
N ASP F 113 12.18 11.43 70.15
CA ASP F 113 11.71 11.07 71.47
C ASP F 113 11.88 12.25 72.38
N ALA F 114 11.34 12.15 73.58
CA ALA F 114 11.36 13.28 74.51
C ALA F 114 12.72 13.55 75.19
N ASP F 115 13.70 12.67 74.99
CA ASP F 115 15.10 12.94 75.37
C ASP F 115 16.00 13.36 74.20
N GLY F 116 15.39 13.64 73.04
CA GLY F 116 16.13 14.10 71.85
C GLY F 116 16.54 12.98 70.86
N THR F 117 16.37 11.74 71.28
CA THR F 117 16.74 10.61 70.48
C THR F 117 15.93 10.47 69.21
N ASP F 118 16.63 10.16 68.14
CA ASP F 118 16.03 9.88 66.87
C ASP F 118 15.66 8.39 66.85
N LEU F 119 14.39 8.11 66.86
CA LEU F 119 13.92 6.77 66.97
C LEU F 119 13.82 6.09 65.62
N GLY F 120 13.84 6.83 64.52
CA GLY F 120 13.63 6.20 63.22
C GLY F 120 12.64 6.93 62.32
N ILE F 121 12.37 6.33 61.15
CA ILE F 121 11.59 6.99 60.12
C ILE F 121 10.44 6.12 59.63
N TYR F 122 9.38 6.80 59.24
CA TYR F 122 8.39 6.19 58.41
C TYR F 122 8.35 6.90 57.03
N ARG F 123 8.22 6.09 55.99
CA ARG F 123 8.09 6.55 54.63
C ARG F 123 6.65 6.41 54.11
N LYS F 124 6.06 7.52 53.74
CA LYS F 124 4.69 7.55 53.22
C LYS F 124 4.43 6.40 52.22
N SER F 125 3.41 5.59 52.46
CA SER F 125 3.28 4.37 51.71
C SER F 125 2.29 4.54 50.55
N HIS F 126 1.26 5.35 50.81
CA HIS F 126 0.24 5.68 49.80
C HIS F 126 0.45 7.04 49.08
N ILE F 127 0.69 7.02 47.79
CA ILE F 127 1.03 8.31 47.13
C ILE F 127 -0.15 8.78 46.30
N PRO F 128 -0.76 9.92 46.72
CA PRO F 128 -1.84 10.54 45.98
C PRO F 128 -1.37 11.16 44.69
N ASP F 129 -2.32 11.59 43.88
CA ASP F 129 -2.03 12.12 42.56
C ASP F 129 -3.24 12.93 42.06
N GLY F 130 -3.03 13.68 40.98
CA GLY F 130 -4.10 14.45 40.34
C GLY F 130 -3.78 15.93 40.50
N PRO F 131 -4.60 16.80 39.92
CA PRO F 131 -4.30 18.24 39.99
C PRO F 131 -4.26 18.88 41.42
N GLY F 132 -3.24 19.75 41.59
CA GLY F 132 -2.84 20.27 42.89
C GLY F 132 -2.14 19.28 43.83
N TYR F 133 -2.08 18.00 43.49
CA TYR F 133 -1.46 17.04 44.43
C TYR F 133 -0.67 15.91 43.70
N GLU F 134 0.27 16.34 42.87
CA GLU F 134 1.03 15.48 41.91
C GLU F 134 2.21 14.72 42.58
N GLU F 135 1.98 14.27 43.83
CA GLU F 135 2.96 13.60 44.73
C GLU F 135 3.74 12.44 44.08
N LYS F 136 3.05 11.72 43.22
CA LYS F 136 3.64 10.56 42.52
C LYS F 136 4.83 10.91 41.62
N PHE F 137 5.08 12.20 41.38
CA PHE F 137 6.25 12.64 40.59
C PHE F 137 7.52 12.84 41.46
N TYR F 138 7.34 12.98 42.77
CA TYR F 138 8.46 13.29 43.68
C TYR F 138 8.92 12.12 44.55
N PHE F 139 8.01 11.19 44.82
CA PHE F 139 8.14 10.24 45.95
C PHE F 139 7.94 8.80 45.48
N ASN F 140 8.98 7.97 45.66
CA ASN F 140 8.84 6.53 45.64
C ASN F 140 7.81 6.18 46.69
N PRO F 141 6.93 5.22 46.36
CA PRO F 141 6.14 4.60 47.40
C PRO F 141 7.04 4.13 48.56
N GLY F 142 6.59 4.36 49.81
CA GLY F 142 7.40 4.06 50.99
C GLY F 142 7.72 2.58 51.07
N ASP F 143 8.92 2.26 51.55
CA ASP F 143 9.33 0.86 51.78
C ASP F 143 9.64 0.46 53.24
N THR F 144 9.31 1.31 54.20
CA THR F 144 9.45 0.94 55.59
C THR F 144 8.35 0.00 56.06
N GLY F 145 7.17 0.11 55.47
CA GLY F 145 5.96 -0.47 56.03
C GLY F 145 5.43 0.40 57.14
N PHE F 146 4.27 0.04 57.69
CA PHE F 146 3.69 0.79 58.83
C PHE F 146 4.44 0.37 60.08
N LYS F 147 4.73 1.36 60.90
CA LYS F 147 5.56 1.23 62.09
C LYS F 147 4.93 1.80 63.32
N VAL F 148 5.40 1.38 64.47
CA VAL F 148 5.06 2.03 65.71
C VAL F 148 6.35 2.32 66.43
N PHE F 149 6.31 3.34 67.28
CA PHE F 149 7.48 3.83 67.98
C PHE F 149 7.19 3.89 69.45
N GLN F 150 8.07 3.26 70.22
CA GLN F 150 8.01 3.32 71.69
C GLN F 150 8.60 4.63 72.13
N THR F 151 7.75 5.59 72.50
CA THR F 151 8.23 6.85 73.06
C THR F 151 8.21 6.79 74.59
N LYS F 152 8.60 7.89 75.23
CA LYS F 152 8.59 7.94 76.70
C LYS F 152 7.19 7.92 77.28
N TYR F 153 6.18 8.31 76.52
CA TYR F 153 4.86 8.55 77.09
C TYR F 153 3.84 7.52 76.61
N ALA F 154 4.20 6.78 75.54
CA ALA F 154 3.29 5.93 74.80
C ALA F 154 3.96 5.22 73.63
N LYS F 155 3.36 4.14 73.22
CA LYS F 155 3.72 3.54 71.98
C LYS F 155 2.83 4.26 70.93
N ILE F 156 3.42 4.86 69.87
CA ILE F 156 2.59 5.59 68.94
C ILE F 156 2.66 5.13 67.48
N GLY F 157 1.61 5.44 66.72
CA GLY F 157 1.64 5.21 65.28
C GLY F 157 1.55 6.52 64.50
N VAL F 158 2.46 6.69 63.56
CA VAL F 158 2.55 7.89 62.73
C VAL F 158 2.55 7.49 61.26
N ALA F 159 1.59 7.97 60.51
CA ALA F 159 1.62 7.79 59.09
C ALA F 159 1.44 9.19 58.53
N ILE F 160 1.34 9.34 57.22
CA ILE F 160 1.42 10.68 56.61
C ILE F 160 0.31 10.95 55.60
N SER F 161 -0.40 12.05 55.82
CA SER F 161 -1.31 12.61 54.81
C SER F 161 -2.20 11.60 54.06
N TRP F 162 -2.04 11.46 52.75
CA TRP F 162 -2.83 10.52 51.98
C TRP F 162 -3.02 9.12 52.72
N ASP F 163 -2.02 8.68 53.50
CA ASP F 163 -2.14 7.44 54.31
C ASP F 163 -3.43 7.35 55.16
N GLN F 164 -3.92 8.50 55.60
CA GLN F 164 -5.06 8.64 56.49
C GLN F 164 -6.42 8.21 55.90
N TRP F 165 -6.48 8.03 54.58
CA TRP F 165 -7.67 7.53 53.92
C TRP F 165 -7.79 6.01 53.88
N PHE F 166 -6.69 5.32 54.24
CA PHE F 166 -6.66 3.86 54.24
C PHE F 166 -6.77 3.18 55.63
N PRO F 167 -7.90 2.52 55.87
CA PRO F 167 -8.16 1.74 57.10
C PRO F 167 -7.09 0.70 57.41
N GLU F 168 -6.47 0.13 56.39
CA GLU F 168 -5.39 -0.85 56.53
C GLU F 168 -4.22 -0.32 57.33
N ALA F 169 -3.87 0.95 57.04
CA ALA F 169 -2.74 1.59 57.69
C ALA F 169 -3.04 1.72 59.16
N ALA F 170 -4.23 2.21 59.48
CA ALA F 170 -4.56 2.46 60.88
C ALA F 170 -4.58 1.14 61.64
N ARG F 171 -5.17 0.13 61.01
CA ARG F 171 -5.25 -1.19 61.59
C ARG F 171 -3.86 -1.77 61.77
N ALA F 172 -2.96 -1.52 60.83
CA ALA F 172 -1.65 -2.12 60.91
C ALA F 172 -0.91 -1.62 62.12
N MET F 173 -1.13 -0.35 62.45
CA MET F 173 -0.43 0.25 63.57
C MET F 173 -1.08 -0.21 64.87
N ALA F 174 -2.39 -0.16 64.98
CA ALA F 174 -3.05 -0.68 66.19
C ALA F 174 -2.71 -2.16 66.54
N LEU F 175 -2.64 -3.00 65.51
CA LEU F 175 -2.35 -4.40 65.71
C LEU F 175 -0.98 -4.52 66.32
N GLN F 176 -0.08 -3.60 65.96
CA GLN F 176 1.30 -3.65 66.46
C GLN F 176 1.44 -2.94 67.81
N GLY F 177 0.33 -2.48 68.41
CA GLY F 177 0.42 -1.87 69.76
C GLY F 177 0.30 -0.35 69.83
N ALA F 178 -0.04 0.30 68.71
CA ALA F 178 -0.13 1.75 68.76
C ALA F 178 -1.26 2.14 69.71
N GLU F 179 -0.99 3.11 70.56
CA GLU F 179 -1.97 3.65 71.54
C GLU F 179 -2.56 4.98 71.10
N ILE F 180 -1.88 5.66 70.17
CA ILE F 180 -2.33 6.92 69.60
C ILE F 180 -1.85 6.97 68.18
N LEU F 181 -2.69 7.43 67.29
CA LEU F 181 -2.33 7.54 65.90
C LEU F 181 -2.17 9.01 65.54
N PHE F 182 -1.17 9.30 64.71
CA PHE F 182 -0.88 10.69 64.26
C PHE F 182 -0.81 10.76 62.73
N TYR F 183 -1.40 11.80 62.16
CA TYR F 183 -1.42 11.97 60.70
C TYR F 183 -1.17 13.45 60.35
N PRO F 184 0.09 13.87 60.24
CA PRO F 184 0.32 15.21 59.74
C PRO F 184 -0.08 15.28 58.25
N THR F 185 -0.66 16.41 57.86
CA THR F 185 -1.43 16.45 56.62
C THR F 185 -1.26 17.74 55.81
N ALA F 186 -1.60 17.70 54.54
CA ALA F 186 -1.78 18.93 53.81
C ALA F 186 -2.88 18.76 52.79
N ILE F 187 -4.04 19.34 53.05
CA ILE F 187 -5.16 19.11 52.18
C ILE F 187 -6.05 20.33 52.05
N GLY F 188 -6.56 20.59 50.85
CA GLY F 188 -7.23 21.86 50.53
C GLY F 188 -8.24 21.73 49.42
N SER F 189 -8.66 22.85 48.89
CA SER F 189 -9.36 22.91 47.60
C SER F 189 -8.50 22.19 46.57
N GLU F 190 -9.10 21.91 45.42
CA GLU F 190 -8.36 21.29 44.32
C GLU F 190 -8.49 22.18 43.05
N PRO F 191 -7.35 22.60 42.47
CA PRO F 191 -7.34 23.67 41.46
C PRO F 191 -8.22 23.43 40.18
N HIS F 192 -8.44 22.16 39.81
CA HIS F 192 -9.27 21.82 38.63
C HIS F 192 -10.83 21.93 38.77
N ASP F 193 -11.34 22.10 40.00
CA ASP F 193 -12.79 21.98 40.28
C ASP F 193 -13.13 22.56 41.64
N GLN F 194 -13.47 23.84 41.70
CA GLN F 194 -13.70 24.49 43.00
C GLN F 194 -14.90 24.02 43.80
N SER F 195 -15.78 23.20 43.23
CA SER F 195 -16.89 22.61 44.00
C SER F 195 -16.49 21.40 44.90
N ILE F 196 -15.27 20.87 44.70
CA ILE F 196 -14.69 19.85 45.57
C ILE F 196 -14.31 20.45 46.94
N ASP F 197 -14.97 19.94 47.97
CA ASP F 197 -14.65 20.31 49.35
C ASP F 197 -14.66 19.00 50.16
N SER F 198 -13.49 18.60 50.59
CA SER F 198 -13.29 17.29 51.05
C SER F 198 -13.24 17.19 52.57
N ARG F 199 -13.37 18.32 53.27
CA ARG F 199 -13.13 18.36 54.71
C ARG F 199 -14.01 17.38 55.55
N ASP F 200 -15.30 17.31 55.25
CA ASP F 200 -16.18 16.45 56.03
C ASP F 200 -15.95 14.96 55.74
N HIS F 201 -15.63 14.67 54.49
CA HIS F 201 -15.33 13.31 54.07
C HIS F 201 -14.04 12.86 54.75
N TRP F 202 -13.08 13.78 54.80
CA TRP F 202 -11.76 13.53 55.37
C TRP F 202 -11.86 13.21 56.88
N LYS F 203 -12.65 13.99 57.63
CA LYS F 203 -12.79 13.79 59.07
C LYS F 203 -13.48 12.46 59.36
N ARG F 204 -14.63 12.24 58.70
CA ARG F 204 -15.38 10.97 58.82
C ARG F 204 -14.55 9.73 58.60
N VAL F 205 -13.69 9.73 57.60
CA VAL F 205 -12.86 8.57 57.35
C VAL F 205 -11.93 8.33 58.53
N MET F 206 -11.35 9.39 59.07
CA MET F 206 -10.42 9.21 60.17
C MET F 206 -11.14 8.97 61.51
N GLN F 207 -12.28 9.62 61.73
CA GLN F 207 -13.03 9.34 62.92
C GLN F 207 -13.33 7.83 62.92
N GLY F 208 -13.50 7.31 61.69
CA GLY F 208 -13.73 5.89 61.50
C GLY F 208 -12.57 5.02 61.99
N HIS F 209 -11.34 5.45 61.70
CA HIS F 209 -10.16 4.70 62.12
C HIS F 209 -10.13 4.61 63.61
N ALA F 210 -10.40 5.75 64.23
CA ALA F 210 -10.32 5.87 65.66
C ALA F 210 -11.37 4.96 66.36
N GLY F 211 -12.61 5.01 65.88
CA GLY F 211 -13.64 4.14 66.35
C GLY F 211 -13.40 2.67 66.12
N ALA F 212 -12.84 2.30 64.99
CA ALA F 212 -12.73 0.87 64.68
C ALA F 212 -11.61 0.21 65.42
N ASN F 213 -10.59 1.00 65.78
CA ASN F 213 -9.43 0.47 66.50
C ASN F 213 -9.41 0.84 68.00
N LEU F 214 -10.35 1.69 68.39
CA LEU F 214 -10.37 2.28 69.69
C LEU F 214 -9.05 2.89 70.16
N VAL F 215 -8.52 3.81 69.37
CA VAL F 215 -7.37 4.59 69.76
C VAL F 215 -7.59 6.05 69.42
N PRO F 216 -7.09 6.95 70.28
CA PRO F 216 -7.22 8.33 69.87
C PRO F 216 -6.44 8.61 68.58
N LEU F 217 -6.67 9.77 67.98
CA LEU F 217 -6.10 10.11 66.69
C LEU F 217 -5.97 11.60 66.60
N VAL F 218 -4.80 12.02 66.16
CA VAL F 218 -4.43 13.42 65.99
C VAL F 218 -4.10 13.70 64.53
N ALA F 219 -4.73 14.73 63.99
CA ALA F 219 -4.50 15.17 62.63
C ALA F 219 -4.25 16.65 62.60
N SER F 220 -3.16 17.01 61.91
CA SER F 220 -2.69 18.40 61.83
C SER F 220 -2.65 18.81 60.40
N ASN F 221 -3.41 19.84 60.06
CA ASN F 221 -3.46 20.26 58.67
C ASN F 221 -3.04 21.72 58.50
N ARG F 222 -2.62 22.05 57.29
CA ARG F 222 -2.12 23.40 57.00
C ARG F 222 -3.28 24.37 56.75
N ILE F 223 -3.01 25.65 56.93
CA ILE F 223 -3.93 26.71 56.42
C ILE F 223 -3.29 27.62 55.37
N GLY F 224 -4.10 28.48 54.75
CA GLY F 224 -3.62 29.59 53.92
C GLY F 224 -3.77 29.28 52.44
N ASN F 225 -3.75 30.32 51.60
CA ASN F 225 -3.68 30.17 50.13
C ASN F 225 -2.24 30.04 49.79
N GLU F 226 -1.91 29.15 48.89
CA GLU F 226 -0.53 29.07 48.38
C GLU F 226 -0.60 29.05 46.87
N ILE F 227 0.21 29.87 46.20
CA ILE F 227 0.19 29.95 44.77
C ILE F 227 1.52 29.56 44.21
N ILE F 228 1.53 28.54 43.35
CA ILE F 228 2.76 27.97 42.84
C ILE F 228 2.87 28.16 41.33
N GLU F 229 4.07 28.45 40.84
CA GLU F 229 4.22 28.35 39.37
C GLU F 229 4.48 26.90 38.96
N THR F 230 3.79 26.47 37.89
CA THR F 230 3.97 25.13 37.29
C THR F 230 4.25 25.17 35.76
N GLU F 231 4.37 23.96 35.20
CA GLU F 231 4.55 23.73 33.78
C GLU F 231 3.41 24.33 32.96
N HIS F 232 2.27 24.60 33.59
CA HIS F 232 1.14 25.18 32.84
C HIS F 232 0.65 26.53 33.35
N GLY F 233 1.40 27.11 34.28
CA GLY F 233 1.05 28.41 34.85
C GLY F 233 0.76 28.28 36.32
N LYS F 234 0.17 29.32 36.88
CA LYS F 234 -0.14 29.37 38.31
C LYS F 234 -1.16 28.32 38.72
N SER F 235 -0.91 27.65 39.83
CA SER F 235 -1.91 26.79 40.42
C SER F 235 -2.12 27.27 41.87
N GLU F 236 -3.37 27.27 42.29
CA GLU F 236 -3.70 27.76 43.60
C GLU F 236 -4.42 26.67 44.40
N ILE F 237 -4.07 26.59 45.69
CA ILE F 237 -4.79 25.78 46.64
C ILE F 237 -5.05 26.57 47.88
N LYS F 238 -6.29 26.47 48.36
CA LYS F 238 -6.64 27.03 49.65
C LYS F 238 -6.73 25.92 50.71
N PHE F 239 -5.74 25.89 51.59
CA PHE F 239 -5.67 24.87 52.62
C PHE F 239 -6.69 25.10 53.71
N TYR F 240 -7.34 24.01 54.15
CA TYR F 240 -8.61 24.18 54.88
C TYR F 240 -8.57 23.88 56.39
N GLY F 241 -7.37 23.75 56.92
CA GLY F 241 -7.22 23.67 58.33
C GLY F 241 -8.07 22.54 58.87
N ASN F 242 -8.94 22.85 59.82
CA ASN F 242 -9.72 21.79 60.44
C ASN F 242 -8.87 20.71 61.07
N SER F 243 -7.70 21.06 61.57
CA SER F 243 -6.95 20.11 62.38
C SER F 243 -7.81 19.66 63.50
N PHE F 244 -7.68 18.41 63.87
CA PHE F 244 -8.48 17.95 64.97
C PHE F 244 -7.84 16.81 65.75
N ILE F 245 -8.42 16.59 66.92
CA ILE F 245 -8.05 15.46 67.77
C ILE F 245 -9.31 14.67 68.04
N ALA F 246 -9.26 13.37 67.82
CA ALA F 246 -10.41 12.48 68.07
C ALA F 246 -10.19 11.44 69.20
N GLY F 247 -11.24 11.11 69.93
CA GLY F 247 -11.20 10.08 70.97
C GLY F 247 -11.42 8.66 70.47
N PRO F 248 -11.38 7.69 71.41
CA PRO F 248 -11.31 6.31 70.95
C PRO F 248 -12.64 5.80 70.42
N THR F 249 -13.71 6.58 70.54
CA THR F 249 -14.91 6.20 69.88
C THR F 249 -15.11 7.02 68.56
N GLY F 250 -14.12 7.80 68.20
CA GLY F 250 -14.26 8.65 67.02
C GLY F 250 -14.83 10.01 67.30
N GLU F 251 -15.22 10.27 68.55
CA GLU F 251 -15.74 11.61 68.95
C GLU F 251 -14.70 12.74 68.73
N ILE F 252 -15.06 13.86 68.11
CA ILE F 252 -14.08 14.95 68.03
C ILE F 252 -13.98 15.58 69.42
N VAL F 253 -12.79 15.70 69.99
CA VAL F 253 -12.71 16.36 71.28
C VAL F 253 -12.22 17.80 71.18
N SER F 254 -11.37 18.05 70.20
CA SER F 254 -10.88 19.37 69.91
C SER F 254 -10.74 19.53 68.39
N ILE F 255 -10.99 20.74 67.94
CA ILE F 255 -10.95 21.02 66.53
C ILE F 255 -10.84 22.47 66.16
N ALA F 256 -10.10 22.71 65.09
CA ALA F 256 -9.86 24.10 64.64
C ALA F 256 -10.76 24.43 63.45
N ASP F 257 -10.83 25.72 63.13
CA ASP F 257 -11.57 26.16 61.96
C ASP F 257 -10.61 26.19 60.76
N ASP F 258 -11.11 26.74 59.66
CA ASP F 258 -10.42 26.65 58.37
C ASP F 258 -9.48 27.80 58.04
N LYS F 259 -9.17 28.64 59.01
CA LYS F 259 -8.34 29.81 58.73
C LYS F 259 -7.43 30.32 59.86
N GLU F 260 -7.75 30.01 61.09
CA GLU F 260 -6.98 30.47 62.22
C GLU F 260 -5.74 29.59 62.45
N GLU F 261 -4.72 30.16 63.04
CA GLU F 261 -3.64 29.39 63.60
C GLU F 261 -4.15 28.78 64.90
N ALA F 262 -3.78 27.53 65.17
CA ALA F 262 -4.32 26.83 66.36
C ALA F 262 -3.34 25.89 67.05
N VAL F 263 -3.47 25.86 68.36
CA VAL F 263 -2.84 24.84 69.18
C VAL F 263 -3.97 24.11 69.85
N LEU F 264 -4.12 22.83 69.55
CA LEU F 264 -5.19 22.07 70.12
C LEU F 264 -4.61 21.13 71.15
N ILE F 265 -5.35 20.92 72.25
CA ILE F 265 -4.85 20.16 73.38
C ILE F 265 -5.89 19.12 73.82
N ALA F 266 -5.41 17.92 74.19
CA ALA F 266 -6.28 16.90 74.73
C ALA F 266 -5.49 15.89 75.60
N GLU F 267 -6.12 15.49 76.69
CA GLU F 267 -5.56 14.48 77.56
C GLU F 267 -6.29 13.14 77.37
N PHE F 268 -5.51 12.06 77.28
CA PHE F 268 -6.06 10.73 77.21
C PHE F 268 -5.48 9.85 78.32
N ASN F 269 -6.33 9.01 78.91
CA ASN F 269 -5.85 8.00 79.88
C ASN F 269 -5.64 6.64 79.19
N LEU F 270 -4.40 6.24 79.04
CA LEU F 270 -4.10 5.18 78.10
C LEU F 270 -4.44 3.85 78.70
N ASP F 271 -4.39 3.76 80.03
CA ASP F 271 -4.74 2.50 80.71
C ASP F 271 -6.22 2.32 80.66
N LYS F 272 -7.03 3.33 80.97
CA LYS F 272 -8.46 3.16 80.74
C LYS F 272 -8.87 2.84 79.25
N ILE F 273 -8.25 3.50 78.28
CA ILE F 273 -8.59 3.29 76.91
C ILE F 273 -8.16 1.90 76.49
N LYS F 274 -6.96 1.47 76.87
CA LYS F 274 -6.55 0.06 76.65
C LYS F 274 -7.60 -0.93 77.20
N SER F 275 -8.14 -0.66 78.38
CA SER F 275 -9.14 -1.56 78.93
C SER F 275 -10.44 -1.49 78.10
N MET F 276 -10.81 -0.29 77.68
CA MET F 276 -12.02 -0.12 76.91
C MET F 276 -11.89 -0.88 75.57
N ARG F 277 -10.74 -0.74 74.93
CA ARG F 277 -10.48 -1.34 73.63
C ARG F 277 -10.56 -2.85 73.66
N HIS F 278 -10.01 -3.45 74.68
CA HIS F 278 -10.03 -4.91 74.78
C HIS F 278 -11.40 -5.44 75.10
N CYS F 279 -12.14 -4.75 75.97
CA CYS F 279 -13.49 -5.18 76.38
CA CYS F 279 -13.45 -5.27 76.34
C CYS F 279 -14.52 -5.02 75.25
N TRP F 280 -14.34 -4.00 74.40
CA TRP F 280 -15.24 -3.88 73.27
C TRP F 280 -15.20 -5.16 72.39
N GLY F 281 -14.01 -5.73 72.24
CA GLY F 281 -13.88 -7.12 71.70
C GLY F 281 -13.39 -7.31 70.24
N VAL F 282 -13.24 -6.19 69.49
CA VAL F 282 -12.92 -6.29 68.07
C VAL F 282 -11.62 -7.01 67.78
N PHE F 283 -10.59 -6.72 68.54
CA PHE F 283 -9.36 -7.42 68.29
C PHE F 283 -9.40 -8.92 68.61
N ARG F 284 -10.35 -9.29 69.47
CA ARG F 284 -10.60 -10.69 69.86
C ARG F 284 -11.35 -11.43 68.71
N ASP F 285 -12.24 -10.71 68.07
CA ASP F 285 -13.12 -11.28 67.09
C ASP F 285 -12.62 -11.17 65.64
N ARG F 286 -11.43 -10.61 65.39
CA ARG F 286 -10.98 -10.40 63.99
C ARG F 286 -10.78 -11.75 63.30
N ARG F 287 -10.96 -11.77 61.97
CA ARG F 287 -10.85 -13.03 61.21
C ARG F 287 -9.81 -12.99 60.12
N PRO F 288 -8.54 -12.92 60.50
CA PRO F 288 -7.55 -12.81 59.41
C PRO F 288 -7.54 -14.06 58.50
N ASP F 289 -8.17 -15.15 58.90
CA ASP F 289 -8.18 -16.30 57.99
C ASP F 289 -9.11 -15.95 56.78
N LEU F 290 -9.92 -14.89 56.89
CA LEU F 290 -10.83 -14.44 55.84
C LEU F 290 -10.36 -13.15 55.16
N TYR F 291 -9.15 -12.69 55.48
CA TYR F 291 -8.70 -11.38 55.03
C TYR F 291 -7.68 -11.35 53.85
N LYS F 292 -7.40 -12.49 53.23
CA LYS F 292 -6.45 -12.57 52.10
C LYS F 292 -6.73 -11.70 50.89
N VAL F 293 -8.02 -11.52 50.61
CA VAL F 293 -8.44 -10.67 49.55
C VAL F 293 -7.90 -9.28 49.75
N LEU F 294 -7.53 -8.88 50.98
CA LEU F 294 -6.96 -7.55 51.14
C LEU F 294 -5.56 -7.47 50.60
N LEU F 295 -4.93 -8.59 50.32
CA LEU F 295 -3.63 -8.52 49.66
C LEU F 295 -3.72 -8.54 48.09
N THR F 296 -4.89 -8.21 47.55
CA THR F 296 -5.07 -8.09 46.15
C THR F 296 -5.33 -6.61 45.94
N LEU F 297 -5.22 -6.18 44.66
CA LEU F 297 -5.72 -4.88 44.26
C LEU F 297 -7.09 -5.00 43.65
N ASP F 298 -7.33 -6.13 42.96
CA ASP F 298 -8.46 -6.24 42.02
C ASP F 298 -9.52 -7.18 42.54
N GLY F 299 -9.35 -7.61 43.80
CA GLY F 299 -10.27 -8.51 44.47
C GLY F 299 -10.20 -9.96 44.07
N LYS F 300 -9.12 -10.34 43.39
CA LYS F 300 -9.02 -11.70 42.86
C LYS F 300 -7.60 -12.24 42.94
N ASN F 301 -6.59 -11.49 42.44
CA ASN F 301 -5.19 -11.95 42.41
C ASN F 301 -4.26 -11.41 43.49
N PRO F 302 -3.61 -12.30 44.30
CA PRO F 302 -2.70 -11.71 45.27
C PRO F 302 -1.51 -11.11 44.57
N VAL F 303 -1.04 -10.00 45.15
CA VAL F 303 0.22 -9.39 44.70
C VAL F 303 1.49 -10.15 45.07
N LEU F 304 2.49 -9.95 44.21
CA LEU F 304 3.81 -10.56 44.37
C LEU F 304 4.63 -10.07 45.60
N ARG G 10 14.01 -23.63 13.18
CA ARG G 10 12.82 -22.77 13.52
C ARG G 10 13.09 -21.31 13.11
N LYS G 11 12.48 -20.92 11.99
CA LYS G 11 12.74 -19.61 11.37
C LYS G 11 11.53 -18.68 11.55
N VAL G 12 11.36 -18.14 12.75
CA VAL G 12 10.27 -17.20 13.11
C VAL G 12 10.40 -15.81 12.45
N VAL G 13 9.34 -15.31 11.80
CA VAL G 13 9.34 -13.90 11.31
C VAL G 13 8.53 -12.96 12.24
N VAL G 14 9.14 -11.80 12.59
CA VAL G 14 8.53 -10.74 13.42
C VAL G 14 8.39 -9.34 12.76
N SER G 15 7.40 -8.58 13.24
CA SER G 15 7.05 -7.26 12.71
C SER G 15 6.73 -6.22 13.78
N ALA G 16 7.24 -5.00 13.55
CA ALA G 16 6.77 -3.84 14.29
C ALA G 16 5.93 -3.03 13.36
N LEU G 17 4.86 -2.46 13.94
CA LEU G 17 3.96 -1.56 13.22
C LEU G 17 4.03 -0.14 13.78
N GLN G 18 3.82 0.83 12.89
CA GLN G 18 3.91 2.23 13.23
C GLN G 18 2.85 3.07 12.48
N PHE G 19 1.77 3.41 13.20
CA PHE G 19 0.64 4.12 12.59
C PHE G 19 0.04 5.23 13.45
N ALA G 20 -0.77 6.05 12.77
CA ALA G 20 -1.51 7.18 13.36
C ALA G 20 -2.88 6.74 13.99
N CYS G 21 -3.23 7.36 15.14
CA CYS G 21 -4.51 7.13 15.78
C CYS G 21 -5.41 8.34 15.76
N THR G 22 -6.71 8.13 15.49
CA THR G 22 -7.76 9.14 15.81
C THR G 22 -8.24 8.84 17.23
N ASP G 23 -9.29 9.52 17.71
CA ASP G 23 -9.86 9.13 19.01
C ASP G 23 -11.08 8.20 18.81
N ASP G 24 -11.05 7.44 17.72
CA ASP G 24 -12.18 6.58 17.37
C ASP G 24 -11.89 5.04 17.32
N VAL G 25 -12.31 4.34 18.36
CA VAL G 25 -12.06 2.90 18.52
C VAL G 25 -12.15 2.08 17.22
N SER G 26 -13.34 2.04 16.62
CA SER G 26 -13.60 1.30 15.38
C SER G 26 -12.66 1.58 14.18
N THR G 27 -12.30 2.84 13.94
CA THR G 27 -11.38 3.15 12.80
C THR G 27 -9.96 2.63 13.19
N ASN G 28 -9.54 2.79 14.44
CA ASN G 28 -8.17 2.41 14.79
C ASN G 28 -7.95 0.91 14.68
N VAL G 29 -8.98 0.20 15.14
CA VAL G 29 -9.07 -1.23 14.94
C VAL G 29 -9.13 -1.61 13.44
N THR G 30 -9.64 -0.72 12.57
CA THR G 30 -9.57 -0.94 11.09
C THR G 30 -8.08 -0.81 10.57
N THR G 31 -7.29 0.08 11.17
CA THR G 31 -5.86 0.27 10.79
C THR G 31 -4.92 -0.84 11.24
N ALA G 32 -5.02 -1.26 12.51
CA ALA G 32 -4.32 -2.45 13.00
C ALA G 32 -4.66 -3.66 12.11
N GLU G 33 -5.97 -3.94 11.93
CA GLU G 33 -6.50 -4.98 10.98
C GLU G 33 -5.77 -5.05 9.64
N ARG G 34 -5.53 -3.88 9.04
CA ARG G 34 -5.03 -3.70 7.65
C ARG G 34 -3.49 -3.60 7.57
N LEU G 35 -2.85 -3.32 8.70
CA LEU G 35 -1.41 -3.44 8.80
C LEU G 35 -0.99 -4.81 9.32
N VAL G 36 -1.83 -5.46 10.14
CA VAL G 36 -1.57 -6.85 10.49
C VAL G 36 -1.67 -7.73 9.23
N ARG G 37 -2.76 -7.59 8.47
CA ARG G 37 -2.92 -8.21 7.08
C ARG G 37 -1.75 -8.08 6.10
N ALA G 38 -1.07 -6.92 6.10
CA ALA G 38 0.15 -6.66 5.29
C ALA G 38 1.40 -7.29 5.90
N ALA G 39 1.50 -7.24 7.24
CA ALA G 39 2.51 -8.02 7.95
C ALA G 39 2.42 -9.45 7.39
N HIS G 40 1.25 -10.09 7.57
CA HIS G 40 1.04 -11.54 7.23
C HIS G 40 1.25 -11.87 5.73
N LYS G 41 1.06 -10.86 4.87
CA LYS G 41 1.30 -10.96 3.42
C LYS G 41 2.84 -10.79 3.11
N GLN G 42 3.57 -10.23 4.09
CA GLN G 42 5.04 -10.08 4.01
C GLN G 42 5.79 -11.23 4.69
N GLY G 43 5.02 -12.23 5.14
CA GLY G 43 5.54 -13.45 5.73
C GLY G 43 5.50 -13.53 7.26
N ALA G 44 4.85 -12.54 7.90
CA ALA G 44 4.88 -12.39 9.36
C ALA G 44 4.20 -13.51 10.11
N ASN G 45 4.86 -13.98 11.18
CA ASN G 45 4.34 -14.97 12.15
C ASN G 45 3.80 -14.27 13.36
N ILE G 46 4.60 -13.34 13.91
CA ILE G 46 4.24 -12.62 15.12
C ILE G 46 4.21 -11.11 14.83
N VAL G 47 3.03 -10.49 14.95
CA VAL G 47 2.78 -9.10 14.59
C VAL G 47 2.44 -8.16 15.78
N LEU G 48 3.21 -7.08 15.94
CA LEU G 48 3.04 -6.22 17.11
C LEU G 48 2.25 -4.92 16.84
N ILE G 49 1.42 -4.56 17.82
CA ILE G 49 0.62 -3.36 17.76
C ILE G 49 0.96 -2.45 18.94
N GLN G 50 1.21 -1.17 18.61
CA GLN G 50 1.52 -0.07 19.55
C GLN G 50 0.54 0.09 20.72
N GLU G 51 1.04 0.76 21.77
CA GLU G 51 0.36 0.90 23.07
C GLU G 51 -0.93 1.72 22.98
N LEU G 52 -1.97 1.25 23.68
CA LEU G 52 -3.22 2.01 23.76
C LEU G 52 -3.73 2.52 22.36
N PHE G 53 -3.47 1.75 21.30
CA PHE G 53 -3.85 2.08 19.93
C PHE G 53 -5.39 2.22 19.65
N GLU G 54 -6.21 1.89 20.66
CA GLU G 54 -7.69 2.01 20.59
C GLU G 54 -8.16 3.47 20.52
N GLY G 55 -7.26 4.38 20.85
CA GLY G 55 -7.56 5.79 20.76
C GLY G 55 -6.27 6.57 20.97
N TYR G 56 -6.43 7.85 21.24
CA TYR G 56 -5.32 8.71 21.50
C TYR G 56 -4.71 8.41 22.85
N TYR G 57 -3.44 8.73 22.96
CA TYR G 57 -2.75 8.72 24.22
C TYR G 57 -3.45 9.78 25.05
N PHE G 58 -4.35 9.32 25.91
CA PHE G 58 -5.14 10.21 26.78
C PHE G 58 -4.41 10.74 28.01
N CYS G 59 -3.30 10.08 28.38
CA CYS G 59 -2.58 10.37 29.62
C CYS G 59 -1.88 11.75 29.70
N GLN G 60 -2.08 12.64 28.71
CA GLN G 60 -1.66 14.06 28.82
C GLN G 60 -2.53 14.84 29.79
N ALA G 61 -3.79 14.41 29.90
CA ALA G 61 -4.72 14.92 30.92
C ALA G 61 -4.90 13.98 32.12
N GLN G 62 -5.33 14.56 33.24
CA GLN G 62 -5.76 13.78 34.41
C GLN G 62 -7.22 14.14 34.64
N ARG G 63 -8.09 13.42 33.94
CA ARG G 63 -9.52 13.64 33.98
C ARG G 63 -10.24 12.36 34.43
N GLU G 64 -11.27 12.60 35.24
CA GLU G 64 -12.12 11.54 35.79
C GLU G 64 -12.83 10.74 34.66
N ASP G 65 -13.42 11.43 33.68
CA ASP G 65 -14.19 10.70 32.65
C ASP G 65 -13.32 9.72 31.79
N PHE G 66 -12.01 10.00 31.68
CA PHE G 66 -11.06 9.18 30.92
C PHE G 66 -10.72 7.86 31.63
N ILE G 67 -10.80 7.83 32.96
CA ILE G 67 -10.57 6.61 33.71
C ILE G 67 -11.62 5.59 33.26
N GLN G 68 -12.85 6.06 33.07
CA GLN G 68 -13.93 5.25 32.57
C GLN G 68 -13.81 4.83 31.07
N ARG G 69 -12.69 5.11 30.39
CA ARG G 69 -12.42 4.41 29.10
C ARG G 69 -12.05 2.94 29.30
N ALA G 70 -11.73 2.57 30.54
CA ALA G 70 -11.22 1.23 30.83
C ALA G 70 -12.30 0.17 30.63
N LYS G 71 -11.89 -1.08 30.36
CA LYS G 71 -12.84 -2.20 30.12
C LYS G 71 -12.39 -3.50 30.80
N PRO G 72 -13.34 -4.31 31.31
CA PRO G 72 -12.86 -5.64 31.74
C PRO G 72 -12.04 -6.35 30.64
N TYR G 73 -10.99 -7.03 31.06
CA TYR G 73 -10.36 -8.12 30.29
C TYR G 73 -11.41 -9.07 29.67
N LYS G 74 -12.44 -9.40 30.45
CA LYS G 74 -13.45 -10.39 30.08
C LYS G 74 -14.45 -9.92 29.01
N ASP G 75 -14.42 -10.69 27.90
CA ASP G 75 -15.18 -10.47 26.69
C ASP G 75 -14.95 -9.01 26.15
N HIS G 76 -13.68 -8.65 25.94
CA HIS G 76 -13.30 -7.31 25.47
C HIS G 76 -13.58 -7.18 23.93
N PRO G 77 -14.32 -6.14 23.52
CA PRO G 77 -14.73 -6.01 22.13
C PRO G 77 -13.57 -6.21 21.16
N THR G 78 -12.47 -5.57 21.50
CA THR G 78 -11.33 -5.49 20.62
C THR G 78 -10.51 -6.79 20.60
N ILE G 79 -10.13 -7.26 21.82
CA ILE G 79 -9.45 -8.57 22.00
C ILE G 79 -10.16 -9.61 21.07
N MET G 80 -11.48 -9.74 21.21
CA MET G 80 -12.28 -10.74 20.49
C MET G 80 -12.23 -10.61 18.95
N ARG G 81 -12.10 -9.39 18.45
CA ARG G 81 -11.99 -9.21 17.02
C ARG G 81 -10.56 -9.53 16.56
N LEU G 82 -9.55 -9.22 17.37
CA LEU G 82 -8.15 -9.51 16.96
C LEU G 82 -7.80 -10.99 17.12
N GLN G 83 -8.70 -11.67 17.81
CA GLN G 83 -8.60 -13.11 17.90
C GLN G 83 -9.14 -13.81 16.65
N LYS G 84 -10.24 -13.35 16.05
CA LYS G 84 -10.75 -14.00 14.82
C LYS G 84 -9.63 -14.00 13.71
N LEU G 85 -8.97 -12.83 13.62
CA LEU G 85 -7.92 -12.46 12.64
C LEU G 85 -6.57 -13.20 12.95
N ALA G 86 -6.29 -13.41 14.24
CA ALA G 86 -5.09 -14.10 14.60
C ALA G 86 -5.21 -15.49 14.06
N LYS G 87 -6.42 -16.01 14.12
CA LYS G 87 -6.78 -17.43 13.87
C LYS G 87 -6.77 -17.79 12.38
N GLU G 88 -7.48 -16.95 11.64
CA GLU G 88 -7.55 -17.00 10.21
C GLU G 88 -6.17 -16.94 9.51
N LEU G 89 -5.29 -16.00 9.92
CA LEU G 89 -3.94 -15.77 9.26
C LEU G 89 -2.89 -16.73 9.79
N GLY G 90 -3.04 -17.06 11.08
CA GLY G 90 -2.13 -17.93 11.81
C GLY G 90 -0.97 -17.08 12.28
N VAL G 91 -1.33 -15.95 12.87
CA VAL G 91 -0.33 -15.08 13.47
C VAL G 91 -0.67 -14.74 14.93
N VAL G 92 0.43 -14.64 15.71
CA VAL G 92 0.46 -14.28 17.14
C VAL G 92 0.36 -12.72 17.25
N ILE G 93 -0.51 -12.21 18.12
CA ILE G 93 -0.80 -10.76 18.17
C ILE G 93 -1.00 -10.33 19.61
N PRO G 94 0.00 -9.69 20.25
CA PRO G 94 -0.20 -8.90 21.49
C PRO G 94 -1.05 -7.59 21.39
N VAL G 95 -1.99 -7.51 22.36
CA VAL G 95 -3.11 -6.51 22.39
C VAL G 95 -3.19 -5.62 23.66
N SER G 96 -2.63 -4.43 23.51
CA SER G 96 -2.71 -3.32 24.47
C SER G 96 -4.15 -2.79 24.72
N PHE G 97 -4.50 -2.56 25.99
CA PHE G 97 -5.80 -2.07 26.29
C PHE G 97 -5.77 -1.59 27.73
N PHE G 98 -6.73 -0.72 28.00
CA PHE G 98 -6.90 -0.11 29.27
C PHE G 98 -7.81 -1.04 30.08
N GLU G 99 -7.29 -1.68 31.14
CA GLU G 99 -8.02 -2.74 31.83
C GLU G 99 -8.79 -2.23 33.07
N GLU G 100 -10.05 -2.62 33.18
CA GLU G 100 -10.82 -2.41 34.42
C GLU G 100 -10.86 -3.73 35.21
N ALA G 101 -10.58 -3.70 36.50
CA ALA G 101 -10.75 -4.92 37.28
C ALA G 101 -11.29 -4.64 38.67
N ASN G 102 -12.60 -4.71 38.83
CA ASN G 102 -13.29 -4.19 40.01
C ASN G 102 -12.96 -2.69 40.18
N ASN G 103 -12.28 -2.32 41.27
CA ASN G 103 -11.86 -0.89 41.41
C ASN G 103 -10.41 -0.57 40.98
N ALA G 104 -9.64 -1.62 40.74
CA ALA G 104 -8.29 -1.51 40.16
C ALA G 104 -8.33 -1.18 38.67
N HIS G 105 -7.24 -0.64 38.17
CA HIS G 105 -7.10 -0.26 36.75
C HIS G 105 -5.70 -0.53 36.30
N TYR G 106 -5.51 -1.03 35.08
CA TYR G 106 -4.13 -1.30 34.66
C TYR G 106 -3.92 -0.94 33.19
N ASN G 107 -2.65 -0.61 32.84
CA ASN G 107 -2.20 -0.57 31.43
C ASN G 107 -1.78 -2.01 31.05
N SER G 108 -2.55 -2.69 30.20
CA SER G 108 -2.37 -4.15 30.12
C SER G 108 -2.25 -4.72 28.69
N ILE G 109 -1.62 -5.90 28.60
CA ILE G 109 -1.51 -6.58 27.35
C ILE G 109 -1.96 -8.06 27.39
N ALA G 110 -2.73 -8.43 26.36
CA ALA G 110 -3.15 -9.83 26.15
C ALA G 110 -2.45 -10.56 24.92
N ILE G 111 -1.80 -11.72 25.15
CA ILE G 111 -1.09 -12.44 24.11
C ILE G 111 -2.04 -13.45 23.43
N ILE G 112 -2.42 -13.17 22.15
CA ILE G 112 -3.25 -14.09 21.30
C ILE G 112 -2.39 -14.98 20.37
N ASP G 113 -2.50 -16.29 20.55
CA ASP G 113 -1.77 -17.28 19.78
C ASP G 113 -2.40 -17.40 18.36
N ALA G 114 -1.76 -18.24 17.52
CA ALA G 114 -2.08 -18.38 16.10
C ALA G 114 -3.35 -19.19 15.84
N ASP G 115 -3.83 -19.89 16.85
CA ASP G 115 -5.15 -20.49 16.74
C ASP G 115 -6.24 -19.61 17.40
N GLY G 116 -5.99 -18.29 17.55
CA GLY G 116 -6.93 -17.37 18.23
C GLY G 116 -6.92 -17.43 19.78
N THR G 117 -6.50 -18.57 20.32
CA THR G 117 -6.27 -18.77 21.76
C THR G 117 -5.70 -17.54 22.52
N ASP G 118 -6.46 -17.04 23.51
CA ASP G 118 -6.02 -15.97 24.44
C ASP G 118 -5.24 -16.62 25.62
N LEU G 119 -3.93 -16.31 25.72
CA LEU G 119 -2.97 -17.05 26.53
C LEU G 119 -2.70 -16.40 27.89
N GLY G 120 -3.22 -15.20 28.07
CA GLY G 120 -3.05 -14.51 29.34
C GLY G 120 -2.56 -13.08 29.22
N ILE G 121 -2.67 -12.39 30.34
CA ILE G 121 -2.33 -10.98 30.34
C ILE G 121 -1.06 -10.71 31.13
N TYR G 122 -0.37 -9.66 30.67
CA TYR G 122 0.63 -8.93 31.45
C TYR G 122 0.16 -7.47 31.74
N ARG G 123 0.48 -7.05 32.96
CA ARG G 123 0.06 -5.76 33.48
C ARG G 123 1.25 -4.84 33.68
N LYS G 124 1.33 -3.79 32.85
CA LYS G 124 2.39 -2.77 33.00
C LYS G 124 2.84 -2.61 34.46
N SER G 125 4.13 -2.84 34.71
CA SER G 125 4.77 -2.78 36.06
C SER G 125 5.28 -1.35 36.41
N HIS G 126 6.02 -0.73 35.46
CA HIS G 126 6.62 0.58 35.66
C HIS G 126 5.71 1.61 34.99
N ILE G 127 5.30 2.62 35.76
CA ILE G 127 4.29 3.59 35.37
C ILE G 127 4.93 4.96 35.26
N PRO G 128 4.99 5.53 34.03
CA PRO G 128 5.59 6.87 33.91
C PRO G 128 4.79 7.98 34.64
N ASP G 129 5.44 9.13 34.87
CA ASP G 129 4.80 10.35 35.41
C ASP G 129 5.56 11.62 35.00
N GLY G 130 4.78 12.68 34.82
CA GLY G 130 5.31 13.94 34.41
C GLY G 130 4.46 14.48 33.27
N PRO G 131 4.69 15.77 32.90
CA PRO G 131 3.82 16.49 31.97
C PRO G 131 3.74 15.72 30.63
N GLY G 132 2.52 15.52 30.12
CA GLY G 132 2.30 14.78 28.87
C GLY G 132 2.11 13.28 29.09
N TYR G 133 2.60 12.75 30.22
CA TYR G 133 2.63 11.30 30.45
C TYR G 133 2.18 10.91 31.88
N GLU G 134 0.97 11.37 32.23
CA GLU G 134 0.43 11.35 33.61
C GLU G 134 -0.15 10.01 33.89
N GLU G 135 0.63 8.99 33.59
CA GLU G 135 0.12 7.64 33.67
C GLU G 135 -0.11 7.12 35.13
N LYS G 136 0.53 7.74 36.13
CA LYS G 136 0.41 7.32 37.58
C LYS G 136 -0.96 7.70 38.19
N PHE G 137 -1.62 8.66 37.53
CA PHE G 137 -3.02 9.02 37.76
C PHE G 137 -3.99 7.87 37.36
N TYR G 138 -3.69 7.14 36.28
CA TYR G 138 -4.62 6.15 35.69
C TYR G 138 -4.40 4.74 36.19
N PHE G 139 -3.14 4.30 36.17
CA PHE G 139 -2.81 2.89 36.35
C PHE G 139 -2.26 2.47 37.74
N ASN G 140 -2.89 1.50 38.37
CA ASN G 140 -2.25 0.77 39.46
C ASN G 140 -0.93 0.21 38.91
N PRO G 141 0.15 0.24 39.72
CA PRO G 141 1.35 -0.47 39.29
C PRO G 141 0.97 -1.94 39.19
N GLY G 142 1.34 -2.57 38.06
CA GLY G 142 0.93 -3.96 37.73
C GLY G 142 1.42 -5.03 38.72
N ASP G 143 0.60 -6.06 38.90
CA ASP G 143 0.83 -7.05 39.94
C ASP G 143 1.01 -8.50 39.40
N THR G 144 1.00 -8.60 38.06
CA THR G 144 1.23 -9.87 37.35
C THR G 144 2.65 -10.41 37.55
N GLY G 145 3.60 -9.48 37.59
CA GLY G 145 4.99 -9.82 37.37
C GLY G 145 5.33 -9.85 35.88
N PHE G 146 6.60 -9.94 35.57
CA PHE G 146 7.05 -10.26 34.23
C PHE G 146 6.76 -11.69 33.79
N LYS G 147 6.44 -11.76 32.51
CA LYS G 147 5.90 -12.96 31.91
C LYS G 147 6.43 -13.31 30.51
N VAL G 148 6.51 -14.62 30.34
CA VAL G 148 6.86 -15.26 29.10
C VAL G 148 5.66 -16.13 28.73
N PHE G 149 5.17 -15.91 27.53
CA PHE G 149 4.09 -16.71 27.02
C PHE G 149 4.69 -17.70 26.00
N GLN G 150 4.45 -18.99 26.18
CA GLN G 150 4.84 -19.95 25.16
C GLN G 150 3.80 -19.90 24.01
N THR G 151 4.21 -19.46 22.81
CA THR G 151 3.25 -19.45 21.68
C THR G 151 3.64 -20.54 20.73
N LYS G 152 2.86 -20.69 19.66
CA LYS G 152 3.13 -21.74 18.70
C LYS G 152 4.50 -21.51 18.03
N TYR G 153 4.79 -20.25 17.80
CA TYR G 153 6.01 -19.90 17.11
C TYR G 153 7.24 -19.82 18.00
N ALA G 154 7.04 -19.50 19.28
CA ALA G 154 8.17 -19.23 20.19
C ALA G 154 7.75 -18.83 21.61
N LYS G 155 8.68 -19.00 22.58
CA LYS G 155 8.65 -18.32 23.91
C LYS G 155 8.88 -16.80 23.74
N ILE G 156 7.91 -15.97 24.08
CA ILE G 156 8.10 -14.54 23.81
C ILE G 156 8.03 -13.69 25.08
N GLY G 157 8.83 -12.61 25.14
CA GLY G 157 8.81 -11.68 26.28
C GLY G 157 8.09 -10.38 25.96
N VAL G 158 6.84 -10.26 26.45
CA VAL G 158 5.96 -9.04 26.29
C VAL G 158 5.88 -8.18 27.61
N ALA G 159 6.40 -6.96 27.48
CA ALA G 159 6.19 -5.90 28.45
C ALA G 159 5.64 -4.65 27.73
N ILE G 160 5.27 -3.61 28.48
CA ILE G 160 4.69 -2.38 27.87
C ILE G 160 5.46 -1.04 28.06
N SER G 161 5.72 -0.34 26.96
CA SER G 161 6.22 1.07 26.94
C SER G 161 7.38 1.39 27.91
N TRP G 162 7.10 2.25 28.89
CA TRP G 162 8.08 2.62 29.91
C TRP G 162 8.91 1.44 30.48
N ASP G 163 8.33 0.21 30.54
CA ASP G 163 9.07 -1.05 30.90
C ASP G 163 10.43 -1.19 30.14
N GLN G 164 10.46 -0.81 28.85
CA GLN G 164 11.67 -0.86 27.99
C GLN G 164 12.91 -0.15 28.56
N TRP G 165 12.72 0.73 29.56
CA TRP G 165 13.83 1.50 30.17
C TRP G 165 14.59 0.71 31.26
N PHE G 166 13.95 -0.36 31.73
CA PHE G 166 14.45 -1.14 32.89
C PHE G 166 15.12 -2.44 32.49
N PRO G 167 16.46 -2.52 32.73
CA PRO G 167 17.23 -3.76 32.48
C PRO G 167 16.71 -4.96 33.25
N GLU G 168 16.17 -4.73 34.45
CA GLU G 168 15.62 -5.83 35.28
C GLU G 168 14.47 -6.55 34.56
N ALA G 169 13.66 -5.80 33.77
CA ALA G 169 12.48 -6.38 33.11
C ALA G 169 12.87 -7.30 31.96
N ALA G 170 13.89 -6.89 31.20
CA ALA G 170 14.40 -7.68 30.08
C ALA G 170 15.14 -8.85 30.65
N ARG G 171 15.90 -8.61 31.72
CA ARG G 171 16.66 -9.69 32.31
C ARG G 171 15.76 -10.78 32.92
N ALA G 172 14.70 -10.34 33.62
CA ALA G 172 13.69 -11.23 34.19
C ALA G 172 13.01 -12.09 33.09
N MET G 173 12.65 -11.43 31.98
CA MET G 173 12.01 -12.14 30.89
C MET G 173 12.95 -13.19 30.33
N ALA G 174 14.23 -12.85 30.14
CA ALA G 174 15.24 -13.82 29.62
C ALA G 174 15.66 -14.95 30.64
N LEU G 175 15.54 -14.75 31.95
CA LEU G 175 15.74 -15.87 32.90
C LEU G 175 14.63 -16.96 32.79
N GLN G 176 13.46 -16.50 32.34
CA GLN G 176 12.23 -17.32 32.19
C GLN G 176 12.03 -17.96 30.77
N GLY G 177 13.10 -17.99 29.95
CA GLY G 177 13.06 -18.69 28.65
C GLY G 177 12.81 -17.84 27.40
N ALA G 178 12.48 -16.56 27.60
CA ALA G 178 12.25 -15.60 26.51
C ALA G 178 13.29 -15.77 25.41
N GLU G 179 12.81 -15.92 24.17
CA GLU G 179 13.67 -16.01 22.97
C GLU G 179 13.55 -14.73 22.22
N ILE G 180 12.43 -14.07 22.39
CA ILE G 180 12.24 -12.74 21.87
C ILE G 180 11.59 -11.85 22.91
N LEU G 181 11.98 -10.58 22.84
CA LEU G 181 11.37 -9.54 23.67
C LEU G 181 10.53 -8.66 22.80
N PHE G 182 9.41 -8.20 23.35
CA PHE G 182 8.51 -7.33 22.64
C PHE G 182 8.09 -6.13 23.52
N TYR G 183 8.05 -4.92 22.93
CA TYR G 183 7.68 -3.68 23.66
C TYR G 183 6.76 -2.76 22.87
N PRO G 184 5.44 -2.83 23.11
CA PRO G 184 4.55 -1.80 22.51
C PRO G 184 4.63 -0.48 23.29
N THR G 185 4.62 0.63 22.58
CA THR G 185 5.12 1.89 23.06
C THR G 185 4.33 3.11 22.49
N ALA G 186 4.28 4.16 23.29
CA ALA G 186 3.84 5.45 22.80
C ALA G 186 4.67 6.53 23.51
N ILE G 187 5.70 6.99 22.81
CA ILE G 187 6.57 8.05 23.32
C ILE G 187 6.80 9.10 22.19
N GLY G 188 7.11 10.33 22.60
CA GLY G 188 7.37 11.43 21.65
C GLY G 188 7.79 12.72 22.36
N SER G 189 7.46 13.87 21.77
CA SER G 189 7.78 15.14 22.41
C SER G 189 7.15 15.22 23.83
N GLU G 190 7.69 16.13 24.66
CA GLU G 190 7.14 16.48 25.96
C GLU G 190 6.47 17.85 25.79
N PRO G 191 5.28 18.07 26.39
CA PRO G 191 4.57 19.36 26.19
C PRO G 191 5.11 20.55 26.99
N HIS G 192 5.91 20.24 28.03
CA HIS G 192 6.51 21.26 28.91
C HIS G 192 7.88 21.83 28.51
N ASP G 193 8.55 21.25 27.50
CA ASP G 193 10.00 21.49 27.25
C ASP G 193 10.46 20.90 25.89
N GLN G 194 10.34 21.72 24.83
CA GLN G 194 10.53 21.20 23.47
C GLN G 194 11.99 20.91 23.11
N SER G 195 12.90 21.36 24.00
CA SER G 195 14.34 20.99 23.99
C SER G 195 14.62 19.48 24.18
N ILE G 196 13.77 18.81 24.97
CA ILE G 196 13.96 17.38 25.32
C ILE G 196 13.67 16.41 24.14
N ASP G 197 14.72 15.87 23.53
CA ASP G 197 14.61 14.91 22.42
C ASP G 197 15.04 13.52 22.91
N SER G 198 14.09 12.57 23.07
CA SER G 198 14.35 11.26 23.77
C SER G 198 14.55 10.01 22.88
N ARG G 199 14.53 10.18 21.57
CA ARG G 199 14.49 9.06 20.61
C ARG G 199 15.79 8.24 20.49
N ASP G 200 16.94 8.91 20.49
CA ASP G 200 18.23 8.22 20.45
C ASP G 200 18.50 7.45 21.81
N HIS G 201 18.20 8.12 22.92
CA HIS G 201 18.40 7.64 24.30
C HIS G 201 17.55 6.37 24.56
N TRP G 202 16.30 6.46 24.09
CA TRP G 202 15.29 5.37 24.12
C TRP G 202 15.77 4.13 23.30
N LYS G 203 16.14 4.37 22.02
CA LYS G 203 16.69 3.32 21.16
C LYS G 203 17.90 2.61 21.82
N ARG G 204 18.80 3.40 22.43
CA ARG G 204 20.07 2.90 22.99
C ARG G 204 19.90 2.05 24.25
N VAL G 205 19.03 2.45 25.16
CA VAL G 205 18.80 1.66 26.37
C VAL G 205 18.31 0.25 26.03
N MET G 206 17.43 0.18 25.04
CA MET G 206 16.82 -1.08 24.62
C MET G 206 17.84 -1.98 23.89
N GLN G 207 18.72 -1.35 23.10
CA GLN G 207 19.84 -2.01 22.40
C GLN G 207 20.81 -2.64 23.40
N GLY G 208 20.96 -1.99 24.55
CA GLY G 208 21.81 -2.49 25.64
C GLY G 208 21.29 -3.73 26.36
N HIS G 209 19.96 -3.90 26.35
CA HIS G 209 19.32 -5.12 26.84
C HIS G 209 19.55 -6.27 25.86
N ALA G 210 19.16 -6.07 24.60
CA ALA G 210 19.38 -7.07 23.57
C ALA G 210 20.81 -7.62 23.71
N GLY G 211 21.78 -6.71 23.76
CA GLY G 211 23.20 -7.10 23.80
C GLY G 211 23.49 -7.95 25.02
N ALA G 212 23.02 -7.45 26.16
CA ALA G 212 23.23 -8.09 27.46
C ALA G 212 22.60 -9.48 27.64
N ASN G 213 21.47 -9.73 26.97
CA ASN G 213 20.74 -10.99 27.10
C ASN G 213 20.90 -11.96 25.87
N LEU G 214 21.50 -11.44 24.81
CA LEU G 214 21.55 -12.10 23.50
C LEU G 214 20.18 -12.57 22.98
N VAL G 215 19.20 -11.66 22.95
CA VAL G 215 17.83 -11.93 22.45
C VAL G 215 17.39 -10.81 21.52
N PRO G 216 16.74 -11.13 20.39
CA PRO G 216 16.28 -10.01 19.56
C PRO G 216 15.24 -9.19 20.30
N LEU G 217 14.99 -7.99 19.78
CA LEU G 217 14.11 -7.04 20.43
C LEU G 217 13.20 -6.31 19.41
N VAL G 218 11.94 -6.08 19.81
CA VAL G 218 10.96 -5.38 18.97
C VAL G 218 10.22 -4.29 19.74
N ALA G 219 10.34 -3.07 19.21
CA ALA G 219 9.70 -1.86 19.75
C ALA G 219 8.78 -1.22 18.69
N SER G 220 7.47 -1.21 18.93
CA SER G 220 6.51 -0.61 18.02
C SER G 220 6.13 0.71 18.66
N ASN G 221 5.88 1.73 17.84
CA ASN G 221 5.59 3.07 18.34
C ASN G 221 4.68 3.87 17.37
N ARG G 222 3.93 4.75 18.02
CA ARG G 222 3.02 5.71 17.46
C ARG G 222 3.75 6.86 16.72
N ILE G 223 3.14 7.31 15.63
CA ILE G 223 3.48 8.56 14.99
C ILE G 223 2.27 9.45 15.00
N GLY G 224 2.34 10.60 14.33
CA GLY G 224 1.20 11.50 14.21
C GLY G 224 1.18 12.49 15.37
N ASN G 225 0.50 13.62 15.15
CA ASN G 225 0.32 14.62 16.19
C ASN G 225 -0.97 14.39 16.93
N GLU G 226 -0.99 14.80 18.21
CA GLU G 226 -2.13 14.61 19.12
C GLU G 226 -2.32 15.77 20.13
N ILE G 227 -3.45 16.50 19.97
CA ILE G 227 -3.91 17.49 20.95
C ILE G 227 -5.00 16.84 21.86
N ILE G 228 -4.83 16.99 23.17
CA ILE G 228 -5.81 16.51 24.20
C ILE G 228 -6.34 17.73 24.96
N GLU G 229 -7.65 17.78 25.20
CA GLU G 229 -8.22 18.83 26.06
C GLU G 229 -8.02 18.35 27.49
N THR G 230 -7.17 19.06 28.24
CA THR G 230 -6.91 18.70 29.64
C THR G 230 -7.78 19.54 30.60
N GLU G 231 -7.60 19.28 31.91
CA GLU G 231 -8.05 20.12 33.04
C GLU G 231 -7.42 21.54 33.11
N HIS G 232 -6.48 21.86 32.22
CA HIS G 232 -5.69 23.11 32.26
C HIS G 232 -5.47 23.73 30.89
N GLY G 233 -6.11 23.19 29.85
CA GLY G 233 -5.94 23.70 28.47
C GLY G 233 -5.50 22.64 27.46
N LYS G 234 -5.32 23.07 26.20
CA LYS G 234 -4.82 22.20 25.11
C LYS G 234 -3.50 21.60 25.52
N SER G 235 -3.20 20.41 25.00
CA SER G 235 -1.89 19.82 25.24
C SER G 235 -1.52 18.96 24.03
N GLU G 236 -0.27 19.14 23.57
CA GLU G 236 0.21 18.55 22.31
C GLU G 236 1.54 17.75 22.43
N ILE G 237 1.43 16.46 22.06
CA ILE G 237 2.61 15.65 21.80
C ILE G 237 2.74 15.36 20.31
N LYS G 238 3.97 15.45 19.78
CA LYS G 238 4.30 14.82 18.47
C LYS G 238 5.04 13.46 18.68
N PHE G 239 4.31 12.35 18.47
CA PHE G 239 4.83 10.99 18.64
C PHE G 239 5.78 10.65 17.48
N TYR G 240 7.02 10.31 17.83
CA TYR G 240 8.20 10.26 16.89
C TYR G 240 8.57 8.90 16.25
N GLY G 241 7.71 7.91 16.39
CA GLY G 241 7.97 6.61 15.81
C GLY G 241 9.36 6.10 16.13
N ASN G 242 10.09 5.72 15.08
CA ASN G 242 11.34 4.98 15.20
C ASN G 242 11.11 3.55 15.74
N SER G 243 9.92 3.00 15.45
CA SER G 243 9.64 1.56 15.53
C SER G 243 10.79 0.81 14.85
N PHE G 244 11.40 -0.13 15.58
CA PHE G 244 12.64 -0.74 15.16
C PHE G 244 12.74 -2.18 15.63
N ILE G 245 13.39 -3.00 14.81
CA ILE G 245 13.70 -4.35 15.21
C ILE G 245 15.21 -4.39 15.44
N ALA G 246 15.61 -4.84 16.62
CA ALA G 246 17.03 -5.08 16.91
C ALA G 246 17.31 -6.61 17.07
N GLY G 247 18.50 -7.02 16.60
CA GLY G 247 18.98 -8.40 16.72
C GLY G 247 19.62 -8.66 18.08
N PRO G 248 20.27 -9.85 18.25
CA PRO G 248 20.68 -10.28 19.62
C PRO G 248 22.00 -9.64 20.09
N THR G 249 22.72 -8.97 19.18
CA THR G 249 23.91 -8.19 19.54
C THR G 249 23.51 -6.75 19.85
N GLY G 250 22.24 -6.41 19.59
CA GLY G 250 21.73 -5.02 19.73
C GLY G 250 21.65 -4.21 18.41
N GLU G 251 22.29 -4.71 17.34
CA GLU G 251 22.29 -4.01 16.07
C GLU G 251 20.88 -3.88 15.57
N ILE G 252 20.49 -2.69 15.11
CA ILE G 252 19.20 -2.50 14.46
C ILE G 252 19.29 -3.01 13.01
N VAL G 253 18.30 -3.81 12.61
CA VAL G 253 18.25 -4.55 11.33
C VAL G 253 17.11 -4.00 10.42
N SER G 254 16.06 -3.46 11.07
CA SER G 254 15.00 -2.69 10.40
C SER G 254 14.53 -1.59 11.34
N ILE G 255 14.49 -0.37 10.81
CA ILE G 255 14.11 0.83 11.57
C ILE G 255 13.21 1.75 10.72
N ALA G 256 12.08 2.14 11.30
CA ALA G 256 11.13 3.06 10.63
C ALA G 256 11.51 4.51 10.86
N ASP G 257 10.88 5.41 10.12
CA ASP G 257 11.11 6.85 10.35
C ASP G 257 10.18 7.43 11.43
N ASP G 258 10.32 8.74 11.69
CA ASP G 258 9.54 9.43 12.74
C ASP G 258 8.18 10.00 12.27
N LYS G 259 7.85 9.75 11.00
CA LYS G 259 6.76 10.45 10.33
C LYS G 259 5.76 9.53 9.57
N GLU G 260 6.24 8.48 8.87
CA GLU G 260 5.33 7.65 8.02
C GLU G 260 4.98 6.25 8.60
N GLU G 261 3.78 5.80 8.21
CA GLU G 261 3.25 4.47 8.47
C GLU G 261 4.18 3.37 7.92
N ALA G 262 4.49 2.40 8.80
CA ALA G 262 5.53 1.40 8.52
C ALA G 262 5.19 -0.02 8.98
N VAL G 263 5.57 -0.99 8.13
CA VAL G 263 5.47 -2.45 8.42
C VAL G 263 6.88 -3.14 8.42
N LEU G 264 7.50 -3.32 9.60
CA LEU G 264 8.88 -3.83 9.73
C LEU G 264 8.91 -5.34 9.80
N ILE G 265 10.01 -5.90 9.31
CA ILE G 265 10.20 -7.36 9.22
C ILE G 265 11.65 -7.80 9.45
N ALA G 266 11.87 -8.72 10.38
CA ALA G 266 13.16 -9.43 10.47
C ALA G 266 12.97 -10.95 10.72
N GLU G 267 13.56 -11.81 9.89
CA GLU G 267 13.58 -13.26 10.08
C GLU G 267 14.75 -13.50 11.03
N PHE G 268 14.56 -14.45 11.96
CA PHE G 268 15.58 -14.89 12.93
C PHE G 268 15.62 -16.41 13.05
N ASN G 269 16.82 -16.97 12.97
CA ASN G 269 16.96 -18.39 13.21
C ASN G 269 17.12 -18.74 14.74
N LEU G 270 16.00 -18.88 15.45
CA LEU G 270 16.02 -18.87 16.94
C LEU G 270 16.76 -20.02 17.64
N ASP G 271 16.75 -21.22 17.04
CA ASP G 271 17.53 -22.36 17.56
C ASP G 271 19.03 -22.05 17.44
N LYS G 272 19.37 -21.26 16.41
CA LYS G 272 20.75 -20.83 16.19
C LYS G 272 21.13 -19.76 17.20
N ILE G 273 20.18 -18.87 17.56
CA ILE G 273 20.39 -17.81 18.57
C ILE G 273 20.41 -18.36 20.02
N LYS G 274 19.68 -19.44 20.32
CA LYS G 274 19.88 -20.14 21.61
C LYS G 274 21.28 -20.76 21.73
N SER G 275 21.87 -21.22 20.61
CA SER G 275 23.28 -21.68 20.60
C SER G 275 24.29 -20.54 20.82
N MET G 276 24.17 -19.45 20.05
CA MET G 276 25.03 -18.26 20.26
C MET G 276 25.00 -17.89 21.77
N ARG G 277 23.79 -17.78 22.33
CA ARG G 277 23.58 -17.39 23.74
C ARG G 277 24.13 -18.42 24.77
N HIS G 278 23.61 -19.63 24.76
CA HIS G 278 24.08 -20.71 25.65
C HIS G 278 25.63 -20.85 25.63
N CYS G 279 26.23 -20.60 24.47
CA CYS G 279 27.70 -20.76 24.24
C CYS G 279 28.54 -19.55 24.68
N TRP G 280 27.91 -18.38 24.73
CA TRP G 280 28.55 -17.13 25.16
C TRP G 280 28.79 -17.07 26.70
N GLY G 281 28.03 -17.88 27.43
CA GLY G 281 28.35 -18.19 28.81
C GLY G 281 27.77 -17.28 29.87
N VAL G 282 27.15 -16.16 29.47
CA VAL G 282 26.84 -15.07 30.42
C VAL G 282 25.74 -15.37 31.44
N PHE G 283 24.80 -16.25 31.10
CA PHE G 283 23.77 -16.64 32.07
C PHE G 283 24.34 -17.50 33.21
N ARG G 284 25.16 -18.50 32.88
CA ARG G 284 25.84 -19.30 33.91
C ARG G 284 26.92 -18.49 34.69
N ASP G 285 27.50 -17.48 34.03
CA ASP G 285 28.47 -16.59 34.67
C ASP G 285 27.84 -15.65 35.73
N ARG G 286 26.52 -15.48 35.71
CA ARG G 286 25.87 -14.51 36.62
C ARG G 286 26.11 -14.79 38.11
N ARG G 287 25.98 -13.73 38.91
CA ARG G 287 26.30 -13.77 40.33
C ARG G 287 25.15 -13.21 41.19
N PRO G 288 24.01 -13.93 41.22
CA PRO G 288 22.83 -13.62 42.06
C PRO G 288 23.07 -13.56 43.58
N ASP G 289 24.18 -14.13 44.06
CA ASP G 289 24.51 -13.97 45.48
C ASP G 289 24.89 -12.52 45.75
N LEU G 290 25.32 -11.77 44.71
CA LEU G 290 25.78 -10.36 44.79
C LEU G 290 24.76 -9.28 44.35
N TYR G 291 23.56 -9.68 43.97
CA TYR G 291 22.58 -8.75 43.41
C TYR G 291 21.41 -8.35 44.34
N LYS G 292 21.47 -8.71 45.63
CA LYS G 292 20.46 -8.30 46.65
C LYS G 292 20.05 -6.81 46.63
N VAL G 293 21.03 -5.95 46.35
CA VAL G 293 20.85 -4.50 46.24
C VAL G 293 19.82 -4.09 45.17
N LEU G 294 19.57 -4.97 44.19
CA LEU G 294 18.54 -4.71 43.17
C LEU G 294 17.12 -4.84 43.72
N LEU G 295 17.00 -5.46 44.90
CA LEU G 295 15.74 -5.51 45.64
C LEU G 295 15.54 -4.37 46.62
N THR G 296 16.42 -3.36 46.63
CA THR G 296 16.19 -2.11 47.39
C THR G 296 15.82 -0.97 46.43
N LEU G 297 15.31 0.12 46.96
CA LEU G 297 15.10 1.35 46.14
C LEU G 297 16.23 2.40 46.33
N ASP G 298 16.68 2.49 47.59
CA ASP G 298 17.63 3.50 48.09
C ASP G 298 19.10 3.07 48.15
N GLY G 299 19.36 1.83 47.74
CA GLY G 299 20.69 1.27 47.75
C GLY G 299 21.08 0.54 49.04
N LYS G 300 20.27 0.57 50.10
CA LYS G 300 20.59 -0.33 51.25
C LYS G 300 19.43 -1.10 51.97
N ASN G 301 18.19 -0.58 51.91
CA ASN G 301 17.03 -1.22 52.59
C ASN G 301 16.20 -2.13 51.68
N PRO G 302 16.21 -3.47 51.92
CA PRO G 302 15.29 -4.28 51.10
C PRO G 302 13.83 -3.85 51.32
N VAL G 303 13.06 -3.80 50.22
CA VAL G 303 11.63 -3.51 50.27
C VAL G 303 10.92 -4.68 50.92
N LEU G 304 9.78 -4.39 51.56
CA LEU G 304 8.96 -5.45 52.16
C LEU G 304 8.17 -6.26 51.06
N LYS H 8 27.25 26.99 37.06
CA LYS H 8 26.50 26.37 38.19
C LYS H 8 26.71 24.84 38.17
N GLY H 9 26.96 24.24 39.34
CA GLY H 9 27.04 22.78 39.49
C GLY H 9 28.44 22.20 39.46
N ARG H 10 28.74 21.26 40.36
CA ARG H 10 30.04 20.56 40.38
C ARG H 10 30.49 20.14 38.99
N LYS H 11 31.67 20.64 38.58
CA LYS H 11 32.29 20.28 37.30
C LYS H 11 33.35 19.20 37.52
N VAL H 12 33.40 18.19 36.66
CA VAL H 12 34.38 17.12 36.80
C VAL H 12 34.75 16.58 35.42
N VAL H 13 36.02 16.69 35.08
CA VAL H 13 36.55 16.13 33.83
C VAL H 13 37.06 14.69 34.07
N VAL H 14 36.65 13.74 33.22
CA VAL H 14 37.15 12.35 33.25
C VAL H 14 37.99 12.00 32.00
N SER H 15 38.57 10.80 31.97
CA SER H 15 39.50 10.44 30.89
C SER H 15 39.71 8.93 30.79
N ALA H 16 39.61 8.41 29.56
CA ALA H 16 39.99 7.03 29.24
C ALA H 16 41.33 7.09 28.54
N LEU H 17 42.24 6.20 28.96
CA LEU H 17 43.52 6.03 28.28
C LEU H 17 43.49 4.76 27.41
N GLN H 18 44.38 4.70 26.42
CA GLN H 18 44.52 3.53 25.55
C GLN H 18 45.97 3.37 25.19
N PHE H 19 46.57 2.23 25.50
CA PHE H 19 47.93 1.96 25.04
C PHE H 19 48.21 0.48 24.82
N ALA H 20 49.45 0.17 24.45
CA ALA H 20 49.95 -1.21 24.40
C ALA H 20 51.19 -1.38 25.30
N CYS H 21 51.50 -2.65 25.56
CA CYS H 21 52.55 -3.02 26.48
C CYS H 21 53.26 -4.29 26.01
N THR H 22 54.41 -4.59 26.60
CA THR H 22 55.08 -5.86 26.39
C THR H 22 54.96 -6.48 27.81
N ASP H 23 55.84 -7.41 28.22
CA ASP H 23 55.67 -8.25 29.47
C ASP H 23 56.67 -7.86 30.60
N ASP H 24 56.65 -6.59 31.02
CA ASP H 24 57.73 -5.96 31.85
C ASP H 24 57.16 -4.92 32.88
N VAL H 25 57.57 -4.97 34.15
CA VAL H 25 56.84 -4.18 35.20
C VAL H 25 57.13 -2.66 35.17
N SER H 26 58.34 -2.26 34.78
CA SER H 26 58.71 -0.82 34.72
C SER H 26 58.14 -0.05 33.50
N THR H 27 58.61 -0.34 32.29
CA THR H 27 58.21 0.40 31.04
C THR H 27 56.73 0.80 31.01
N ASN H 28 55.86 -0.21 31.05
CA ASN H 28 54.42 0.03 31.01
C ASN H 28 53.96 0.89 32.18
N VAL H 29 54.57 0.77 33.37
CA VAL H 29 54.15 1.61 34.51
C VAL H 29 54.53 3.08 34.27
N THR H 30 55.65 3.31 33.55
CA THR H 30 56.06 4.64 33.00
C THR H 30 55.17 5.04 31.80
N THR H 31 55.00 4.12 30.85
CA THR H 31 54.13 4.34 29.68
C THR H 31 52.62 4.35 30.12
N ALA H 32 52.39 4.29 31.45
CA ALA H 32 51.08 4.54 32.12
C ALA H 32 51.15 5.73 33.09
N GLU H 33 52.35 6.03 33.61
CA GLU H 33 52.60 7.29 34.33
C GLU H 33 52.66 8.46 33.33
N ARG H 34 52.99 8.18 32.07
CA ARG H 34 53.19 9.23 31.04
C ARG H 34 51.87 9.74 30.45
N LEU H 35 50.96 8.83 30.11
CA LEU H 35 49.63 9.23 29.60
C LEU H 35 48.72 9.82 30.71
N VAL H 36 49.00 9.46 31.97
CA VAL H 36 48.35 10.07 33.14
C VAL H 36 48.83 11.54 33.33
N ARG H 37 50.15 11.73 33.37
CA ARG H 37 50.69 13.07 33.47
C ARG H 37 50.12 13.95 32.36
N ALA H 38 50.06 13.41 31.15
CA ALA H 38 49.47 14.11 30.01
C ALA H 38 47.95 14.36 30.17
N ALA H 39 47.19 13.34 30.56
CA ALA H 39 45.74 13.50 30.84
C ALA H 39 45.42 14.65 31.81
N HIS H 40 46.28 14.86 32.81
CA HIS H 40 46.16 16.00 33.75
C HIS H 40 46.29 17.38 33.03
N LYS H 41 47.32 17.51 32.19
CA LYS H 41 47.56 18.74 31.41
C LYS H 41 46.31 19.26 30.65
N GLN H 42 45.39 18.37 30.29
CA GLN H 42 44.11 18.72 29.64
C GLN H 42 42.94 18.83 30.65
N GLY H 43 43.28 19.08 31.91
CA GLY H 43 42.28 19.44 32.94
C GLY H 43 41.53 18.25 33.50
N ALA H 44 42.17 17.08 33.47
CA ALA H 44 41.50 15.84 33.88
C ALA H 44 41.51 15.65 35.39
N ASN H 45 40.39 15.15 35.91
CA ASN H 45 40.21 14.91 37.36
C ASN H 45 40.23 13.41 37.71
N ILE H 46 39.76 12.56 36.81
CA ILE H 46 39.79 11.12 37.00
C ILE H 46 40.24 10.42 35.71
N VAL H 47 41.43 9.79 35.76
CA VAL H 47 41.96 9.04 34.64
C VAL H 47 41.90 7.54 34.92
N LEU H 48 41.12 6.83 34.11
CA LEU H 48 41.07 5.38 34.25
C LEU H 48 42.24 4.84 33.46
N ILE H 49 42.92 3.84 34.01
CA ILE H 49 43.83 3.07 33.20
C ILE H 49 43.32 1.65 33.04
N GLN H 50 43.78 1.06 31.94
CA GLN H 50 43.35 -0.24 31.44
C GLN H 50 43.79 -1.42 32.34
N GLU H 51 43.17 -2.58 32.07
CA GLU H 51 43.31 -3.77 32.90
C GLU H 51 44.61 -4.57 32.69
N LEU H 52 45.22 -4.97 33.83
CA LEU H 52 46.55 -5.62 33.92
C LEU H 52 47.59 -4.98 33.04
N PHE H 53 47.64 -3.64 33.09
CA PHE H 53 48.46 -2.80 32.21
C PHE H 53 49.97 -2.91 32.44
N GLU H 54 50.41 -3.95 33.15
CA GLU H 54 51.84 -4.17 33.45
C GLU H 54 52.49 -5.20 32.55
N GLY H 55 51.79 -6.30 32.28
CA GLY H 55 52.27 -7.33 31.34
C GLY H 55 51.18 -7.71 30.36
N TYR H 56 51.51 -8.46 29.30
CA TYR H 56 50.49 -8.83 28.31
C TYR H 56 49.29 -9.54 29.00
N TYR H 57 48.22 -9.67 28.22
CA TYR H 57 46.97 -10.28 28.68
C TYR H 57 47.14 -11.81 28.47
N PHE H 58 47.13 -12.52 29.60
CA PHE H 58 47.54 -13.92 29.69
C PHE H 58 46.47 -14.82 30.32
N CYS H 59 45.37 -14.21 30.78
CA CYS H 59 44.29 -14.91 31.50
C CYS H 59 43.74 -16.13 30.75
N GLN H 60 43.65 -16.01 29.41
CA GLN H 60 43.18 -17.12 28.55
C GLN H 60 44.18 -18.30 28.45
N ALA H 61 45.48 -17.99 28.40
CA ALA H 61 46.54 -18.97 28.08
C ALA H 61 46.46 -20.34 28.81
N GLN H 62 46.05 -20.33 30.07
CA GLN H 62 46.00 -21.54 30.87
C GLN H 62 47.41 -21.96 31.27
N ARG H 63 48.32 -21.00 31.28
CA ARG H 63 49.68 -21.30 31.67
C ARG H 63 49.84 -20.94 33.12
N GLU H 64 50.11 -21.96 33.93
CA GLU H 64 50.29 -21.79 35.36
C GLU H 64 51.47 -20.85 35.49
N ASP H 65 52.25 -20.84 34.43
CA ASP H 65 53.47 -20.04 34.29
C ASP H 65 53.47 -18.63 34.95
N PHE H 66 52.33 -17.94 34.92
CA PHE H 66 52.23 -16.55 35.39
C PHE H 66 51.63 -16.19 36.76
N ILE H 67 51.40 -17.17 37.61
CA ILE H 67 50.83 -16.98 38.93
C ILE H 67 51.68 -16.13 39.85
N GLN H 68 52.97 -16.08 39.57
CA GLN H 68 53.95 -15.36 40.37
C GLN H 68 53.79 -13.83 40.53
N ARG H 69 53.42 -13.12 39.48
CA ARG H 69 53.27 -11.65 39.55
C ARG H 69 52.46 -11.25 40.77
N ALA H 70 51.41 -12.00 41.06
CA ALA H 70 50.48 -11.56 42.07
C ALA H 70 51.13 -11.12 43.40
N LYS H 71 51.03 -9.82 43.75
CA LYS H 71 51.43 -9.28 45.09
C LYS H 71 50.16 -8.98 45.94
N PRO H 72 50.33 -8.70 47.24
CA PRO H 72 49.21 -8.32 48.15
C PRO H 72 48.49 -6.98 47.86
N TYR H 73 47.47 -6.68 48.66
CA TYR H 73 46.81 -5.34 48.72
C TYR H 73 47.77 -4.31 49.38
N LYS H 74 48.34 -4.70 50.53
CA LYS H 74 49.12 -3.79 51.39
C LYS H 74 50.58 -3.72 50.94
N ASP H 75 51.18 -2.56 51.17
CA ASP H 75 52.59 -2.26 50.82
C ASP H 75 52.94 -2.62 49.35
N HIS H 76 51.96 -2.57 48.46
CA HIS H 76 52.16 -2.84 47.04
C HIS H 76 53.04 -1.76 46.37
N PRO H 77 54.23 -2.13 45.83
CA PRO H 77 55.09 -1.09 45.24
C PRO H 77 54.41 -0.19 44.19
N THR H 78 53.58 -0.76 43.31
CA THR H 78 52.87 -0.02 42.21
C THR H 78 51.76 0.94 42.70
N ILE H 79 50.73 0.40 43.36
CA ILE H 79 49.74 1.27 44.04
C ILE H 79 50.55 2.44 44.70
N MET H 80 51.72 2.15 45.27
CA MET H 80 52.55 3.15 46.01
C MET H 80 53.16 4.31 45.20
N ARG H 81 53.86 4.03 44.09
CA ARG H 81 54.36 5.15 43.25
C ARG H 81 53.18 5.92 42.63
N LEU H 82 52.24 5.19 42.03
CA LEU H 82 50.99 5.77 41.48
C LEU H 82 50.18 6.60 42.50
N GLN H 83 50.22 6.18 43.78
CA GLN H 83 49.65 6.92 44.93
C GLN H 83 50.29 8.29 45.18
N LYS H 84 51.62 8.37 45.04
CA LYS H 84 52.35 9.63 45.11
C LYS H 84 52.01 10.49 43.90
N LEU H 85 51.79 9.84 42.75
CA LEU H 85 51.41 10.53 41.49
C LEU H 85 50.08 11.29 41.58
N ALA H 86 49.21 10.86 42.52
CA ALA H 86 47.89 11.45 42.72
C ALA H 86 47.81 12.45 43.90
N LYS H 87 48.73 12.37 44.88
CA LYS H 87 48.87 13.43 45.90
C LYS H 87 49.71 14.60 45.34
N GLU H 88 50.17 14.45 44.09
CA GLU H 88 51.03 15.43 43.43
C GLU H 88 50.37 16.12 42.22
N LEU H 89 49.32 15.52 41.64
CA LEU H 89 48.56 16.14 40.52
C LEU H 89 47.13 16.53 40.93
N GLY H 90 46.65 15.94 42.03
CA GLY H 90 45.27 16.11 42.46
C GLY H 90 44.30 15.31 41.61
N VAL H 91 44.72 14.11 41.16
CA VAL H 91 43.85 13.20 40.35
C VAL H 91 43.49 11.83 41.00
N VAL H 92 42.21 11.45 40.88
CA VAL H 92 41.74 10.11 41.26
C VAL H 92 42.18 9.10 40.17
N ILE H 93 42.70 7.95 40.57
CA ILE H 93 43.18 6.94 39.60
C ILE H 93 42.81 5.54 40.07
N PRO H 94 41.84 4.88 39.40
CA PRO H 94 41.66 3.44 39.69
C PRO H 94 42.89 2.63 39.25
N VAL H 95 43.37 1.72 40.10
CA VAL H 95 44.62 0.98 39.79
C VAL H 95 44.43 -0.55 39.62
N SER H 96 44.29 -1.00 38.36
CA SER H 96 44.07 -2.43 38.03
C SER H 96 45.33 -3.30 38.21
N PHE H 97 45.18 -4.33 39.05
CA PHE H 97 46.29 -5.19 39.43
C PHE H 97 45.82 -6.63 39.63
N PHE H 98 46.77 -7.46 40.03
CA PHE H 98 46.65 -8.91 40.09
C PHE H 98 46.90 -9.39 41.56
N GLU H 99 45.88 -9.29 42.42
CA GLU H 99 46.02 -9.47 43.90
C GLU H 99 46.39 -10.87 44.41
N GLU H 100 47.40 -10.93 45.28
CA GLU H 100 47.63 -12.09 46.13
C GLU H 100 46.98 -11.72 47.45
N ALA H 101 46.06 -12.57 47.87
CA ALA H 101 45.35 -12.44 49.13
C ALA H 101 45.94 -13.42 50.16
N ASN H 102 46.74 -14.34 49.61
CA ASN H 102 47.49 -15.40 50.29
C ASN H 102 46.69 -16.63 50.62
N ASN H 103 45.39 -16.58 50.33
CA ASN H 103 44.53 -17.71 50.54
C ASN H 103 44.10 -18.14 49.16
N ALA H 104 43.64 -17.15 48.41
CA ALA H 104 43.17 -17.32 47.05
C ALA H 104 43.58 -16.07 46.30
N HIS H 105 43.52 -16.13 44.98
CA HIS H 105 43.92 -14.92 44.17
C HIS H 105 42.69 -14.18 43.44
N TYR H 106 42.73 -12.85 43.22
CA TYR H 106 41.60 -12.12 42.57
C TYR H 106 42.04 -11.08 41.55
N ASN H 107 41.22 -10.87 40.52
CA ASN H 107 41.47 -9.82 39.49
C ASN H 107 40.90 -8.46 39.92
N SER H 108 41.78 -7.60 40.43
CA SER H 108 41.36 -6.50 41.30
C SER H 108 41.76 -5.11 40.77
N ILE H 109 41.26 -4.08 41.48
CA ILE H 109 41.46 -2.64 41.16
C ILE H 109 41.28 -1.80 42.45
N ALA H 110 42.33 -1.10 42.89
CA ALA H 110 42.26 -0.25 44.10
C ALA H 110 42.15 1.25 43.79
N ILE H 111 41.26 1.92 44.53
CA ILE H 111 40.91 3.33 44.28
C ILE H 111 41.89 4.26 44.99
N ILE H 112 42.45 5.18 44.21
CA ILE H 112 43.36 6.21 44.73
C ILE H 112 42.72 7.59 44.64
N ASP H 113 42.70 8.28 45.78
CA ASP H 113 42.07 9.59 45.91
C ASP H 113 43.07 10.70 45.58
N ALA H 114 42.56 11.93 45.50
CA ALA H 114 43.39 13.08 45.12
C ALA H 114 44.46 13.45 46.16
N ASP H 115 44.24 13.11 47.43
CA ASP H 115 45.23 13.38 48.51
C ASP H 115 46.21 12.22 48.75
N GLY H 116 46.08 11.15 47.97
CA GLY H 116 46.92 9.96 48.10
C GLY H 116 46.21 8.72 48.66
N THR H 117 45.40 8.92 49.70
CA THR H 117 44.72 7.87 50.46
C THR H 117 44.20 6.67 49.64
N ASP H 118 44.29 5.48 50.23
CA ASP H 118 43.53 4.29 49.77
C ASP H 118 42.08 4.36 50.17
N LEU H 119 41.17 4.17 49.21
CA LEU H 119 39.74 4.09 49.53
C LEU H 119 39.21 2.67 49.58
N GLY H 120 39.97 1.71 49.06
CA GLY H 120 39.63 0.30 49.22
C GLY H 120 39.70 -0.58 47.98
N ILE H 121 39.19 -1.79 48.12
CA ILE H 121 39.35 -2.83 47.10
C ILE H 121 38.05 -3.13 46.35
N TYR H 122 38.12 -3.40 45.05
CA TYR H 122 37.04 -4.16 44.37
C TYR H 122 37.60 -5.35 43.58
N ARG H 123 36.84 -6.45 43.58
CA ARG H 123 37.26 -7.70 42.91
C ARG H 123 36.33 -8.20 41.81
N LYS H 124 36.90 -8.34 40.60
CA LYS H 124 36.22 -8.96 39.44
C LYS H 124 35.27 -10.13 39.83
N SER H 125 33.97 -9.91 39.66
CA SER H 125 32.93 -10.81 40.18
C SER H 125 32.56 -11.87 39.12
N HIS H 126 32.31 -11.43 37.89
CA HIS H 126 31.91 -12.35 36.79
C HIS H 126 33.12 -13.00 36.03
N ILE H 127 33.27 -14.32 36.19
CA ILE H 127 34.43 -15.08 35.68
C ILE H 127 33.98 -16.29 34.86
N PRO H 128 34.25 -16.30 33.54
CA PRO H 128 34.06 -17.52 32.71
C PRO H 128 35.24 -18.51 32.71
N TYR H 133 38.62 -19.49 26.85
CA TYR H 133 38.28 -18.90 28.14
C TYR H 133 38.41 -19.90 29.29
N GLU H 134 39.48 -19.71 30.08
CA GLU H 134 39.92 -20.60 31.18
C GLU H 134 40.63 -19.80 32.32
N GLU H 135 39.97 -18.69 32.71
CA GLU H 135 40.53 -17.66 33.60
C GLU H 135 40.64 -18.05 35.11
N LYS H 136 39.86 -19.05 35.54
CA LYS H 136 39.85 -19.64 36.92
C LYS H 136 41.24 -20.08 37.47
N PHE H 137 42.25 -20.17 36.61
CA PHE H 137 43.60 -20.65 36.97
C PHE H 137 44.34 -19.69 37.93
N TYR H 138 44.17 -18.39 37.70
CA TYR H 138 44.79 -17.35 38.52
C TYR H 138 43.73 -16.59 39.31
N PHE H 139 42.46 -16.68 38.87
CA PHE H 139 41.36 -15.85 39.39
C PHE H 139 40.13 -16.56 39.97
N ASN H 140 39.81 -16.22 41.23
CA ASN H 140 38.57 -16.61 41.93
C ASN H 140 37.43 -15.56 41.66
N PRO H 141 36.14 -15.98 41.78
CA PRO H 141 35.07 -14.98 41.74
C PRO H 141 35.22 -14.03 42.91
N GLY H 142 35.14 -12.73 42.69
CA GLY H 142 35.15 -11.76 43.81
C GLY H 142 34.09 -11.98 44.92
N ASP H 143 34.50 -11.74 46.17
CA ASP H 143 33.57 -11.69 47.33
C ASP H 143 33.43 -10.27 47.93
N THR H 144 33.66 -9.26 47.10
CA THR H 144 33.48 -7.91 47.56
C THR H 144 32.09 -7.44 47.19
N GLY H 145 31.56 -8.00 46.10
CA GLY H 145 30.37 -7.42 45.55
C GLY H 145 30.69 -6.05 44.94
N PHE H 146 29.68 -5.40 44.39
CA PHE H 146 29.90 -4.13 43.67
C PHE H 146 29.89 -2.97 44.67
N LYS H 147 30.88 -2.08 44.55
CA LYS H 147 31.17 -1.09 45.58
C LYS H 147 31.17 0.33 45.02
N VAL H 148 31.19 1.29 45.94
CA VAL H 148 31.15 2.70 45.60
C VAL H 148 32.17 3.47 46.43
N PHE H 149 32.96 4.30 45.74
CA PHE H 149 34.09 4.98 46.35
C PHE H 149 33.86 6.48 46.27
N GLN H 150 33.90 7.13 47.44
CA GLN H 150 33.74 8.58 47.54
C GLN H 150 35.11 9.23 47.54
N THR H 151 35.30 10.05 46.53
CA THR H 151 36.55 10.70 46.24
C THR H 151 36.39 12.20 46.53
N LYS H 152 37.35 12.99 46.06
CA LYS H 152 37.30 14.42 46.25
C LYS H 152 36.32 15.08 45.27
N TYR H 153 36.09 14.44 44.13
CA TYR H 153 35.32 15.05 43.02
C TYR H 153 33.93 14.41 42.76
N ALA H 154 33.77 13.13 43.08
CA ALA H 154 32.53 12.42 42.82
C ALA H 154 32.51 11.08 43.50
N LYS H 155 31.31 10.57 43.76
CA LYS H 155 31.12 9.17 44.11
C LYS H 155 31.24 8.34 42.81
N ILE H 156 32.08 7.30 42.84
CA ILE H 156 32.35 6.51 41.62
C ILE H 156 32.09 5.02 41.77
N GLY H 157 31.43 4.45 40.76
CA GLY H 157 31.29 3.00 40.63
C GLY H 157 32.44 2.46 39.81
N VAL H 158 33.06 1.39 40.30
CA VAL H 158 34.07 0.67 39.55
C VAL H 158 33.88 -0.85 39.55
N ALA H 159 33.97 -1.39 38.33
CA ALA H 159 33.94 -2.80 38.01
C ALA H 159 35.00 -3.08 36.90
N ILE H 160 35.37 -4.35 36.72
CA ILE H 160 36.52 -4.70 35.84
C ILE H 160 36.11 -5.65 34.70
N SER H 161 36.48 -5.32 33.46
CA SER H 161 36.56 -6.34 32.41
C SER H 161 35.21 -7.03 32.06
N TRP H 162 35.14 -8.35 32.25
CA TRP H 162 33.94 -9.15 32.02
C TRP H 162 32.71 -8.74 32.89
N ASP H 163 32.92 -7.98 33.97
CA ASP H 163 31.78 -7.40 34.70
C ASP H 163 30.96 -6.50 33.76
N GLN H 164 31.61 -6.06 32.69
CA GLN H 164 31.07 -5.00 31.81
C GLN H 164 29.84 -5.43 31.02
N TRP H 165 29.63 -6.75 30.93
CA TRP H 165 28.50 -7.33 30.20
C TRP H 165 27.18 -7.36 30.98
N PHE H 166 27.25 -7.24 32.31
CA PHE H 166 26.07 -7.50 33.17
C PHE H 166 25.37 -6.21 33.60
N PRO H 167 24.07 -6.05 33.27
CA PRO H 167 23.33 -4.82 33.68
C PRO H 167 23.10 -4.74 35.20
N GLU H 168 23.01 -5.90 35.87
CA GLU H 168 22.91 -5.98 37.34
C GLU H 168 24.05 -5.26 38.07
N ALA H 169 25.27 -5.50 37.61
CA ALA H 169 26.45 -4.74 38.05
C ALA H 169 26.27 -3.22 37.93
N ALA H 170 25.87 -2.75 36.75
CA ALA H 170 25.73 -1.31 36.51
C ALA H 170 24.67 -0.71 37.46
N ARG H 171 23.48 -1.32 37.46
CA ARG H 171 22.42 -0.94 38.38
C ARG H 171 22.83 -0.94 39.85
N ALA H 172 23.45 -2.05 40.30
CA ALA H 172 23.88 -2.18 41.70
C ALA H 172 24.75 -0.98 42.12
N MET H 173 25.66 -0.55 41.25
CA MET H 173 26.52 0.58 41.59
C MET H 173 25.74 1.89 41.63
N ALA H 174 24.76 2.10 40.74
CA ALA H 174 24.07 3.39 40.64
C ALA H 174 23.05 3.56 41.79
N LEU H 175 22.46 2.45 42.20
CA LEU H 175 21.62 2.40 43.42
C LEU H 175 22.30 2.86 44.72
N GLN H 176 23.63 2.75 44.78
CA GLN H 176 24.39 3.15 45.97
C GLN H 176 24.97 4.53 45.81
N GLY H 177 24.58 5.23 44.76
CA GLY H 177 24.99 6.63 44.57
C GLY H 177 25.97 6.94 43.45
N ALA H 178 26.51 5.89 42.80
CA ALA H 178 27.52 6.05 41.73
C ALA H 178 27.15 7.16 40.72
N GLU H 179 28.02 8.17 40.58
CA GLU H 179 27.76 9.30 39.67
C GLU H 179 28.41 9.09 38.31
N ILE H 180 29.40 8.19 38.30
CA ILE H 180 30.14 7.83 37.11
C ILE H 180 30.53 6.37 37.26
N LEU H 181 30.39 5.61 36.18
CA LEU H 181 30.87 4.24 36.14
C LEU H 181 32.18 4.17 35.33
N PHE H 182 33.12 3.36 35.81
CA PHE H 182 34.40 3.10 35.12
C PHE H 182 34.51 1.61 34.86
N TYR H 183 34.86 1.22 33.64
CA TYR H 183 34.91 -0.20 33.26
C TYR H 183 36.21 -0.52 32.50
N PRO H 184 37.36 -0.70 33.23
CA PRO H 184 38.68 -0.92 32.62
C PRO H 184 38.72 -2.38 32.13
N THR H 185 39.23 -2.59 30.91
CA THR H 185 39.00 -3.85 30.20
C THR H 185 40.19 -4.28 29.28
N ALA H 186 40.08 -5.45 28.62
CA ALA H 186 41.10 -5.96 27.69
C ALA H 186 40.47 -6.92 26.68
N ILE H 187 40.11 -6.39 25.48
CA ILE H 187 39.35 -7.16 24.45
C ILE H 187 39.99 -7.12 23.03
N GLY H 188 39.86 -8.25 22.30
CA GLY H 188 40.32 -8.41 20.88
C GLY H 188 40.13 -9.79 20.17
N SER H 189 41.17 -10.22 19.44
CA SER H 189 41.29 -11.59 18.88
C SER H 189 42.19 -11.58 17.64
N ASP H 197 36.78 -6.91 16.87
CA ASP H 197 35.60 -7.59 16.36
C ASP H 197 34.37 -7.26 17.19
N SER H 198 34.20 -7.97 18.30
CA SER H 198 33.07 -7.75 19.18
C SER H 198 33.18 -6.42 19.90
N ARG H 199 33.09 -5.33 19.16
CA ARG H 199 33.18 -4.00 19.73
C ARG H 199 31.85 -3.34 19.53
N ASP H 200 31.14 -3.72 18.50
CA ASP H 200 29.86 -3.08 18.27
C ASP H 200 28.83 -3.76 19.17
N HIS H 201 29.10 -4.99 19.60
CA HIS H 201 28.27 -5.64 20.60
C HIS H 201 28.59 -5.03 21.96
N TRP H 202 29.89 -4.97 22.28
CA TRP H 202 30.39 -4.32 23.50
C TRP H 202 29.95 -2.86 23.60
N LYS H 203 30.13 -2.10 22.52
CA LYS H 203 29.77 -0.69 22.52
C LYS H 203 28.34 -0.47 23.04
N ARG H 204 27.40 -1.21 22.46
CA ARG H 204 25.97 -1.01 22.69
C ARG H 204 25.48 -1.42 24.10
N VAL H 205 26.10 -2.45 24.70
CA VAL H 205 25.78 -2.91 26.08
C VAL H 205 26.22 -1.84 27.09
N MET H 206 27.43 -1.34 26.96
CA MET H 206 27.91 -0.24 27.79
C MET H 206 27.07 1.03 27.65
N GLN H 207 26.69 1.37 26.43
CA GLN H 207 25.88 2.56 26.20
C GLN H 207 24.45 2.44 26.74
N GLY H 208 23.93 1.22 26.80
CA GLY H 208 22.59 0.97 27.34
C GLY H 208 22.56 0.90 28.87
N HIS H 209 23.75 0.69 29.47
CA HIS H 209 24.03 0.88 30.93
C HIS H 209 24.03 2.37 31.29
N ALA H 210 24.72 3.13 30.43
CA ALA H 210 24.86 4.55 30.63
C ALA H 210 23.47 5.17 30.60
N GLY H 211 22.64 4.75 29.64
CA GLY H 211 21.30 5.34 29.43
C GLY H 211 20.19 4.88 30.38
N ALA H 212 20.30 3.62 30.82
CA ALA H 212 19.31 3.04 31.77
C ALA H 212 19.48 3.59 33.19
N ASN H 213 20.72 3.90 33.55
CA ASN H 213 21.07 4.47 34.87
C ASN H 213 21.30 5.98 34.85
N LEU H 214 21.38 6.57 33.65
CA LEU H 214 21.54 8.03 33.47
C LEU H 214 22.80 8.55 34.17
N VAL H 215 23.89 7.83 33.90
CA VAL H 215 25.23 8.16 34.37
C VAL H 215 26.27 7.96 33.23
N PRO H 216 27.20 8.92 33.10
CA PRO H 216 28.33 8.70 32.19
C PRO H 216 29.05 7.36 32.49
N LEU H 217 29.74 6.84 31.49
CA LEU H 217 30.47 5.59 31.60
C LEU H 217 31.81 5.71 30.82
N VAL H 218 32.94 5.41 31.49
CA VAL H 218 34.29 5.43 30.84
C VAL H 218 34.84 4.02 30.58
N ALA H 219 35.31 3.73 29.38
CA ALA H 219 35.90 2.41 29.14
C ALA H 219 37.24 2.48 28.41
N SER H 220 38.27 2.04 29.11
CA SER H 220 39.62 1.98 28.59
C SER H 220 39.93 0.53 28.25
N ASN H 221 40.29 0.28 27.01
CA ASN H 221 40.61 -1.05 26.50
C ASN H 221 42.02 -0.90 25.98
N ARG H 222 42.75 -2.01 25.86
CA ARG H 222 44.12 -1.94 25.40
C ARG H 222 44.26 -2.08 23.90
N ILE H 223 45.52 -2.25 23.44
CA ILE H 223 45.88 -2.14 22.03
C ILE H 223 47.11 -3.03 21.68
N GLY H 224 47.31 -3.29 20.39
CA GLY H 224 48.50 -3.99 19.88
C GLY H 224 48.37 -5.50 19.77
N ASN H 225 49.23 -6.11 18.93
CA ASN H 225 49.35 -7.58 18.75
C ASN H 225 50.10 -8.25 19.92
N GLU H 226 49.46 -9.24 20.58
CA GLU H 226 50.05 -9.91 21.78
C GLU H 226 50.28 -11.44 21.68
N ILE H 227 51.58 -11.78 21.68
CA ILE H 227 52.08 -13.15 21.46
C ILE H 227 52.38 -13.84 22.81
N ILE H 228 51.63 -14.91 23.10
CA ILE H 228 51.86 -15.78 24.27
C ILE H 228 51.89 -17.27 23.82
N GLU H 229 52.82 -18.09 24.33
CA GLU H 229 52.98 -19.50 23.87
C GLU H 229 51.78 -20.42 24.22
N ILE H 237 46.78 -12.43 20.60
CA ILE H 237 45.54 -11.69 20.31
C ILE H 237 45.82 -10.29 19.75
N LYS H 238 44.90 -9.80 18.90
CA LYS H 238 44.88 -8.39 18.47
C LYS H 238 43.80 -7.61 19.23
N PHE H 239 44.27 -6.77 20.14
CA PHE H 239 43.42 -5.97 21.00
C PHE H 239 42.89 -4.75 20.26
N TYR H 240 41.57 -4.73 19.97
CA TYR H 240 41.00 -3.81 18.97
C TYR H 240 40.62 -2.40 19.48
N GLY H 241 41.11 -2.01 20.65
CA GLY H 241 40.89 -0.64 21.19
C GLY H 241 39.43 -0.18 21.35
N ASN H 242 39.10 0.89 20.62
CA ASN H 242 37.77 1.52 20.66
C ASN H 242 37.33 1.93 22.07
N SER H 243 38.20 2.62 22.79
CA SER H 243 37.92 3.23 24.12
C SER H 243 37.05 4.47 24.00
N PHE H 244 36.11 4.60 24.92
CA PHE H 244 35.15 5.68 24.86
C PHE H 244 34.79 6.22 26.25
N ILE H 245 34.13 7.38 26.23
CA ILE H 245 33.42 7.91 27.36
C ILE H 245 32.02 8.12 26.84
N ALA H 246 31.02 7.70 27.63
CA ALA H 246 29.62 7.84 27.25
C ALA H 246 28.98 8.96 28.09
N GLY H 247 27.91 9.58 27.59
CA GLY H 247 27.09 10.51 28.39
C GLY H 247 26.05 9.73 29.20
N PRO H 248 25.26 10.45 30.03
CA PRO H 248 24.15 9.85 30.83
C PRO H 248 22.86 9.55 30.02
N THR H 249 22.95 9.69 28.69
CA THR H 249 21.98 9.22 27.68
C THR H 249 22.50 7.96 26.93
N GLY H 250 23.78 7.62 27.10
CA GLY H 250 24.41 6.58 26.30
C GLY H 250 25.17 7.11 25.08
N GLU H 251 25.18 8.44 24.90
CA GLU H 251 25.83 8.99 23.73
C GLU H 251 27.37 9.08 23.88
N ILE H 252 28.09 8.59 22.87
CA ILE H 252 29.56 8.55 22.89
C ILE H 252 30.03 9.98 22.66
N VAL H 253 30.72 10.55 23.65
CA VAL H 253 31.22 11.92 23.54
C VAL H 253 32.71 11.91 23.10
N SER H 254 33.32 10.72 23.14
CA SER H 254 34.73 10.57 22.87
C SER H 254 35.09 9.12 22.51
N ILE H 255 35.67 8.92 21.32
CA ILE H 255 35.92 7.59 20.76
C ILE H 255 37.35 7.47 20.22
N ALA H 256 38.15 6.58 20.82
CA ALA H 256 39.48 6.19 20.31
C ALA H 256 39.34 4.97 19.39
N ASP H 257 40.40 4.61 18.67
CA ASP H 257 40.28 3.57 17.61
C ASP H 257 41.16 2.34 17.85
N ASP H 258 41.22 1.44 16.86
CA ASP H 258 41.91 0.14 17.05
C ASP H 258 43.44 0.24 17.01
N LYS H 259 43.98 1.08 16.13
CA LYS H 259 45.44 1.19 15.96
C LYS H 259 46.09 2.25 16.88
N GLU H 260 45.35 3.31 17.21
CA GLU H 260 45.94 4.49 17.87
C GLU H 260 46.10 4.31 19.39
N GLU H 261 47.04 5.05 19.95
CA GLU H 261 47.14 5.28 21.40
C GLU H 261 46.39 6.60 21.66
N ALA H 262 45.66 6.66 22.77
CA ALA H 262 44.69 7.73 22.96
C ALA H 262 44.69 8.37 24.36
N VAL H 263 44.42 9.67 24.39
CA VAL H 263 44.09 10.40 25.60
C VAL H 263 42.71 11.04 25.44
N LEU H 264 41.67 10.39 25.93
CA LEU H 264 40.31 10.90 25.78
C LEU H 264 39.89 11.78 26.97
N ILE H 265 39.11 12.83 26.67
CA ILE H 265 38.71 13.88 27.61
C ILE H 265 37.22 14.20 27.43
N ALA H 266 36.56 14.60 28.52
CA ALA H 266 35.11 14.86 28.53
C ALA H 266 34.65 15.43 29.87
N GLU H 267 34.26 16.72 29.89
CA GLU H 267 33.63 17.35 31.08
C GLU H 267 32.14 16.97 31.28
N PHE H 268 31.75 16.75 32.55
CA PHE H 268 30.33 16.51 32.91
C PHE H 268 29.90 17.39 34.06
N ASN H 269 28.71 17.96 33.93
CA ASN H 269 28.13 18.64 35.05
C ASN H 269 27.37 17.63 35.90
N LEU H 270 27.97 17.17 36.99
CA LEU H 270 27.37 16.08 37.77
C LEU H 270 26.12 16.54 38.52
N ASP H 271 26.11 17.80 38.95
CA ASP H 271 24.92 18.34 39.63
C ASP H 271 23.66 18.28 38.76
N LYS H 272 23.81 18.65 37.48
CA LYS H 272 22.68 18.72 36.56
C LYS H 272 22.36 17.40 35.86
N ILE H 273 23.36 16.52 35.73
CA ILE H 273 23.11 15.11 35.37
C ILE H 273 22.40 14.34 36.50
N LYS H 274 22.46 14.89 37.70
CA LYS H 274 21.69 14.40 38.87
C LYS H 274 20.19 14.82 38.83
N SER H 275 19.96 16.07 38.39
CA SER H 275 18.62 16.67 38.18
C SER H 275 17.85 15.89 37.09
N MET H 276 18.58 15.67 35.98
CA MET H 276 18.17 14.89 34.77
C MET H 276 17.80 13.44 35.10
N ARG H 277 18.67 12.75 35.84
CA ARG H 277 18.48 11.35 36.26
C ARG H 277 17.22 11.25 37.09
N HIS H 278 17.09 12.20 38.03
CA HIS H 278 15.97 12.22 38.95
C HIS H 278 14.64 12.60 38.28
N CYS H 279 14.62 13.63 37.38
CA CYS H 279 13.36 14.01 36.72
CA CYS H 279 13.36 14.01 36.72
C CYS H 279 12.91 12.98 35.65
N TRP H 280 13.86 12.28 35.04
CA TRP H 280 13.53 11.23 34.06
C TRP H 280 12.74 10.14 34.74
N GLY H 281 13.09 9.86 36.02
CA GLY H 281 12.22 9.17 36.95
C GLY H 281 12.31 7.65 36.93
N VAL H 282 13.36 7.08 36.34
CA VAL H 282 13.46 5.59 36.33
C VAL H 282 13.63 5.02 37.76
N PHE H 283 14.33 5.76 38.62
CA PHE H 283 14.61 5.33 40.00
C PHE H 283 13.40 5.48 40.93
N ARG H 284 12.55 6.47 40.66
CA ARG H 284 11.24 6.59 41.35
C ARG H 284 10.24 5.41 41.01
N ASP H 285 10.55 4.69 39.93
CA ASP H 285 9.58 3.87 39.21
C ASP H 285 9.97 2.41 39.25
N ARG H 286 11.19 2.14 39.72
CA ARG H 286 11.65 0.76 39.89
C ARG H 286 10.73 -0.12 40.79
N ARG H 287 10.71 -1.43 40.47
CA ARG H 287 9.83 -2.37 41.13
C ARG H 287 10.60 -3.63 41.73
N PRO H 288 11.48 -3.34 42.73
CA PRO H 288 12.23 -4.35 43.50
C PRO H 288 11.37 -5.50 43.98
N ASP H 289 10.11 -5.22 44.32
CA ASP H 289 9.12 -6.25 44.67
C ASP H 289 8.86 -7.31 43.55
N LEU H 290 9.20 -6.93 42.32
CA LEU H 290 9.03 -7.81 41.13
C LEU H 290 10.32 -8.47 40.62
N TYR H 291 11.47 -8.08 41.20
CA TYR H 291 12.79 -8.44 40.68
C TYR H 291 13.51 -9.62 41.29
N LYS H 292 12.76 -10.50 41.96
CA LYS H 292 13.39 -11.60 42.75
C LYS H 292 13.91 -12.71 41.86
N VAL H 293 13.30 -12.84 40.68
CA VAL H 293 13.76 -13.81 39.68
C VAL H 293 15.23 -13.50 39.32
N LEU H 294 15.65 -12.26 39.55
CA LEU H 294 17.04 -11.87 39.39
C LEU H 294 18.02 -12.52 40.39
N LEU H 295 17.53 -13.00 41.54
CA LEU H 295 18.38 -13.73 42.49
C LEU H 295 18.40 -15.23 42.21
N THR H 296 17.79 -15.63 41.10
CA THR H 296 17.95 -16.97 40.56
C THR H 296 18.98 -17.06 39.41
N LEU H 297 19.42 -18.31 39.18
CA LEU H 297 20.20 -18.70 37.99
C LEU H 297 19.32 -19.25 36.88
N ASP H 298 18.51 -20.26 37.21
CA ASP H 298 17.61 -20.90 36.22
C ASP H 298 16.23 -20.22 35.98
N GLY H 299 15.88 -19.19 36.74
CA GLY H 299 14.54 -18.57 36.66
C GLY H 299 13.52 -19.09 37.69
N LYS H 300 13.96 -19.95 38.62
CA LYS H 300 13.06 -20.62 39.59
C LYS H 300 13.55 -20.69 41.08
N ASN H 301 14.70 -21.33 41.32
CA ASN H 301 15.29 -21.52 42.68
C ASN H 301 16.19 -20.36 43.20
N PRO H 302 15.79 -19.71 44.33
CA PRO H 302 16.60 -18.63 44.91
C PRO H 302 18.05 -19.00 45.33
N VAL H 303 18.89 -17.97 45.40
CA VAL H 303 20.32 -18.08 45.77
C VAL H 303 20.66 -16.95 46.73
N ASP I 7 -6.67 -31.67 -60.53
CA ASP I 7 -7.60 -32.74 -60.07
C ASP I 7 -9.01 -32.18 -60.02
N LYS I 8 -9.36 -31.53 -58.91
CA LYS I 8 -10.71 -31.00 -58.67
C LYS I 8 -10.77 -29.49 -58.97
N GLY I 9 -11.77 -29.11 -59.76
CA GLY I 9 -12.13 -27.71 -59.97
C GLY I 9 -12.58 -27.42 -61.37
N ARG I 10 -13.17 -26.25 -61.59
CA ARG I 10 -13.63 -25.83 -62.91
C ARG I 10 -12.40 -25.73 -63.85
N LYS I 11 -12.47 -26.41 -64.97
CA LYS I 11 -11.37 -26.38 -65.91
C LYS I 11 -11.83 -25.65 -67.15
N VAL I 12 -10.92 -24.92 -67.76
CA VAL I 12 -11.18 -24.19 -69.00
C VAL I 12 -10.03 -24.40 -69.94
N VAL I 13 -10.33 -24.64 -71.20
CA VAL I 13 -9.29 -24.76 -72.22
C VAL I 13 -9.31 -23.51 -73.10
N VAL I 14 -8.21 -22.79 -73.12
CA VAL I 14 -8.07 -21.59 -73.91
C VAL I 14 -7.13 -21.81 -75.10
N SER I 15 -7.31 -20.98 -76.15
CA SER I 15 -6.56 -21.17 -77.38
C SER I 15 -6.19 -19.86 -77.97
N ALA I 16 -4.94 -19.76 -78.43
CA ALA I 16 -4.50 -18.64 -79.27
C ALA I 16 -4.34 -19.11 -80.68
N LEU I 17 -4.97 -18.42 -81.60
CA LEU I 17 -4.71 -18.63 -83.01
C LEU I 17 -3.65 -17.69 -83.62
N GLN I 18 -2.96 -18.13 -84.64
CA GLN I 18 -2.02 -17.27 -85.34
C GLN I 18 -2.13 -17.58 -86.85
N PHE I 19 -2.49 -16.60 -87.67
CA PHE I 19 -2.36 -16.83 -89.13
C PHE I 19 -1.86 -15.57 -89.85
N ALA I 20 -1.41 -15.69 -91.10
CA ALA I 20 -1.09 -14.52 -91.92
C ALA I 20 -2.37 -14.00 -92.61
N CYS I 21 -2.49 -12.68 -92.79
CA CYS I 21 -3.72 -12.14 -93.36
C CYS I 21 -3.49 -11.85 -94.81
N THR I 22 -4.52 -12.04 -95.62
CA THR I 22 -4.56 -11.48 -96.96
C THR I 22 -5.27 -10.15 -96.83
N ASP I 23 -5.38 -9.38 -97.91
CA ASP I 23 -6.21 -8.18 -97.86
C ASP I 23 -7.54 -8.39 -98.57
N ASP I 24 -8.08 -9.61 -98.40
CA ASP I 24 -9.42 -9.97 -98.83
C ASP I 24 -10.13 -10.47 -97.59
N VAL I 25 -11.21 -9.77 -97.25
CA VAL I 25 -12.06 -10.06 -96.10
C VAL I 25 -12.66 -11.48 -96.06
N SER I 26 -13.30 -11.91 -97.13
CA SER I 26 -13.87 -13.23 -97.19
C SER I 26 -12.85 -14.27 -96.85
N THR I 27 -11.71 -14.19 -97.52
CA THR I 27 -10.65 -15.13 -97.29
C THR I 27 -10.26 -15.14 -95.82
N ASN I 28 -10.12 -13.98 -95.18
CA ASN I 28 -9.57 -13.94 -93.81
C ASN I 28 -10.62 -14.45 -92.82
N VAL I 29 -11.88 -14.28 -93.12
CA VAL I 29 -12.90 -14.80 -92.19
C VAL I 29 -13.01 -16.33 -92.36
N THR I 30 -12.80 -16.80 -93.58
CA THR I 30 -12.80 -18.21 -93.82
C THR I 30 -11.65 -18.96 -93.03
N THR I 31 -10.45 -18.32 -93.02
CA THR I 31 -9.26 -18.77 -92.32
C THR I 31 -9.48 -18.82 -90.83
N ALA I 32 -10.07 -17.75 -90.29
CA ALA I 32 -10.37 -17.69 -88.86
C ALA I 32 -11.36 -18.81 -88.53
N GLU I 33 -12.35 -19.05 -89.37
CA GLU I 33 -13.26 -20.12 -89.07
C GLU I 33 -12.61 -21.54 -89.07
N ARG I 34 -11.68 -21.77 -90.02
CA ARG I 34 -10.94 -23.02 -90.09
C ARG I 34 -10.19 -23.25 -88.77
N LEU I 35 -9.55 -22.19 -88.26
CA LEU I 35 -8.70 -22.31 -87.11
C LEU I 35 -9.47 -22.40 -85.76
N VAL I 36 -10.60 -21.70 -85.65
CA VAL I 36 -11.54 -21.88 -84.53
C VAL I 36 -12.11 -23.29 -84.46
N ARG I 37 -12.49 -23.86 -85.61
CA ARG I 37 -12.93 -25.24 -85.65
C ARG I 37 -11.81 -26.20 -85.20
N ALA I 38 -10.58 -25.90 -85.59
CA ALA I 38 -9.51 -26.78 -85.27
C ALA I 38 -9.16 -26.66 -83.78
N ALA I 39 -9.33 -25.49 -83.21
CA ALA I 39 -9.08 -25.31 -81.79
C ALA I 39 -10.14 -26.09 -80.97
N HIS I 40 -11.39 -26.03 -81.45
CA HIS I 40 -12.50 -26.70 -80.81
C HIS I 40 -12.31 -28.21 -80.84
N LYS I 41 -11.93 -28.72 -82.01
CA LYS I 41 -11.64 -30.14 -82.18
C LYS I 41 -10.65 -30.64 -81.13
N GLN I 42 -9.77 -29.76 -80.70
CA GLN I 42 -8.79 -30.11 -79.71
C GLN I 42 -9.21 -29.69 -78.27
N GLY I 43 -10.47 -29.30 -78.06
CA GLY I 43 -11.03 -29.09 -76.73
C GLY I 43 -11.18 -27.65 -76.26
N ALA I 44 -10.79 -26.69 -77.08
CA ALA I 44 -10.91 -25.29 -76.70
C ALA I 44 -12.34 -24.89 -76.29
N ASN I 45 -12.43 -24.11 -75.24
CA ASN I 45 -13.67 -23.51 -74.81
C ASN I 45 -13.72 -22.00 -75.15
N ILE I 46 -12.56 -21.35 -75.12
CA ILE I 46 -12.42 -19.96 -75.48
C ILE I 46 -11.24 -19.79 -76.40
N VAL I 47 -11.46 -19.09 -77.52
CA VAL I 47 -10.53 -19.02 -78.63
C VAL I 47 -10.31 -17.57 -79.04
N LEU I 48 -9.05 -17.15 -79.10
CA LEU I 48 -8.64 -15.80 -79.37
C LEU I 48 -8.05 -15.62 -80.80
N ILE I 49 -8.76 -14.82 -81.61
CA ILE I 49 -8.36 -14.43 -82.95
C ILE I 49 -7.59 -13.08 -82.87
N GLN I 50 -6.53 -12.96 -83.65
CA GLN I 50 -5.64 -11.81 -83.67
C GLN I 50 -6.37 -10.49 -84.08
N GLU I 51 -5.79 -9.34 -83.71
CA GLU I 51 -6.35 -8.00 -83.96
C GLU I 51 -6.61 -7.72 -85.47
N LEU I 52 -7.80 -7.20 -85.76
CA LEU I 52 -8.20 -6.68 -87.07
C LEU I 52 -7.90 -7.65 -88.22
N PHE I 53 -8.34 -8.87 -88.00
CA PHE I 53 -7.97 -10.00 -88.79
C PHE I 53 -8.61 -9.98 -90.19
N GLU I 54 -9.58 -9.08 -90.40
CA GLU I 54 -10.27 -9.00 -91.69
C GLU I 54 -9.40 -8.46 -92.81
N GLY I 55 -8.25 -7.89 -92.48
CA GLY I 55 -7.32 -7.48 -93.55
C GLY I 55 -5.91 -7.15 -93.08
N TYR I 56 -5.15 -6.58 -94.00
CA TYR I 56 -3.87 -6.04 -93.69
C TYR I 56 -4.01 -4.97 -92.63
N TYR I 57 -3.01 -4.91 -91.76
CA TYR I 57 -2.96 -3.96 -90.70
C TYR I 57 -2.63 -2.59 -91.27
N PHE I 58 -3.67 -1.78 -91.41
CA PHE I 58 -3.63 -0.56 -92.24
C PHE I 58 -3.30 0.71 -91.40
N CYS I 59 -3.19 0.55 -90.09
CA CYS I 59 -3.42 1.62 -89.14
C CYS I 59 -2.44 2.74 -89.22
N GLN I 60 -1.24 2.50 -89.77
CA GLN I 60 -0.20 3.55 -89.89
C GLN I 60 -0.12 4.18 -91.26
N ALA I 61 -1.06 3.87 -92.13
CA ALA I 61 -0.98 4.24 -93.51
C ALA I 61 -1.36 5.72 -93.79
N GLN I 62 -2.27 6.25 -92.97
CA GLN I 62 -2.94 7.51 -93.20
C GLN I 62 -3.59 7.64 -94.59
N ARG I 63 -4.43 6.67 -94.95
CA ARG I 63 -5.22 6.74 -96.18
C ARG I 63 -6.72 6.94 -95.91
N GLU I 64 -7.26 8.00 -96.48
CA GLU I 64 -8.68 8.30 -96.40
C GLU I 64 -9.53 7.07 -96.73
N ASP I 65 -9.09 6.27 -97.70
CA ASP I 65 -9.99 5.27 -98.24
C ASP I 65 -10.11 4.03 -97.38
N PHE I 66 -9.18 3.81 -96.44
CA PHE I 66 -9.37 2.70 -95.53
C PHE I 66 -10.39 3.05 -94.46
N ILE I 67 -10.85 4.31 -94.39
CA ILE I 67 -11.74 4.68 -93.27
C ILE I 67 -13.12 4.07 -93.42
N GLN I 68 -13.50 3.74 -94.66
CA GLN I 68 -14.76 3.05 -94.97
C GLN I 68 -14.81 1.58 -94.51
N ARG I 69 -13.67 1.02 -94.15
CA ARG I 69 -13.65 -0.35 -93.66
C ARG I 69 -14.36 -0.48 -92.34
N ALA I 70 -14.61 0.63 -91.67
CA ALA I 70 -15.22 0.57 -90.34
C ALA I 70 -16.68 0.34 -90.50
N LYS I 71 -17.25 -0.44 -89.61
CA LYS I 71 -18.66 -0.67 -89.63
C LYS I 71 -19.23 -0.49 -88.26
N PRO I 72 -20.52 -0.17 -88.21
CA PRO I 72 -21.17 -0.08 -86.92
C PRO I 72 -21.14 -1.43 -86.12
N TYR I 73 -21.09 -1.34 -84.79
CA TYR I 73 -21.20 -2.51 -83.90
C TYR I 73 -22.48 -3.27 -84.21
N LYS I 74 -23.54 -2.52 -84.37
CA LYS I 74 -24.83 -3.09 -84.56
C LYS I 74 -24.96 -3.77 -85.94
N ASP I 75 -25.43 -5.02 -85.91
CA ASP I 75 -25.62 -5.85 -87.10
C ASP I 75 -24.32 -5.97 -87.90
N HIS I 76 -23.21 -6.23 -87.26
CA HIS I 76 -21.97 -6.30 -88.00
C HIS I 76 -21.86 -7.68 -88.67
N PRO I 77 -21.72 -7.73 -89.98
CA PRO I 77 -21.78 -9.06 -90.56
C PRO I 77 -20.70 -10.03 -90.09
N THR I 78 -19.52 -9.57 -89.73
CA THR I 78 -18.49 -10.50 -89.25
C THR I 78 -18.81 -10.99 -87.83
N ILE I 79 -19.29 -10.07 -86.99
CA ILE I 79 -19.74 -10.46 -85.69
C ILE I 79 -20.90 -11.44 -85.85
N MET I 80 -21.90 -11.13 -86.64
CA MET I 80 -23.05 -12.02 -86.71
C MET I 80 -22.66 -13.44 -87.11
N ARG I 81 -21.74 -13.56 -88.07
CA ARG I 81 -21.38 -14.86 -88.57
C ARG I 81 -20.58 -15.65 -87.49
N LEU I 82 -19.68 -14.98 -86.79
CA LEU I 82 -18.97 -15.62 -85.68
C LEU I 82 -19.87 -15.94 -84.47
N GLN I 83 -21.01 -15.26 -84.36
CA GLN I 83 -21.95 -15.60 -83.33
C GLN I 83 -22.55 -16.96 -83.67
N LYS I 84 -22.81 -17.24 -84.95
CA LYS I 84 -23.45 -18.51 -85.27
C LYS I 84 -22.43 -19.62 -85.01
N LEU I 85 -21.15 -19.33 -85.27
CA LEU I 85 -20.13 -20.34 -85.12
C LEU I 85 -19.91 -20.59 -83.62
N ALA I 86 -19.92 -19.51 -82.85
CA ALA I 86 -19.85 -19.62 -81.38
C ALA I 86 -20.93 -20.54 -80.81
N LYS I 87 -22.17 -20.34 -81.22
CA LYS I 87 -23.27 -21.12 -80.74
C LYS I 87 -23.15 -22.53 -81.26
N GLU I 88 -22.76 -22.70 -82.51
CA GLU I 88 -22.64 -24.04 -83.10
C GLU I 88 -21.66 -24.95 -82.32
N LEU I 89 -20.56 -24.38 -81.84
CA LEU I 89 -19.54 -25.15 -81.18
C LEU I 89 -19.51 -24.98 -79.66
N GLY I 90 -20.29 -24.06 -79.11
CA GLY I 90 -20.20 -23.80 -77.71
C GLY I 90 -18.85 -23.27 -77.29
N VAL I 91 -18.26 -22.36 -78.09
CA VAL I 91 -17.03 -21.66 -77.70
C VAL I 91 -17.21 -20.15 -77.61
N VAL I 92 -16.42 -19.52 -76.73
CA VAL I 92 -16.44 -18.12 -76.54
C VAL I 92 -15.49 -17.49 -77.57
N ILE I 93 -15.98 -16.47 -78.26
CA ILE I 93 -15.14 -15.81 -79.26
C ILE I 93 -15.11 -14.27 -79.17
N PRO I 94 -14.00 -13.70 -78.70
CA PRO I 94 -13.79 -12.26 -78.81
C PRO I 94 -13.55 -11.80 -80.27
N VAL I 95 -14.41 -10.97 -80.83
CA VAL I 95 -14.26 -10.55 -82.22
C VAL I 95 -13.76 -9.12 -82.35
N SER I 96 -12.47 -8.98 -82.73
CA SER I 96 -11.81 -7.69 -83.14
C SER I 96 -12.41 -7.02 -84.39
N PHE I 97 -12.70 -5.73 -84.35
CA PHE I 97 -13.23 -5.07 -85.50
C PHE I 97 -13.06 -3.58 -85.39
N PHE I 98 -13.18 -2.93 -86.57
CA PHE I 98 -13.01 -1.51 -86.77
C PHE I 98 -14.39 -0.92 -86.65
N GLU I 99 -14.61 -0.14 -85.61
CA GLU I 99 -15.96 0.32 -85.29
C GLU I 99 -16.24 1.73 -85.77
N GLU I 100 -17.28 1.89 -86.59
CA GLU I 100 -17.84 3.17 -86.87
C GLU I 100 -18.91 3.49 -85.82
N ALA I 101 -18.70 4.53 -85.02
CA ALA I 101 -19.72 5.03 -84.08
C ALA I 101 -20.14 6.42 -84.50
N ASN I 102 -20.88 7.13 -83.67
CA ASN I 102 -21.61 8.22 -84.29
C ASN I 102 -20.73 9.37 -84.77
N ASN I 103 -19.93 9.98 -83.91
CA ASN I 103 -18.92 10.89 -84.43
C ASN I 103 -17.56 10.44 -83.95
N ALA I 104 -17.31 9.13 -84.09
CA ALA I 104 -16.03 8.58 -83.81
C ALA I 104 -15.92 7.17 -84.43
N HIS I 105 -14.69 6.71 -84.53
CA HIS I 105 -14.35 5.40 -84.97
C HIS I 105 -13.49 4.83 -83.83
N TYR I 106 -13.57 3.53 -83.61
CA TYR I 106 -12.80 2.89 -82.54
C TYR I 106 -12.18 1.60 -83.03
N ASN I 107 -11.18 1.14 -82.35
CA ASN I 107 -10.61 -0.18 -82.55
C ASN I 107 -11.18 -0.99 -81.43
N SER I 108 -12.09 -1.91 -81.74
CA SER I 108 -12.98 -2.50 -80.76
C SER I 108 -12.98 -4.02 -80.83
N ILE I 109 -13.66 -4.61 -79.86
CA ILE I 109 -13.75 -6.04 -79.72
C ILE I 109 -15.04 -6.43 -78.99
N ALA I 110 -15.87 -7.27 -79.65
CA ALA I 110 -17.16 -7.73 -79.13
C ALA I 110 -16.97 -9.10 -78.50
N ILE I 111 -17.43 -9.32 -77.27
CA ILE I 111 -17.27 -10.64 -76.62
C ILE I 111 -18.49 -11.50 -76.87
N ILE I 112 -18.30 -12.55 -77.67
CA ILE I 112 -19.37 -13.54 -77.92
C ILE I 112 -19.32 -14.78 -76.99
N ASP I 113 -20.44 -15.03 -76.32
CA ASP I 113 -20.51 -16.13 -75.36
C ASP I 113 -20.65 -17.44 -76.15
N ALA I 114 -20.67 -18.54 -75.41
CA ALA I 114 -20.69 -19.89 -75.93
C ALA I 114 -22.05 -20.30 -76.38
N ASP I 115 -23.08 -19.56 -75.97
CA ASP I 115 -24.44 -19.77 -76.54
C ASP I 115 -24.76 -18.80 -77.69
N GLY I 116 -23.76 -18.03 -78.10
CA GLY I 116 -23.94 -17.08 -79.20
C GLY I 116 -24.25 -15.64 -78.81
N THR I 117 -24.59 -15.41 -77.55
CA THR I 117 -24.92 -14.10 -77.05
C THR I 117 -23.80 -13.08 -77.15
N ASP I 118 -24.15 -11.88 -77.59
CA ASP I 118 -23.22 -10.76 -77.65
C ASP I 118 -23.20 -10.09 -76.29
N LEU I 119 -22.10 -10.25 -75.58
CA LEU I 119 -22.03 -9.76 -74.27
C LEU I 119 -21.58 -8.29 -74.13
N GLY I 120 -21.15 -7.67 -75.23
CA GLY I 120 -20.77 -6.26 -75.23
C GLY I 120 -19.39 -5.96 -75.77
N ILE I 121 -18.94 -4.72 -75.63
CA ILE I 121 -17.67 -4.41 -76.24
C ILE I 121 -16.71 -3.71 -75.36
N TYR I 122 -15.45 -3.83 -75.74
CA TYR I 122 -14.38 -3.06 -75.18
C TYR I 122 -13.78 -2.20 -76.32
N ARG I 123 -13.46 -0.94 -76.04
CA ARG I 123 -12.82 -0.08 -77.05
C ARG I 123 -11.36 0.18 -76.65
N LYS I 124 -10.43 -0.02 -77.59
CA LYS I 124 -8.99 0.22 -77.35
C LYS I 124 -8.73 1.57 -76.71
N SER I 125 -7.96 1.57 -75.62
CA SER I 125 -7.90 2.74 -74.72
C SER I 125 -6.66 3.58 -74.99
N HIS I 126 -5.57 2.91 -75.31
CA HIS I 126 -4.26 3.57 -75.39
C HIS I 126 -3.91 3.66 -76.85
N ILE I 127 -3.83 4.88 -77.35
CA ILE I 127 -3.57 5.18 -78.75
C ILE I 127 -2.24 5.91 -78.84
N PRO I 128 -1.22 5.22 -79.37
CA PRO I 128 0.12 5.77 -79.60
C PRO I 128 0.07 7.05 -80.45
N ASP I 129 0.48 8.19 -79.90
CA ASP I 129 0.53 9.39 -80.73
C ASP I 129 1.84 10.18 -80.70
N GLY I 130 2.08 10.88 -81.80
CA GLY I 130 3.30 11.60 -81.93
C GLY I 130 4.29 10.65 -82.56
N PRO I 131 5.40 11.22 -83.07
CA PRO I 131 6.30 10.68 -84.10
C PRO I 131 6.50 9.14 -84.09
N GLY I 132 6.29 8.55 -85.27
CA GLY I 132 6.41 7.12 -85.48
C GLY I 132 5.02 6.54 -85.66
N TYR I 133 4.05 7.18 -85.01
CA TYR I 133 2.64 6.72 -85.04
C TYR I 133 1.65 7.72 -85.58
N GLU I 134 0.68 7.18 -86.33
CA GLU I 134 -0.32 7.97 -87.03
C GLU I 134 -1.73 7.33 -86.92
N GLU I 135 -1.79 6.24 -86.18
CA GLU I 135 -3.02 5.59 -85.72
C GLU I 135 -4.24 6.47 -85.29
N LYS I 136 -4.01 7.65 -84.73
CA LYS I 136 -5.13 8.52 -84.35
C LYS I 136 -5.87 9.01 -85.58
N PHE I 137 -5.27 8.84 -86.75
CA PHE I 137 -5.93 9.14 -88.01
C PHE I 137 -7.21 8.29 -88.09
N TYR I 138 -7.17 7.10 -87.50
CA TYR I 138 -8.26 6.14 -87.67
C TYR I 138 -9.03 6.00 -86.38
N PHE I 139 -8.35 6.05 -85.25
CA PHE I 139 -9.01 5.67 -84.00
C PHE I 139 -9.14 6.79 -82.97
N ASN I 140 -10.30 6.91 -82.31
CA ASN I 140 -10.39 7.76 -81.13
C ASN I 140 -9.98 6.94 -79.89
N PRO I 141 -9.46 7.60 -78.84
CA PRO I 141 -9.21 6.86 -77.58
C PRO I 141 -10.51 6.25 -77.06
N GLY I 142 -10.44 4.96 -76.69
CA GLY I 142 -11.60 4.24 -76.21
C GLY I 142 -12.20 4.95 -75.04
N ASP I 143 -13.53 4.92 -75.01
CA ASP I 143 -14.28 5.43 -73.86
C ASP I 143 -15.08 4.34 -73.03
N THR I 144 -14.75 3.07 -73.17
CA THR I 144 -15.49 2.04 -72.44
C THR I 144 -14.93 1.82 -71.05
N GLY I 145 -13.61 1.98 -70.95
CA GLY I 145 -12.87 1.69 -69.76
C GLY I 145 -12.54 0.21 -69.84
N PHE I 146 -11.70 -0.30 -68.93
CA PHE I 146 -11.37 -1.70 -68.90
C PHE I 146 -12.52 -2.47 -68.30
N LYS I 147 -12.90 -3.53 -68.99
CA LYS I 147 -14.08 -4.32 -68.66
C LYS I 147 -13.77 -5.80 -68.40
N VAL I 148 -14.70 -6.46 -67.70
CA VAL I 148 -14.69 -7.90 -67.63
C VAL I 148 -16.02 -8.44 -68.06
N PHE I 149 -16.02 -9.62 -68.69
CA PHE I 149 -17.25 -10.29 -69.08
C PHE I 149 -17.37 -11.64 -68.43
N GLN I 150 -18.59 -11.93 -68.00
CA GLN I 150 -18.94 -13.21 -67.44
C GLN I 150 -19.36 -14.09 -68.59
N THR I 151 -18.48 -14.94 -69.04
CA THR I 151 -18.82 -15.98 -70.02
C THR I 151 -19.34 -17.28 -69.34
N LYS I 152 -19.77 -18.29 -70.11
CA LYS I 152 -20.18 -19.54 -69.54
C LYS I 152 -19.11 -20.29 -68.78
N TYR I 153 -17.84 -20.01 -69.07
CA TYR I 153 -16.73 -20.80 -68.61
C TYR I 153 -15.86 -20.02 -67.62
N ALA I 154 -15.91 -18.68 -67.65
CA ALA I 154 -14.99 -17.87 -66.86
C ALA I 154 -15.32 -16.39 -66.98
N LYS I 155 -14.92 -15.63 -65.95
CA LYS I 155 -15.00 -14.19 -66.03
C LYS I 155 -13.71 -13.82 -66.78
N ILE I 156 -13.80 -13.05 -67.86
CA ILE I 156 -12.60 -12.77 -68.64
C ILE I 156 -12.36 -11.29 -68.87
N GLY I 157 -11.09 -10.97 -69.05
CA GLY I 157 -10.68 -9.60 -69.40
C GLY I 157 -10.05 -9.56 -70.78
N VAL I 158 -10.55 -8.67 -71.63
CA VAL I 158 -9.94 -8.51 -72.95
C VAL I 158 -9.45 -7.06 -73.17
N ALA I 159 -8.23 -6.92 -73.69
CA ALA I 159 -7.73 -5.65 -74.16
C ALA I 159 -7.04 -5.78 -75.56
N ILE I 160 -6.65 -4.66 -76.19
CA ILE I 160 -6.26 -4.68 -77.57
C ILE I 160 -4.89 -4.02 -77.85
N SER I 161 -4.05 -4.76 -78.58
CA SER I 161 -2.89 -4.20 -79.24
C SER I 161 -2.08 -3.35 -78.22
N TRP I 162 -1.91 -2.04 -78.47
CA TRP I 162 -1.03 -1.20 -77.68
C TRP I 162 -1.37 -1.28 -76.17
N ASP I 163 -2.62 -1.63 -75.83
CA ASP I 163 -3.02 -1.77 -74.42
C ASP I 163 -2.03 -2.74 -73.75
N GLN I 164 -1.40 -3.59 -74.56
CA GLN I 164 -0.55 -4.66 -74.01
C GLN I 164 0.60 -4.16 -73.13
N TRP I 165 1.01 -2.91 -73.34
CA TRP I 165 2.16 -2.35 -72.68
C TRP I 165 1.88 -1.77 -71.24
N PHE I 166 0.61 -1.74 -70.84
CA PHE I 166 0.17 -0.96 -69.70
C PHE I 166 -0.32 -1.88 -68.59
N PRO I 167 0.49 -2.08 -67.56
CA PRO I 167 0.13 -2.91 -66.36
C PRO I 167 -1.13 -2.38 -65.69
N GLU I 168 -1.41 -1.09 -65.80
CA GLU I 168 -2.65 -0.56 -65.25
C GLU I 168 -3.86 -1.31 -65.87
N ALA I 169 -3.82 -1.69 -67.16
CA ALA I 169 -4.99 -2.36 -67.77
C ALA I 169 -5.20 -3.78 -67.23
N ALA I 170 -4.13 -4.54 -67.11
CA ALA I 170 -4.22 -5.89 -66.58
C ALA I 170 -4.70 -5.86 -65.15
N ARG I 171 -4.10 -4.99 -64.34
CA ARG I 171 -4.49 -4.89 -62.95
C ARG I 171 -5.95 -4.46 -62.85
N ALA I 172 -6.41 -3.56 -63.69
CA ALA I 172 -7.77 -3.10 -63.50
C ALA I 172 -8.74 -4.20 -63.84
N MET I 173 -8.38 -5.05 -64.79
CA MET I 173 -9.22 -6.21 -65.10
C MET I 173 -9.25 -7.27 -64.01
N ALA I 174 -8.08 -7.57 -63.49
CA ALA I 174 -7.98 -8.52 -62.38
C ALA I 174 -8.69 -8.05 -61.11
N LEU I 175 -8.62 -6.76 -60.81
CA LEU I 175 -9.32 -6.25 -59.62
C LEU I 175 -10.79 -6.43 -59.72
N GLN I 176 -11.29 -6.55 -60.95
CA GLN I 176 -12.73 -6.72 -61.18
C GLN I 176 -13.18 -8.19 -61.39
N GLY I 177 -12.30 -9.13 -61.07
CA GLY I 177 -12.63 -10.55 -61.13
C GLY I 177 -12.15 -11.27 -62.39
N ALA I 178 -11.42 -10.59 -63.28
CA ALA I 178 -11.06 -11.32 -64.48
C ALA I 178 -10.21 -12.53 -64.08
N GLU I 179 -10.51 -13.72 -64.60
CA GLU I 179 -9.80 -14.95 -64.27
C GLU I 179 -8.79 -15.34 -65.33
N ILE I 180 -8.99 -14.81 -66.55
CA ILE I 180 -8.09 -15.03 -67.68
C ILE I 180 -8.02 -13.72 -68.46
N LEU I 181 -6.82 -13.34 -68.90
CA LEU I 181 -6.65 -12.14 -69.80
C LEU I 181 -6.34 -12.51 -71.26
N PHE I 182 -7.02 -11.83 -72.17
CA PHE I 182 -6.80 -11.92 -73.58
C PHE I 182 -6.30 -10.62 -74.23
N TYR I 183 -5.29 -10.74 -75.07
CA TYR I 183 -4.67 -9.60 -75.76
C TYR I 183 -4.40 -9.95 -77.24
N PRO I 184 -5.41 -9.77 -78.12
CA PRO I 184 -5.19 -9.82 -79.59
C PRO I 184 -4.36 -8.66 -80.03
N THR I 185 -3.44 -8.88 -80.96
CA THR I 185 -2.53 -7.79 -81.30
C THR I 185 -1.94 -7.94 -82.69
N ALA I 186 -1.03 -7.02 -83.03
CA ALA I 186 -0.37 -7.09 -84.31
C ALA I 186 0.96 -6.37 -84.18
N ILE I 187 2.08 -7.05 -84.29
CA ILE I 187 3.34 -6.38 -84.03
C ILE I 187 4.36 -6.96 -84.94
N GLY I 188 5.17 -6.09 -85.55
CA GLY I 188 6.12 -6.53 -86.56
C GLY I 188 7.28 -5.58 -86.55
N SER I 189 8.08 -5.59 -87.57
CA SER I 189 9.09 -4.58 -87.73
C SER I 189 9.31 -4.40 -89.25
N GLU I 190 10.00 -3.35 -89.69
CA GLU I 190 10.33 -3.19 -91.11
C GLU I 190 11.55 -4.10 -91.42
N PRO I 191 11.57 -4.82 -92.58
CA PRO I 191 12.79 -5.55 -93.04
C PRO I 191 13.72 -4.73 -93.93
N ASP I 197 14.47 -5.62 -83.07
CA ASP I 197 13.10 -6.18 -83.03
C ASP I 197 12.52 -6.44 -81.58
N SER I 198 11.21 -6.26 -81.41
CA SER I 198 10.65 -6.08 -80.06
C SER I 198 9.97 -7.29 -79.42
N ARG I 199 10.07 -8.47 -80.05
CA ARG I 199 9.28 -9.63 -79.60
C ARG I 199 9.61 -10.10 -78.15
N ASP I 200 10.88 -10.08 -77.70
CA ASP I 200 11.21 -10.47 -76.32
C ASP I 200 10.75 -9.44 -75.28
N HIS I 201 10.72 -8.18 -75.69
CA HIS I 201 10.32 -7.07 -74.84
C HIS I 201 8.88 -7.21 -74.62
N TRP I 202 8.18 -7.45 -75.71
CA TRP I 202 6.75 -7.68 -75.68
C TRP I 202 6.38 -8.86 -74.70
N LYS I 203 6.95 -10.03 -74.94
CA LYS I 203 6.67 -11.20 -74.12
C LYS I 203 6.98 -10.94 -72.64
N ARG I 204 8.13 -10.37 -72.35
CA ARG I 204 8.47 -10.12 -70.96
C ARG I 204 7.44 -9.25 -70.30
N VAL I 205 6.92 -8.24 -70.95
CA VAL I 205 5.95 -7.33 -70.28
C VAL I 205 4.64 -8.02 -69.99
N MET I 206 4.25 -8.90 -70.87
CA MET I 206 2.96 -9.61 -70.78
C MET I 206 3.12 -10.71 -69.68
N GLN I 207 4.25 -11.41 -69.72
CA GLN I 207 4.53 -12.40 -68.73
C GLN I 207 4.43 -11.76 -67.35
N GLY I 208 4.92 -10.50 -67.26
CA GLY I 208 4.77 -9.72 -66.06
C GLY I 208 3.35 -9.45 -65.65
N HIS I 209 2.45 -9.12 -66.59
CA HIS I 209 1.03 -9.00 -66.21
C HIS I 209 0.46 -10.24 -65.55
N ALA I 210 0.74 -11.37 -66.17
CA ALA I 210 0.17 -12.63 -65.73
C ALA I 210 0.71 -12.94 -64.35
N GLY I 211 1.99 -12.66 -64.17
CA GLY I 211 2.69 -12.94 -62.94
C GLY I 211 2.34 -12.04 -61.77
N ALA I 212 2.00 -10.78 -62.03
CA ALA I 212 1.74 -9.84 -60.95
C ALA I 212 0.33 -9.99 -60.46
N ASN I 213 -0.53 -10.48 -61.35
CA ASN I 213 -1.96 -10.64 -61.10
C ASN I 213 -2.37 -12.08 -60.86
N LEU I 214 -1.45 -12.99 -61.12
CA LEU I 214 -1.69 -14.42 -60.96
C LEU I 214 -2.95 -14.93 -61.69
N VAL I 215 -3.01 -14.56 -62.96
CA VAL I 215 -4.00 -15.06 -63.89
C VAL I 215 -3.28 -15.42 -65.18
N PRO I 216 -3.82 -16.40 -65.89
CA PRO I 216 -3.36 -16.78 -67.20
C PRO I 216 -3.61 -15.71 -68.25
N LEU I 217 -2.83 -15.74 -69.31
CA LEU I 217 -2.86 -14.64 -70.27
C LEU I 217 -2.62 -15.24 -71.65
N VAL I 218 -3.55 -14.94 -72.56
CA VAL I 218 -3.50 -15.43 -73.94
C VAL I 218 -3.21 -14.23 -74.92
N ALA I 219 -2.20 -14.38 -75.77
CA ALA I 219 -1.91 -13.37 -76.75
C ALA I 219 -1.84 -13.94 -78.18
N SER I 220 -2.65 -13.38 -79.07
CA SER I 220 -2.65 -13.73 -80.49
C SER I 220 -2.09 -12.62 -81.34
N ASN I 221 -1.02 -12.93 -82.08
CA ASN I 221 -0.40 -12.00 -82.99
C ASN I 221 -0.32 -12.61 -84.40
N ARG I 222 -0.30 -11.78 -85.43
CA ARG I 222 -0.30 -12.26 -86.77
C ARG I 222 1.13 -12.49 -87.20
N ILE I 223 1.27 -13.14 -88.35
CA ILE I 223 2.54 -13.40 -89.04
C ILE I 223 2.41 -12.86 -90.45
N GLY I 224 3.50 -12.81 -91.21
CA GLY I 224 3.41 -12.50 -92.66
C GLY I 224 3.96 -11.13 -92.95
N ASN I 225 4.59 -11.00 -94.11
CA ASN I 225 4.88 -9.69 -94.74
C ASN I 225 3.61 -9.05 -95.28
N GLU I 226 3.49 -7.74 -95.09
CA GLU I 226 2.42 -6.92 -95.70
C GLU I 226 2.95 -5.60 -96.27
N ILE I 227 2.57 -5.31 -97.52
CA ILE I 227 2.94 -4.10 -98.23
C ILE I 227 1.73 -3.26 -98.54
N ILE I 228 1.74 -2.00 -98.08
CA ILE I 228 0.75 -0.99 -98.47
C ILE I 228 1.40 0.23 -99.14
N GLU I 229 0.82 0.77 -100.21
CA GLU I 229 1.31 2.04 -100.80
C GLU I 229 0.75 3.23 -100.03
N THR I 230 1.57 4.23 -99.67
CA THR I 230 1.06 5.43 -98.96
C THR I 230 1.52 6.76 -99.57
N GLU I 231 1.50 7.78 -98.69
CA GLU I 231 1.94 9.13 -99.06
C GLU I 231 3.44 9.39 -98.74
N HIS I 232 4.00 8.65 -97.77
CA HIS I 232 5.46 8.53 -97.73
C HIS I 232 5.84 7.71 -99.02
N GLY I 233 5.44 6.44 -99.01
CA GLY I 233 5.68 5.46 -100.07
C GLY I 233 5.42 4.07 -99.45
N LYS I 234 5.87 3.01 -100.09
CA LYS I 234 5.52 1.67 -99.63
C LYS I 234 5.85 1.43 -98.13
N SER I 235 4.81 1.24 -97.33
CA SER I 235 4.97 0.67 -95.98
C SER I 235 5.02 -0.87 -96.10
N GLU I 236 6.08 -1.47 -95.55
CA GLU I 236 6.33 -2.92 -95.51
C GLU I 236 6.58 -3.36 -94.06
N ILE I 237 5.76 -4.27 -93.56
CA ILE I 237 5.90 -4.82 -92.20
C ILE I 237 5.97 -6.36 -92.20
N LYS I 238 6.99 -6.92 -91.54
CA LYS I 238 7.04 -8.35 -91.25
C LYS I 238 6.55 -8.59 -89.84
N PHE I 239 5.33 -9.12 -89.72
CA PHE I 239 4.77 -9.45 -88.40
C PHE I 239 5.41 -10.67 -87.85
N TYR I 240 5.62 -10.70 -86.54
CA TYR I 240 6.58 -11.66 -86.03
C TYR I 240 5.95 -12.81 -85.25
N GLY I 241 4.63 -12.91 -85.26
CA GLY I 241 3.98 -14.08 -84.69
C GLY I 241 4.34 -14.23 -83.26
N ASN I 242 4.80 -15.41 -82.85
CA ASN I 242 5.16 -15.65 -81.45
C ASN I 242 3.97 -15.45 -80.49
N SER I 243 2.79 -15.71 -81.00
CA SER I 243 1.65 -15.95 -80.14
C SER I 243 1.98 -16.93 -78.99
N PHE I 244 1.31 -16.71 -77.86
CA PHE I 244 1.60 -17.48 -76.70
C PHE I 244 0.46 -17.55 -75.71
N ILE I 245 0.50 -18.59 -74.88
CA ILE I 245 -0.31 -18.66 -73.68
C ILE I 245 0.62 -18.71 -72.50
N ALA I 246 0.38 -17.86 -71.52
CA ALA I 246 1.17 -17.92 -70.25
C ALA I 246 0.29 -18.30 -69.07
N GLY I 247 0.90 -18.95 -68.09
CA GLY I 247 0.18 -19.27 -66.92
C GLY I 247 0.30 -18.21 -65.84
N PRO I 248 -0.31 -18.50 -64.68
CA PRO I 248 -0.42 -17.53 -63.62
C PRO I 248 0.87 -17.14 -62.90
N THR I 249 2.01 -17.81 -63.12
CA THR I 249 3.28 -17.26 -62.62
C THR I 249 4.10 -16.56 -63.75
N GLY I 250 3.47 -16.44 -64.91
CA GLY I 250 4.08 -15.87 -66.06
C GLY I 250 4.83 -16.87 -66.90
N GLU I 251 4.86 -18.13 -66.50
CA GLU I 251 5.54 -19.12 -67.33
C GLU I 251 4.85 -19.28 -68.71
N ILE I 252 5.64 -19.40 -69.80
CA ILE I 252 5.05 -19.67 -71.09
C ILE I 252 4.75 -21.14 -71.17
N VAL I 253 3.49 -21.53 -71.34
CA VAL I 253 3.13 -22.96 -71.41
C VAL I 253 2.95 -23.40 -72.83
N SER I 254 2.84 -22.46 -73.76
CA SER I 254 2.61 -22.81 -75.13
C SER I 254 2.94 -21.56 -76.02
N ILE I 255 3.58 -21.82 -77.18
CA ILE I 255 4.12 -20.72 -77.98
C ILE I 255 4.35 -21.08 -79.42
N ALA I 256 4.03 -20.12 -80.29
CA ALA I 256 4.24 -20.24 -81.77
C ALA I 256 5.54 -19.57 -82.24
N ASP I 257 5.99 -19.90 -83.45
CA ASP I 257 7.17 -19.26 -84.06
C ASP I 257 6.80 -17.98 -84.85
N ASP I 258 7.74 -17.46 -85.64
CA ASP I 258 7.47 -16.28 -86.48
C ASP I 258 7.08 -16.52 -87.97
N LYS I 259 6.83 -17.76 -88.35
CA LYS I 259 6.68 -18.14 -89.74
C LYS I 259 5.32 -18.75 -89.99
N GLU I 260 4.74 -19.44 -88.99
CA GLU I 260 3.67 -20.43 -89.28
C GLU I 260 2.29 -20.20 -88.64
N GLU I 261 1.27 -20.79 -89.25
CA GLU I 261 -0.05 -20.92 -88.63
C GLU I 261 0.09 -21.74 -87.37
N ALA I 262 -0.73 -21.45 -86.37
CA ALA I 262 -0.70 -22.18 -85.15
C ALA I 262 -2.02 -22.17 -84.48
N VAL I 263 -2.28 -23.21 -83.71
CA VAL I 263 -3.40 -23.31 -82.83
C VAL I 263 -2.79 -23.73 -81.50
N LEU I 264 -2.74 -22.82 -80.54
CA LEU I 264 -2.17 -23.12 -79.25
C LEU I 264 -3.32 -23.46 -78.31
N ILE I 265 -3.03 -24.45 -77.42
CA ILE I 265 -3.95 -25.06 -76.48
C ILE I 265 -3.37 -25.16 -75.03
N ALA I 266 -4.17 -24.74 -74.06
CA ALA I 266 -3.81 -24.93 -72.66
C ALA I 266 -5.06 -25.08 -71.75
N GLU I 267 -5.01 -26.04 -70.83
CA GLU I 267 -6.03 -26.18 -69.80
C GLU I 267 -5.59 -25.50 -68.50
N PHE I 268 -6.51 -24.77 -67.87
CA PHE I 268 -6.27 -24.15 -66.56
C PHE I 268 -7.35 -24.54 -65.57
N ASN I 269 -6.92 -24.81 -64.35
CA ASN I 269 -7.87 -25.07 -63.31
C ASN I 269 -8.10 -23.74 -62.59
N LEU I 270 -9.22 -23.12 -62.94
CA LEU I 270 -9.52 -21.84 -62.38
C LEU I 270 -9.80 -21.85 -60.88
N ASP I 271 -10.21 -22.94 -60.30
CA ASP I 271 -10.35 -22.92 -58.82
C ASP I 271 -8.99 -23.03 -58.09
N LYS I 272 -8.12 -23.89 -58.62
CA LYS I 272 -6.77 -23.99 -58.11
C LYS I 272 -6.01 -22.67 -58.30
N ILE I 273 -6.24 -22.00 -59.41
CA ILE I 273 -5.55 -20.72 -59.62
C ILE I 273 -6.07 -19.60 -58.71
N LYS I 274 -7.39 -19.52 -58.58
CA LYS I 274 -7.99 -18.58 -57.67
C LYS I 274 -7.34 -18.77 -56.28
N SER I 275 -7.27 -20.01 -55.84
CA SER I 275 -6.79 -20.26 -54.49
C SER I 275 -5.28 -19.93 -54.37
N MET I 276 -4.53 -20.18 -55.42
CA MET I 276 -3.13 -19.81 -55.48
C MET I 276 -2.95 -18.28 -55.45
N ARG I 277 -3.82 -17.57 -56.16
CA ARG I 277 -3.74 -16.11 -56.29
C ARG I 277 -4.04 -15.47 -54.94
N HIS I 278 -5.03 -15.99 -54.24
CA HIS I 278 -5.38 -15.41 -53.01
C HIS I 278 -4.33 -15.73 -51.92
N CYS I 279 -3.73 -16.93 -51.92
CA CYS I 279 -2.71 -17.29 -50.91
CA CYS I 279 -2.75 -17.23 -50.88
C CYS I 279 -1.40 -16.55 -51.15
N TRP I 280 -1.03 -16.34 -52.42
CA TRP I 280 0.20 -15.53 -52.65
C TRP I 280 0.13 -14.14 -51.95
N GLY I 281 -1.05 -13.54 -51.87
CA GLY I 281 -1.25 -12.40 -51.02
C GLY I 281 -1.21 -11.03 -51.65
N VAL I 282 -0.86 -10.94 -52.94
CA VAL I 282 -0.65 -9.60 -53.47
C VAL I 282 -1.89 -8.71 -53.39
N PHE I 283 -3.05 -9.26 -53.70
CA PHE I 283 -4.30 -8.49 -53.56
C PHE I 283 -4.70 -8.13 -52.14
N ARG I 284 -4.28 -8.93 -51.15
CA ARG I 284 -4.51 -8.58 -49.78
C ARG I 284 -3.54 -7.45 -49.38
N ASP I 285 -2.38 -7.36 -50.04
CA ASP I 285 -1.38 -6.44 -49.59
C ASP I 285 -1.32 -5.10 -50.36
N ARG I 286 -2.21 -4.94 -51.37
CA ARG I 286 -2.16 -3.71 -52.17
C ARG I 286 -2.38 -2.46 -51.31
N ARG I 287 -1.78 -1.35 -51.76
CA ARG I 287 -1.83 -0.07 -51.07
C ARG I 287 -2.47 1.10 -51.90
N PRO I 288 -3.73 0.98 -52.24
CA PRO I 288 -4.39 2.07 -52.99
C PRO I 288 -4.33 3.47 -52.39
N ASP I 289 -4.01 3.58 -51.13
CA ASP I 289 -4.00 4.85 -50.48
C ASP I 289 -2.71 5.57 -50.87
N LEU I 290 -1.76 4.85 -51.43
CA LEU I 290 -0.48 5.37 -51.89
C LEU I 290 -0.37 5.45 -53.44
N TYR I 291 -1.45 5.10 -54.14
CA TYR I 291 -1.41 4.86 -55.58
C TYR I 291 -1.98 6.11 -56.39
N LYS I 292 -2.17 7.23 -55.74
CA LYS I 292 -2.83 8.29 -56.39
C LYS I 292 -2.05 8.94 -57.57
N VAL I 293 -0.72 8.84 -57.52
CA VAL I 293 0.14 9.37 -58.54
C VAL I 293 -0.13 8.73 -59.92
N LEU I 294 -0.82 7.61 -59.91
CA LEU I 294 -1.05 6.86 -61.14
C LEU I 294 -2.20 7.51 -61.89
N LEU I 295 -2.89 8.42 -61.23
CA LEU I 295 -3.96 9.07 -61.88
C LEU I 295 -3.45 10.45 -62.36
N THR I 296 -2.14 10.64 -62.39
CA THR I 296 -1.59 11.80 -63.01
C THR I 296 -0.95 11.27 -64.30
N LEU I 297 -0.63 12.21 -65.21
CA LEU I 297 0.29 11.96 -66.31
C LEU I 297 1.74 12.34 -65.97
N ASP I 298 1.92 13.44 -65.29
CA ASP I 298 3.25 14.00 -65.15
C ASP I 298 3.83 13.76 -63.77
N GLY I 299 3.22 12.86 -63.00
CA GLY I 299 3.64 12.58 -61.62
C GLY I 299 3.30 13.54 -60.48
N LYS I 300 2.61 14.65 -60.77
CA LYS I 300 2.24 15.63 -59.75
C LYS I 300 0.75 15.98 -59.85
N ASN I 301 0.30 16.38 -61.04
CA ASN I 301 -1.05 16.94 -61.26
C ASN I 301 -2.16 15.98 -61.64
N PRO I 302 -3.24 15.92 -60.82
CA PRO I 302 -4.25 14.86 -61.07
C PRO I 302 -4.99 15.12 -62.38
N VAL I 303 -5.29 14.04 -63.09
CA VAL I 303 -6.25 14.10 -64.18
C VAL I 303 -7.68 13.68 -63.74
N LEU I 304 -8.59 14.63 -64.02
CA LEU I 304 -10.09 14.52 -64.01
C LEU I 304 -10.75 13.10 -64.14
N ASP J 7 29.48 5.78 -78.20
CA ASP J 7 28.50 5.81 -77.05
C ASP J 7 28.64 7.12 -76.22
N LYS J 8 27.68 8.04 -76.35
CA LYS J 8 27.78 9.42 -75.78
C LYS J 8 26.55 9.82 -74.91
N GLY J 9 26.82 10.46 -73.75
CA GLY J 9 25.81 10.69 -72.70
C GLY J 9 26.19 10.22 -71.28
N ARG J 10 25.36 10.60 -70.33
CA ARG J 10 25.60 10.31 -68.91
C ARG J 10 25.60 8.79 -68.60
N LYS J 11 26.75 8.20 -68.28
CA LYS J 11 26.86 6.78 -68.03
C LYS J 11 26.94 6.49 -66.53
N VAL J 12 26.21 5.47 -66.11
CA VAL J 12 26.19 5.04 -64.73
C VAL J 12 26.37 3.54 -64.58
N VAL J 13 27.28 3.17 -63.69
CA VAL J 13 27.56 1.79 -63.39
C VAL J 13 26.90 1.50 -62.07
N VAL J 14 25.98 0.53 -62.12
CA VAL J 14 25.30 0.00 -60.95
C VAL J 14 25.75 -1.44 -60.61
N SER J 15 25.50 -1.84 -59.37
CA SER J 15 25.88 -3.15 -58.86
C SER J 15 24.85 -3.73 -57.90
N ALA J 16 24.65 -5.02 -58.02
CA ALA J 16 23.87 -5.79 -57.06
C ALA J 16 24.82 -6.66 -56.26
N LEU J 17 24.70 -6.65 -54.93
CA LEU J 17 25.54 -7.53 -54.08
C LEU J 17 24.75 -8.70 -53.63
N GLN J 18 25.46 -9.79 -53.35
CA GLN J 18 24.82 -11.00 -52.89
C GLN J 18 25.72 -11.74 -51.91
N PHE J 19 25.18 -11.97 -50.70
CA PHE J 19 25.94 -12.65 -49.60
C PHE J 19 25.06 -13.34 -48.56
N ALA J 20 25.63 -14.24 -47.80
CA ALA J 20 24.95 -14.94 -46.68
C ALA J 20 25.11 -14.13 -45.39
N CYS J 21 24.15 -14.17 -44.48
CA CYS J 21 24.30 -13.43 -43.24
C CYS J 21 24.58 -14.36 -42.09
N THR J 22 25.31 -13.84 -41.12
CA THR J 22 25.42 -14.43 -39.81
C THR J 22 24.48 -13.65 -38.85
N ASP J 23 24.44 -14.06 -37.59
CA ASP J 23 23.69 -13.45 -36.46
C ASP J 23 24.41 -12.24 -35.75
N ASP J 24 25.63 -11.90 -36.19
CA ASP J 24 26.39 -10.74 -35.64
C ASP J 24 26.34 -9.50 -36.59
N VAL J 25 25.75 -8.42 -36.11
CA VAL J 25 25.65 -7.17 -36.87
C VAL J 25 26.98 -6.69 -37.48
N SER J 26 28.00 -6.60 -36.65
CA SER J 26 29.27 -6.14 -37.12
C SER J 26 29.79 -7.04 -38.20
N THR J 27 29.75 -8.35 -38.00
CA THR J 27 30.22 -9.23 -39.04
C THR J 27 29.56 -8.86 -40.39
N ASN J 28 28.24 -8.69 -40.39
CA ASN J 28 27.48 -8.49 -41.62
C ASN J 28 27.72 -7.14 -42.24
N VAL J 29 27.97 -6.14 -41.41
CA VAL J 29 28.25 -4.82 -41.95
C VAL J 29 29.66 -4.89 -42.58
N THR J 30 30.56 -5.71 -42.01
CA THR J 30 31.88 -5.81 -42.56
C THR J 30 31.83 -6.52 -43.91
N THR J 31 30.99 -7.54 -44.03
CA THR J 31 30.77 -8.20 -45.28
C THR J 31 30.22 -7.20 -46.32
N ALA J 32 29.27 -6.36 -45.92
CA ALA J 32 28.71 -5.35 -46.84
C ALA J 32 29.81 -4.41 -47.37
N GLU J 33 30.69 -3.98 -46.45
CA GLU J 33 31.79 -3.09 -46.78
C GLU J 33 32.81 -3.76 -47.73
N ARG J 34 33.12 -5.04 -47.50
CA ARG J 34 34.01 -5.75 -48.38
C ARG J 34 33.47 -5.77 -49.86
N LEU J 35 32.17 -6.01 -50.04
CA LEU J 35 31.62 -6.27 -51.31
C LEU J 35 31.34 -4.96 -52.05
N VAL J 36 30.88 -3.96 -51.32
CA VAL J 36 30.85 -2.60 -51.81
C VAL J 36 32.22 -2.20 -52.35
N ARG J 37 33.26 -2.42 -51.56
CA ARG J 37 34.58 -2.04 -52.02
C ARG J 37 34.94 -2.78 -53.29
N ALA J 38 34.43 -4.00 -53.46
CA ALA J 38 34.88 -4.80 -54.59
C ALA J 38 34.17 -4.28 -55.85
N ALA J 39 32.92 -3.87 -55.66
CA ALA J 39 32.06 -3.32 -56.70
C ALA J 39 32.69 -2.02 -57.19
N HIS J 40 33.10 -1.18 -56.21
CA HIS J 40 33.79 0.09 -56.49
C HIS J 40 35.07 -0.11 -57.29
N LYS J 41 35.85 -1.10 -56.93
CA LYS J 41 37.06 -1.41 -57.67
C LYS J 41 36.74 -1.74 -59.14
N GLN J 42 35.55 -2.30 -59.34
CA GLN J 42 35.11 -2.72 -60.66
C GLN J 42 34.29 -1.63 -61.37
N GLY J 43 34.26 -0.42 -60.79
CA GLY J 43 33.72 0.73 -61.45
C GLY J 43 32.36 1.17 -61.00
N ALA J 44 31.80 0.51 -60.03
CA ALA J 44 30.43 0.84 -59.65
C ALA J 44 30.29 2.25 -59.01
N ASN J 45 29.17 2.89 -59.38
CA ASN J 45 28.77 4.19 -58.90
C ASN J 45 27.65 4.05 -57.89
N ILE J 46 26.79 3.05 -58.07
CA ILE J 46 25.67 2.87 -57.19
C ILE J 46 25.56 1.39 -56.85
N VAL J 47 25.53 1.08 -55.55
CA VAL J 47 25.71 -0.29 -55.10
C VAL J 47 24.58 -0.71 -54.16
N LEU J 48 23.94 -1.84 -54.41
CA LEU J 48 22.77 -2.30 -53.65
C LEU J 48 23.04 -3.55 -52.75
N ILE J 49 22.91 -3.32 -51.46
CA ILE J 49 23.00 -4.37 -50.40
C ILE J 49 21.60 -4.92 -50.16
N GLN J 50 21.51 -6.24 -49.99
CA GLN J 50 20.20 -6.95 -49.74
C GLN J 50 19.46 -6.45 -48.47
N GLU J 51 18.16 -6.75 -48.41
CA GLU J 51 17.24 -6.41 -47.30
C GLU J 51 17.64 -7.00 -45.92
N LEU J 52 17.53 -6.16 -44.89
CA LEU J 52 17.76 -6.54 -43.50
C LEU J 52 19.07 -7.27 -43.27
N PHE J 53 20.09 -6.82 -44.01
CA PHE J 53 21.39 -7.46 -44.09
C PHE J 53 22.16 -7.47 -42.75
N GLU J 54 21.72 -6.63 -41.79
CA GLU J 54 22.32 -6.60 -40.45
C GLU J 54 22.24 -7.93 -39.75
N GLY J 55 21.36 -8.84 -40.16
CA GLY J 55 21.28 -10.10 -39.43
C GLY J 55 20.43 -11.08 -40.16
N TYR J 56 20.16 -12.18 -39.50
CA TYR J 56 19.29 -13.24 -39.99
C TYR J 56 17.94 -12.61 -40.26
N TYR J 57 17.22 -13.19 -41.19
CA TYR J 57 15.85 -12.80 -41.46
C TYR J 57 15.00 -13.40 -40.37
N PHE J 58 14.75 -12.58 -39.36
CA PHE J 58 14.17 -13.05 -38.08
C PHE J 58 12.66 -13.29 -38.20
N CYS J 59 12.07 -12.73 -39.27
CA CYS J 59 10.64 -12.73 -39.45
C CYS J 59 10.04 -14.11 -39.68
N GLN J 60 10.85 -15.17 -39.67
CA GLN J 60 10.28 -16.51 -39.57
C GLN J 60 9.53 -16.61 -38.25
N ALA J 61 9.93 -15.81 -37.28
CA ALA J 61 9.29 -15.91 -35.95
C ALA J 61 8.38 -14.74 -35.69
N GLN J 62 7.44 -14.91 -34.78
CA GLN J 62 6.66 -13.79 -34.27
C GLN J 62 6.97 -13.62 -32.78
N ARG J 63 7.99 -12.83 -32.48
CA ARG J 63 8.55 -12.76 -31.11
C ARG J 63 8.59 -11.35 -30.55
N GLU J 64 8.14 -11.23 -29.31
CA GLU J 64 8.22 -10.00 -28.57
C GLU J 64 9.66 -9.44 -28.66
N ASP J 65 10.62 -10.27 -28.25
CA ASP J 65 11.95 -9.75 -28.10
C ASP J 65 12.52 -9.32 -29.46
N PHE J 66 12.10 -9.95 -30.56
CA PHE J 66 12.66 -9.55 -31.87
C PHE J 66 12.22 -8.16 -32.31
N ILE J 67 11.08 -7.69 -31.82
CA ILE J 67 10.64 -6.36 -32.17
C ILE J 67 11.66 -5.32 -31.68
N GLN J 68 12.21 -5.59 -30.52
CA GLN J 68 13.14 -4.69 -29.90
C GLN J 68 14.48 -4.74 -30.62
N ARG J 69 14.57 -5.48 -31.72
CA ARG J 69 15.77 -5.30 -32.53
C ARG J 69 15.75 -4.00 -33.36
N ALA J 70 14.61 -3.30 -33.42
CA ALA J 70 14.54 -2.09 -34.21
C ALA J 70 15.38 -1.02 -33.53
N LYS J 71 15.79 -0.02 -34.28
CA LYS J 71 16.50 1.18 -33.80
C LYS J 71 16.01 2.43 -34.49
N PRO J 72 16.14 3.55 -33.85
CA PRO J 72 15.69 4.70 -34.60
C PRO J 72 16.58 5.06 -35.85
N TYR J 73 15.97 5.70 -36.87
CA TYR J 73 16.70 6.33 -38.00
C TYR J 73 17.83 7.26 -37.55
N LYS J 74 17.54 8.10 -36.57
CA LYS J 74 18.49 9.04 -36.03
C LYS J 74 19.69 8.39 -35.36
N ASP J 75 20.89 8.74 -35.82
CA ASP J 75 22.10 8.18 -35.23
C ASP J 75 22.14 6.63 -35.31
N HIS J 76 21.62 6.05 -36.40
CA HIS J 76 21.74 4.63 -36.58
C HIS J 76 23.21 4.31 -36.83
N PRO J 77 23.78 3.42 -36.03
CA PRO J 77 25.20 3.13 -36.21
C PRO J 77 25.55 2.49 -37.54
N THR J 78 24.67 1.70 -38.12
CA THR J 78 24.99 1.08 -39.40
C THR J 78 24.90 2.15 -40.52
N ILE J 79 23.83 2.95 -40.49
CA ILE J 79 23.77 4.03 -41.39
C ILE J 79 25.02 4.90 -41.34
N MET J 80 25.39 5.36 -40.15
CA MET J 80 26.53 6.25 -40.00
C MET J 80 27.83 5.62 -40.48
N ARG J 81 27.98 4.33 -40.28
CA ARG J 81 29.21 3.69 -40.71
C ARG J 81 29.28 3.67 -42.27
N LEU J 82 28.19 3.28 -42.90
CA LEU J 82 28.15 3.36 -44.35
C LEU J 82 28.18 4.77 -45.00
N GLN J 83 27.81 5.83 -44.31
CA GLN J 83 28.01 7.16 -44.87
C GLN J 83 29.50 7.42 -45.07
N LYS J 84 30.31 6.94 -44.13
CA LYS J 84 31.72 7.22 -44.15
C LYS J 84 32.26 6.51 -45.33
N LEU J 85 31.67 5.36 -45.65
CA LEU J 85 32.18 4.52 -46.74
C LEU J 85 31.79 5.14 -48.11
N ALA J 86 30.54 5.56 -48.19
CA ALA J 86 29.99 6.27 -49.34
C ALA J 86 30.86 7.44 -49.74
N LYS J 87 31.22 8.25 -48.75
CA LYS J 87 32.05 9.40 -48.93
C LYS J 87 33.45 9.00 -49.31
N GLU J 88 34.00 7.99 -48.67
CA GLU J 88 35.35 7.55 -49.02
C GLU J 88 35.45 7.12 -50.50
N LEU J 89 34.48 6.40 -51.01
CA LEU J 89 34.57 5.84 -52.32
C LEU J 89 33.85 6.67 -53.40
N GLY J 90 33.00 7.61 -53.02
CA GLY J 90 32.19 8.32 -53.99
C GLY J 90 31.10 7.41 -54.60
N VAL J 91 30.49 6.57 -53.76
CA VAL J 91 29.43 5.75 -54.24
C VAL J 91 28.17 5.98 -53.43
N VAL J 92 27.04 5.78 -54.09
CA VAL J 92 25.73 5.83 -53.52
C VAL J 92 25.36 4.45 -52.92
N ILE J 93 24.81 4.45 -51.72
CA ILE J 93 24.56 3.22 -50.95
C ILE J 93 23.28 3.39 -50.19
N PRO J 94 22.18 2.80 -50.67
CA PRO J 94 20.90 2.58 -49.96
C PRO J 94 21.09 1.61 -48.82
N VAL J 95 20.66 1.95 -47.63
CA VAL J 95 20.95 1.11 -46.49
C VAL J 95 19.66 0.66 -45.83
N SER J 96 19.38 -0.64 -45.98
CA SER J 96 18.18 -1.25 -45.41
C SER J 96 18.35 -1.47 -43.88
N PHE J 97 17.35 -1.11 -43.08
CA PHE J 97 17.38 -1.29 -41.59
C PHE J 97 15.97 -1.42 -41.00
N PHE J 98 15.87 -1.94 -39.79
CA PHE J 98 14.61 -2.10 -39.05
C PHE J 98 14.43 -0.89 -38.13
N GLU J 99 13.47 -0.02 -38.50
CA GLU J 99 13.27 1.26 -37.85
C GLU J 99 12.25 1.25 -36.67
N GLU J 100 12.63 1.84 -35.53
CA GLU J 100 11.69 2.26 -34.48
C GLU J 100 11.42 3.75 -34.61
N ALA J 101 10.16 4.13 -34.54
CA ALA J 101 9.81 5.51 -34.58
C ALA J 101 8.71 5.74 -33.58
N ASN J 102 9.11 6.07 -32.35
CA ASN J 102 8.24 6.04 -31.17
C ASN J 102 7.52 4.67 -31.09
N ASN J 103 6.18 4.58 -31.14
CA ASN J 103 5.60 3.25 -31.09
C ASN J 103 5.36 2.58 -32.40
N ALA J 104 5.65 3.25 -33.52
CA ALA J 104 5.55 2.64 -34.85
C ALA J 104 6.83 1.93 -35.22
N HIS J 105 6.72 0.92 -36.04
CA HIS J 105 7.91 0.26 -36.54
C HIS J 105 7.83 0.07 -38.04
N TYR J 106 8.96 0.21 -38.73
CA TYR J 106 8.96 0.03 -40.18
C TYR J 106 10.19 -0.73 -40.69
N ASN J 107 10.01 -1.38 -41.81
CA ASN J 107 11.13 -1.95 -42.62
C ASN J 107 11.57 -0.79 -43.54
N SER J 108 12.73 -0.19 -43.31
CA SER J 108 13.07 1.05 -43.95
C SER J 108 14.43 1.00 -44.65
N ILE J 109 14.68 2.08 -45.41
CA ILE J 109 15.90 2.21 -46.20
C ILE J 109 16.29 3.70 -46.34
N ALA J 110 17.54 3.98 -45.99
CA ALA J 110 18.11 5.33 -46.07
C ALA J 110 19.03 5.38 -47.28
N ILE J 111 18.87 6.42 -48.08
CA ILE J 111 19.63 6.57 -49.32
C ILE J 111 20.83 7.47 -49.02
N ILE J 112 22.04 6.91 -49.10
CA ILE J 112 23.24 7.71 -48.89
C ILE J 112 23.85 8.10 -50.25
N ASP J 113 24.09 9.40 -50.42
CA ASP J 113 24.68 9.93 -51.61
C ASP J 113 26.21 9.78 -51.64
N ALA J 114 26.73 9.96 -52.86
CA ALA J 114 28.17 9.80 -53.15
C ALA J 114 29.08 10.70 -52.31
N ASP J 115 28.51 11.72 -51.70
CA ASP J 115 29.27 12.55 -50.75
C ASP J 115 29.01 12.22 -49.27
N GLY J 116 28.24 11.17 -49.00
CA GLY J 116 27.92 10.78 -47.63
C GLY J 116 26.62 11.33 -47.06
N THR J 117 25.99 12.24 -47.79
CA THR J 117 24.75 12.90 -47.36
C THR J 117 23.64 11.88 -47.35
N ASP J 118 22.94 11.84 -46.21
CA ASP J 118 21.77 11.00 -46.00
C ASP J 118 20.58 11.70 -46.65
N LEU J 119 20.11 11.21 -47.78
CA LEU J 119 19.06 11.96 -48.50
C LEU J 119 17.67 11.80 -47.94
N GLY J 120 17.47 10.86 -47.02
CA GLY J 120 16.14 10.59 -46.48
C GLY J 120 15.82 9.12 -46.54
N ILE J 121 14.59 8.75 -46.24
CA ILE J 121 14.22 7.34 -46.23
C ILE J 121 12.94 7.02 -46.94
N TYR J 122 12.85 5.76 -47.29
CA TYR J 122 11.64 5.18 -47.78
C TYR J 122 11.27 4.03 -46.83
N ARG J 123 9.98 3.94 -46.49
CA ARG J 123 9.41 2.89 -45.63
C ARG J 123 8.60 1.85 -46.47
N LYS J 124 8.92 0.59 -46.28
CA LYS J 124 8.35 -0.47 -47.07
C LYS J 124 6.86 -0.37 -47.03
N SER J 125 6.22 -0.38 -48.22
CA SER J 125 4.80 -0.07 -48.27
C SER J 125 3.92 -1.30 -48.23
N HIS J 126 4.37 -2.38 -48.92
CA HIS J 126 3.56 -3.58 -49.05
C HIS J 126 4.22 -4.61 -48.12
N ILE J 127 3.47 -5.12 -47.12
CA ILE J 127 4.05 -6.03 -46.11
C ILE J 127 3.55 -7.48 -46.25
N PRO J 128 4.47 -8.41 -46.54
CA PRO J 128 4.05 -9.76 -46.75
C PRO J 128 3.71 -10.49 -45.42
N ASP J 129 3.13 -11.67 -45.56
CA ASP J 129 2.71 -12.45 -44.45
C ASP J 129 2.68 -13.91 -44.82
N GLY J 130 2.67 -14.73 -43.80
CA GLY J 130 2.59 -16.17 -43.99
C GLY J 130 3.80 -16.93 -43.46
N PRO J 131 3.70 -18.27 -43.41
CA PRO J 131 4.81 -19.00 -42.78
C PRO J 131 6.15 -18.64 -43.39
N GLY J 132 7.11 -18.41 -42.52
CA GLY J 132 8.44 -18.06 -42.91
C GLY J 132 8.65 -16.59 -43.07
N TYR J 133 7.55 -15.86 -43.29
CA TYR J 133 7.68 -14.46 -43.69
C TYR J 133 6.64 -13.59 -43.01
N GLU J 134 6.66 -13.65 -41.68
CA GLU J 134 5.65 -13.02 -40.84
C GLU J 134 5.84 -11.51 -40.66
N GLU J 135 6.10 -10.81 -41.74
CA GLU J 135 6.53 -9.44 -41.62
C GLU J 135 5.46 -8.57 -41.04
N LYS J 136 4.19 -8.94 -41.27
CA LYS J 136 3.10 -8.04 -40.88
C LYS J 136 3.04 -7.97 -39.36
N PHE J 137 3.66 -8.92 -38.70
CA PHE J 137 3.72 -8.87 -37.25
C PHE J 137 4.65 -7.72 -36.74
N TYR J 138 5.64 -7.38 -37.57
CA TYR J 138 6.71 -6.46 -37.15
C TYR J 138 6.53 -5.02 -37.66
N PHE J 139 6.04 -4.84 -38.86
CA PHE J 139 6.11 -3.56 -39.56
C PHE J 139 4.74 -2.94 -39.76
N ASN J 140 4.59 -1.72 -39.31
CA ASN J 140 3.53 -0.88 -39.85
C ASN J 140 3.70 -0.81 -41.39
N PRO J 141 2.57 -0.89 -42.12
CA PRO J 141 2.64 -0.54 -43.56
C PRO J 141 3.22 0.89 -43.70
N GLY J 142 4.24 1.05 -44.55
CA GLY J 142 4.91 2.32 -44.78
C GLY J 142 3.95 3.45 -45.08
N ASP J 143 4.33 4.65 -44.63
CA ASP J 143 3.55 5.84 -44.80
C ASP J 143 4.40 6.92 -45.52
N THR J 144 5.56 6.57 -46.08
CA THR J 144 6.30 7.56 -46.84
C THR J 144 5.64 7.81 -48.24
N GLY J 145 4.99 6.78 -48.76
CA GLY J 145 4.70 6.71 -50.15
C GLY J 145 5.93 6.27 -50.95
N PHE J 146 5.74 6.10 -52.27
CA PHE J 146 6.87 5.79 -53.18
C PHE J 146 7.70 7.03 -53.43
N LYS J 147 9.01 6.84 -53.43
CA LYS J 147 9.86 7.97 -53.50
C LYS J 147 10.94 7.86 -54.58
N VAL J 148 11.43 9.00 -55.02
CA VAL J 148 12.52 9.04 -55.92
C VAL J 148 13.60 9.92 -55.32
N PHE J 149 14.87 9.52 -55.42
CA PHE J 149 15.98 10.33 -54.86
C PHE J 149 16.96 10.87 -55.90
N GLN J 150 17.29 12.16 -55.82
CA GLN J 150 18.26 12.72 -56.73
C GLN J 150 19.61 12.55 -56.14
N THR J 151 20.39 11.65 -56.72
CA THR J 151 21.78 11.41 -56.28
C THR J 151 22.75 12.07 -57.22
N LYS J 152 24.04 11.98 -56.94
CA LYS J 152 25.00 12.54 -57.86
C LYS J 152 24.91 11.95 -59.25
N TYR J 153 24.46 10.72 -59.42
CA TYR J 153 24.63 10.02 -60.69
C TYR J 153 23.34 9.89 -61.49
N ALA J 154 22.21 9.88 -60.77
CA ALA J 154 20.91 9.52 -61.35
C ALA J 154 19.85 9.87 -60.37
N LYS J 155 18.63 10.15 -60.83
CA LYS J 155 17.46 10.01 -60.00
C LYS J 155 17.14 8.52 -59.92
N ILE J 156 17.02 8.01 -58.70
CA ILE J 156 16.80 6.57 -58.52
C ILE J 156 15.55 6.26 -57.70
N GLY J 157 14.88 5.18 -58.01
CA GLY J 157 13.74 4.79 -57.23
C GLY J 157 14.13 3.57 -56.45
N VAL J 158 14.06 3.66 -55.13
CA VAL J 158 14.35 2.51 -54.26
C VAL J 158 13.10 2.10 -53.50
N ALA J 159 12.73 0.83 -53.63
CA ALA J 159 11.64 0.26 -52.88
C ALA J 159 12.19 -1.05 -52.26
N ILE J 160 11.34 -1.83 -51.56
CA ILE J 160 11.89 -2.86 -50.66
C ILE J 160 11.20 -4.16 -50.77
N SER J 161 11.98 -5.16 -51.09
CA SER J 161 11.54 -6.55 -51.16
C SER J 161 10.13 -6.79 -51.76
N TRP J 162 9.22 -7.34 -50.95
CA TRP J 162 7.85 -7.57 -51.40
C TRP J 162 7.25 -6.44 -52.26
N ASP J 163 7.66 -5.20 -52.07
CA ASP J 163 7.27 -4.08 -52.98
C ASP J 163 7.46 -4.45 -54.48
N GLN J 164 8.49 -5.20 -54.74
CA GLN J 164 8.85 -5.60 -56.09
C GLN J 164 7.82 -6.45 -56.81
N TRP J 165 6.75 -6.89 -56.16
CA TRP J 165 5.74 -7.68 -56.88
C TRP J 165 4.63 -6.78 -57.47
N PHE J 166 4.70 -5.47 -57.17
CA PHE J 166 3.57 -4.57 -57.41
C PHE J 166 3.89 -3.58 -58.53
N PRO J 167 3.21 -3.75 -59.71
CA PRO J 167 3.41 -2.88 -60.84
C PRO J 167 3.22 -1.43 -60.46
N GLU J 168 2.34 -1.18 -59.50
CA GLU J 168 2.03 0.18 -59.10
C GLU J 168 3.25 0.88 -58.49
N ALA J 169 4.06 0.18 -57.73
CA ALA J 169 5.14 0.80 -57.09
C ALA J 169 6.12 1.26 -58.15
N ALA J 170 6.36 0.39 -59.11
CA ALA J 170 7.33 0.67 -60.13
C ALA J 170 6.89 1.86 -60.99
N ARG J 171 5.61 1.88 -61.31
CA ARG J 171 5.06 2.93 -62.14
C ARG J 171 5.10 4.22 -61.34
N ALA J 172 4.85 4.14 -60.04
CA ALA J 172 4.90 5.38 -59.22
C ALA J 172 6.30 5.97 -59.26
N MET J 173 7.31 5.12 -59.07
CA MET J 173 8.66 5.60 -59.12
C MET J 173 8.98 6.18 -60.48
N ALA J 174 8.60 5.51 -61.55
CA ALA J 174 8.91 6.00 -62.91
C ALA J 174 8.22 7.32 -63.25
N LEU J 175 6.97 7.43 -62.81
CA LEU J 175 6.20 8.64 -63.04
C LEU J 175 6.85 9.82 -62.29
N GLN J 176 7.50 9.52 -61.17
CA GLN J 176 8.15 10.61 -60.44
C GLN J 176 9.58 10.89 -60.93
N GLY J 177 10.01 10.28 -62.04
CA GLY J 177 11.37 10.50 -62.61
C GLY J 177 12.44 9.45 -62.27
N ALA J 178 12.14 8.33 -61.61
CA ALA J 178 13.20 7.36 -61.47
C ALA J 178 13.87 6.96 -62.80
N GLU J 179 15.20 7.02 -62.87
CA GLU J 179 15.95 6.52 -64.02
C GLU J 179 16.43 5.09 -63.83
N ILE J 180 16.43 4.59 -62.61
CA ILE J 180 16.89 3.20 -62.33
C ILE J 180 16.08 2.79 -61.13
N LEU J 181 15.59 1.54 -61.12
CA LEU J 181 14.84 0.99 -59.97
C LEU J 181 15.74 0.01 -59.16
N PHE J 182 15.56 -0.01 -57.86
CA PHE J 182 16.37 -0.85 -56.94
C PHE J 182 15.46 -1.55 -55.91
N TYR J 183 15.63 -2.84 -55.76
CA TYR J 183 14.86 -3.67 -54.88
C TYR J 183 15.80 -4.60 -54.06
N PRO J 184 16.21 -4.17 -52.89
CA PRO J 184 16.93 -5.12 -52.05
C PRO J 184 15.90 -6.04 -51.41
N THR J 185 16.28 -7.29 -51.21
CA THR J 185 15.34 -8.37 -51.13
C THR J 185 15.80 -9.48 -50.18
N ALA J 186 14.84 -10.21 -49.56
CA ALA J 186 15.12 -11.49 -48.90
C ALA J 186 14.07 -12.46 -49.27
N ILE J 187 14.38 -13.42 -50.13
CA ILE J 187 13.35 -14.41 -50.52
C ILE J 187 13.96 -15.77 -50.79
N GLY J 188 13.26 -16.81 -50.37
CA GLY J 188 13.75 -18.17 -50.49
C GLY J 188 12.66 -19.21 -50.52
N SER J 189 12.99 -20.40 -50.05
CA SER J 189 12.01 -21.45 -49.77
C SER J 189 11.05 -20.99 -48.70
N GLU J 190 9.96 -21.75 -48.59
CA GLU J 190 8.92 -21.49 -47.60
C GLU J 190 8.76 -22.71 -46.70
N PRO J 191 8.87 -22.52 -45.40
CA PRO J 191 8.96 -23.61 -44.43
C PRO J 191 7.75 -24.55 -44.43
N HIS J 192 6.59 -24.09 -44.85
CA HIS J 192 5.42 -24.98 -44.75
C HIS J 192 5.10 -25.78 -46.00
N ASP J 193 5.85 -25.58 -47.08
CA ASP J 193 5.59 -26.31 -48.33
C ASP J 193 6.84 -26.30 -49.15
N GLN J 194 7.51 -27.44 -49.10
CA GLN J 194 8.75 -27.55 -49.80
C GLN J 194 8.64 -27.59 -51.34
N SER J 195 7.44 -27.69 -51.92
CA SER J 195 7.32 -27.64 -53.38
C SER J 195 7.27 -26.22 -53.96
N ILE J 196 7.27 -25.23 -53.09
CA ILE J 196 7.12 -23.86 -53.55
C ILE J 196 8.48 -23.33 -53.93
N ASP J 197 8.68 -23.05 -55.23
CA ASP J 197 9.93 -22.45 -55.74
C ASP J 197 9.56 -21.23 -56.62
N SER J 198 9.77 -20.07 -56.02
CA SER J 198 9.24 -18.81 -56.49
C SER J 198 10.22 -17.99 -57.39
N ARG J 199 11.45 -18.52 -57.55
CA ARG J 199 12.53 -17.79 -58.17
C ARG J 199 12.31 -17.31 -59.65
N ASP J 200 11.66 -18.15 -60.47
CA ASP J 200 11.36 -17.77 -61.87
C ASP J 200 10.21 -16.72 -61.91
N HIS J 201 9.20 -16.93 -61.05
CA HIS J 201 8.07 -16.03 -60.94
C HIS J 201 8.55 -14.62 -60.54
N TRP J 202 9.41 -14.60 -59.52
CA TRP J 202 9.92 -13.37 -58.93
C TRP J 202 10.69 -12.56 -59.99
N LYS J 203 11.54 -13.24 -60.74
CA LYS J 203 12.23 -12.60 -61.81
C LYS J 203 11.26 -12.01 -62.85
N ARG J 204 10.30 -12.81 -63.31
CA ARG J 204 9.43 -12.39 -64.41
C ARG J 204 8.65 -11.15 -64.08
N VAL J 205 8.26 -11.00 -62.84
CA VAL J 205 7.39 -9.89 -62.49
C VAL J 205 8.21 -8.61 -62.56
N MET J 206 9.41 -8.67 -62.01
CA MET J 206 10.33 -7.53 -62.02
C MET J 206 10.81 -7.13 -63.43
N GLN J 207 11.08 -8.12 -64.27
CA GLN J 207 11.44 -7.86 -65.64
C GLN J 207 10.29 -7.17 -66.38
N GLY J 208 9.08 -7.51 -65.95
CA GLY J 208 7.85 -6.86 -66.40
C GLY J 208 7.83 -5.35 -66.13
N HIS J 209 8.15 -4.99 -64.89
CA HIS J 209 8.27 -3.65 -64.49
C HIS J 209 9.35 -2.93 -65.29
N ALA J 210 10.51 -3.55 -65.44
CA ALA J 210 11.55 -2.90 -66.17
C ALA J 210 11.09 -2.56 -67.63
N GLY J 211 10.37 -3.48 -68.27
CA GLY J 211 10.01 -3.37 -69.70
C GLY J 211 8.88 -2.40 -69.91
N ALA J 212 8.03 -2.31 -68.91
CA ALA J 212 6.86 -1.49 -68.98
C ALA J 212 7.19 0.00 -68.72
N ASN J 213 8.20 0.26 -67.93
CA ASN J 213 8.63 1.61 -67.70
C ASN J 213 9.89 2.05 -68.51
N LEU J 214 10.54 1.11 -69.22
CA LEU J 214 11.74 1.40 -69.97
C LEU J 214 12.77 2.04 -69.06
N VAL J 215 12.94 1.40 -67.92
CA VAL J 215 14.00 1.68 -66.97
C VAL J 215 14.69 0.40 -66.52
N PRO J 216 16.01 0.45 -66.34
CA PRO J 216 16.77 -0.67 -65.73
C PRO J 216 16.39 -0.94 -64.30
N LEU J 217 16.68 -2.15 -63.86
CA LEU J 217 16.24 -2.59 -62.53
C LEU J 217 17.33 -3.45 -61.92
N VAL J 218 17.65 -3.18 -60.69
CA VAL J 218 18.67 -3.96 -59.93
C VAL J 218 18.00 -4.66 -58.73
N ALA J 219 18.19 -5.97 -58.61
CA ALA J 219 17.67 -6.67 -57.42
C ALA J 219 18.75 -7.44 -56.69
N SER J 220 18.85 -7.23 -55.40
CA SER J 220 19.90 -7.87 -54.58
C SER J 220 19.25 -8.72 -53.54
N ASN J 221 19.59 -9.99 -53.57
CA ASN J 221 18.98 -11.00 -52.70
C ASN J 221 20.01 -11.88 -51.96
N ARG J 222 19.56 -12.32 -50.80
CA ARG J 222 20.31 -13.13 -49.82
C ARG J 222 20.49 -14.52 -50.33
N ILE J 223 21.55 -15.17 -49.91
CA ILE J 223 21.68 -16.59 -50.07
C ILE J 223 21.86 -17.23 -48.68
N GLY J 224 21.97 -18.56 -48.64
CA GLY J 224 22.32 -19.27 -47.42
C GLY J 224 21.09 -19.91 -46.77
N ASN J 225 21.29 -21.01 -46.04
CA ASN J 225 20.32 -21.50 -45.05
C ASN J 225 20.31 -20.78 -43.68
N GLU J 226 19.12 -20.42 -43.21
CA GLU J 226 18.99 -19.77 -41.91
C GLU J 226 18.01 -20.56 -41.06
N ILE J 227 18.43 -20.97 -39.87
CA ILE J 227 17.53 -21.54 -38.93
C ILE J 227 17.20 -20.49 -37.85
N ILE J 228 15.90 -20.26 -37.62
CA ILE J 228 15.36 -19.37 -36.59
C ILE J 228 14.56 -20.17 -35.55
N GLU J 229 14.73 -19.84 -34.27
CA GLU J 229 13.99 -20.53 -33.18
C GLU J 229 12.70 -19.82 -33.04
N THR J 230 11.61 -20.45 -33.42
CA THR J 230 10.34 -19.72 -33.33
C THR J 230 9.59 -20.13 -32.11
N GLU J 231 8.55 -19.36 -31.84
CA GLU J 231 7.59 -19.65 -30.79
C GLU J 231 7.00 -21.05 -30.91
N HIS J 232 7.11 -21.68 -32.09
CA HIS J 232 6.64 -23.09 -32.26
C HIS J 232 7.73 -24.06 -32.70
N GLY J 233 9.00 -23.70 -32.50
CA GLY J 233 10.15 -24.57 -32.87
C GLY J 233 11.03 -23.97 -33.98
N LYS J 234 12.01 -24.75 -34.39
CA LYS J 234 12.86 -24.42 -35.53
C LYS J 234 12.06 -24.28 -36.80
N SER J 235 12.46 -23.32 -37.60
CA SER J 235 11.94 -23.07 -38.91
C SER J 235 13.11 -22.69 -39.80
N GLU J 236 13.15 -23.28 -41.01
CA GLU J 236 14.25 -23.10 -41.93
C GLU J 236 13.84 -22.49 -43.25
N ILE J 237 14.67 -21.57 -43.71
CA ILE J 237 14.58 -21.07 -45.09
C ILE J 237 15.92 -21.20 -45.80
N LYS J 238 15.87 -21.70 -47.02
CA LYS J 238 17.03 -21.57 -47.92
C LYS J 238 16.81 -20.41 -48.88
N PHE J 239 17.54 -19.33 -48.65
CA PHE J 239 17.52 -18.18 -49.53
C PHE J 239 18.16 -18.53 -50.91
N TYR J 240 17.51 -18.11 -51.99
CA TYR J 240 17.91 -18.63 -53.29
C TYR J 240 18.72 -17.72 -54.21
N GLY J 241 19.20 -16.59 -53.69
CA GLY J 241 20.04 -15.74 -54.47
C GLY J 241 19.37 -15.25 -55.76
N ASN J 242 19.98 -15.49 -56.91
CA ASN J 242 19.43 -15.05 -58.20
C ASN J 242 19.37 -13.51 -58.27
N SER J 243 20.25 -12.84 -57.51
CA SER J 243 20.42 -11.39 -57.62
C SER J 243 20.66 -11.08 -59.10
N PHE J 244 20.06 -9.99 -59.58
CA PHE J 244 20.23 -9.71 -60.99
C PHE J 244 20.13 -8.25 -61.32
N ILE J 245 20.64 -7.91 -62.50
CA ILE J 245 20.40 -6.61 -63.10
C ILE J 245 19.69 -6.74 -64.46
N ALA J 246 18.64 -5.97 -64.66
CA ALA J 246 17.91 -6.00 -65.92
C ALA J 246 17.95 -4.69 -66.61
N GLY J 247 17.99 -4.78 -67.92
CA GLY J 247 17.97 -3.67 -68.84
C GLY J 247 16.57 -3.12 -68.97
N PRO J 248 16.46 -2.02 -69.75
CA PRO J 248 15.22 -1.28 -69.89
C PRO J 248 14.17 -2.01 -70.70
N THR J 249 14.54 -3.08 -71.41
CA THR J 249 13.48 -3.87 -72.03
C THR J 249 13.19 -5.08 -71.19
N GLY J 250 13.76 -5.13 -69.99
CA GLY J 250 13.69 -6.32 -69.13
C GLY J 250 14.67 -7.46 -69.41
N GLU J 251 15.57 -7.34 -70.38
CA GLU J 251 16.62 -8.33 -70.59
C GLU J 251 17.54 -8.42 -69.35
N ILE J 252 17.81 -9.65 -68.89
CA ILE J 252 18.77 -9.83 -67.80
C ILE J 252 20.19 -9.66 -68.33
N VAL J 253 20.93 -8.69 -67.80
CA VAL J 253 22.28 -8.53 -68.30
C VAL J 253 23.34 -9.15 -67.44
N SER J 254 23.00 -9.36 -66.19
CA SER J 254 23.90 -9.92 -65.25
C SER J 254 23.09 -10.65 -64.20
N ILE J 255 23.54 -11.87 -63.88
CA ILE J 255 22.86 -12.68 -62.91
C ILE J 255 23.76 -13.57 -62.05
N ALA J 256 23.35 -13.76 -60.80
CA ALA J 256 24.10 -14.56 -59.90
C ALA J 256 23.43 -15.91 -59.74
N ASP J 257 24.14 -16.90 -59.17
CA ASP J 257 23.58 -18.24 -58.90
C ASP J 257 22.86 -18.30 -57.52
N ASP J 258 22.49 -19.49 -57.05
CA ASP J 258 21.65 -19.52 -55.83
C ASP J 258 22.44 -19.84 -54.57
N LYS J 259 23.77 -19.77 -54.65
CA LYS J 259 24.58 -20.12 -53.51
C LYS J 259 25.96 -19.45 -53.29
N GLU J 260 26.43 -18.61 -54.19
CA GLU J 260 27.71 -17.92 -54.01
C GLU J 260 27.58 -16.42 -53.76
N GLU J 261 28.55 -15.87 -53.06
CA GLU J 261 28.69 -14.43 -52.98
C GLU J 261 28.84 -13.89 -54.39
N ALA J 262 28.21 -12.78 -54.72
CA ALA J 262 28.37 -12.17 -56.04
C ALA J 262 28.48 -10.67 -55.97
N VAL J 263 29.18 -10.13 -56.97
CA VAL J 263 29.23 -8.70 -57.21
C VAL J 263 28.82 -8.53 -58.66
N LEU J 264 27.59 -8.14 -58.90
CA LEU J 264 27.15 -7.90 -60.29
C LEU J 264 27.34 -6.47 -60.73
N ILE J 265 27.78 -6.31 -61.97
CA ILE J 265 28.14 -5.02 -62.54
C ILE J 265 27.51 -4.77 -63.94
N ALA J 266 26.78 -3.66 -64.12
CA ALA J 266 26.38 -3.15 -65.45
C ALA J 266 26.44 -1.65 -65.64
N GLU J 267 26.78 -1.23 -66.86
CA GLU J 267 26.76 0.19 -67.28
C GLU J 267 25.52 0.48 -68.09
N PHE J 268 24.82 1.56 -67.75
CA PHE J 268 23.75 2.09 -68.57
C PHE J 268 24.00 3.53 -69.01
N ASN J 269 23.63 3.80 -70.25
CA ASN J 269 23.61 5.17 -70.74
C ASN J 269 22.27 5.85 -70.49
N LEU J 270 22.15 6.56 -69.40
CA LEU J 270 20.87 7.15 -69.02
C LEU J 270 20.30 8.24 -69.99
N ASP J 271 21.12 9.00 -70.72
CA ASP J 271 20.56 9.93 -71.69
C ASP J 271 19.93 9.19 -72.86
N LYS J 272 20.56 8.11 -73.34
CA LYS J 272 20.01 7.35 -74.48
C LYS J 272 18.71 6.61 -74.07
N ILE J 273 18.71 6.07 -72.88
CA ILE J 273 17.53 5.39 -72.43
C ILE J 273 16.39 6.40 -72.22
N LYS J 274 16.70 7.58 -71.66
CA LYS J 274 15.63 8.60 -71.43
C LYS J 274 15.06 9.00 -72.82
N SER J 275 15.93 9.11 -73.78
CA SER J 275 15.49 9.41 -75.08
C SER J 275 14.68 8.23 -75.78
N MET J 276 15.05 6.93 -75.60
CA MET J 276 14.15 5.83 -76.01
C MET J 276 12.77 5.94 -75.35
N ARG J 277 12.74 6.24 -74.05
CA ARG J 277 11.50 6.26 -73.28
C ARG J 277 10.55 7.32 -73.82
N HIS J 278 11.11 8.47 -74.15
CA HIS J 278 10.33 9.59 -74.62
C HIS J 278 9.79 9.26 -76.01
N CYS J 279 10.65 8.65 -76.84
CA CYS J 279 10.35 8.27 -78.23
CA CYS J 279 10.29 8.32 -78.22
C CYS J 279 9.28 7.19 -78.26
N TRP J 280 9.48 6.15 -77.46
CA TRP J 280 8.51 5.10 -77.31
C TRP J 280 7.12 5.69 -76.95
N GLY J 281 7.11 6.72 -76.10
CA GLY J 281 5.90 7.49 -75.82
C GLY J 281 4.86 6.93 -74.86
N VAL J 282 5.14 5.83 -74.14
CA VAL J 282 4.09 5.17 -73.32
C VAL J 282 3.53 6.07 -72.24
N PHE J 283 4.41 6.81 -71.55
CA PHE J 283 3.98 7.87 -70.65
C PHE J 283 3.02 8.95 -71.18
N ARG J 284 3.21 9.55 -72.36
CA ARG J 284 2.21 10.45 -72.89
C ARG J 284 0.92 9.69 -73.28
N ASP J 285 1.03 8.39 -73.55
CA ASP J 285 -0.11 7.56 -73.95
C ASP J 285 -0.94 6.95 -72.82
N ARG J 286 -0.54 7.10 -71.57
CA ARG J 286 -1.30 6.52 -70.45
C ARG J 286 -2.68 7.12 -70.35
N ARG J 287 -3.56 6.44 -69.63
CA ARG J 287 -4.95 6.90 -69.56
C ARG J 287 -5.39 7.02 -68.08
N PRO J 288 -4.80 7.95 -67.32
CA PRO J 288 -5.14 8.01 -65.88
C PRO J 288 -6.62 8.27 -65.65
N ASP J 289 -7.31 8.86 -66.60
CA ASP J 289 -8.77 9.00 -66.48
C ASP J 289 -9.53 7.64 -66.46
N LEU J 290 -8.86 6.54 -66.82
CA LEU J 290 -9.48 5.21 -66.86
C LEU J 290 -8.92 4.31 -65.76
N TYR J 291 -8.04 4.81 -64.91
CA TYR J 291 -7.42 4.05 -63.84
C TYR J 291 -8.01 4.17 -62.41
N LYS J 292 -9.20 4.75 -62.25
CA LYS J 292 -9.76 4.92 -60.87
C LYS J 292 -9.90 3.61 -60.05
N VAL J 293 -10.11 2.52 -60.74
CA VAL J 293 -10.32 1.27 -60.13
C VAL J 293 -9.05 0.79 -59.41
N LEU J 294 -7.89 1.32 -59.79
CA LEU J 294 -6.67 1.01 -59.01
C LEU J 294 -6.68 1.57 -57.57
N LEU J 295 -7.63 2.45 -57.23
CA LEU J 295 -7.71 2.99 -55.90
C LEU J 295 -8.73 2.22 -55.05
N THR J 296 -9.17 1.07 -55.56
CA THR J 296 -9.99 0.14 -54.82
C THR J 296 -9.14 -1.05 -54.46
N LEU J 297 -9.61 -1.83 -53.48
CA LEU J 297 -9.05 -3.17 -53.28
C LEU J 297 -9.98 -4.26 -53.91
N ASP J 298 -11.28 -4.00 -53.96
CA ASP J 298 -12.30 -5.02 -54.29
C ASP J 298 -12.90 -4.83 -55.71
N GLY J 299 -12.28 -3.93 -56.46
CA GLY J 299 -12.74 -3.53 -57.78
C GLY J 299 -14.00 -2.67 -57.91
N LYS J 300 -14.57 -2.20 -56.81
CA LYS J 300 -15.72 -1.30 -56.82
C LYS J 300 -15.53 -0.11 -55.88
N ASN J 301 -15.06 -0.34 -54.65
CA ASN J 301 -15.08 0.72 -53.63
C ASN J 301 -13.77 1.45 -53.43
N PRO J 302 -13.72 2.76 -53.79
CA PRO J 302 -12.51 3.58 -53.55
C PRO J 302 -12.24 3.62 -52.08
N VAL J 303 -10.98 3.48 -51.74
CA VAL J 303 -10.62 3.52 -50.36
C VAL J 303 -10.67 4.98 -49.97
N LEU J 304 -10.85 5.18 -48.66
CA LEU J 304 -10.77 6.50 -48.02
C LEU J 304 -9.31 6.99 -47.98
N MET K 4 -49.97 8.01 -11.83
CA MET K 4 -48.64 8.63 -12.14
C MET K 4 -47.79 7.89 -13.20
N ALA K 5 -47.14 8.68 -14.08
CA ALA K 5 -46.46 8.16 -15.27
C ALA K 5 -44.95 7.89 -15.03
N GLU K 6 -44.46 6.80 -15.60
CA GLU K 6 -43.05 6.38 -15.48
C GLU K 6 -42.10 7.35 -16.23
N ASP K 7 -40.78 7.26 -15.96
CA ASP K 7 -39.79 8.18 -16.58
C ASP K 7 -39.85 8.05 -18.10
N LYS K 8 -39.98 9.18 -18.79
CA LYS K 8 -40.24 9.21 -20.25
C LYS K 8 -38.98 9.10 -21.08
N GLY K 9 -39.17 8.67 -22.33
CA GLY K 9 -38.07 8.59 -23.30
C GLY K 9 -38.15 7.31 -24.11
N ARG K 10 -37.40 7.21 -25.20
CA ARG K 10 -37.31 5.98 -25.96
C ARG K 10 -36.52 4.96 -25.20
N LYS K 11 -37.08 3.79 -24.99
CA LYS K 11 -36.36 2.71 -24.35
C LYS K 11 -35.95 1.66 -25.36
N VAL K 12 -34.77 1.11 -25.17
CA VAL K 12 -34.30 0.07 -26.02
C VAL K 12 -33.67 -0.98 -25.18
N VAL K 13 -33.99 -2.24 -25.49
CA VAL K 13 -33.45 -3.39 -24.81
C VAL K 13 -32.41 -4.08 -25.70
N VAL K 14 -31.19 -4.11 -25.20
CA VAL K 14 -30.12 -4.76 -25.88
C VAL K 14 -29.70 -6.06 -25.21
N SER K 15 -29.09 -6.93 -26.02
CA SER K 15 -28.63 -8.28 -25.60
C SER K 15 -27.29 -8.69 -26.15
N ALA K 16 -26.46 -9.28 -25.28
CA ALA K 16 -25.28 -10.03 -25.69
C ALA K 16 -25.55 -11.50 -25.55
N LEU K 17 -25.18 -12.26 -26.57
CA LEU K 17 -25.17 -13.72 -26.55
C LEU K 17 -23.74 -14.20 -26.37
N GLN K 18 -23.59 -15.37 -25.76
CA GLN K 18 -22.32 -15.99 -25.49
C GLN K 18 -22.57 -17.47 -25.55
N PHE K 19 -21.86 -18.12 -26.49
CA PHE K 19 -21.96 -19.58 -26.75
C PHE K 19 -20.72 -20.20 -27.40
N ALA K 20 -20.73 -21.49 -27.54
CA ALA K 20 -19.61 -22.23 -28.15
C ALA K 20 -19.93 -22.68 -29.54
N CYS K 21 -18.89 -22.79 -30.35
CA CYS K 21 -19.07 -23.12 -31.76
C CYS K 21 -18.48 -24.48 -32.11
N THR K 22 -19.15 -25.19 -33.02
CA THR K 22 -18.49 -26.29 -33.74
C THR K 22 -17.77 -25.78 -34.97
N ASP K 23 -17.25 -26.67 -35.82
CA ASP K 23 -16.70 -26.23 -37.10
C ASP K 23 -17.72 -26.57 -38.17
N ASP K 24 -18.98 -26.63 -37.77
CA ASP K 24 -20.05 -26.87 -38.71
C ASP K 24 -21.10 -25.71 -38.82
N VAL K 25 -21.24 -25.13 -40.00
CA VAL K 25 -22.02 -23.91 -40.14
C VAL K 25 -23.47 -24.05 -39.69
N SER K 26 -24.14 -25.14 -40.08
CA SER K 26 -25.55 -25.23 -39.78
C SER K 26 -25.82 -25.50 -38.30
N THR K 27 -24.95 -26.26 -37.62
CA THR K 27 -25.03 -26.37 -36.15
C THR K 27 -24.98 -24.96 -35.48
N ASN K 28 -23.97 -24.19 -35.83
CA ASN K 28 -23.74 -22.93 -35.21
C ASN K 28 -24.84 -21.89 -35.52
N VAL K 29 -25.39 -21.91 -36.73
CA VAL K 29 -26.49 -21.01 -37.03
C VAL K 29 -27.76 -21.42 -36.26
N THR K 30 -28.06 -22.70 -36.22
CA THR K 30 -29.12 -23.16 -35.32
C THR K 30 -28.89 -22.74 -33.86
N THR K 31 -27.64 -22.74 -33.41
CA THR K 31 -27.33 -22.34 -32.02
C THR K 31 -27.66 -20.83 -31.83
N ALA K 32 -27.26 -20.03 -32.82
CA ALA K 32 -27.56 -18.62 -32.86
C ALA K 32 -29.05 -18.37 -32.88
N GLU K 33 -29.81 -19.06 -33.74
CA GLU K 33 -31.29 -18.85 -33.83
CA GLU K 33 -31.30 -18.86 -33.81
C GLU K 33 -31.91 -19.04 -32.42
N ARG K 34 -31.55 -20.13 -31.75
CA ARG K 34 -32.12 -20.51 -30.48
C ARG K 34 -31.88 -19.40 -29.49
N LEU K 35 -30.68 -18.84 -29.50
CA LEU K 35 -30.34 -17.85 -28.50
C LEU K 35 -30.91 -16.48 -28.81
N VAL K 36 -30.98 -16.13 -30.11
CA VAL K 36 -31.73 -14.97 -30.53
C VAL K 36 -33.19 -15.09 -30.12
N ARG K 37 -33.82 -16.22 -30.34
CA ARG K 37 -35.19 -16.32 -29.93
C ARG K 37 -35.34 -16.19 -28.42
N ALA K 38 -34.36 -16.66 -27.67
CA ALA K 38 -34.48 -16.63 -26.22
C ALA K 38 -34.28 -15.21 -25.70
N ALA K 39 -33.54 -14.41 -26.45
CA ALA K 39 -33.32 -13.03 -26.06
C ALA K 39 -34.54 -12.16 -26.40
N HIS K 40 -35.21 -12.49 -27.49
CA HIS K 40 -36.45 -11.83 -27.89
C HIS K 40 -37.49 -12.14 -26.83
N LYS K 41 -37.55 -13.38 -26.39
CA LYS K 41 -38.50 -13.79 -25.31
C LYS K 41 -38.29 -12.95 -24.05
N GLN K 42 -37.05 -12.68 -23.69
CA GLN K 42 -36.78 -11.77 -22.59
C GLN K 42 -36.93 -10.25 -22.89
N GLY K 43 -37.45 -9.85 -24.07
CA GLY K 43 -37.68 -8.43 -24.41
C GLY K 43 -36.64 -7.69 -25.28
N ALA K 44 -35.65 -8.42 -25.80
CA ALA K 44 -34.64 -7.78 -26.58
C ALA K 44 -35.16 -7.23 -27.92
N ASN K 45 -34.62 -6.05 -28.25
CA ASN K 45 -34.83 -5.31 -29.50
C ASN K 45 -33.64 -5.45 -30.44
N ILE K 46 -32.45 -5.51 -29.88
CA ILE K 46 -31.21 -5.63 -30.65
C ILE K 46 -30.41 -6.74 -29.98
N VAL K 47 -30.02 -7.72 -30.77
CA VAL K 47 -29.30 -8.89 -30.26
C VAL K 47 -27.95 -9.08 -30.95
N LEU K 48 -26.90 -9.19 -30.16
CA LEU K 48 -25.58 -9.28 -30.70
C LEU K 48 -24.94 -10.67 -30.62
N ILE K 49 -24.70 -11.23 -31.81
CA ILE K 49 -23.99 -12.51 -31.96
C ILE K 49 -22.48 -12.26 -32.13
N GLN K 50 -21.69 -13.16 -31.59
CA GLN K 50 -20.25 -13.08 -31.56
C GLN K 50 -19.53 -13.21 -32.94
N GLU K 51 -18.28 -12.73 -33.02
CA GLU K 51 -17.44 -12.75 -34.23
C GLU K 51 -17.35 -14.11 -34.90
N LEU K 52 -17.55 -14.19 -36.22
CA LEU K 52 -17.22 -15.42 -37.02
C LEU K 52 -17.80 -16.71 -36.43
N PHE K 53 -18.98 -16.55 -35.86
CA PHE K 53 -19.73 -17.68 -35.22
C PHE K 53 -20.14 -18.86 -36.10
N GLU K 54 -19.94 -18.74 -37.40
CA GLU K 54 -20.35 -19.83 -38.34
C GLU K 54 -19.37 -21.03 -38.28
N GLY K 55 -18.20 -20.80 -37.66
CA GLY K 55 -17.13 -21.79 -37.62
C GLY K 55 -16.25 -21.60 -36.40
N TYR K 56 -15.31 -22.50 -36.22
CA TYR K 56 -14.21 -22.28 -35.34
C TYR K 56 -13.54 -21.01 -35.78
N TYR K 57 -12.80 -20.43 -34.84
CA TYR K 57 -11.97 -19.30 -35.14
C TYR K 57 -10.73 -19.88 -35.82
N PHE K 58 -10.79 -19.93 -37.14
CA PHE K 58 -9.76 -20.63 -37.92
C PHE K 58 -8.43 -19.83 -38.01
N CYS K 59 -8.41 -18.59 -37.54
CA CYS K 59 -7.23 -17.74 -37.64
C CYS K 59 -6.04 -18.21 -36.78
N GLN K 60 -6.19 -19.33 -36.08
CA GLN K 60 -5.02 -19.88 -35.44
C GLN K 60 -3.99 -20.32 -36.50
N ALA K 61 -4.50 -20.75 -37.65
CA ALA K 61 -3.64 -21.20 -38.73
C ALA K 61 -3.54 -20.19 -39.86
N GLN K 62 -2.49 -20.31 -40.66
CA GLN K 62 -2.32 -19.47 -41.86
C GLN K 62 -2.40 -20.47 -43.02
N ARG K 63 -3.62 -20.75 -43.46
CA ARG K 63 -3.80 -21.80 -44.44
C ARG K 63 -4.48 -21.34 -45.71
N GLU K 64 -3.90 -21.75 -46.83
CA GLU K 64 -4.45 -21.47 -48.16
C GLU K 64 -5.92 -21.84 -48.21
N ASP K 65 -6.29 -23.03 -47.75
CA ASP K 65 -7.67 -23.51 -47.96
C ASP K 65 -8.67 -22.76 -47.10
N PHE K 66 -8.20 -22.14 -46.03
CA PHE K 66 -9.12 -21.52 -45.12
C PHE K 66 -9.45 -20.17 -45.69
N ILE K 67 -8.59 -19.59 -46.54
CA ILE K 67 -8.99 -18.34 -47.19
C ILE K 67 -10.28 -18.51 -48.03
N GLN K 68 -10.41 -19.68 -48.68
CA GLN K 68 -11.57 -20.02 -49.50
C GLN K 68 -12.88 -20.31 -48.71
N ARG K 69 -12.86 -20.13 -47.40
CA ARG K 69 -14.11 -20.15 -46.63
C ARG K 69 -14.89 -18.85 -46.78
N ALA K 70 -14.25 -17.78 -47.28
CA ALA K 70 -14.96 -16.54 -47.52
C ALA K 70 -16.04 -16.69 -48.58
N LYS K 71 -17.05 -15.84 -48.49
CA LYS K 71 -18.21 -15.87 -49.37
C LYS K 71 -18.59 -14.42 -49.65
N PRO K 72 -19.22 -14.18 -50.83
CA PRO K 72 -19.67 -12.84 -51.17
C PRO K 72 -20.76 -12.36 -50.22
N TYR K 73 -20.82 -11.05 -50.02
CA TYR K 73 -21.89 -10.37 -49.30
C TYR K 73 -23.23 -10.62 -49.93
N LYS K 74 -23.27 -10.57 -51.26
CA LYS K 74 -24.51 -10.80 -52.03
C LYS K 74 -25.02 -12.23 -51.97
N ASP K 75 -26.29 -12.37 -51.64
CA ASP K 75 -26.89 -13.70 -51.54
C ASP K 75 -26.13 -14.61 -50.55
N HIS K 76 -25.62 -14.04 -49.47
CA HIS K 76 -24.97 -14.86 -48.41
C HIS K 76 -26.03 -15.69 -47.66
N PRO K 77 -25.94 -17.03 -47.69
CA PRO K 77 -27.02 -17.86 -47.07
C PRO K 77 -27.23 -17.61 -45.60
N THR K 78 -26.20 -17.30 -44.87
CA THR K 78 -26.41 -17.12 -43.44
C THR K 78 -27.11 -15.80 -43.16
N ILE K 79 -26.71 -14.75 -43.88
CA ILE K 79 -27.32 -13.45 -43.74
C ILE K 79 -28.73 -13.57 -44.19
N MET K 80 -28.98 -14.27 -45.28
CA MET K 80 -30.36 -14.32 -45.77
C MET K 80 -31.25 -15.03 -44.73
N ARG K 81 -30.69 -16.03 -44.05
CA ARG K 81 -31.48 -16.81 -43.10
C ARG K 81 -31.80 -15.93 -41.85
N LEU K 82 -30.80 -15.18 -41.38
CA LEU K 82 -31.03 -14.31 -40.24
C LEU K 82 -31.95 -13.14 -40.57
N GLN K 83 -32.05 -12.74 -41.83
CA GLN K 83 -33.02 -11.72 -42.26
C GLN K 83 -34.43 -12.21 -41.99
N LYS K 84 -34.68 -13.49 -42.27
CA LYS K 84 -36.00 -14.08 -42.03
C LYS K 84 -36.33 -13.99 -40.51
N LEU K 85 -35.37 -14.28 -39.66
CA LEU K 85 -35.56 -14.28 -38.23
C LEU K 85 -35.74 -12.87 -37.66
N ALA K 86 -34.90 -11.95 -38.13
CA ALA K 86 -35.03 -10.53 -37.82
C ALA K 86 -36.44 -10.03 -38.12
N LYS K 87 -37.03 -10.47 -39.22
CA LYS K 87 -38.32 -9.95 -39.58
C LYS K 87 -39.38 -10.61 -38.74
N GLU K 88 -39.23 -11.91 -38.53
CA GLU K 88 -40.25 -12.66 -37.81
C GLU K 88 -40.43 -11.99 -36.48
N LEU K 89 -39.33 -11.72 -35.80
CA LEU K 89 -39.33 -11.24 -34.43
C LEU K 89 -39.36 -9.72 -34.24
N GLY K 90 -38.95 -8.94 -35.23
CA GLY K 90 -38.90 -7.51 -35.06
C GLY K 90 -37.70 -7.16 -34.22
N VAL K 91 -36.58 -7.83 -34.46
CA VAL K 91 -35.34 -7.48 -33.78
C VAL K 91 -34.18 -7.20 -34.74
N VAL K 92 -33.28 -6.35 -34.30
CA VAL K 92 -32.10 -5.97 -35.04
C VAL K 92 -30.97 -6.99 -34.82
N ILE K 93 -30.36 -7.45 -35.92
CA ILE K 93 -29.35 -8.50 -35.84
C ILE K 93 -28.17 -8.22 -36.76
N PRO K 94 -27.02 -7.86 -36.17
CA PRO K 94 -25.74 -7.84 -36.86
C PRO K 94 -25.18 -9.21 -37.18
N VAL K 95 -24.73 -9.41 -38.41
CA VAL K 95 -24.28 -10.73 -38.86
C VAL K 95 -22.84 -10.68 -39.32
N SER K 96 -21.98 -11.24 -38.50
CA SER K 96 -20.53 -11.34 -38.72
C SER K 96 -20.27 -12.41 -39.74
N PHE K 97 -19.49 -12.09 -40.78
CA PHE K 97 -19.18 -13.09 -41.78
C PHE K 97 -17.83 -12.86 -42.46
N PHE K 98 -17.25 -13.93 -43.01
CA PHE K 98 -15.99 -13.83 -43.74
C PHE K 98 -16.34 -13.47 -45.22
N GLU K 99 -15.98 -12.25 -45.67
CA GLU K 99 -16.42 -11.72 -46.98
C GLU K 99 -15.35 -11.90 -48.05
N GLU K 100 -15.78 -12.43 -49.17
CA GLU K 100 -15.04 -12.42 -50.44
C GLU K 100 -15.54 -11.25 -51.33
N ALA K 101 -14.62 -10.39 -51.75
CA ALA K 101 -15.00 -9.35 -52.69
C ALA K 101 -14.03 -9.24 -53.89
N ASN K 102 -14.30 -10.03 -54.93
CA ASN K 102 -13.36 -10.29 -55.99
C ASN K 102 -12.04 -10.83 -55.42
N ASN K 103 -10.93 -10.07 -55.44
CA ASN K 103 -9.71 -10.61 -54.88
C ASN K 103 -9.40 -10.10 -53.48
N ALA K 104 -10.23 -9.21 -52.98
CA ALA K 104 -10.12 -8.78 -51.62
C ALA K 104 -10.91 -9.72 -50.69
N HIS K 105 -10.57 -9.69 -49.40
CA HIS K 105 -11.27 -10.48 -48.37
C HIS K 105 -11.29 -9.63 -47.10
N TYR K 106 -12.41 -9.70 -46.43
CA TYR K 106 -12.59 -8.92 -45.26
C TYR K 106 -13.34 -9.67 -44.18
N ASN K 107 -13.19 -9.23 -42.96
CA ASN K 107 -13.99 -9.65 -41.81
C ASN K 107 -15.06 -8.61 -41.68
N SER K 108 -16.29 -8.99 -41.95
CA SER K 108 -17.31 -8.03 -42.20
C SER K 108 -18.49 -8.29 -41.29
N ILE K 109 -19.39 -7.30 -41.25
CA ILE K 109 -20.65 -7.41 -40.53
C ILE K 109 -21.75 -6.66 -41.24
N ALA K 110 -22.85 -7.37 -41.47
CA ALA K 110 -24.04 -6.79 -42.08
C ALA K 110 -25.10 -6.50 -41.02
N ILE K 111 -25.66 -5.30 -41.05
CA ILE K 111 -26.63 -4.89 -40.08
C ILE K 111 -28.03 -5.07 -40.57
N ILE K 112 -28.76 -6.08 -40.04
CA ILE K 112 -30.16 -6.30 -40.39
C ILE K 112 -31.15 -5.60 -39.45
N ASP K 113 -32.01 -4.77 -39.99
CA ASP K 113 -32.87 -3.98 -39.20
C ASP K 113 -34.01 -4.90 -38.75
N ALA K 114 -34.93 -4.37 -37.93
CA ALA K 114 -36.03 -5.15 -37.35
C ALA K 114 -37.12 -5.49 -38.32
N ASP K 115 -37.11 -4.88 -39.50
CA ASP K 115 -38.03 -5.31 -40.57
C ASP K 115 -37.42 -6.29 -41.58
N GLY K 116 -36.16 -6.69 -41.41
CA GLY K 116 -35.49 -7.62 -42.35
C GLY K 116 -34.56 -6.91 -43.36
N THR K 117 -34.69 -5.60 -43.47
CA THR K 117 -33.87 -4.81 -44.38
C THR K 117 -32.39 -4.91 -44.00
N ASP K 118 -31.55 -5.25 -45.00
CA ASP K 118 -30.08 -5.19 -44.87
C ASP K 118 -29.67 -3.72 -45.06
N LEU K 119 -29.23 -3.10 -43.97
CA LEU K 119 -28.86 -1.70 -43.93
C LEU K 119 -27.46 -1.39 -44.48
N GLY K 120 -26.63 -2.44 -44.63
CA GLY K 120 -25.31 -2.34 -45.26
C GLY K 120 -24.30 -3.03 -44.38
N ILE K 121 -23.02 -2.73 -44.62
CA ILE K 121 -21.95 -3.38 -43.88
C ILE K 121 -20.82 -2.50 -43.41
N TYR K 122 -20.11 -3.04 -42.47
CA TYR K 122 -18.92 -2.47 -41.91
C TYR K 122 -17.87 -3.57 -42.11
N ARG K 123 -16.66 -3.17 -42.53
CA ARG K 123 -15.54 -4.05 -42.71
C ARG K 123 -14.50 -3.76 -41.64
N LYS K 124 -14.17 -4.75 -40.84
CA LYS K 124 -13.22 -4.59 -39.71
C LYS K 124 -12.00 -3.82 -40.20
N SER K 125 -11.62 -2.80 -39.44
CA SER K 125 -10.57 -1.87 -39.78
C SER K 125 -9.23 -2.21 -39.20
N HIS K 126 -9.25 -2.61 -37.92
CA HIS K 126 -8.02 -2.91 -37.21
C HIS K 126 -7.83 -4.42 -37.18
N ILE K 127 -6.74 -4.92 -37.77
CA ILE K 127 -6.56 -6.36 -37.93
C ILE K 127 -5.42 -6.84 -37.06
N PRO K 128 -5.72 -7.74 -36.12
CA PRO K 128 -4.68 -8.24 -35.26
C PRO K 128 -3.80 -9.29 -35.91
N ASP K 129 -2.71 -9.56 -35.24
CA ASP K 129 -1.77 -10.56 -35.69
C ASP K 129 -1.06 -11.19 -34.47
N GLY K 130 -0.42 -12.32 -34.68
CA GLY K 130 0.36 -12.97 -33.66
C GLY K 130 -0.15 -14.38 -33.47
N PRO K 131 0.57 -15.21 -32.72
CA PRO K 131 0.30 -16.60 -32.51
C PRO K 131 -1.12 -16.81 -32.05
N GLY K 132 -1.87 -17.63 -32.77
CA GLY K 132 -3.26 -17.89 -32.41
C GLY K 132 -4.30 -16.93 -33.02
N TYR K 133 -3.87 -15.75 -33.41
CA TYR K 133 -4.81 -14.74 -33.90
C TYR K 133 -4.19 -14.14 -35.19
N GLU K 134 -3.90 -15.02 -36.14
CA GLU K 134 -3.21 -14.62 -37.39
C GLU K 134 -4.13 -13.99 -38.44
N GLU K 135 -4.90 -12.99 -38.09
CA GLU K 135 -5.92 -12.48 -38.98
C GLU K 135 -5.37 -11.65 -40.18
N LYS K 136 -4.24 -10.99 -39.98
CA LYS K 136 -3.63 -10.19 -41.03
C LYS K 136 -3.33 -11.05 -42.25
N PHE K 137 -3.37 -12.38 -42.11
CA PHE K 137 -3.05 -13.24 -43.26
C PHE K 137 -4.26 -13.37 -44.19
N TYR K 138 -5.44 -13.25 -43.57
CA TYR K 138 -6.75 -13.49 -44.19
C TYR K 138 -7.49 -12.21 -44.68
N PHE K 139 -7.37 -11.12 -43.98
CA PHE K 139 -8.28 -10.01 -44.18
C PHE K 139 -7.55 -8.77 -44.65
N ASN K 140 -8.02 -8.16 -45.77
CA ASN K 140 -7.62 -6.82 -46.08
C ASN K 140 -8.06 -5.91 -44.93
N PRO K 141 -7.24 -4.92 -44.59
CA PRO K 141 -7.73 -3.90 -43.66
C PRO K 141 -8.96 -3.24 -44.21
N GLY K 142 -10.02 -3.14 -43.42
CA GLY K 142 -11.28 -2.63 -43.86
C GLY K 142 -11.23 -1.24 -44.50
N ASP K 143 -12.15 -1.01 -45.46
CA ASP K 143 -12.13 0.19 -46.21
C ASP K 143 -13.47 0.91 -46.19
N THR K 144 -14.39 0.48 -45.34
CA THR K 144 -15.67 1.21 -45.23
C THR K 144 -15.49 2.43 -44.37
N GLY K 145 -14.52 2.38 -43.49
CA GLY K 145 -14.53 3.40 -42.43
C GLY K 145 -15.50 3.01 -41.30
N PHE K 146 -15.46 3.78 -40.22
CA PHE K 146 -16.37 3.56 -39.13
C PHE K 146 -17.75 4.12 -39.52
N LYS K 147 -18.79 3.35 -39.24
CA LYS K 147 -20.17 3.60 -39.68
C LYS K 147 -21.15 3.63 -38.48
N VAL K 148 -22.27 4.31 -38.67
CA VAL K 148 -23.39 4.20 -37.78
C VAL K 148 -24.61 3.86 -38.65
N PHE K 149 -25.45 2.99 -38.14
CA PHE K 149 -26.65 2.56 -38.85
C PHE K 149 -27.93 2.98 -38.12
N GLN K 150 -28.85 3.50 -38.88
CA GLN K 150 -30.13 3.91 -38.31
C GLN K 150 -31.14 2.75 -38.33
N THR K 151 -31.43 2.18 -37.15
CA THR K 151 -32.34 1.03 -37.04
C THR K 151 -33.67 1.57 -36.55
N LYS K 152 -34.69 0.73 -36.57
CA LYS K 152 -35.97 1.11 -35.98
C LYS K 152 -35.93 1.61 -34.54
N TYR K 153 -34.95 1.19 -33.77
CA TYR K 153 -34.97 1.52 -32.34
C TYR K 153 -33.93 2.53 -31.94
N ALA K 154 -32.89 2.73 -32.76
CA ALA K 154 -31.76 3.52 -32.34
C ALA K 154 -30.75 3.73 -33.45
N LYS K 155 -29.93 4.75 -33.31
CA LYS K 155 -28.82 4.86 -34.21
C LYS K 155 -27.72 4.09 -33.50
N ILE K 156 -27.12 3.06 -34.14
CA ILE K 156 -26.10 2.21 -33.48
C ILE K 156 -24.79 2.20 -34.23
N GLY K 157 -23.74 1.92 -33.49
CA GLY K 157 -22.41 1.86 -34.09
C GLY K 157 -21.90 0.47 -33.81
N VAL K 158 -21.54 -0.23 -34.88
CA VAL K 158 -21.03 -1.56 -34.81
C VAL K 158 -19.64 -1.64 -35.39
N ALA K 159 -18.73 -2.15 -34.56
CA ALA K 159 -17.39 -2.53 -35.00
C ALA K 159 -17.07 -3.97 -34.55
N ILE K 160 -15.88 -4.47 -34.90
CA ILE K 160 -15.60 -5.90 -34.74
C ILE K 160 -14.36 -6.19 -33.95
N SER K 161 -14.54 -6.94 -32.85
CA SER K 161 -13.47 -7.58 -32.10
C SER K 161 -12.31 -6.62 -31.83
N TRP K 162 -11.13 -6.94 -32.36
CA TRP K 162 -9.94 -6.10 -32.18
C TRP K 162 -10.20 -4.57 -32.33
N ASP K 163 -11.20 -4.16 -33.13
CA ASP K 163 -11.56 -2.72 -33.18
C ASP K 163 -11.83 -2.14 -31.77
N GLN K 164 -12.27 -3.01 -30.86
CA GLN K 164 -12.70 -2.59 -29.53
C GLN K 164 -11.50 -2.08 -28.68
N TRP K 165 -10.28 -2.26 -29.15
CA TRP K 165 -9.13 -1.80 -28.38
C TRP K 165 -8.77 -0.36 -28.73
N PHE K 166 -9.44 0.23 -29.73
CA PHE K 166 -9.07 1.55 -30.25
C PHE K 166 -10.09 2.62 -29.89
N PRO K 167 -9.69 3.52 -29.03
CA PRO K 167 -10.56 4.66 -28.66
C PRO K 167 -11.05 5.39 -29.89
N GLU K 168 -10.19 5.46 -30.87
CA GLU K 168 -10.54 6.16 -32.16
C GLU K 168 -11.86 5.67 -32.80
N ALA K 169 -12.04 4.35 -32.81
CA ALA K 169 -13.24 3.77 -33.40
C ALA K 169 -14.49 4.17 -32.67
N ALA K 170 -14.46 4.06 -31.33
CA ALA K 170 -15.58 4.37 -30.51
C ALA K 170 -15.95 5.83 -30.68
N ARG K 171 -14.92 6.68 -30.69
CA ARG K 171 -15.14 8.09 -30.78
C ARG K 171 -15.65 8.40 -32.15
N ALA K 172 -15.10 7.77 -33.18
CA ALA K 172 -15.63 8.04 -34.52
C ALA K 172 -17.11 7.67 -34.60
N MET K 173 -17.53 6.57 -34.02
CA MET K 173 -18.94 6.24 -34.17
C MET K 173 -19.84 7.19 -33.38
N ALA K 174 -19.38 7.61 -32.20
CA ALA K 174 -20.17 8.49 -31.37
C ALA K 174 -20.31 9.92 -31.94
N LEU K 175 -19.22 10.45 -32.54
CA LEU K 175 -19.25 11.73 -33.24
C LEU K 175 -20.28 11.74 -34.34
N GLN K 176 -20.64 10.55 -34.89
CA GLN K 176 -21.60 10.47 -35.98
C GLN K 176 -23.02 10.12 -35.50
N GLY K 177 -23.20 10.11 -34.20
CA GLY K 177 -24.55 9.93 -33.64
C GLY K 177 -24.91 8.56 -33.06
N ALA K 178 -23.96 7.66 -33.00
CA ALA K 178 -24.22 6.37 -32.42
C ALA K 178 -24.66 6.54 -30.95
N GLU K 179 -25.74 5.84 -30.58
CA GLU K 179 -26.36 5.90 -29.29
C GLU K 179 -26.04 4.67 -28.45
N ILE K 180 -25.55 3.62 -29.12
CA ILE K 180 -25.04 2.40 -28.50
C ILE K 180 -23.97 1.82 -29.39
N LEU K 181 -22.92 1.30 -28.78
CA LEU K 181 -21.82 0.62 -29.49
C LEU K 181 -21.89 -0.92 -29.22
N PHE K 182 -21.58 -1.70 -30.27
CA PHE K 182 -21.65 -3.14 -30.32
C PHE K 182 -20.32 -3.64 -30.88
N TYR K 183 -19.73 -4.61 -30.15
CA TYR K 183 -18.50 -5.26 -30.54
C TYR K 183 -18.58 -6.79 -30.40
N PRO K 184 -18.95 -7.51 -31.47
CA PRO K 184 -18.84 -8.96 -31.41
C PRO K 184 -17.38 -9.35 -31.39
N THR K 185 -17.04 -10.44 -30.73
CA THR K 185 -15.65 -10.71 -30.36
C THR K 185 -15.27 -12.16 -30.37
N ALA K 186 -14.00 -12.45 -30.60
CA ALA K 186 -13.45 -13.76 -30.34
C ALA K 186 -12.11 -13.61 -29.66
N ILE K 187 -12.03 -13.81 -28.36
CA ILE K 187 -10.74 -13.61 -27.71
C ILE K 187 -10.60 -14.60 -26.50
N GLY K 188 -9.38 -15.08 -26.28
CA GLY K 188 -9.11 -15.99 -25.22
C GLY K 188 -7.67 -16.07 -24.82
N SER K 189 -7.29 -17.27 -24.42
CA SER K 189 -5.91 -17.61 -24.20
C SER K 189 -5.12 -17.51 -25.54
N GLU K 190 -3.80 -17.55 -25.38
CA GLU K 190 -2.83 -17.34 -26.41
C GLU K 190 -1.86 -18.52 -26.46
N PRO K 191 -1.82 -19.25 -27.59
CA PRO K 191 -1.18 -20.59 -27.60
C PRO K 191 0.35 -20.58 -27.32
N HIS K 192 1.02 -19.44 -27.49
CA HIS K 192 2.45 -19.39 -27.26
C HIS K 192 2.92 -19.01 -25.87
N ASP K 193 2.04 -18.43 -25.05
CA ASP K 193 2.37 -18.07 -23.63
C ASP K 193 1.10 -18.20 -22.77
N GLN K 194 1.05 -19.27 -21.99
CA GLN K 194 -0.17 -19.56 -21.23
C GLN K 194 -0.34 -18.60 -20.04
N SER K 195 0.66 -17.78 -19.75
CA SER K 195 0.57 -16.79 -18.66
C SER K 195 -0.15 -15.48 -19.10
N ILE K 196 -0.49 -15.34 -20.37
CA ILE K 196 -1.16 -14.16 -20.79
C ILE K 196 -2.64 -14.37 -20.57
N ASP K 197 -3.24 -13.42 -19.89
CA ASP K 197 -4.67 -13.45 -19.54
C ASP K 197 -5.15 -12.02 -19.67
N SER K 198 -5.96 -11.78 -20.69
CA SER K 198 -6.12 -10.45 -21.20
C SER K 198 -7.46 -9.89 -20.81
N ARG K 199 -8.25 -10.70 -20.09
CA ARG K 199 -9.67 -10.43 -19.90
C ARG K 199 -9.97 -9.13 -19.13
N ASP K 200 -9.17 -8.81 -18.10
CA ASP K 200 -9.38 -7.59 -17.33
C ASP K 200 -8.95 -6.36 -18.12
N HIS K 201 -7.79 -6.41 -18.76
CA HIS K 201 -7.35 -5.39 -19.70
C HIS K 201 -8.43 -5.10 -20.77
N TRP K 202 -8.90 -6.16 -21.42
CA TRP K 202 -9.92 -6.09 -22.48
C TRP K 202 -11.15 -5.33 -21.99
N LYS K 203 -11.68 -5.75 -20.85
CA LYS K 203 -12.83 -5.05 -20.23
C LYS K 203 -12.61 -3.57 -20.01
N ARG K 204 -11.51 -3.28 -19.32
CA ARG K 204 -11.19 -1.94 -18.90
C ARG K 204 -11.07 -1.01 -20.07
N VAL K 205 -10.54 -1.50 -21.20
CA VAL K 205 -10.39 -0.60 -22.35
C VAL K 205 -11.75 -0.22 -22.95
N MET K 206 -12.67 -1.16 -22.98
CA MET K 206 -14.00 -0.87 -23.50
C MET K 206 -14.81 -0.02 -22.50
N GLN K 207 -14.72 -0.34 -21.23
CA GLN K 207 -15.45 0.50 -20.29
C GLN K 207 -15.00 1.94 -20.43
N GLY K 208 -13.72 2.10 -20.71
CA GLY K 208 -13.15 3.38 -20.95
C GLY K 208 -13.86 4.08 -22.14
N HIS K 209 -14.21 3.33 -23.19
CA HIS K 209 -14.91 3.97 -24.34
C HIS K 209 -16.31 4.39 -23.97
N ALA K 210 -16.95 3.56 -23.18
CA ALA K 210 -18.32 3.82 -22.77
C ALA K 210 -18.37 5.12 -21.92
N GLY K 211 -17.45 5.25 -20.97
CA GLY K 211 -17.37 6.42 -20.13
C GLY K 211 -16.94 7.69 -20.83
N ALA K 212 -16.07 7.57 -21.82
CA ALA K 212 -15.57 8.77 -22.55
C ALA K 212 -16.55 9.32 -23.60
N ASN K 213 -17.44 8.46 -24.07
CA ASN K 213 -18.44 8.88 -25.06
C ASN K 213 -19.86 9.02 -24.51
N LEU K 214 -20.01 8.62 -23.24
CA LEU K 214 -21.29 8.53 -22.54
C LEU K 214 -22.34 7.81 -23.38
N VAL K 215 -21.98 6.61 -23.83
CA VAL K 215 -22.92 5.73 -24.51
C VAL K 215 -22.77 4.31 -24.02
N PRO K 216 -23.88 3.57 -23.91
CA PRO K 216 -23.82 2.14 -23.58
C PRO K 216 -23.09 1.32 -24.62
N LEU K 217 -22.71 0.11 -24.23
CA LEU K 217 -21.74 -0.66 -24.97
C LEU K 217 -22.00 -2.14 -24.72
N VAL K 218 -21.97 -2.93 -25.80
CA VAL K 218 -22.33 -4.36 -25.72
C VAL K 218 -21.19 -5.18 -26.30
N ALA K 219 -20.77 -6.21 -25.61
CA ALA K 219 -19.71 -7.05 -26.16
C ALA K 219 -20.06 -8.50 -26.03
N SER K 220 -19.89 -9.21 -27.13
CA SER K 220 -20.26 -10.62 -27.15
C SER K 220 -19.06 -11.43 -27.55
N ASN K 221 -18.59 -12.29 -26.65
CA ASN K 221 -17.42 -13.14 -26.86
C ASN K 221 -17.74 -14.62 -26.76
N ARG K 222 -16.95 -15.37 -27.51
CA ARG K 222 -17.06 -16.81 -27.60
C ARG K 222 -16.70 -17.46 -26.27
N ILE K 223 -17.08 -18.73 -26.10
CA ILE K 223 -16.59 -19.60 -25.04
C ILE K 223 -16.17 -20.91 -25.66
N GLY K 224 -15.48 -21.72 -24.87
CA GLY K 224 -15.06 -23.05 -25.21
C GLY K 224 -13.61 -23.12 -25.66
N ASN K 225 -13.10 -24.35 -25.65
CA ASN K 225 -11.86 -24.71 -26.29
C ASN K 225 -12.02 -25.08 -27.74
N GLU K 226 -11.01 -24.72 -28.52
CA GLU K 226 -10.98 -24.97 -29.97
C GLU K 226 -9.57 -25.33 -30.40
N ILE K 227 -9.43 -26.50 -31.00
CA ILE K 227 -8.18 -27.00 -31.52
C ILE K 227 -8.16 -26.89 -33.05
N ILE K 228 -7.21 -26.16 -33.62
CA ILE K 228 -7.06 -26.01 -35.07
C ILE K 228 -5.79 -26.71 -35.55
N GLU K 229 -5.89 -27.41 -36.68
CA GLU K 229 -4.72 -28.06 -37.22
C GLU K 229 -3.99 -27.03 -38.08
N THR K 230 -2.79 -26.63 -37.66
CA THR K 230 -2.05 -25.57 -38.33
C THR K 230 -0.92 -26.18 -39.10
N GLU K 231 -0.21 -25.32 -39.83
CA GLU K 231 0.91 -25.69 -40.73
C GLU K 231 2.03 -26.26 -39.90
N HIS K 232 1.95 -26.08 -38.57
CA HIS K 232 2.99 -26.56 -37.66
C HIS K 232 2.48 -27.44 -36.53
N GLY K 233 1.29 -28.04 -36.67
CA GLY K 233 0.74 -28.87 -35.60
C GLY K 233 -0.43 -28.23 -34.91
N LYS K 234 -0.92 -28.88 -33.87
CA LYS K 234 -2.06 -28.35 -33.15
C LYS K 234 -1.77 -27.04 -32.43
N SER K 235 -2.80 -26.22 -32.38
CA SER K 235 -2.82 -24.96 -31.67
C SER K 235 -4.20 -24.89 -31.03
N GLU K 236 -4.21 -24.63 -29.75
CA GLU K 236 -5.44 -24.57 -29.00
C GLU K 236 -5.68 -23.20 -28.40
N ILE K 237 -6.90 -22.72 -28.52
CA ILE K 237 -7.39 -21.59 -27.69
C ILE K 237 -8.54 -21.97 -26.78
N LYS K 238 -8.52 -21.38 -25.61
CA LYS K 238 -9.66 -21.44 -24.74
C LYS K 238 -10.28 -20.07 -24.65
N PHE K 239 -11.41 -19.89 -25.29
CA PHE K 239 -12.07 -18.60 -25.29
C PHE K 239 -12.64 -18.22 -23.92
N TYR K 240 -12.54 -16.96 -23.47
CA TYR K 240 -12.83 -16.71 -22.04
C TYR K 240 -14.14 -16.02 -21.70
N GLY K 241 -15.06 -16.00 -22.64
CA GLY K 241 -16.39 -15.52 -22.35
C GLY K 241 -16.36 -14.10 -21.86
N ASN K 242 -16.91 -13.88 -20.66
CA ASN K 242 -16.98 -12.54 -20.10
C ASN K 242 -17.69 -11.50 -21.00
N SER K 243 -18.67 -11.94 -21.76
CA SER K 243 -19.51 -11.02 -22.49
C SER K 243 -20.19 -10.07 -21.50
N PHE K 244 -20.35 -8.82 -21.90
CA PHE K 244 -20.88 -7.86 -20.92
C PHE K 244 -21.59 -6.74 -21.63
N ILE K 245 -22.40 -6.03 -20.85
CA ILE K 245 -23.03 -4.79 -21.26
C ILE K 245 -22.72 -3.71 -20.21
N ALA K 246 -22.30 -2.55 -20.70
CA ALA K 246 -21.92 -1.45 -19.81
C ALA K 246 -22.75 -0.25 -20.12
N GLY K 247 -23.05 0.56 -19.12
CA GLY K 247 -23.77 1.81 -19.28
C GLY K 247 -22.84 2.98 -19.59
N PRO K 248 -23.41 4.17 -19.73
CA PRO K 248 -22.69 5.30 -20.25
C PRO K 248 -21.67 5.95 -19.28
N THR K 249 -21.54 5.43 -18.07
CA THR K 249 -20.40 5.85 -17.23
C THR K 249 -19.30 4.77 -17.23
N GLY K 250 -19.46 3.73 -18.07
CA GLY K 250 -18.55 2.61 -18.08
C GLY K 250 -18.83 1.51 -17.07
N GLU K 251 -19.83 1.68 -16.20
CA GLU K 251 -20.15 0.64 -15.22
C GLU K 251 -20.75 -0.58 -15.89
N ILE K 252 -20.33 -1.76 -15.47
CA ILE K 252 -20.87 -3.02 -16.00
C ILE K 252 -22.26 -3.20 -15.43
N VAL K 253 -23.28 -3.38 -16.25
CA VAL K 253 -24.62 -3.62 -15.71
C VAL K 253 -24.95 -5.12 -15.73
N SER K 254 -24.36 -5.85 -16.68
CA SER K 254 -24.63 -7.24 -16.82
C SER K 254 -23.37 -7.94 -17.36
N ILE K 255 -23.02 -9.13 -16.82
CA ILE K 255 -21.81 -9.84 -17.21
C ILE K 255 -21.85 -11.37 -17.11
N ALA K 256 -21.30 -12.05 -18.11
CA ALA K 256 -21.26 -13.50 -18.11
C ALA K 256 -19.93 -14.01 -17.49
N ASP K 257 -19.89 -15.25 -17.07
CA ASP K 257 -18.62 -15.83 -16.62
C ASP K 257 -17.86 -16.35 -17.85
N ASP K 258 -16.81 -17.17 -17.63
CA ASP K 258 -15.91 -17.58 -18.69
C ASP K 258 -16.16 -18.86 -19.37
N LYS K 259 -17.29 -19.51 -19.10
CA LYS K 259 -17.52 -20.88 -19.65
C LYS K 259 -18.98 -21.29 -19.89
N GLU K 260 -19.89 -20.50 -19.33
CA GLU K 260 -21.33 -20.65 -19.49
C GLU K 260 -21.82 -20.05 -20.80
N GLU K 261 -22.77 -20.75 -21.41
CA GLU K 261 -23.65 -20.17 -22.41
C GLU K 261 -24.55 -19.15 -21.70
N ALA K 262 -24.88 -18.08 -22.38
CA ALA K 262 -25.55 -16.98 -21.72
C ALA K 262 -26.24 -16.04 -22.69
N VAL K 263 -27.31 -15.48 -22.16
CA VAL K 263 -28.08 -14.43 -22.79
C VAL K 263 -28.16 -13.27 -21.82
N LEU K 264 -27.48 -12.18 -22.14
CA LEU K 264 -27.54 -10.97 -21.32
C LEU K 264 -28.51 -9.96 -21.88
N ILE K 265 -29.12 -9.18 -20.97
CA ILE K 265 -30.26 -8.31 -21.22
C ILE K 265 -30.04 -7.02 -20.44
N ALA K 266 -30.20 -5.86 -21.05
CA ALA K 266 -30.30 -4.57 -20.34
C ALA K 266 -31.17 -3.54 -21.10
N GLU K 267 -31.92 -2.76 -20.33
CA GLU K 267 -32.73 -1.70 -20.85
C GLU K 267 -32.02 -0.36 -20.64
N PHE K 268 -31.99 0.45 -21.71
CA PHE K 268 -31.48 1.81 -21.67
C PHE K 268 -32.51 2.85 -22.13
N ASN K 269 -32.58 3.97 -21.42
CA ASN K 269 -33.38 5.12 -21.86
C ASN K 269 -32.54 6.07 -22.75
N LEU K 270 -32.71 5.95 -24.04
CA LEU K 270 -31.85 6.70 -24.94
C LEU K 270 -31.99 8.22 -24.82
N ASP K 271 -33.16 8.68 -24.43
CA ASP K 271 -33.37 10.11 -24.31
C ASP K 271 -32.77 10.66 -23.05
N LYS K 272 -32.83 9.95 -21.94
CA LYS K 272 -32.07 10.40 -20.75
C LYS K 272 -30.57 10.41 -20.97
N ILE K 273 -30.06 9.38 -21.61
CA ILE K 273 -28.65 9.22 -21.70
C ILE K 273 -28.10 10.31 -22.61
N LYS K 274 -28.87 10.64 -23.67
CA LYS K 274 -28.49 11.69 -24.58
C LYS K 274 -28.31 13.00 -23.80
N SER K 275 -29.22 13.23 -22.89
CA SER K 275 -29.25 14.45 -22.15
C SER K 275 -28.04 14.51 -21.24
N MET K 276 -27.70 13.40 -20.62
CA MET K 276 -26.55 13.28 -19.73
C MET K 276 -25.27 13.40 -20.52
N ARG K 277 -25.22 12.80 -21.69
CA ARG K 277 -24.01 12.85 -22.51
C ARG K 277 -23.67 14.34 -22.85
N HIS K 278 -24.70 15.07 -23.25
CA HIS K 278 -24.56 16.49 -23.60
C HIS K 278 -24.30 17.38 -22.40
N CYS K 279 -24.96 17.17 -21.26
CA CYS K 279 -24.68 18.00 -20.07
CA CYS K 279 -24.67 18.05 -20.11
C CYS K 279 -23.26 17.81 -19.52
N TRP K 280 -22.70 16.60 -19.64
CA TRP K 280 -21.33 16.33 -19.13
C TRP K 280 -20.29 17.17 -19.89
N GLY K 281 -20.51 17.33 -21.18
CA GLY K 281 -19.82 18.39 -21.97
C GLY K 281 -18.61 18.00 -22.81
N VAL K 282 -18.25 16.72 -22.82
CA VAL K 282 -16.98 16.37 -23.40
C VAL K 282 -17.06 16.75 -24.86
N PHE K 283 -18.19 16.51 -25.51
CA PHE K 283 -18.23 16.79 -26.95
C PHE K 283 -18.29 18.30 -27.26
N ARG K 284 -18.70 19.10 -26.30
CA ARG K 284 -18.73 20.55 -26.48
C ARG K 284 -17.29 21.13 -26.40
N ASP K 285 -16.42 20.39 -25.71
CA ASP K 285 -15.12 20.83 -25.29
C ASP K 285 -13.96 20.19 -26.08
N ARG K 286 -14.23 19.25 -26.95
CA ARG K 286 -13.20 18.68 -27.83
C ARG K 286 -12.42 19.69 -28.65
N ARG K 287 -11.18 19.30 -28.95
CA ARG K 287 -10.23 20.19 -29.61
C ARG K 287 -9.68 19.61 -30.93
N PRO K 288 -10.56 19.49 -31.96
CA PRO K 288 -10.09 18.86 -33.19
C PRO K 288 -8.89 19.55 -33.82
N ASP K 289 -8.74 20.84 -33.59
CA ASP K 289 -7.61 21.60 -34.07
C ASP K 289 -6.31 21.09 -33.50
N LEU K 290 -6.37 20.45 -32.33
CA LEU K 290 -5.17 19.95 -31.72
C LEU K 290 -4.98 18.45 -31.91
N TYR K 291 -5.86 17.76 -32.66
CA TYR K 291 -5.80 16.32 -32.84
C TYR K 291 -5.15 15.75 -34.16
N LYS K 292 -4.41 16.56 -34.93
CA LYS K 292 -3.81 16.11 -36.20
C LYS K 292 -2.75 15.02 -36.00
N VAL K 293 -2.07 15.07 -34.86
CA VAL K 293 -1.17 14.01 -34.50
C VAL K 293 -1.82 12.63 -34.53
N LEU K 294 -3.14 12.56 -34.38
CA LEU K 294 -3.78 11.27 -34.45
C LEU K 294 -3.80 10.68 -35.84
N LEU K 295 -3.52 11.51 -36.88
CA LEU K 295 -3.41 11.01 -38.24
C LEU K 295 -1.99 10.57 -38.60
N THR K 296 -1.15 10.42 -37.56
CA THR K 296 0.16 9.87 -37.76
C THR K 296 0.16 8.52 -37.16
N LEU K 297 1.14 7.71 -37.56
CA LEU K 297 1.45 6.48 -36.82
C LEU K 297 2.55 6.65 -35.80
N ASP K 298 3.49 7.52 -36.16
CA ASP K 298 4.76 7.74 -35.50
C ASP K 298 4.89 9.04 -34.73
N GLY K 299 3.79 9.74 -34.49
CA GLY K 299 3.86 10.95 -33.73
C GLY K 299 4.37 12.19 -34.45
N LYS K 300 4.86 12.07 -35.68
CA LYS K 300 5.42 13.19 -36.45
C LYS K 300 4.80 13.37 -37.86
N ASN K 301 4.80 12.28 -38.64
CA ASN K 301 4.47 12.26 -40.09
C ASN K 301 3.02 11.86 -40.43
N PRO K 302 2.22 12.81 -40.91
CA PRO K 302 0.85 12.51 -41.38
C PRO K 302 0.85 11.42 -42.43
N VAL K 303 -0.09 10.52 -42.33
CA VAL K 303 -0.15 9.52 -43.34
C VAL K 303 -0.72 10.08 -44.63
N LEU K 304 -0.27 9.48 -45.72
CA LEU K 304 -0.89 9.82 -47.00
C LEU K 304 -2.41 9.43 -47.06
N ASP L 7 15.38 -8.48 -12.40
CA ASP L 7 14.54 -7.82 -13.48
C ASP L 7 15.26 -6.64 -14.18
N LYS L 8 15.86 -6.91 -15.33
CA LYS L 8 16.74 -5.96 -16.05
C LYS L 8 15.93 -4.76 -16.61
N GLY L 9 16.60 -3.62 -16.83
CA GLY L 9 15.94 -2.50 -17.52
C GLY L 9 15.67 -1.32 -16.62
N ARG L 10 15.35 -0.23 -17.26
CA ARG L 10 15.30 1.05 -16.64
C ARG L 10 14.05 1.16 -15.82
N LYS L 11 14.22 1.45 -14.55
CA LYS L 11 13.11 1.61 -13.61
C LYS L 11 12.92 3.08 -13.29
N VAL L 12 11.66 3.47 -13.14
CA VAL L 12 11.29 4.75 -12.57
C VAL L 12 10.25 4.63 -11.47
N VAL L 13 10.38 5.45 -10.44
CA VAL L 13 9.43 5.50 -9.32
C VAL L 13 8.63 6.81 -9.43
N VAL L 14 7.31 6.65 -9.52
CA VAL L 14 6.42 7.78 -9.59
C VAL L 14 5.59 7.95 -8.32
N SER L 15 5.13 9.19 -8.12
CA SER L 15 4.35 9.56 -6.96
C SER L 15 3.16 10.43 -7.30
N ALA L 16 2.04 10.17 -6.63
CA ALA L 16 0.90 11.07 -6.60
C ALA L 16 0.72 11.54 -5.20
N LEU L 17 0.56 12.86 -5.07
CA LEU L 17 0.28 13.47 -3.78
C LEU L 17 -1.14 13.91 -3.77
N GLN L 18 -1.67 14.01 -2.56
CA GLN L 18 -3.06 14.36 -2.33
C GLN L 18 -3.07 15.13 -1.04
N PHE L 19 -3.55 16.37 -1.10
CA PHE L 19 -3.68 17.17 0.10
C PHE L 19 -4.74 18.24 -0.05
N ALA L 20 -5.01 18.89 1.07
CA ALA L 20 -5.98 19.99 1.17
C ALA L 20 -5.29 21.34 1.07
N CYS L 21 -6.01 22.31 0.52
CA CYS L 21 -5.46 23.64 0.30
C CYS L 21 -6.13 24.70 1.15
N THR L 22 -5.41 25.75 1.55
CA THR L 22 -6.02 26.97 2.02
C THR L 22 -5.99 27.97 0.87
N ASP L 23 -6.34 29.22 1.12
CA ASP L 23 -6.28 30.25 0.07
C ASP L 23 -5.04 31.16 0.28
N ASP L 24 -4.07 30.59 0.96
CA ASP L 24 -2.81 31.22 1.15
C ASP L 24 -1.66 30.55 0.34
N VAL L 25 -1.08 31.25 -0.61
CA VAL L 25 -0.05 30.64 -1.42
C VAL L 25 1.04 30.01 -0.59
N SER L 26 1.60 30.78 0.30
CA SER L 26 2.76 30.26 1.02
C SER L 26 2.46 29.07 1.94
N THR L 27 1.24 28.94 2.48
CA THR L 27 0.88 27.73 3.21
C THR L 27 0.89 26.57 2.25
N ASN L 28 0.39 26.78 1.06
CA ASN L 28 0.22 25.64 0.16
C ASN L 28 1.49 25.17 -0.47
N VAL L 29 2.40 26.08 -0.73
CA VAL L 29 3.65 25.70 -1.31
C VAL L 29 4.49 25.00 -0.22
N THR L 30 4.31 25.41 1.01
CA THR L 30 4.87 24.68 2.16
C THR L 30 4.32 23.24 2.33
N THR L 31 3.01 23.06 2.19
CA THR L 31 2.43 21.73 2.18
C THR L 31 3.11 20.90 1.07
N ALA L 32 3.04 21.38 -0.16
CA ALA L 32 3.66 20.69 -1.27
C ALA L 32 5.15 20.39 -1.13
N GLU L 33 5.98 21.33 -0.67
CA GLU L 33 7.35 20.92 -0.32
C GLU L 33 7.42 19.72 0.58
N ARG L 34 6.58 19.70 1.62
CA ARG L 34 6.65 18.68 2.68
C ARG L 34 6.39 17.33 2.08
N LEU L 35 5.38 17.29 1.19
CA LEU L 35 4.95 16.03 0.64
C LEU L 35 5.87 15.56 -0.49
N VAL L 36 6.45 16.52 -1.23
CA VAL L 36 7.47 16.15 -2.19
C VAL L 36 8.64 15.51 -1.50
N ARG L 37 9.04 16.07 -0.39
CA ARG L 37 10.13 15.51 0.35
C ARG L 37 9.88 14.12 0.90
N ALA L 38 8.64 13.87 1.26
CA ALA L 38 8.23 12.56 1.76
C ALA L 38 8.24 11.60 0.62
N ALA L 39 7.80 12.03 -0.55
CA ALA L 39 7.86 11.15 -1.74
C ALA L 39 9.31 10.77 -2.13
N HIS L 40 10.23 11.76 -2.15
CA HIS L 40 11.70 11.53 -2.24
C HIS L 40 12.26 10.51 -1.21
N LYS L 41 11.94 10.64 0.10
CA LYS L 41 12.29 9.62 1.10
C LYS L 41 11.95 8.19 0.71
N GLN L 42 10.72 8.01 0.23
CA GLN L 42 10.28 6.71 -0.23
C GLN L 42 10.77 6.32 -1.61
N GLY L 43 11.71 7.09 -2.20
CA GLY L 43 12.37 6.70 -3.48
C GLY L 43 11.82 7.25 -4.80
N ALA L 44 10.88 8.15 -4.71
CA ALA L 44 10.25 8.73 -5.89
C ALA L 44 11.22 9.56 -6.76
N ASN L 45 11.06 9.39 -8.06
CA ASN L 45 11.85 10.10 -9.01
C ASN L 45 11.01 11.19 -9.66
N ILE L 46 9.72 10.97 -9.73
CA ILE L 46 8.86 11.95 -10.37
C ILE L 46 7.68 12.12 -9.43
N VAL L 47 7.44 13.32 -9.00
CA VAL L 47 6.38 13.56 -8.07
C VAL L 47 5.33 14.50 -8.64
N LEU L 48 4.06 14.14 -8.52
CA LEU L 48 2.98 14.96 -9.09
C LEU L 48 2.05 15.68 -8.07
N ILE L 49 2.14 17.01 -8.08
CA ILE L 49 1.32 17.89 -7.25
C ILE L 49 0.06 18.23 -8.03
N GLN L 50 -1.10 18.17 -7.36
CA GLN L 50 -2.46 18.43 -7.92
C GLN L 50 -2.70 19.83 -8.58
N GLU L 51 -3.78 19.92 -9.39
CA GLU L 51 -4.11 21.14 -10.10
C GLU L 51 -4.35 22.41 -9.25
N LEU L 52 -3.73 23.51 -9.69
CA LEU L 52 -3.93 24.83 -9.09
C LEU L 52 -3.73 24.85 -7.53
N PHE L 53 -2.74 24.08 -7.09
CA PHE L 53 -2.48 23.86 -5.66
C PHE L 53 -2.11 25.16 -4.90
N GLU L 54 -1.78 26.21 -5.61
CA GLU L 54 -1.37 27.46 -4.95
C GLU L 54 -2.48 28.13 -4.10
N GLY L 55 -3.72 27.81 -4.42
CA GLY L 55 -4.91 28.42 -3.81
C GLY L 55 -6.12 27.50 -3.77
N TYR L 56 -7.23 28.04 -3.28
CA TYR L 56 -8.51 27.36 -3.44
C TYR L 56 -8.79 27.29 -4.91
N TYR L 57 -9.59 26.29 -5.28
CA TYR L 57 -10.12 26.19 -6.64
C TYR L 57 -11.11 27.32 -6.82
N PHE L 58 -10.64 28.46 -7.33
CA PHE L 58 -11.45 29.71 -7.37
C PHE L 58 -12.53 29.69 -8.45
N CYS L 59 -12.39 28.77 -9.41
CA CYS L 59 -13.35 28.63 -10.51
C CYS L 59 -14.83 28.33 -10.16
N GLN L 60 -15.20 28.24 -8.90
CA GLN L 60 -16.64 28.20 -8.52
C GLN L 60 -17.30 29.58 -8.77
N ALA L 61 -16.49 30.62 -8.71
CA ALA L 61 -16.98 31.93 -9.04
C ALA L 61 -16.54 32.37 -10.46
N GLN L 62 -17.28 33.31 -11.02
CA GLN L 62 -16.83 34.03 -12.20
C GLN L 62 -16.60 35.50 -11.77
N ARG L 63 -15.38 35.81 -11.34
CA ARG L 63 -15.09 37.14 -10.78
C ARG L 63 -13.90 37.81 -11.46
N GLU L 64 -14.11 39.06 -11.78
CA GLU L 64 -13.13 39.92 -12.37
C GLU L 64 -11.87 39.87 -11.52
N ASP L 65 -12.00 40.08 -10.22
CA ASP L 65 -10.77 40.09 -9.44
C ASP L 65 -9.99 38.75 -9.47
N PHE L 66 -10.68 37.63 -9.62
CA PHE L 66 -10.00 36.33 -9.62
C PHE L 66 -9.13 36.12 -10.88
N ILE L 67 -9.46 36.77 -11.97
CA ILE L 67 -8.62 36.70 -13.16
C ILE L 67 -7.23 37.24 -12.90
N GLN L 68 -7.10 38.27 -12.06
CA GLN L 68 -5.79 38.85 -11.71
C GLN L 68 -4.98 38.06 -10.64
N ARG L 69 -5.43 36.88 -10.27
CA ARG L 69 -4.57 35.90 -9.63
C ARG L 69 -3.53 35.33 -10.57
N ALA L 70 -3.69 35.50 -11.88
CA ALA L 70 -2.73 34.98 -12.86
C ALA L 70 -1.41 35.72 -12.87
N LYS L 71 -0.39 35.01 -13.30
CA LYS L 71 0.94 35.50 -13.31
C LYS L 71 1.72 35.00 -14.49
N PRO L 72 2.69 35.79 -14.93
CA PRO L 72 3.53 35.36 -16.06
C PRO L 72 4.28 34.08 -15.73
N TYR L 73 4.42 33.26 -16.76
CA TYR L 73 5.33 32.15 -16.77
C TYR L 73 6.73 32.66 -16.41
N LYS L 74 7.10 33.81 -16.93
CA LYS L 74 8.40 34.27 -16.63
C LYS L 74 8.65 34.72 -15.20
N ASP L 75 9.77 34.23 -14.65
CA ASP L 75 10.14 34.48 -13.24
C ASP L 75 8.99 34.22 -12.23
N HIS L 76 8.23 33.16 -12.40
CA HIS L 76 7.12 32.91 -11.53
C HIS L 76 7.68 32.46 -10.16
N PRO L 77 7.18 33.08 -9.08
CA PRO L 77 7.81 32.78 -7.82
C PRO L 77 7.67 31.32 -7.36
N THR L 78 6.52 30.70 -7.63
CA THR L 78 6.32 29.36 -7.14
C THR L 78 7.20 28.39 -7.93
N ILE L 79 7.25 28.56 -9.25
CA ILE L 79 8.05 27.73 -10.11
C ILE L 79 9.53 27.87 -9.71
N MET L 80 10.07 29.09 -9.59
CA MET L 80 11.47 29.24 -9.19
C MET L 80 11.81 28.48 -7.89
N ARG L 81 10.89 28.52 -6.92
CA ARG L 81 11.10 27.87 -5.65
C ARG L 81 11.13 26.37 -5.80
N LEU L 82 10.19 25.83 -6.59
CA LEU L 82 10.17 24.41 -6.81
C LEU L 82 11.35 23.94 -7.68
N GLN L 83 11.91 24.81 -8.49
CA GLN L 83 13.10 24.41 -9.23
C GLN L 83 14.23 24.12 -8.27
N LYS L 84 14.26 24.89 -7.18
CA LYS L 84 15.32 24.71 -6.18
C LYS L 84 15.17 23.39 -5.43
N LEU L 85 13.93 23.02 -5.12
CA LEU L 85 13.64 21.75 -4.51
C LEU L 85 13.92 20.62 -5.47
N ALA L 86 13.52 20.78 -6.74
CA ALA L 86 13.75 19.76 -7.75
C ALA L 86 15.21 19.43 -7.88
N LYS L 87 16.03 20.49 -7.90
CA LYS L 87 17.44 20.32 -8.02
C LYS L 87 18.06 19.72 -6.74
N GLU L 88 17.55 20.11 -5.58
CA GLU L 88 18.12 19.58 -4.32
C GLU L 88 17.93 18.06 -4.19
N LEU L 89 16.73 17.60 -4.53
CA LEU L 89 16.33 16.24 -4.33
C LEU L 89 16.57 15.41 -5.55
N GLY L 90 16.66 16.05 -6.73
CA GLY L 90 16.94 15.32 -7.96
C GLY L 90 15.73 14.56 -8.40
N VAL L 91 14.59 15.24 -8.36
CA VAL L 91 13.34 14.67 -8.77
C VAL L 91 12.65 15.63 -9.75
N VAL L 92 11.79 15.06 -10.58
CA VAL L 92 11.09 15.79 -11.62
C VAL L 92 9.79 16.29 -11.00
N ILE L 93 9.45 17.56 -11.19
CA ILE L 93 8.27 18.13 -10.55
C ILE L 93 7.47 19.01 -11.54
N PRO L 94 6.30 18.53 -11.97
CA PRO L 94 5.43 19.39 -12.76
C PRO L 94 4.74 20.43 -11.92
N VAL L 95 4.82 21.70 -12.33
CA VAL L 95 4.20 22.73 -11.52
C VAL L 95 3.02 23.40 -12.17
N SER L 96 1.87 23.21 -11.56
CA SER L 96 0.65 23.78 -12.11
C SER L 96 0.42 25.24 -11.63
N PHE L 97 0.07 26.11 -12.57
CA PHE L 97 -0.13 27.52 -12.26
C PHE L 97 -1.06 28.26 -13.22
N PHE L 98 -1.55 29.39 -12.75
CA PHE L 98 -2.47 30.21 -13.51
C PHE L 98 -1.67 31.30 -14.26
N GLU L 99 -1.60 31.13 -15.59
CA GLU L 99 -0.71 31.90 -16.47
C GLU L 99 -1.35 33.13 -17.04
N GLU L 100 -0.65 34.24 -16.93
CA GLU L 100 -0.99 35.44 -17.69
C GLU L 100 0.00 35.58 -18.83
N ALA L 101 -0.50 35.71 -20.04
CA ALA L 101 0.40 35.96 -21.19
C ALA L 101 -0.16 37.09 -22.07
N ASN L 102 0.31 38.30 -21.77
CA ASN L 102 -0.30 39.55 -22.25
C ASN L 102 -1.78 39.56 -21.94
N ASN L 103 -2.67 39.47 -22.92
CA ASN L 103 -4.10 39.52 -22.59
C ASN L 103 -4.73 38.16 -22.60
N ALA L 104 -3.95 37.14 -22.94
CA ALA L 104 -4.39 35.79 -22.81
C ALA L 104 -4.13 35.21 -21.41
N HIS L 105 -4.99 34.30 -21.00
CA HIS L 105 -4.82 33.59 -19.74
C HIS L 105 -4.96 32.07 -19.92
N TYR L 106 -4.11 31.32 -19.22
CA TYR L 106 -4.18 29.90 -19.41
C TYR L 106 -4.06 29.17 -18.08
N ASN L 107 -4.59 27.95 -18.06
CA ASN L 107 -4.37 27.02 -16.99
C ASN L 107 -3.19 26.19 -17.43
N SER L 108 -2.01 26.44 -16.85
CA SER L 108 -0.78 25.90 -17.38
C SER L 108 0.05 25.02 -16.44
N ILE L 109 1.07 24.38 -17.00
CA ILE L 109 1.96 23.59 -16.19
C ILE L 109 3.35 23.61 -16.71
N ALA L 110 4.29 23.90 -15.80
CA ALA L 110 5.71 23.91 -16.13
C ALA L 110 6.39 22.61 -15.65
N ILE L 111 7.17 21.97 -16.49
CA ILE L 111 7.80 20.72 -16.15
C ILE L 111 9.24 20.96 -15.72
N ILE L 112 9.56 20.76 -14.44
CA ILE L 112 10.94 20.91 -13.97
C ILE L 112 11.71 19.60 -13.97
N ASP L 113 12.81 19.50 -14.71
CA ASP L 113 13.62 18.29 -14.71
C ASP L 113 14.32 18.02 -13.33
N ALA L 114 14.97 16.85 -13.20
CA ALA L 114 15.66 16.47 -11.96
C ALA L 114 16.91 17.28 -11.65
N ASP L 115 17.36 18.10 -12.59
CA ASP L 115 18.48 19.04 -12.31
C ASP L 115 18.04 20.50 -12.06
N GLY L 116 16.75 20.76 -12.00
CA GLY L 116 16.24 22.12 -11.84
C GLY L 116 15.82 22.80 -13.15
N THR L 117 16.21 22.25 -14.30
CA THR L 117 15.93 22.85 -15.57
C THR L 117 14.45 22.95 -15.86
N ASP L 118 14.01 24.15 -16.25
CA ASP L 118 12.62 24.34 -16.69
C ASP L 118 12.49 23.83 -18.10
N LEU L 119 11.79 22.72 -18.34
CA LEU L 119 11.79 22.13 -19.70
C LEU L 119 10.79 22.78 -20.67
N GLY L 120 10.02 23.73 -20.16
CA GLY L 120 8.88 24.31 -20.86
C GLY L 120 7.52 24.00 -20.28
N ILE L 121 6.50 24.30 -21.08
CA ILE L 121 5.18 24.45 -20.56
C ILE L 121 4.14 23.75 -21.43
N TYR L 122 3.10 23.20 -20.77
CA TYR L 122 1.92 22.71 -21.44
C TYR L 122 0.77 23.60 -21.00
N ARG L 123 -0.13 23.97 -21.90
CA ARG L 123 -1.33 24.74 -21.55
C ARG L 123 -2.56 23.92 -21.78
N LYS L 124 -3.40 23.91 -20.77
CA LYS L 124 -4.54 23.05 -20.77
C LYS L 124 -5.45 23.27 -21.99
N SER L 125 -5.83 22.19 -22.64
CA SER L 125 -6.54 22.20 -23.95
C SER L 125 -8.06 22.10 -23.85
N HIS L 126 -8.56 21.24 -22.99
CA HIS L 126 -9.98 21.14 -22.86
C HIS L 126 -10.43 21.82 -21.58
N ILE L 127 -11.34 22.76 -21.71
CA ILE L 127 -11.74 23.63 -20.58
C ILE L 127 -13.17 23.36 -20.16
N PRO L 128 -13.37 22.92 -18.91
CA PRO L 128 -14.69 22.52 -18.49
C PRO L 128 -15.55 23.76 -18.14
N ASP L 129 -16.86 23.57 -17.98
CA ASP L 129 -17.77 24.64 -17.66
C ASP L 129 -18.96 24.07 -16.92
N GLY L 130 -19.68 24.91 -16.23
CA GLY L 130 -20.85 24.47 -15.42
C GLY L 130 -20.68 24.83 -13.95
N PRO L 131 -21.78 24.78 -13.20
CA PRO L 131 -21.77 25.19 -11.83
C PRO L 131 -20.66 24.48 -11.06
N GLY L 132 -19.87 25.27 -10.32
CA GLY L 132 -18.71 24.76 -9.55
C GLY L 132 -17.38 24.83 -10.30
N TYR L 133 -17.45 24.75 -11.62
CA TYR L 133 -16.31 24.54 -12.46
C TYR L 133 -16.35 25.46 -13.70
N GLU L 134 -16.39 26.76 -13.46
CA GLU L 134 -16.59 27.77 -14.48
C GLU L 134 -15.23 28.21 -15.05
N GLU L 135 -14.41 27.25 -15.46
CA GLU L 135 -13.11 27.52 -15.99
C GLU L 135 -13.13 28.24 -17.35
N LYS L 136 -14.16 28.08 -18.15
CA LYS L 136 -14.13 28.72 -19.45
C LYS L 136 -14.20 30.25 -19.36
N PHE L 137 -14.58 30.75 -18.19
CA PHE L 137 -14.63 32.18 -17.88
C PHE L 137 -13.21 32.72 -17.77
N TYR L 138 -12.30 31.87 -17.28
CA TYR L 138 -10.92 32.27 -16.97
C TYR L 138 -9.84 31.96 -18.02
N PHE L 139 -9.93 30.80 -18.65
CA PHE L 139 -8.82 30.31 -19.46
C PHE L 139 -9.08 30.31 -20.98
N ASN L 140 -8.19 30.96 -21.72
CA ASN L 140 -8.18 30.70 -23.14
C ASN L 140 -7.97 29.18 -23.30
N PRO L 141 -8.73 28.57 -24.21
CA PRO L 141 -8.37 27.21 -24.47
C PRO L 141 -6.87 27.17 -24.90
N GLY L 142 -6.13 26.18 -24.42
CA GLY L 142 -4.71 26.05 -24.67
C GLY L 142 -4.31 25.89 -26.15
N ASP L 143 -3.13 26.43 -26.47
CA ASP L 143 -2.60 26.47 -27.81
C ASP L 143 -1.19 25.89 -27.93
N THR L 144 -0.72 25.11 -26.95
CA THR L 144 0.55 24.41 -27.07
C THR L 144 0.38 23.16 -27.87
N GLY L 145 -0.81 22.58 -27.82
CA GLY L 145 -0.99 21.20 -28.21
C GLY L 145 -0.52 20.26 -27.07
N PHE L 146 -0.78 18.97 -27.25
CA PHE L 146 -0.23 17.92 -26.46
C PHE L 146 1.27 17.74 -26.66
N LYS L 147 1.97 17.74 -25.52
CA LYS L 147 3.42 17.68 -25.46
C LYS L 147 3.93 16.44 -24.69
N VAL L 148 5.15 16.06 -25.02
CA VAL L 148 5.95 15.21 -24.17
C VAL L 148 7.28 15.84 -23.82
N PHE L 149 7.84 15.42 -22.71
CA PHE L 149 9.02 16.04 -22.21
C PHE L 149 10.07 15.00 -21.92
N GLN L 150 11.26 15.18 -22.47
CA GLN L 150 12.34 14.30 -22.16
C GLN L 150 12.92 14.70 -20.78
N THR L 151 12.70 13.86 -19.76
CA THR L 151 13.33 14.11 -18.43
C THR L 151 14.54 13.22 -18.15
N LYS L 152 15.28 13.52 -17.10
CA LYS L 152 16.38 12.62 -16.69
C LYS L 152 15.97 11.15 -16.55
N TYR L 153 14.73 10.88 -16.21
CA TYR L 153 14.33 9.51 -15.93
C TYR L 153 13.42 8.91 -16.96
N ALA L 154 12.75 9.71 -17.77
CA ALA L 154 11.67 9.17 -18.64
C ALA L 154 11.17 10.23 -19.57
N LYS L 155 10.54 9.79 -20.64
CA LYS L 155 9.85 10.75 -21.50
C LYS L 155 8.43 10.67 -21.00
N ILE L 156 7.82 11.81 -20.61
CA ILE L 156 6.55 11.78 -19.92
C ILE L 156 5.57 12.67 -20.67
N GLY L 157 4.28 12.34 -20.53
CA GLY L 157 3.21 13.18 -21.02
C GLY L 157 2.46 13.77 -19.85
N VAL L 158 2.37 15.08 -19.84
CA VAL L 158 1.62 15.74 -18.81
C VAL L 158 0.47 16.53 -19.40
N ALA L 159 -0.74 16.29 -18.90
CA ALA L 159 -1.90 17.11 -19.26
C ALA L 159 -2.59 17.47 -17.97
N ILE L 160 -3.65 18.25 -18.06
CA ILE L 160 -4.25 18.83 -16.89
C ILE L 160 -5.73 18.56 -16.79
N SER L 161 -6.05 17.96 -15.63
CA SER L 161 -7.39 17.86 -15.06
C SER L 161 -8.36 17.32 -16.10
N TRP L 162 -9.32 18.15 -16.50
CA TRP L 162 -10.34 17.82 -17.48
C TRP L 162 -9.80 17.19 -18.76
N ASP L 163 -8.55 17.46 -19.11
CA ASP L 163 -7.97 16.85 -20.26
C ASP L 163 -8.08 15.30 -20.16
N GLN L 164 -8.21 14.83 -18.94
CA GLN L 164 -8.09 13.41 -18.61
C GLN L 164 -9.28 12.63 -19.02
N TRP L 165 -10.36 13.32 -19.40
CA TRP L 165 -11.54 12.65 -19.92
C TRP L 165 -11.46 12.36 -21.40
N PHE L 166 -10.36 12.79 -22.04
CA PHE L 166 -10.29 12.84 -23.55
C PHE L 166 -9.28 11.83 -24.05
N PRO L 167 -9.76 10.71 -24.62
CA PRO L 167 -8.83 9.72 -25.13
C PRO L 167 -7.86 10.32 -26.16
N GLU L 168 -8.29 11.38 -26.88
CA GLU L 168 -7.47 11.96 -27.90
C GLU L 168 -6.17 12.50 -27.31
N ALA L 169 -6.26 13.04 -26.10
CA ALA L 169 -5.10 13.62 -25.52
C ALA L 169 -4.08 12.57 -25.07
N ALA L 170 -4.55 11.48 -24.45
CA ALA L 170 -3.62 10.45 -23.97
C ALA L 170 -2.95 9.81 -25.21
N ARG L 171 -3.74 9.57 -26.26
CA ARG L 171 -3.20 8.98 -27.46
C ARG L 171 -2.14 9.90 -28.10
N ALA L 172 -2.43 11.19 -28.12
CA ALA L 172 -1.52 12.15 -28.76
C ALA L 172 -0.17 12.12 -28.07
N MET L 173 -0.18 11.96 -26.73
CA MET L 173 1.02 11.90 -25.97
C MET L 173 1.74 10.59 -26.18
N ALA L 174 0.99 9.52 -26.12
CA ALA L 174 1.60 8.19 -26.38
C ALA L 174 2.23 8.07 -27.77
N LEU L 175 1.56 8.65 -28.78
CA LEU L 175 2.09 8.58 -30.15
C LEU L 175 3.42 9.23 -30.25
N GLN L 176 3.66 10.22 -29.42
CA GLN L 176 4.91 10.97 -29.48
C GLN L 176 5.92 10.39 -28.49
N GLY L 177 5.65 9.21 -27.90
CA GLY L 177 6.66 8.53 -27.13
C GLY L 177 6.59 8.68 -25.62
N ALA L 178 5.48 9.22 -25.14
CA ALA L 178 5.28 9.28 -23.72
C ALA L 178 5.27 7.86 -23.15
N GLU L 179 6.01 7.67 -22.05
CA GLU L 179 6.17 6.41 -21.35
C GLU L 179 5.35 6.30 -20.06
N ILE L 180 4.89 7.45 -19.58
CA ILE L 180 4.00 7.58 -18.40
C ILE L 180 3.14 8.79 -18.59
N LEU L 181 1.90 8.73 -18.15
CA LEU L 181 1.00 9.90 -18.27
C LEU L 181 0.74 10.47 -16.91
N PHE L 182 0.69 11.80 -16.82
CA PHE L 182 0.44 12.52 -15.60
C PHE L 182 -0.74 13.50 -15.76
N TYR L 183 -1.70 13.41 -14.85
CA TYR L 183 -2.82 14.33 -14.79
C TYR L 183 -3.13 14.92 -13.40
N PRO L 184 -2.62 16.10 -13.11
CA PRO L 184 -3.12 16.83 -11.94
C PRO L 184 -4.52 17.31 -12.10
N THR L 185 -5.25 17.29 -11.01
CA THR L 185 -6.67 17.36 -11.05
C THR L 185 -7.26 18.14 -9.88
N ALA L 186 -8.45 18.63 -10.09
CA ALA L 186 -9.29 19.19 -9.05
C ALA L 186 -10.74 18.83 -9.35
N ILE L 187 -11.24 17.77 -8.75
CA ILE L 187 -12.61 17.35 -9.04
C ILE L 187 -13.27 16.86 -7.76
N GLY L 188 -14.54 17.21 -7.62
CA GLY L 188 -15.31 16.83 -6.47
C GLY L 188 -16.79 16.76 -6.75
N SER L 189 -17.54 17.00 -5.68
CA SER L 189 -18.98 17.13 -5.83
C SER L 189 -19.30 18.37 -6.74
N GLU L 190 -20.56 18.47 -7.16
CA GLU L 190 -21.05 19.59 -7.96
C GLU L 190 -22.14 20.37 -7.27
N PRO L 191 -21.92 21.68 -7.12
CA PRO L 191 -22.77 22.44 -6.22
C PRO L 191 -24.24 22.50 -6.65
N HIS L 192 -24.56 22.22 -7.89
CA HIS L 192 -25.97 22.37 -8.34
C HIS L 192 -26.79 21.07 -8.18
N ASP L 193 -26.10 19.93 -8.00
CA ASP L 193 -26.73 18.60 -7.87
C ASP L 193 -25.95 17.68 -6.93
N GLN L 194 -26.44 17.54 -5.70
CA GLN L 194 -25.72 16.67 -4.75
C GLN L 194 -25.77 15.18 -5.11
N SER L 195 -26.74 14.78 -5.94
CA SER L 195 -26.86 13.40 -6.47
C SER L 195 -25.80 13.00 -7.49
N ILE L 196 -24.99 13.94 -7.98
CA ILE L 196 -23.87 13.62 -8.86
C ILE L 196 -22.60 13.27 -8.08
N ASP L 197 -22.02 12.13 -8.44
CA ASP L 197 -20.81 11.60 -7.82
C ASP L 197 -20.04 10.96 -8.97
N SER L 198 -19.03 11.66 -9.45
CA SER L 198 -18.31 11.28 -10.65
C SER L 198 -17.10 10.30 -10.46
N ARG L 199 -16.79 9.91 -9.24
CA ARG L 199 -15.46 9.35 -9.01
C ARG L 199 -15.16 8.04 -9.72
N ASP L 200 -16.15 7.17 -9.86
CA ASP L 200 -15.96 5.91 -10.55
C ASP L 200 -15.87 6.09 -12.03
N HIS L 201 -16.72 6.95 -12.55
CA HIS L 201 -16.71 7.28 -13.97
C HIS L 201 -15.34 7.86 -14.31
N TRP L 202 -14.80 8.65 -13.38
CA TRP L 202 -13.54 9.38 -13.61
C TRP L 202 -12.37 8.42 -13.64
N LYS L 203 -12.36 7.49 -12.70
CA LYS L 203 -11.33 6.46 -12.73
C LYS L 203 -11.42 5.60 -13.98
N ARG L 204 -12.62 5.15 -14.30
CA ARG L 204 -12.77 4.22 -15.43
C ARG L 204 -12.28 4.79 -16.77
N VAL L 205 -12.47 6.08 -16.98
CA VAL L 205 -12.06 6.72 -18.23
C VAL L 205 -10.52 6.80 -18.37
N MET L 206 -9.86 7.16 -17.27
CA MET L 206 -8.42 7.15 -17.20
C MET L 206 -7.84 5.71 -17.24
N GLN L 207 -8.50 4.74 -16.61
CA GLN L 207 -7.99 3.39 -16.70
C GLN L 207 -8.05 2.94 -18.13
N GLY L 208 -9.09 3.36 -18.83
CA GLY L 208 -9.16 3.14 -20.28
C GLY L 208 -8.00 3.70 -21.10
N HIS L 209 -7.55 4.92 -20.79
CA HIS L 209 -6.42 5.46 -21.50
C HIS L 209 -5.20 4.63 -21.23
N ALA L 210 -4.99 4.26 -19.98
CA ALA L 210 -3.80 3.50 -19.67
C ALA L 210 -3.74 2.16 -20.40
N GLY L 211 -4.88 1.46 -20.46
CA GLY L 211 -4.88 0.12 -21.07
C GLY L 211 -4.82 0.22 -22.57
N ALA L 212 -5.31 1.32 -23.12
CA ALA L 212 -5.38 1.44 -24.61
C ALA L 212 -4.02 1.79 -25.18
N ASN L 213 -3.28 2.59 -24.38
CA ASN L 213 -1.97 2.99 -24.81
C ASN L 213 -0.83 2.14 -24.23
N LEU L 214 -1.16 1.24 -23.29
CA LEU L 214 -0.16 0.47 -22.55
C LEU L 214 0.94 1.35 -21.95
N VAL L 215 0.52 2.37 -21.22
CA VAL L 215 1.43 3.16 -20.45
C VAL L 215 0.85 3.35 -19.04
N PRO L 216 1.69 3.37 -18.00
CA PRO L 216 1.22 3.73 -16.64
C PRO L 216 0.67 5.16 -16.54
N LEU L 217 -0.23 5.39 -15.59
CA LEU L 217 -0.89 6.67 -15.49
C LEU L 217 -1.01 7.15 -14.02
N VAL L 218 -0.75 8.42 -13.80
CA VAL L 218 -0.74 9.02 -12.48
C VAL L 218 -1.76 10.18 -12.41
N ALA L 219 -2.72 10.09 -11.50
CA ALA L 219 -3.67 11.20 -11.22
C ALA L 219 -3.55 11.65 -9.75
N SER L 220 -3.23 12.91 -9.58
CA SER L 220 -3.22 13.56 -8.28
C SER L 220 -4.41 14.51 -8.16
N ASN L 221 -5.26 14.26 -7.15
CA ASN L 221 -6.42 15.10 -6.91
C ASN L 221 -6.52 15.58 -5.47
N ARG L 222 -7.16 16.73 -5.35
CA ARG L 222 -7.43 17.48 -4.14
C ARG L 222 -8.38 16.77 -3.20
N ILE L 223 -8.21 17.04 -1.91
CA ILE L 223 -9.19 16.66 -0.90
C ILE L 223 -9.63 17.96 -0.15
N GLY L 224 -10.62 17.84 0.72
CA GLY L 224 -11.17 19.00 1.48
C GLY L 224 -12.45 19.60 0.90
N ASN L 225 -13.20 20.24 1.79
CA ASN L 225 -14.30 21.19 1.48
C ASN L 225 -13.79 22.60 1.27
N GLU L 226 -14.27 23.25 0.25
CA GLU L 226 -13.89 24.62 -0.05
C GLU L 226 -15.15 25.41 -0.30
N ILE L 227 -15.30 26.54 0.40
CA ILE L 227 -16.40 27.48 0.18
C ILE L 227 -15.85 28.72 -0.46
N ILE L 228 -16.40 29.11 -1.60
CA ILE L 228 -15.96 30.27 -2.37
C ILE L 228 -17.09 31.24 -2.35
N GLU L 229 -16.78 32.51 -2.08
CA GLU L 229 -17.82 33.54 -2.18
C GLU L 229 -18.01 33.91 -3.65
N THR L 230 -19.15 33.60 -4.24
CA THR L 230 -19.33 33.91 -5.69
C THR L 230 -20.14 35.16 -5.80
N GLU L 231 -20.33 35.57 -7.05
CA GLU L 231 -21.11 36.73 -7.49
C GLU L 231 -22.60 36.59 -7.13
N HIS L 232 -23.03 35.40 -6.72
CA HIS L 232 -24.41 35.10 -6.27
C HIS L 232 -24.49 34.32 -4.94
N GLY L 233 -23.45 34.46 -4.13
CA GLY L 233 -23.43 33.85 -2.79
C GLY L 233 -22.45 32.70 -2.68
N LYS L 234 -22.53 31.99 -1.58
CA LYS L 234 -21.56 30.97 -1.25
C LYS L 234 -21.79 29.80 -2.12
N SER L 235 -20.71 29.23 -2.63
CA SER L 235 -20.79 27.98 -3.33
C SER L 235 -19.76 27.02 -2.72
N GLU L 236 -20.11 25.75 -2.54
CA GLU L 236 -19.19 24.87 -1.88
C GLU L 236 -18.91 23.56 -2.65
N ILE L 237 -17.66 23.20 -2.80
CA ILE L 237 -17.39 21.86 -3.28
C ILE L 237 -16.71 20.97 -2.23
N LYS L 238 -17.02 19.68 -2.23
CA LYS L 238 -16.22 18.73 -1.47
C LYS L 238 -15.39 17.90 -2.40
N PHE L 239 -14.08 18.08 -2.38
CA PHE L 239 -13.23 17.40 -3.32
C PHE L 239 -13.03 15.97 -2.82
N TYR L 240 -13.02 15.01 -3.78
CA TYR L 240 -13.15 13.58 -3.44
C TYR L 240 -11.85 12.72 -3.51
N GLY L 241 -10.69 13.35 -3.61
CA GLY L 241 -9.46 12.58 -3.51
C GLY L 241 -9.39 11.45 -4.56
N ASN L 242 -9.12 10.25 -4.10
CA ASN L 242 -9.03 9.10 -4.97
C ASN L 242 -7.96 9.25 -5.99
N SER L 243 -6.88 9.90 -5.57
CA SER L 243 -5.68 9.91 -6.35
C SER L 243 -5.26 8.46 -6.57
N PHE L 244 -4.70 8.17 -7.73
CA PHE L 244 -4.37 6.78 -7.98
C PHE L 244 -3.21 6.68 -8.96
N ILE L 245 -2.59 5.51 -8.96
CA ILE L 245 -1.61 5.19 -9.99
C ILE L 245 -2.12 3.95 -10.71
N ALA L 246 -2.11 4.00 -12.04
CA ALA L 246 -2.47 2.83 -12.82
C ALA L 246 -1.33 2.26 -13.65
N GLY L 247 -1.37 0.95 -13.86
CA GLY L 247 -0.41 0.23 -14.72
C GLY L 247 -0.83 0.22 -16.18
N PRO L 248 -0.02 -0.40 -17.04
CA PRO L 248 -0.19 -0.31 -18.51
C PRO L 248 -1.29 -1.20 -19.08
N THR L 249 -1.92 -2.02 -18.24
CA THR L 249 -3.22 -2.63 -18.60
C THR L 249 -4.44 -1.94 -17.95
N GLY L 250 -4.25 -0.75 -17.37
CA GLY L 250 -5.33 -0.07 -16.62
C GLY L 250 -5.55 -0.50 -15.15
N GLU L 251 -4.84 -1.53 -14.68
CA GLU L 251 -4.94 -1.97 -13.32
C GLU L 251 -4.53 -0.87 -12.29
N ILE L 252 -5.34 -0.72 -11.26
CA ILE L 252 -5.00 0.23 -10.22
C ILE L 252 -3.94 -0.36 -9.30
N VAL L 253 -2.80 0.29 -9.18
CA VAL L 253 -1.77 -0.32 -8.35
C VAL L 253 -1.62 0.43 -7.03
N SER L 254 -2.05 1.66 -6.96
CA SER L 254 -2.04 2.28 -5.68
C SER L 254 -3.14 3.30 -5.73
N ILE L 255 -3.88 3.43 -4.62
CA ILE L 255 -4.96 4.39 -4.56
C ILE L 255 -5.24 4.96 -3.14
N ALA L 256 -5.57 6.24 -3.08
CA ALA L 256 -6.01 6.92 -1.88
C ALA L 256 -7.53 6.95 -1.66
N ASP L 257 -7.94 7.11 -0.39
CA ASP L 257 -9.36 7.28 -0.16
C ASP L 257 -9.72 8.74 -0.42
N ASP L 258 -10.88 9.18 0.00
CA ASP L 258 -11.38 10.49 -0.38
C ASP L 258 -11.18 11.63 0.65
N LYS L 259 -10.41 11.38 1.70
CA LYS L 259 -10.25 12.42 2.71
C LYS L 259 -8.91 12.48 3.39
N GLU L 260 -8.12 11.42 3.20
CA GLU L 260 -6.76 11.35 3.72
C GLU L 260 -5.83 12.19 2.85
N GLU L 261 -4.85 12.80 3.51
CA GLU L 261 -3.60 13.24 2.89
C GLU L 261 -2.83 11.97 2.54
N ALA L 262 -2.20 11.92 1.37
CA ALA L 262 -1.55 10.72 0.95
C ALA L 262 -0.36 10.97 0.08
N VAL L 263 0.55 10.02 0.11
CA VAL L 263 1.67 9.98 -0.75
C VAL L 263 1.73 8.61 -1.35
N LEU L 264 1.43 8.48 -2.63
CA LEU L 264 1.41 7.20 -3.33
C LEU L 264 2.66 7.01 -4.16
N ILE L 265 3.09 5.74 -4.25
CA ILE L 265 4.38 5.35 -4.76
C ILE L 265 4.25 4.06 -5.58
N ALA L 266 4.82 4.09 -6.79
CA ALA L 266 4.94 2.90 -7.57
C ALA L 266 6.18 2.89 -8.46
N GLU L 267 6.81 1.73 -8.57
CA GLU L 267 7.94 1.53 -9.46
C GLU L 267 7.47 0.83 -10.78
N PHE L 268 7.88 1.36 -11.94
CA PHE L 268 7.65 0.72 -13.25
C PHE L 268 8.96 0.42 -13.98
N ASN L 269 9.01 -0.73 -14.63
CA ASN L 269 10.09 -1.08 -15.48
C ASN L 269 9.79 -0.58 -16.94
N LEU L 270 10.36 0.56 -17.30
CA LEU L 270 10.01 1.17 -18.62
C LEU L 270 10.50 0.36 -19.83
N ASP L 271 11.59 -0.38 -19.69
CA ASP L 271 12.01 -1.23 -20.80
C ASP L 271 11.04 -2.41 -21.02
N LYS L 272 10.56 -2.99 -19.90
CA LYS L 272 9.62 -4.13 -20.03
C LYS L 272 8.26 -3.65 -20.56
N ILE L 273 7.87 -2.47 -20.14
CA ILE L 273 6.58 -1.97 -20.55
C ILE L 273 6.66 -1.59 -22.05
N LYS L 274 7.75 -0.94 -22.47
CA LYS L 274 7.93 -0.66 -23.87
C LYS L 274 7.72 -1.93 -24.68
N SER L 275 8.33 -3.01 -24.20
CA SER L 275 8.29 -4.28 -24.91
C SER L 275 6.87 -4.87 -24.97
N MET L 276 6.11 -4.68 -23.91
CA MET L 276 4.76 -5.21 -23.84
C MET L 276 3.78 -4.40 -24.73
N ARG L 277 3.95 -3.08 -24.74
CA ARG L 277 3.18 -2.16 -25.57
C ARG L 277 3.31 -2.46 -27.04
N HIS L 278 4.54 -2.62 -27.49
CA HIS L 278 4.84 -2.98 -28.83
C HIS L 278 4.34 -4.35 -29.15
N CYS L 279 4.43 -5.32 -28.24
CA CYS L 279 4.08 -6.68 -28.61
CA CYS L 279 4.09 -6.67 -28.66
C CYS L 279 2.58 -6.84 -28.74
N TRP L 280 1.85 -6.07 -27.93
CA TRP L 280 0.41 -6.16 -27.92
C TRP L 280 -0.13 -5.70 -29.28
N GLY L 281 0.46 -4.65 -29.83
CA GLY L 281 0.33 -4.43 -31.28
C GLY L 281 -0.58 -3.31 -31.71
N VAL L 282 -1.21 -2.64 -30.77
CA VAL L 282 -2.19 -1.69 -31.20
C VAL L 282 -1.57 -0.54 -32.03
N PHE L 283 -0.37 -0.06 -31.71
CA PHE L 283 0.26 0.98 -32.50
C PHE L 283 0.68 0.52 -33.88
N ARG L 284 0.87 -0.77 -34.01
CA ARG L 284 1.12 -1.39 -35.30
C ARG L 284 -0.15 -1.36 -36.19
N ASP L 285 -1.32 -1.40 -35.57
CA ASP L 285 -2.61 -1.75 -36.21
C ASP L 285 -3.53 -0.55 -36.42
N ARG L 286 -3.10 0.60 -35.89
CA ARG L 286 -3.84 1.87 -36.03
C ARG L 286 -4.07 2.26 -37.51
N ARG L 287 -5.19 2.94 -37.69
CA ARG L 287 -5.69 3.28 -39.00
C ARG L 287 -5.94 4.77 -39.13
N PRO L 288 -4.89 5.53 -39.09
CA PRO L 288 -5.04 6.99 -39.23
C PRO L 288 -5.73 7.46 -40.53
N ASP L 289 -5.63 6.70 -41.60
CA ASP L 289 -6.38 6.99 -42.85
C ASP L 289 -7.89 6.96 -42.59
N LEU L 290 -8.32 6.31 -41.50
CA LEU L 290 -9.75 6.22 -41.27
C LEU L 290 -10.18 7.12 -40.14
N TYR L 291 -9.27 7.95 -39.63
CA TYR L 291 -9.60 8.78 -38.45
C TYR L 291 -9.87 10.27 -38.72
N LYS L 292 -10.02 10.68 -39.94
CA LYS L 292 -10.27 12.08 -40.20
C LYS L 292 -11.51 12.71 -39.50
N VAL L 293 -12.48 11.86 -39.17
CA VAL L 293 -13.71 12.31 -38.60
C VAL L 293 -13.44 12.82 -37.20
N LEU L 294 -12.33 12.44 -36.62
CA LEU L 294 -11.97 12.99 -35.31
C LEU L 294 -11.59 14.46 -35.33
N LEU L 295 -11.42 15.01 -36.53
CA LEU L 295 -11.10 16.39 -36.68
C LEU L 295 -12.37 17.11 -36.95
N THR L 296 -13.49 16.44 -36.78
CA THR L 296 -14.77 17.14 -36.69
C THR L 296 -15.23 17.25 -35.23
N LEU L 297 -16.11 18.22 -35.01
CA LEU L 297 -16.92 18.32 -33.81
C LEU L 297 -18.30 17.61 -34.00
N ASP L 298 -18.89 17.78 -35.20
CA ASP L 298 -20.24 17.35 -35.45
C ASP L 298 -20.35 16.04 -36.18
N GLY L 299 -19.23 15.38 -36.43
CA GLY L 299 -19.28 14.13 -37.17
C GLY L 299 -19.25 14.23 -38.69
N LYS L 300 -19.26 15.43 -39.22
CA LYS L 300 -19.35 15.65 -40.68
C LYS L 300 -18.31 16.68 -41.17
N ASN L 301 -18.25 17.84 -40.50
CA ASN L 301 -17.56 19.03 -40.99
C ASN L 301 -16.22 19.21 -40.37
N PRO L 302 -15.14 19.08 -41.15
CA PRO L 302 -13.83 19.16 -40.45
C PRO L 302 -13.58 20.59 -40.02
N VAL L 303 -12.87 20.74 -38.94
CA VAL L 303 -12.74 22.07 -38.41
C VAL L 303 -11.70 22.82 -39.19
N LEU L 304 -11.78 24.15 -39.11
CA LEU L 304 -10.80 24.96 -39.83
C LEU L 304 -9.41 24.94 -39.12
N LYS M 8 -28.53 56.70 -58.94
CA LYS M 8 -28.10 55.74 -60.02
C LYS M 8 -27.22 54.61 -59.47
N GLY M 9 -27.49 53.33 -59.84
CA GLY M 9 -26.86 52.13 -59.23
C GLY M 9 -27.79 51.24 -58.39
N ARG M 10 -27.39 50.00 -58.12
CA ARG M 10 -28.19 49.05 -57.31
C ARG M 10 -28.53 49.57 -55.91
N LYS M 11 -29.80 49.72 -55.61
CA LYS M 11 -30.23 50.18 -54.30
C LYS M 11 -30.73 48.97 -53.59
N VAL M 12 -30.36 48.80 -52.32
CA VAL M 12 -31.08 47.84 -51.51
C VAL M 12 -31.68 48.47 -50.23
N VAL M 13 -32.92 48.13 -49.88
CA VAL M 13 -33.45 48.58 -48.60
C VAL M 13 -33.27 47.47 -47.51
N VAL M 14 -32.58 47.81 -46.43
CA VAL M 14 -32.41 46.88 -45.35
C VAL M 14 -33.22 47.32 -44.14
N SER M 15 -33.48 46.40 -43.21
CA SER M 15 -34.31 46.66 -42.04
C SER M 15 -33.79 46.00 -40.78
N ALA M 16 -33.98 46.66 -39.64
CA ALA M 16 -33.75 46.02 -38.35
C ALA M 16 -35.05 45.96 -37.59
N LEU M 17 -35.30 44.82 -36.96
CA LEU M 17 -36.45 44.62 -36.10
C LEU M 17 -36.03 44.65 -34.64
N GLN M 18 -36.94 45.02 -33.77
CA GLN M 18 -36.66 45.06 -32.35
C GLN M 18 -37.96 44.74 -31.66
N PHE M 19 -38.01 43.65 -30.90
CA PHE M 19 -39.26 43.23 -30.21
C PHE M 19 -38.97 42.45 -28.94
N ALA M 20 -40.02 42.25 -28.16
CA ALA M 20 -39.97 41.49 -26.91
C ALA M 20 -40.38 40.06 -27.19
N CYS M 21 -39.76 39.13 -26.47
CA CYS M 21 -40.04 37.71 -26.56
C CYS M 21 -40.72 37.11 -25.30
N THR M 22 -41.65 36.18 -25.48
CA THR M 22 -42.03 35.25 -24.42
C THR M 22 -41.15 34.00 -24.53
N ASP M 23 -41.54 32.93 -23.85
CA ASP M 23 -40.80 31.68 -24.01
C ASP M 23 -41.58 30.64 -24.79
N ASP M 24 -42.61 31.10 -25.47
CA ASP M 24 -43.38 30.29 -26.38
C ASP M 24 -42.99 30.53 -27.87
N VAL M 25 -42.39 29.51 -28.50
CA VAL M 25 -41.91 29.61 -29.91
C VAL M 25 -43.00 30.21 -30.83
N SER M 26 -44.19 29.65 -30.77
CA SER M 26 -45.24 30.09 -31.63
C SER M 26 -45.56 31.59 -31.62
N THR M 27 -45.77 32.12 -30.41
CA THR M 27 -45.98 33.54 -30.17
C THR M 27 -44.84 34.31 -30.77
N ASN M 28 -43.61 33.89 -30.50
CA ASN M 28 -42.48 34.64 -30.94
C ASN M 28 -42.30 34.65 -32.46
N VAL M 29 -42.61 33.54 -33.11
CA VAL M 29 -42.53 33.51 -34.56
C VAL M 29 -43.65 34.36 -35.18
N THR M 30 -44.82 34.36 -34.56
CA THR M 30 -45.95 35.21 -34.98
C THR M 30 -45.54 36.68 -34.93
N THR M 31 -44.88 37.05 -33.85
CA THR M 31 -44.36 38.38 -33.68
C THR M 31 -43.38 38.73 -34.80
N ALA M 32 -42.42 37.84 -35.04
CA ALA M 32 -41.44 38.07 -36.08
C ALA M 32 -42.09 38.28 -37.42
N GLU M 33 -43.01 37.40 -37.76
CA GLU M 33 -43.70 37.50 -39.02
C GLU M 33 -44.38 38.86 -39.20
N ARG M 34 -45.17 39.27 -38.20
CA ARG M 34 -45.89 40.54 -38.25
C ARG M 34 -44.92 41.69 -38.57
N LEU M 35 -43.75 41.68 -37.92
CA LEU M 35 -42.80 42.76 -38.08
C LEU M 35 -42.04 42.68 -39.42
N VAL M 36 -41.79 41.45 -39.89
CA VAL M 36 -41.22 41.22 -41.22
C VAL M 36 -42.18 41.77 -42.30
N ARG M 37 -43.48 41.54 -42.18
CA ARG M 37 -44.42 42.06 -43.16
C ARG M 37 -44.46 43.57 -43.06
N ALA M 38 -44.30 44.08 -41.84
CA ALA M 38 -44.47 45.52 -41.63
C ALA M 38 -43.30 46.15 -42.35
N ALA M 39 -42.14 45.58 -42.14
CA ALA M 39 -40.97 46.09 -42.77
C ALA M 39 -41.06 45.98 -44.29
N HIS M 40 -41.65 44.88 -44.77
CA HIS M 40 -41.72 44.69 -46.22
C HIS M 40 -42.63 45.75 -46.81
N LYS M 41 -43.66 46.11 -46.08
CA LYS M 41 -44.62 47.08 -46.52
C LYS M 41 -43.96 48.42 -46.65
N GLN M 42 -42.96 48.71 -45.81
CA GLN M 42 -42.19 49.96 -45.89
C GLN M 42 -41.02 49.88 -46.90
N GLY M 43 -40.94 48.78 -47.64
CA GLY M 43 -40.07 48.67 -48.80
C GLY M 43 -38.84 47.83 -48.58
N ALA M 44 -38.76 47.17 -47.44
CA ALA M 44 -37.55 46.40 -47.17
C ALA M 44 -37.29 45.23 -48.10
N ASN M 45 -36.03 45.01 -48.47
CA ASN M 45 -35.59 43.80 -49.21
C ASN M 45 -34.93 42.72 -48.33
N ILE M 46 -34.26 43.13 -47.26
CA ILE M 46 -33.60 42.23 -46.36
C ILE M 46 -33.99 42.62 -44.93
N VAL M 47 -34.42 41.66 -44.13
CA VAL M 47 -34.94 42.01 -42.86
C VAL M 47 -34.17 41.19 -41.82
N LEU M 48 -33.69 41.85 -40.76
CA LEU M 48 -33.00 41.19 -39.66
C LEU M 48 -33.80 40.98 -38.37
N ILE M 49 -33.98 39.72 -38.02
CA ILE M 49 -34.55 39.36 -36.73
C ILE M 49 -33.46 39.07 -35.64
N GLN M 50 -33.64 39.63 -34.45
CA GLN M 50 -32.70 39.41 -33.29
C GLN M 50 -32.35 37.96 -32.95
N GLU M 51 -31.22 37.82 -32.24
CA GLU M 51 -30.64 36.52 -31.83
C GLU M 51 -31.59 35.63 -30.98
N LEU M 52 -31.66 34.34 -31.30
CA LEU M 52 -32.39 33.34 -30.50
C LEU M 52 -33.77 33.76 -30.14
N PHE M 53 -34.41 34.37 -31.14
CA PHE M 53 -35.74 34.97 -30.98
C PHE M 53 -36.86 33.96 -30.74
N GLU M 54 -36.64 32.69 -31.03
CA GLU M 54 -37.66 31.67 -30.69
C GLU M 54 -38.04 31.60 -29.19
N GLY M 55 -37.23 32.17 -28.30
CA GLY M 55 -37.65 32.22 -26.94
C GLY M 55 -36.86 33.15 -26.09
N TYR M 56 -37.04 32.97 -24.79
CA TYR M 56 -36.20 33.70 -23.80
C TYR M 56 -34.72 33.45 -24.07
N TYR M 57 -33.89 34.42 -23.75
CA TYR M 57 -32.46 34.25 -23.77
C TYR M 57 -32.11 33.34 -22.57
N PHE M 58 -32.15 32.05 -22.80
CA PHE M 58 -32.08 31.11 -21.69
C PHE M 58 -30.67 31.03 -21.08
N CYS M 59 -29.71 31.65 -21.75
CA CYS M 59 -28.32 31.49 -21.35
C CYS M 59 -27.94 32.13 -19.98
N GLN M 60 -28.89 32.77 -19.30
CA GLN M 60 -28.63 33.22 -17.93
C GLN M 60 -28.42 32.04 -17.03
N ALA M 61 -29.05 30.93 -17.42
CA ALA M 61 -28.93 29.68 -16.70
C ALA M 61 -27.93 28.75 -17.35
N GLN M 62 -27.43 27.78 -16.58
CA GLN M 62 -26.60 26.69 -17.12
C GLN M 62 -27.32 25.40 -16.77
N ARG M 63 -28.38 25.06 -17.54
CA ARG M 63 -29.23 23.93 -17.18
C ARG M 63 -29.23 22.81 -18.21
N GLU M 64 -29.26 21.55 -17.72
CA GLU M 64 -29.22 20.36 -18.62
C GLU M 64 -30.36 20.38 -19.62
N ASP M 65 -31.54 20.73 -19.14
CA ASP M 65 -32.75 20.65 -19.96
C ASP M 65 -32.77 21.72 -21.02
N PHE M 66 -32.10 22.84 -20.76
CA PHE M 66 -32.06 23.91 -21.73
C PHE M 66 -31.18 23.52 -22.95
N ILE M 67 -30.20 22.63 -22.77
CA ILE M 67 -29.38 22.19 -23.89
C ILE M 67 -30.25 21.48 -24.93
N GLN M 68 -31.28 20.77 -24.46
CA GLN M 68 -32.23 20.07 -25.31
C GLN M 68 -33.24 20.96 -26.05
N ARG M 69 -33.16 22.27 -25.91
CA ARG M 69 -33.86 23.21 -26.81
C ARG M 69 -33.32 23.19 -28.22
N ALA M 70 -32.12 22.69 -28.45
CA ALA M 70 -31.53 22.75 -29.76
C ALA M 70 -32.26 21.81 -30.69
N LYS M 71 -32.25 22.09 -31.99
CA LYS M 71 -32.82 21.17 -32.98
C LYS M 71 -31.96 21.08 -34.19
N PRO M 72 -32.09 20.00 -34.92
CA PRO M 72 -31.24 19.94 -36.13
C PRO M 72 -31.51 21.08 -37.11
N TYR M 73 -30.48 21.48 -37.86
CA TYR M 73 -30.62 22.36 -39.08
C TYR M 73 -31.57 21.80 -40.10
N LYS M 74 -31.47 20.52 -40.41
CA LYS M 74 -32.41 19.89 -41.34
C LYS M 74 -33.86 19.82 -40.83
N ASP M 75 -34.80 20.14 -41.73
CA ASP M 75 -36.24 20.24 -41.48
C ASP M 75 -36.63 20.97 -40.19
N HIS M 76 -35.99 22.10 -39.93
CA HIS M 76 -36.27 22.94 -38.80
C HIS M 76 -37.61 23.65 -38.98
N PRO M 77 -38.55 23.46 -38.04
CA PRO M 77 -39.88 23.99 -38.33
C PRO M 77 -39.90 25.50 -38.48
N THR M 78 -39.00 26.19 -37.78
CA THR M 78 -39.00 27.63 -37.81
C THR M 78 -38.33 28.13 -39.11
N ILE M 79 -37.23 27.51 -39.53
CA ILE M 79 -36.58 27.87 -40.81
C ILE M 79 -37.60 27.65 -41.94
N MET M 80 -38.30 26.51 -41.91
CA MET M 80 -39.28 26.18 -42.94
C MET M 80 -40.45 27.20 -42.95
N ARG M 81 -40.92 27.60 -41.78
CA ARG M 81 -42.03 28.54 -41.70
C ARG M 81 -41.63 29.87 -42.34
N LEU M 82 -40.46 30.33 -41.95
CA LEU M 82 -39.92 31.56 -42.47
C LEU M 82 -39.44 31.48 -43.94
N GLN M 83 -39.08 30.29 -44.44
CA GLN M 83 -38.79 30.15 -45.90
C GLN M 83 -40.04 30.49 -46.69
N LYS M 84 -41.21 30.07 -46.20
CA LYS M 84 -42.45 30.41 -46.90
C LYS M 84 -42.68 31.90 -46.95
N LEU M 85 -42.29 32.59 -45.89
CA LEU M 85 -42.56 34.01 -45.79
C LEU M 85 -41.63 34.83 -46.74
N ALA M 86 -40.39 34.40 -46.86
CA ALA M 86 -39.44 35.01 -47.74
C ALA M 86 -39.89 34.84 -49.15
N LYS M 87 -40.46 33.70 -49.42
CA LYS M 87 -40.83 33.37 -50.75
C LYS M 87 -42.00 34.23 -51.12
N GLU M 88 -42.92 34.36 -50.18
CA GLU M 88 -44.17 35.06 -50.44
C GLU M 88 -43.93 36.56 -50.67
N LEU M 89 -42.95 37.13 -49.97
CA LEU M 89 -42.71 38.56 -50.03
C LEU M 89 -41.50 38.99 -50.87
N GLY M 90 -40.62 38.06 -51.21
CA GLY M 90 -39.42 38.44 -51.92
C GLY M 90 -38.45 39.20 -51.05
N VAL M 91 -38.24 38.74 -49.82
CA VAL M 91 -37.27 39.35 -48.96
C VAL M 91 -36.34 38.27 -48.40
N VAL M 92 -35.12 38.68 -48.14
CA VAL M 92 -34.09 37.84 -47.54
C VAL M 92 -34.25 37.87 -46.03
N ILE M 93 -34.20 36.70 -45.38
CA ILE M 93 -34.39 36.60 -43.94
C ILE M 93 -33.36 35.66 -43.28
N PRO M 94 -32.40 36.23 -42.55
CA PRO M 94 -31.49 35.39 -41.77
C PRO M 94 -32.23 34.87 -40.58
N VAL M 95 -32.18 33.56 -40.36
CA VAL M 95 -32.94 32.98 -39.25
C VAL M 95 -32.06 32.39 -38.16
N SER M 96 -32.08 33.02 -36.99
CA SER M 96 -31.25 32.60 -35.87
C SER M 96 -31.89 31.39 -35.18
N PHE M 97 -31.12 30.32 -34.92
CA PHE M 97 -31.62 29.21 -34.12
C PHE M 97 -30.55 28.47 -33.29
N PHE M 98 -31.00 27.58 -32.41
CA PHE M 98 -30.09 26.79 -31.57
C PHE M 98 -29.96 25.40 -32.23
N GLU M 99 -28.76 25.11 -32.73
CA GLU M 99 -28.54 23.98 -33.60
C GLU M 99 -27.98 22.81 -32.83
N GLU M 100 -28.63 21.67 -32.99
CA GLU M 100 -28.05 20.39 -32.64
C GLU M 100 -27.39 19.74 -33.91
N ALA M 101 -26.15 19.24 -33.79
CA ALA M 101 -25.53 18.54 -34.87
C ALA M 101 -24.81 17.33 -34.30
N ASN M 102 -25.54 16.24 -34.26
CA ASN M 102 -25.12 15.05 -33.56
C ASN M 102 -24.84 15.46 -32.09
N ASN M 103 -23.62 15.27 -31.55
CA ASN M 103 -23.32 15.72 -30.17
C ASN M 103 -22.75 17.12 -30.09
N ALA M 104 -22.54 17.75 -31.22
CA ALA M 104 -22.15 19.18 -31.19
C ALA M 104 -23.37 20.05 -31.11
N HIS M 105 -23.22 21.23 -30.56
CA HIS M 105 -24.33 22.18 -30.55
C HIS M 105 -23.83 23.59 -30.93
N TYR M 106 -24.61 24.37 -31.63
CA TYR M 106 -24.11 25.68 -32.08
C TYR M 106 -25.14 26.79 -32.01
N ASN M 107 -24.66 27.99 -31.88
CA ASN M 107 -25.55 29.12 -32.01
C ASN M 107 -25.46 29.52 -33.49
N SER M 108 -26.54 29.31 -34.22
CA SER M 108 -26.41 29.27 -35.67
C SER M 108 -27.35 30.20 -36.37
N ILE M 109 -27.09 30.42 -37.66
CA ILE M 109 -28.02 31.21 -38.47
C ILE M 109 -28.09 30.73 -39.93
N ALA M 110 -29.31 30.56 -40.44
CA ALA M 110 -29.59 30.12 -41.82
C ALA M 110 -30.04 31.29 -42.69
N ILE M 111 -29.37 31.50 -43.81
CA ILE M 111 -29.66 32.67 -44.63
C ILE M 111 -30.68 32.27 -45.69
N ILE M 112 -31.88 32.82 -45.58
CA ILE M 112 -32.93 32.52 -46.56
C ILE M 112 -33.04 33.62 -47.61
N ASP M 113 -33.03 33.19 -48.85
CA ASP M 113 -32.97 34.11 -49.97
C ASP M 113 -34.39 34.55 -50.38
N ALA M 114 -34.49 35.58 -51.20
CA ALA M 114 -35.78 36.13 -51.62
C ALA M 114 -36.65 35.17 -52.38
N ASP M 115 -36.07 34.12 -52.95
CA ASP M 115 -36.95 33.13 -53.63
C ASP M 115 -37.30 31.98 -52.71
N GLY M 116 -36.88 32.07 -51.44
CA GLY M 116 -37.16 31.04 -50.46
C GLY M 116 -36.06 30.02 -50.25
N THR M 117 -35.03 30.03 -51.07
CA THR M 117 -33.97 29.05 -51.02
C THR M 117 -33.12 29.18 -49.75
N ASP M 118 -32.76 28.04 -49.17
CA ASP M 118 -31.80 28.04 -48.00
C ASP M 118 -30.36 28.10 -48.46
N LEU M 119 -29.65 29.18 -48.24
CA LEU M 119 -28.32 29.35 -48.85
C LEU M 119 -27.22 28.77 -47.99
N GLY M 120 -27.61 28.34 -46.80
CA GLY M 120 -26.67 27.72 -45.86
C GLY M 120 -26.57 28.44 -44.53
N ILE M 121 -25.50 28.13 -43.82
CA ILE M 121 -25.47 28.37 -42.37
C ILE M 121 -24.15 29.02 -41.95
N TYR M 122 -24.23 29.90 -40.99
CA TYR M 122 -23.03 30.37 -40.30
C TYR M 122 -23.20 29.97 -38.81
N ARG M 123 -22.16 29.48 -38.20
CA ARG M 123 -22.20 29.13 -36.78
C ARG M 123 -21.30 30.10 -36.01
N LYS M 124 -21.87 30.64 -34.95
CA LYS M 124 -21.26 31.71 -34.15
C LYS M 124 -19.87 31.31 -33.71
N SER M 125 -18.91 32.20 -33.89
CA SER M 125 -17.52 31.85 -33.70
C SER M 125 -17.03 32.28 -32.32
N HIS M 126 -17.41 33.47 -31.87
CA HIS M 126 -16.96 33.99 -30.61
C HIS M 126 -18.04 33.77 -29.54
N ILE M 127 -17.78 32.99 -28.51
CA ILE M 127 -18.85 32.67 -27.62
C ILE M 127 -18.59 33.37 -26.28
N PRO M 128 -19.53 34.26 -25.87
CA PRO M 128 -19.34 34.93 -24.62
C PRO M 128 -19.61 34.03 -23.37
N ASP M 129 -19.26 34.60 -22.23
CA ASP M 129 -19.35 33.96 -20.95
C ASP M 129 -19.40 34.99 -19.83
N GLY M 130 -20.03 34.58 -18.75
CA GLY M 130 -20.13 35.37 -17.53
C GLY M 130 -21.57 35.43 -17.09
N PRO M 131 -21.78 35.98 -15.88
CA PRO M 131 -23.13 36.04 -15.31
C PRO M 131 -24.09 36.69 -16.28
N GLY M 132 -25.20 36.00 -16.51
CA GLY M 132 -26.26 36.43 -17.44
C GLY M 132 -26.08 35.92 -18.87
N TYR M 133 -24.86 35.62 -19.24
CA TYR M 133 -24.57 35.30 -20.61
C TYR M 133 -23.66 34.04 -20.67
N GLU M 134 -24.17 32.92 -20.15
CA GLU M 134 -23.36 31.69 -20.01
C GLU M 134 -23.41 30.86 -21.27
N GLU M 135 -23.02 31.44 -22.39
CA GLU M 135 -23.19 30.80 -23.69
C GLU M 135 -22.16 29.66 -23.95
N LYS M 136 -20.99 29.76 -23.31
CA LYS M 136 -19.92 28.77 -23.45
C LYS M 136 -20.35 27.43 -22.88
N PHE M 137 -21.37 27.41 -22.01
CA PHE M 137 -21.94 26.14 -21.50
C PHE M 137 -22.77 25.41 -22.57
N TYR M 138 -23.29 26.17 -23.54
CA TYR M 138 -24.25 25.63 -24.49
C TYR M 138 -23.67 25.43 -25.91
N PHE M 139 -22.72 26.24 -26.31
CA PHE M 139 -22.33 26.20 -27.73
C PHE M 139 -20.89 25.81 -27.97
N ASN M 140 -20.66 24.76 -28.75
CA ASN M 140 -19.35 24.63 -29.36
C ASN M 140 -19.06 25.93 -30.12
N PRO M 141 -17.83 26.37 -30.04
CA PRO M 141 -17.40 27.44 -30.83
C PRO M 141 -17.51 27.09 -32.29
N GLY M 142 -17.96 28.05 -33.08
CA GLY M 142 -18.31 27.85 -34.47
C GLY M 142 -17.13 27.34 -35.27
N ASP M 143 -17.43 26.44 -36.19
CA ASP M 143 -16.48 25.85 -37.10
C ASP M 143 -16.78 26.09 -38.57
N THR M 144 -17.66 26.98 -38.95
CA THR M 144 -17.85 27.32 -40.38
C THR M 144 -16.86 28.36 -40.82
N GLY M 145 -16.36 29.16 -39.88
CA GLY M 145 -15.57 30.34 -40.23
C GLY M 145 -16.52 31.46 -40.68
N PHE M 146 -15.97 32.64 -40.95
CA PHE M 146 -16.81 33.74 -41.40
C PHE M 146 -17.20 33.59 -42.87
N LYS M 147 -18.45 33.89 -43.16
CA LYS M 147 -18.94 33.65 -44.51
C LYS M 147 -19.64 34.83 -45.10
N VAL M 148 -19.69 34.84 -46.42
CA VAL M 148 -20.58 35.74 -47.09
C VAL M 148 -21.55 34.99 -47.99
N PHE M 149 -22.72 35.58 -48.23
CA PHE M 149 -23.79 34.91 -48.94
C PHE M 149 -24.25 35.78 -50.09
N GLN M 150 -24.31 35.19 -51.27
CA GLN M 150 -24.84 35.89 -52.44
C GLN M 150 -26.34 35.74 -52.47
N THR M 151 -27.03 36.83 -52.19
CA THR M 151 -28.49 36.87 -52.28
C THR M 151 -28.95 37.57 -53.56
N LYS M 152 -30.26 37.57 -53.84
CA LYS M 152 -30.81 38.29 -55.01
C LYS M 152 -30.51 39.79 -55.01
N TYR M 153 -30.22 40.37 -53.85
CA TYR M 153 -30.03 41.81 -53.75
C TYR M 153 -28.59 42.20 -53.47
N ALA M 154 -27.80 41.33 -52.87
CA ALA M 154 -26.46 41.79 -52.46
C ALA M 154 -25.65 40.64 -51.94
N LYS M 155 -24.32 40.75 -51.98
CA LYS M 155 -23.47 39.81 -51.25
C LYS M 155 -23.50 40.25 -49.78
N ILE M 156 -23.96 39.43 -48.87
CA ILE M 156 -24.04 39.91 -47.48
C ILE M 156 -23.16 39.12 -46.50
N GLY M 157 -22.78 39.78 -45.41
CA GLY M 157 -22.04 39.17 -44.36
C GLY M 157 -22.88 39.20 -43.09
N VAL M 158 -23.16 38.04 -42.55
CA VAL M 158 -23.98 37.88 -41.32
C VAL M 158 -23.18 37.15 -40.25
N ALA M 159 -23.08 37.73 -39.07
CA ALA M 159 -22.46 37.05 -37.97
C ALA M 159 -23.36 37.28 -36.80
N ILE M 160 -23.00 36.79 -35.62
CA ILE M 160 -23.99 36.71 -34.61
C ILE M 160 -23.54 37.35 -33.31
N SER M 161 -24.29 38.35 -32.86
CA SER M 161 -24.18 38.87 -31.48
C SER M 161 -22.75 39.19 -31.02
N TRP M 162 -22.21 38.38 -30.08
CA TRP M 162 -20.87 38.65 -29.54
C TRP M 162 -19.81 38.82 -30.62
N ASP M 163 -19.97 38.13 -31.76
CA ASP M 163 -19.09 38.28 -32.94
C ASP M 163 -18.89 39.75 -33.27
N GLN M 164 -19.90 40.57 -33.02
CA GLN M 164 -19.84 41.98 -33.38
C GLN M 164 -18.78 42.78 -32.63
N TRP M 165 -18.14 42.19 -31.62
CA TRP M 165 -17.17 42.95 -30.88
C TRP M 165 -15.83 42.79 -31.51
N PHE M 166 -15.75 41.89 -32.51
CA PHE M 166 -14.45 41.49 -33.07
C PHE M 166 -14.20 42.06 -34.47
N PRO M 167 -13.19 42.98 -34.60
CA PRO M 167 -12.87 43.59 -35.93
C PRO M 167 -12.46 42.55 -36.93
N GLU M 168 -11.95 41.43 -36.41
CA GLU M 168 -11.42 40.38 -37.30
C GLU M 168 -12.59 39.80 -38.14
N ALA M 169 -13.73 39.63 -37.48
CA ALA M 169 -14.90 39.08 -38.15
C ALA M 169 -15.48 40.00 -39.24
N ALA M 170 -15.60 41.29 -38.96
CA ALA M 170 -16.14 42.27 -39.91
C ALA M 170 -15.17 42.32 -41.08
N ARG M 171 -13.86 42.32 -40.79
CA ARG M 171 -12.88 42.42 -41.85
C ARG M 171 -12.85 41.18 -42.73
N ALA M 172 -12.96 40.00 -42.12
CA ALA M 172 -13.04 38.73 -42.85
C ALA M 172 -14.22 38.75 -43.83
N MET M 173 -15.34 39.30 -43.38
CA MET M 173 -16.49 39.30 -44.25
C MET M 173 -16.32 40.28 -45.40
N ALA M 174 -15.78 41.45 -45.11
CA ALA M 174 -15.57 42.44 -46.15
C ALA M 174 -14.51 41.99 -47.13
N LEU M 175 -13.51 41.25 -46.70
CA LEU M 175 -12.50 40.80 -47.65
C LEU M 175 -13.05 39.81 -48.66
N GLN M 176 -14.15 39.12 -48.31
CA GLN M 176 -14.74 38.12 -49.21
C GLN M 176 -15.90 38.68 -49.99
N GLY M 177 -16.04 40.00 -49.96
CA GLY M 177 -17.00 40.70 -50.79
C GLY M 177 -18.24 41.13 -50.07
N ALA M 178 -18.31 41.02 -48.74
CA ALA M 178 -19.57 41.43 -48.10
C ALA M 178 -19.82 42.90 -48.44
N GLU M 179 -21.04 43.22 -48.83
CA GLU M 179 -21.47 44.57 -49.15
C GLU M 179 -22.23 45.21 -48.03
N ILE M 180 -22.81 44.40 -47.15
CA ILE M 180 -23.52 44.82 -45.94
C ILE M 180 -23.25 43.79 -44.84
N LEU M 181 -23.05 44.24 -43.61
CA LEU M 181 -22.84 43.38 -42.47
C LEU M 181 -24.12 43.36 -41.69
N PHE M 182 -24.47 42.18 -41.12
CA PHE M 182 -25.67 42.00 -40.24
C PHE M 182 -25.30 41.25 -38.97
N TYR M 183 -25.76 41.79 -37.84
CA TYR M 183 -25.51 41.22 -36.53
C TYR M 183 -26.78 41.20 -35.67
N PRO M 184 -27.49 40.07 -35.66
CA PRO M 184 -28.60 39.93 -34.70
C PRO M 184 -28.05 39.71 -33.30
N THR M 185 -28.73 40.21 -32.28
CA THR M 185 -28.13 40.40 -30.99
C THR M 185 -29.12 40.19 -29.84
N ALA M 186 -28.56 39.85 -28.67
CA ALA M 186 -29.26 39.87 -27.36
C ALA M 186 -28.26 40.38 -26.33
N ILE M 187 -28.45 41.59 -25.89
CA ILE M 187 -27.54 42.19 -24.95
C ILE M 187 -28.26 43.23 -24.10
N GLY M 188 -27.97 43.24 -22.80
CA GLY M 188 -28.60 44.20 -21.93
C GLY M 188 -27.77 44.34 -20.67
N SER M 189 -28.48 44.57 -19.59
CA SER M 189 -27.87 44.67 -18.29
C SER M 189 -27.25 43.30 -17.90
N GLU M 190 -26.40 43.33 -16.89
CA GLU M 190 -25.76 42.14 -16.44
C GLU M 190 -26.16 41.97 -14.95
N PRO M 191 -26.57 40.75 -14.57
CA PRO M 191 -27.24 40.51 -13.30
C PRO M 191 -26.36 40.61 -12.08
N HIS M 192 -25.05 40.56 -12.26
CA HIS M 192 -24.14 40.62 -11.11
C HIS M 192 -23.73 42.04 -10.75
N ASP M 193 -23.90 42.99 -11.66
CA ASP M 193 -23.44 44.38 -11.49
C ASP M 193 -24.39 45.34 -12.23
N GLN M 194 -25.32 45.90 -11.48
CA GLN M 194 -26.31 46.86 -11.94
C GLN M 194 -25.69 48.12 -12.55
N SER M 195 -24.41 48.37 -12.36
CA SER M 195 -23.80 49.59 -12.82
C SER M 195 -23.14 49.42 -14.19
N ILE M 196 -23.16 48.21 -14.74
CA ILE M 196 -22.61 47.98 -16.07
C ILE M 196 -23.65 48.42 -17.10
N ASP M 197 -23.31 49.40 -17.93
CA ASP M 197 -24.19 49.80 -19.01
C ASP M 197 -23.38 49.84 -20.31
N SER M 198 -23.57 48.84 -21.15
CA SER M 198 -22.60 48.61 -22.21
C SER M 198 -23.00 49.23 -23.57
N ARG M 199 -24.16 49.87 -23.64
CA ARG M 199 -24.85 50.16 -24.91
C ARG M 199 -24.09 51.14 -25.82
N ASP M 200 -23.44 52.14 -25.25
CA ASP M 200 -22.64 53.04 -26.00
C ASP M 200 -21.33 52.42 -26.47
N HIS M 201 -20.69 51.63 -25.63
CA HIS M 201 -19.47 50.93 -26.02
C HIS M 201 -19.78 49.99 -27.20
N TRP M 202 -20.89 49.28 -27.07
CA TRP M 202 -21.41 48.34 -28.04
C TRP M 202 -21.63 49.05 -29.39
N LYS M 203 -22.29 50.20 -29.39
CA LYS M 203 -22.48 50.92 -30.66
C LYS M 203 -21.14 51.38 -31.26
N ARG M 204 -20.31 52.00 -30.44
CA ARG M 204 -19.06 52.47 -30.95
C ARG M 204 -18.25 51.39 -31.63
N VAL M 205 -18.28 50.19 -31.09
CA VAL M 205 -17.32 49.22 -31.62
C VAL M 205 -17.74 48.83 -33.03
N MET M 206 -19.05 48.69 -33.21
CA MET M 206 -19.66 48.37 -34.52
C MET M 206 -19.56 49.52 -35.52
N GLN M 207 -19.77 50.73 -35.07
CA GLN M 207 -19.65 51.88 -35.99
C GLN M 207 -18.22 51.88 -36.53
N GLY M 208 -17.34 51.38 -35.67
CA GLY M 208 -15.98 51.23 -36.01
C GLY M 208 -15.78 50.30 -37.18
N HIS M 209 -16.37 49.11 -37.09
CA HIS M 209 -16.23 48.18 -38.16
C HIS M 209 -16.77 48.70 -39.47
N ALA M 210 -17.89 49.43 -39.44
CA ALA M 210 -18.49 49.94 -40.68
C ALA M 210 -17.58 51.01 -41.31
N GLY M 211 -17.01 51.86 -40.45
CA GLY M 211 -16.08 52.87 -40.86
C GLY M 211 -14.80 52.37 -41.46
N ALA M 212 -14.36 51.28 -40.92
CA ALA M 212 -13.06 50.76 -41.27
C ALA M 212 -13.12 49.93 -42.55
N ASN M 213 -14.26 49.32 -42.85
CA ASN M 213 -14.40 48.52 -44.04
C ASN M 213 -15.26 49.21 -45.07
N LEU M 214 -15.80 50.39 -44.75
CA LEU M 214 -16.68 51.10 -45.64
C LEU M 214 -17.81 50.27 -46.23
N VAL M 215 -18.57 49.68 -45.32
CA VAL M 215 -19.79 48.98 -45.64
C VAL M 215 -20.89 49.29 -44.61
N PRO M 216 -22.14 49.40 -45.07
CA PRO M 216 -23.20 49.56 -44.06
C PRO M 216 -23.27 48.35 -43.16
N LEU M 217 -23.97 48.54 -42.04
CA LEU M 217 -24.00 47.56 -40.97
C LEU M 217 -25.33 47.65 -40.25
N VAL M 218 -25.94 46.52 -39.95
CA VAL M 218 -27.28 46.47 -39.34
C VAL M 218 -27.30 45.64 -38.01
N ALA M 219 -27.84 46.22 -36.94
CA ALA M 219 -27.92 45.47 -35.71
C ALA M 219 -29.31 45.46 -35.15
N SER M 220 -29.79 44.27 -34.86
CA SER M 220 -31.10 44.09 -34.29
C SER M 220 -30.92 43.53 -32.91
N ASN M 221 -31.43 44.22 -31.91
CA ASN M 221 -31.36 43.76 -30.52
C ASN M 221 -32.70 43.65 -29.85
N ARG M 222 -32.73 42.84 -28.80
CA ARG M 222 -33.96 42.53 -28.04
C ARG M 222 -34.32 43.65 -27.07
N ILE M 223 -35.58 43.70 -26.65
CA ILE M 223 -36.00 44.58 -25.59
C ILE M 223 -36.71 43.77 -24.52
N GLY M 224 -37.11 44.42 -23.41
CA GLY M 224 -37.83 43.73 -22.36
C GLY M 224 -37.00 43.10 -21.26
N ASN M 225 -37.65 42.87 -20.14
CA ASN M 225 -37.05 42.18 -19.02
C ASN M 225 -37.30 40.71 -19.13
N GLU M 226 -36.32 39.89 -18.83
CA GLU M 226 -36.56 38.44 -18.81
C GLU M 226 -36.04 37.89 -17.50
N ILE M 227 -36.89 37.16 -16.78
CA ILE M 227 -36.49 36.58 -15.51
C ILE M 227 -36.43 35.08 -15.65
N ILE M 228 -35.24 34.52 -15.53
CA ILE M 228 -35.00 33.08 -15.68
C ILE M 228 -34.66 32.38 -14.35
N GLU M 229 -35.22 31.20 -14.10
CA GLU M 229 -34.79 30.41 -12.96
C GLU M 229 -33.48 29.67 -13.30
N THR M 230 -32.43 29.94 -12.51
CA THR M 230 -31.12 29.29 -12.60
C THR M 230 -30.89 28.33 -11.43
N GLU M 231 -29.81 27.58 -11.56
CA GLU M 231 -29.29 26.69 -10.51
C GLU M 231 -29.09 27.37 -9.20
N HIS M 232 -28.99 28.71 -9.20
CA HIS M 232 -28.78 29.51 -7.97
C HIS M 232 -29.93 30.49 -7.74
N GLY M 233 -31.02 30.31 -8.47
CA GLY M 233 -32.23 31.12 -8.26
C GLY M 233 -32.46 32.12 -9.41
N LYS M 234 -33.29 33.11 -9.15
CA LYS M 234 -33.71 34.02 -10.20
C LYS M 234 -32.58 34.91 -10.69
N SER M 235 -32.60 35.15 -12.00
CA SER M 235 -31.67 36.02 -12.66
C SER M 235 -32.43 36.84 -13.74
N GLU M 236 -32.16 38.12 -13.80
CA GLU M 236 -32.87 39.06 -14.63
C GLU M 236 -31.92 39.90 -15.48
N ILE M 237 -32.17 39.91 -16.79
CA ILE M 237 -31.65 40.92 -17.68
C ILE M 237 -32.75 41.85 -18.17
N LYS M 238 -32.45 43.13 -18.20
CA LYS M 238 -33.24 44.09 -18.97
C LYS M 238 -32.50 44.35 -20.30
N PHE M 239 -33.05 43.82 -21.38
CA PHE M 239 -32.47 44.00 -22.71
C PHE M 239 -32.74 45.43 -23.18
N TYR M 240 -31.73 46.08 -23.74
CA TYR M 240 -31.79 47.52 -23.91
C TYR M 240 -32.01 47.98 -25.34
N GLY M 241 -32.50 47.13 -26.22
CA GLY M 241 -32.82 47.59 -27.58
C GLY M 241 -31.65 48.31 -28.23
N ASN M 242 -31.87 49.56 -28.61
CA ASN M 242 -30.89 50.35 -29.34
C ASN M 242 -30.48 49.71 -30.70
N SER M 243 -31.37 48.92 -31.29
CA SER M 243 -31.19 48.47 -32.67
C SER M 243 -30.86 49.65 -33.57
N PHE M 244 -29.98 49.44 -34.53
CA PHE M 244 -29.57 50.57 -35.36
C PHE M 244 -29.08 50.10 -36.70
N ILE M 245 -29.04 51.04 -37.63
CA ILE M 245 -28.41 50.87 -38.92
C ILE M 245 -27.37 51.96 -39.13
N ALA M 246 -26.13 51.56 -39.39
CA ALA M 246 -25.02 52.47 -39.70
C ALA M 246 -24.61 52.48 -41.17
N GLY M 247 -24.23 53.65 -41.65
CA GLY M 247 -23.73 53.81 -43.00
C GLY M 247 -22.25 53.46 -43.12
N PRO M 248 -21.70 53.69 -44.31
CA PRO M 248 -20.36 53.19 -44.51
C PRO M 248 -19.27 54.06 -43.90
N THR M 249 -19.58 55.22 -43.35
CA THR M 249 -18.55 55.91 -42.54
C THR M 249 -18.79 55.72 -41.01
N GLY M 250 -19.71 54.84 -40.65
CA GLY M 250 -20.02 54.63 -39.27
C GLY M 250 -21.13 55.51 -38.73
N GLU M 251 -21.70 56.42 -39.57
CA GLU M 251 -22.78 57.30 -39.09
C GLU M 251 -24.02 56.47 -38.77
N ILE M 252 -24.66 56.70 -37.63
CA ILE M 252 -25.99 56.11 -37.42
C ILE M 252 -27.04 56.80 -38.32
N VAL M 253 -27.71 56.03 -39.18
CA VAL M 253 -28.78 56.59 -40.00
C VAL M 253 -30.14 56.24 -39.40
N SER M 254 -30.20 55.15 -38.63
CA SER M 254 -31.44 54.87 -37.94
C SER M 254 -31.22 54.15 -36.60
N ILE M 255 -31.97 54.56 -35.60
CA ILE M 255 -31.79 53.98 -34.30
C ILE M 255 -33.07 53.94 -33.54
N ALA M 256 -33.28 52.84 -32.83
CA ALA M 256 -34.45 52.69 -31.97
C ALA M 256 -34.05 53.02 -30.53
N ASP M 257 -35.04 53.19 -29.66
CA ASP M 257 -34.73 53.41 -28.25
C ASP M 257 -34.57 52.09 -27.43
N ASP M 258 -34.58 52.17 -26.09
CA ASP M 258 -34.32 50.97 -25.29
C ASP M 258 -35.56 50.23 -24.82
N LYS M 259 -36.72 50.60 -25.31
CA LYS M 259 -37.90 49.86 -24.89
C LYS M 259 -39.07 49.68 -25.87
N GLU M 260 -39.09 50.48 -26.95
CA GLU M 260 -40.13 50.39 -27.98
C GLU M 260 -39.89 49.23 -28.92
N GLU M 261 -40.95 48.59 -29.36
CA GLU M 261 -40.89 47.73 -30.51
C GLU M 261 -40.64 48.62 -31.78
N ALA M 262 -39.77 48.20 -32.67
CA ALA M 262 -39.35 49.05 -33.76
C ALA M 262 -39.10 48.26 -35.04
N VAL M 263 -39.38 48.92 -36.16
CA VAL M 263 -38.97 48.51 -37.49
C VAL M 263 -38.12 49.63 -38.02
N LEU M 264 -36.84 49.40 -38.25
CA LEU M 264 -36.00 50.45 -38.87
C LEU M 264 -35.76 50.15 -40.36
N ILE M 265 -35.67 51.20 -41.18
CA ILE M 265 -35.60 51.11 -42.65
C ILE M 265 -34.51 52.06 -43.12
N ALA M 266 -33.63 51.57 -43.98
CA ALA M 266 -32.63 52.41 -44.57
C ALA M 266 -32.28 51.89 -45.95
N GLU M 267 -32.24 52.80 -46.93
CA GLU M 267 -31.78 52.49 -48.27
C GLU M 267 -30.31 52.87 -48.50
N PHE M 268 -29.55 51.95 -49.12
CA PHE M 268 -28.19 52.19 -49.55
C PHE M 268 -28.01 51.94 -51.04
N ASN M 269 -27.23 52.82 -51.68
CA ASN M 269 -26.80 52.60 -53.05
C ASN M 269 -25.49 51.82 -53.07
N LEU M 270 -25.56 50.51 -53.23
CA LEU M 270 -24.39 49.65 -53.26
C LEU M 270 -23.30 49.93 -54.32
N ASP M 271 -23.67 50.46 -55.49
CA ASP M 271 -22.60 50.74 -56.46
C ASP M 271 -21.81 52.00 -56.05
N LYS M 272 -22.49 53.00 -55.49
CA LYS M 272 -21.76 54.16 -55.02
C LYS M 272 -20.88 53.84 -53.85
N ILE M 273 -21.40 53.10 -52.89
CA ILE M 273 -20.61 52.73 -51.76
C ILE M 273 -19.40 51.88 -52.14
N LYS M 274 -19.55 50.97 -53.08
CA LYS M 274 -18.38 50.20 -53.51
C LYS M 274 -17.27 51.13 -54.08
N SER M 275 -17.69 52.07 -54.89
CA SER M 275 -16.78 52.97 -55.50
C SER M 275 -16.11 53.85 -54.44
N MET M 276 -16.82 54.17 -53.38
CA MET M 276 -16.27 54.99 -52.33
C MET M 276 -15.36 54.12 -51.41
N ARG M 277 -15.72 52.86 -51.20
CA ARG M 277 -14.85 51.92 -50.47
C ARG M 277 -13.49 51.75 -51.18
N HIS M 278 -13.51 51.58 -52.47
CA HIS M 278 -12.23 51.49 -53.20
C HIS M 278 -11.35 52.74 -53.28
N CYS M 279 -11.94 53.92 -53.48
CA CYS M 279 -11.12 55.13 -53.66
CA CYS M 279 -11.13 55.14 -53.66
C CYS M 279 -10.55 55.61 -52.34
N TRP M 280 -11.26 55.29 -51.26
CA TRP M 280 -10.79 55.58 -49.92
C TRP M 280 -9.50 54.87 -49.69
N GLY M 281 -9.36 53.64 -50.20
CA GLY M 281 -8.03 52.99 -50.36
C GLY M 281 -7.55 52.01 -49.29
N VAL M 282 -8.26 51.88 -48.19
CA VAL M 282 -7.79 51.00 -47.19
C VAL M 282 -7.53 49.55 -47.67
N PHE M 283 -8.40 48.98 -48.47
CA PHE M 283 -8.10 47.64 -49.01
C PHE M 283 -6.89 47.56 -49.97
N ARG M 284 -6.54 48.66 -50.57
CA ARG M 284 -5.36 48.79 -51.45
C ARG M 284 -4.05 48.79 -50.62
N ASP M 285 -4.17 49.16 -49.36
CA ASP M 285 -3.04 49.54 -48.53
C ASP M 285 -2.80 48.53 -47.37
N ARG M 286 -3.65 47.50 -47.23
CA ARG M 286 -3.47 46.54 -46.17
C ARG M 286 -2.13 45.83 -46.29
N ARG M 287 -1.61 45.47 -45.12
CA ARG M 287 -0.33 44.78 -45.00
C ARG M 287 -0.45 43.38 -44.37
N PRO M 288 -1.05 42.42 -45.05
CA PRO M 288 -1.11 41.03 -44.54
C PRO M 288 0.26 40.41 -44.23
N ASP M 289 1.32 40.86 -44.90
CA ASP M 289 2.64 40.38 -44.49
C ASP M 289 2.95 40.79 -43.04
N LEU M 290 2.25 41.78 -42.48
CA LEU M 290 2.60 42.28 -41.17
C LEU M 290 1.56 41.80 -40.13
N TYR M 291 0.56 41.05 -40.57
CA TYR M 291 -0.50 40.66 -39.64
C TYR M 291 -0.42 39.25 -39.00
N LYS M 292 0.70 38.54 -39.07
CA LYS M 292 0.73 37.15 -38.56
C LYS M 292 0.46 37.09 -37.00
N VAL M 293 0.75 38.17 -36.29
CA VAL M 293 0.55 38.19 -34.88
C VAL M 293 -0.95 38.03 -34.55
N LEU M 294 -1.82 38.24 -35.54
CA LEU M 294 -3.23 38.10 -35.29
C LEU M 294 -3.63 36.66 -35.23
N LEU M 295 -2.78 35.76 -35.67
CA LEU M 295 -3.05 34.33 -35.50
C LEU M 295 -2.46 33.79 -34.15
N THR M 296 -2.15 34.66 -33.23
CA THR M 296 -1.85 34.28 -31.82
C THR M 296 -2.96 34.77 -30.92
N LEU M 297 -3.01 34.19 -29.75
CA LEU M 297 -3.82 34.71 -28.63
C LEU M 297 -2.97 35.63 -27.74
N ASP M 298 -1.68 35.32 -27.65
CA ASP M 298 -0.83 35.87 -26.61
C ASP M 298 0.23 36.84 -27.10
N GLY M 299 0.18 37.14 -28.40
CA GLY M 299 1.11 38.03 -29.02
C GLY M 299 2.46 37.47 -29.39
N LYS M 300 2.64 36.17 -29.20
CA LYS M 300 3.90 35.52 -29.54
C LYS M 300 3.71 34.20 -30.24
N ASN M 301 2.88 33.31 -29.69
CA ASN M 301 2.76 31.93 -30.19
C ASN M 301 1.61 31.72 -31.18
N PRO M 302 1.93 31.41 -32.43
CA PRO M 302 0.88 31.13 -33.39
C PRO M 302 0.15 29.88 -32.92
N VAL M 303 -1.18 29.91 -33.00
CA VAL M 303 -1.98 28.75 -32.72
C VAL M 303 -1.80 27.64 -33.77
N LEU M 304 -2.11 26.41 -33.35
CA LEU M 304 -2.01 25.19 -34.17
C LEU M 304 -3.16 25.09 -35.22
N ASP N 7 -9.11 54.58 -4.91
CA ASP N 7 -8.83 54.26 -6.36
C ASP N 7 -7.35 53.95 -6.62
N LYS N 8 -6.89 52.78 -6.18
CA LYS N 8 -5.46 52.43 -6.27
C LYS N 8 -5.08 51.92 -7.67
N GLY N 9 -3.77 51.91 -7.99
CA GLY N 9 -3.21 51.31 -9.25
C GLY N 9 -2.29 52.29 -9.99
N ARG N 10 -1.57 51.84 -11.01
CA ARG N 10 -0.70 52.71 -11.78
C ARG N 10 -1.50 53.74 -12.52
N LYS N 11 -1.13 54.99 -12.39
CA LYS N 11 -1.78 56.06 -13.16
C LYS N 11 -0.79 56.58 -14.19
N VAL N 12 -1.31 57.07 -15.30
CA VAL N 12 -0.48 57.66 -16.30
C VAL N 12 -1.27 58.80 -16.85
N VAL N 13 -0.64 59.94 -16.96
CA VAL N 13 -1.28 61.08 -17.59
C VAL N 13 -0.68 61.18 -19.00
N VAL N 14 -1.56 61.18 -20.01
CA VAL N 14 -1.12 61.33 -21.37
C VAL N 14 -1.61 62.63 -21.98
N SER N 15 -0.89 63.10 -23.01
CA SER N 15 -1.19 64.37 -23.68
C SER N 15 -1.08 64.26 -25.19
N ALA N 16 -2.01 64.92 -25.85
CA ALA N 16 -1.92 65.15 -27.26
C ALA N 16 -1.71 66.63 -27.52
N LEU N 17 -0.79 66.96 -28.40
CA LEU N 17 -0.55 68.32 -28.84
C LEU N 17 -1.15 68.59 -30.22
N GLN N 18 -1.46 69.83 -30.49
CA GLN N 18 -2.06 70.18 -31.74
C GLN N 18 -1.55 71.57 -32.06
N PHE N 19 -0.89 71.71 -33.21
CA PHE N 19 -0.33 73.00 -33.61
C PHE N 19 -0.08 73.16 -35.11
N ALA N 20 0.33 74.36 -35.47
CA ALA N 20 0.59 74.77 -36.88
C ALA N 20 2.07 74.77 -37.16
N CYS N 21 2.41 74.38 -38.39
CA CYS N 21 3.78 74.33 -38.82
C CYS N 21 4.08 75.34 -39.89
N THR N 22 5.28 75.92 -39.81
CA THR N 22 5.87 76.55 -40.94
C THR N 22 6.72 75.49 -41.67
N ASP N 23 7.54 75.91 -42.63
CA ASP N 23 8.46 75.00 -43.27
C ASP N 23 9.93 75.16 -42.79
N ASP N 24 10.09 75.88 -41.68
CA ASP N 24 11.38 75.97 -40.99
C ASP N 24 11.46 75.03 -39.77
N VAL N 25 12.40 74.10 -39.85
CA VAL N 25 12.51 73.08 -38.84
C VAL N 25 12.72 73.64 -37.45
N SER N 26 13.56 74.66 -37.33
CA SER N 26 13.87 75.24 -36.03
C SER N 26 12.64 75.90 -35.45
N THR N 27 11.90 76.65 -36.24
CA THR N 27 10.64 77.18 -35.73
C THR N 27 9.74 76.03 -35.17
N ASN N 28 9.68 74.91 -35.85
CA ASN N 28 8.67 73.94 -35.53
C ASN N 28 9.09 73.16 -34.28
N VAL N 29 10.39 72.98 -34.09
CA VAL N 29 10.87 72.26 -32.92
C VAL N 29 10.70 73.14 -31.68
N THR N 30 10.94 74.45 -31.86
CA THR N 30 10.65 75.42 -30.83
C THR N 30 9.17 75.36 -30.43
N THR N 31 8.25 75.30 -31.41
CA THR N 31 6.82 75.25 -31.10
C THR N 31 6.55 73.94 -30.27
N ALA N 32 7.13 72.85 -30.71
CA ALA N 32 6.89 71.56 -30.09
C ALA N 32 7.40 71.55 -28.64
N GLU N 33 8.59 72.08 -28.47
CA GLU N 33 9.19 72.10 -27.19
C GLU N 33 8.32 72.95 -26.23
N ARG N 34 7.86 74.12 -26.67
CA ARG N 34 7.01 74.96 -25.87
C ARG N 34 5.76 74.22 -25.44
N LEU N 35 5.17 73.42 -26.33
CA LEU N 35 3.91 72.83 -25.98
C LEU N 35 4.10 71.57 -25.13
N VAL N 36 5.26 70.91 -25.29
CA VAL N 36 5.61 69.75 -24.46
C VAL N 36 5.83 70.20 -22.99
N ARG N 37 6.45 71.36 -22.83
CA ARG N 37 6.64 71.94 -21.53
C ARG N 37 5.32 72.34 -20.92
N ALA N 38 4.35 72.69 -21.74
CA ALA N 38 3.10 73.07 -21.12
C ALA N 38 2.37 71.83 -20.72
N ALA N 39 2.48 70.79 -21.49
CA ALA N 39 1.88 69.52 -21.12
C ALA N 39 2.47 68.97 -19.77
N HIS N 40 3.78 69.13 -19.65
CA HIS N 40 4.49 68.62 -18.51
C HIS N 40 4.02 69.35 -17.28
N LYS N 41 3.68 70.62 -17.47
CA LYS N 41 3.29 71.46 -16.39
C LYS N 41 1.87 71.11 -15.90
N GLN N 42 1.05 70.63 -16.83
CA GLN N 42 -0.26 70.21 -16.45
C GLN N 42 -0.28 68.76 -16.00
N GLY N 43 0.90 68.14 -15.85
CA GLY N 43 1.04 66.82 -15.28
C GLY N 43 1.33 65.68 -16.21
N ALA N 44 1.54 65.96 -17.48
CA ALA N 44 1.72 64.88 -18.43
C ALA N 44 2.96 64.02 -18.22
N ASN N 45 2.81 62.70 -18.45
CA ASN N 45 3.91 61.71 -18.46
C ASN N 45 4.34 61.32 -19.86
N ILE N 46 3.39 61.22 -20.75
CA ILE N 46 3.67 60.83 -22.11
C ILE N 46 3.00 61.88 -22.99
N VAL N 47 3.76 62.48 -23.89
CA VAL N 47 3.28 63.62 -24.68
C VAL N 47 3.41 63.31 -26.16
N LEU N 48 2.36 63.43 -26.91
CA LEU N 48 2.44 63.09 -28.29
C LEU N 48 2.43 64.29 -29.28
N ILE N 49 3.54 64.46 -29.98
CA ILE N 49 3.67 65.40 -31.11
C ILE N 49 3.16 64.82 -32.48
N GLN N 50 2.32 65.58 -33.18
CA GLN N 50 1.81 65.23 -34.55
C GLN N 50 2.87 64.82 -35.61
N GLU N 51 2.37 64.22 -36.67
CA GLU N 51 3.17 63.63 -37.75
C GLU N 51 3.94 64.67 -38.56
N LEU N 52 5.23 64.38 -38.76
CA LEU N 52 6.13 65.15 -39.68
C LEU N 52 6.22 66.63 -39.34
N PHE N 53 6.18 66.87 -38.02
CA PHE N 53 5.99 68.21 -37.46
C PHE N 53 7.19 69.10 -37.76
N GLU N 54 8.29 68.53 -38.22
CA GLU N 54 9.48 69.36 -38.55
C GLU N 54 9.25 70.29 -39.73
N GLY N 55 8.24 70.04 -40.55
CA GLY N 55 7.96 70.95 -41.64
C GLY N 55 6.54 70.90 -42.12
N TYR N 56 6.32 71.57 -43.26
CA TYR N 56 5.08 71.41 -44.04
C TYR N 56 4.82 69.95 -44.40
N TYR N 57 3.56 69.58 -44.52
CA TYR N 57 3.20 68.23 -45.00
C TYR N 57 3.41 68.25 -46.51
N PHE N 58 4.59 67.78 -46.92
CA PHE N 58 5.13 68.09 -48.22
C PHE N 58 4.59 67.12 -49.25
N CYS N 59 4.01 66.06 -48.74
CA CYS N 59 3.44 65.02 -49.56
C CYS N 59 2.28 65.45 -50.47
N GLN N 60 1.84 66.73 -50.43
CA GLN N 60 0.91 67.25 -51.51
C GLN N 60 1.54 67.20 -52.90
N ALA N 61 2.86 67.35 -52.95
CA ALA N 61 3.66 67.27 -54.16
C ALA N 61 4.30 65.90 -54.25
N GLN N 62 4.70 65.56 -55.47
CA GLN N 62 5.48 64.38 -55.80
C GLN N 62 6.78 64.92 -56.39
N ARG N 63 7.72 65.28 -55.51
CA ARG N 63 8.88 66.10 -55.94
C ARG N 63 10.24 65.49 -55.65
N GLU N 64 11.10 65.47 -56.66
CA GLU N 64 12.43 64.92 -56.47
C GLU N 64 13.22 65.49 -55.29
N ASP N 65 13.20 66.81 -55.18
CA ASP N 65 13.98 67.51 -54.16
C ASP N 65 13.41 67.33 -52.75
N PHE N 66 12.11 67.13 -52.65
CA PHE N 66 11.48 66.88 -51.36
C PHE N 66 11.87 65.51 -50.82
N ILE N 67 12.27 64.56 -51.66
CA ILE N 67 12.74 63.25 -51.13
C ILE N 67 14.00 63.47 -50.30
N GLN N 68 14.77 64.49 -50.65
CA GLN N 68 16.05 64.70 -49.99
C GLN N 68 15.92 65.42 -48.63
N ARG N 69 14.70 65.68 -48.23
CA ARG N 69 14.41 66.09 -46.83
C ARG N 69 14.68 65.00 -45.80
N ALA N 70 14.70 63.74 -46.24
CA ALA N 70 15.00 62.66 -45.36
C ALA N 70 16.41 62.73 -44.77
N LYS N 71 16.50 62.12 -43.60
CA LYS N 71 17.74 62.01 -42.79
C LYS N 71 17.88 60.68 -42.10
N PRO N 72 19.11 60.25 -41.90
CA PRO N 72 19.32 58.97 -41.18
C PRO N 72 18.73 59.03 -39.79
N TYR N 73 18.35 57.87 -39.28
CA TYR N 73 17.98 57.72 -37.84
C TYR N 73 19.18 58.02 -36.92
N LYS N 74 20.34 57.54 -37.31
CA LYS N 74 21.55 57.78 -36.56
C LYS N 74 21.89 59.28 -36.48
N ASP N 75 22.11 59.76 -35.25
CA ASP N 75 22.51 61.15 -34.97
C ASP N 75 21.57 62.16 -35.57
N HIS N 76 20.29 61.94 -35.44
CA HIS N 76 19.35 62.85 -36.05
C HIS N 76 19.25 64.15 -35.18
N PRO N 77 19.44 65.33 -35.79
CA PRO N 77 19.49 66.48 -34.89
C PRO N 77 18.21 66.70 -34.11
N THR N 78 17.07 66.32 -34.63
CA THR N 78 15.81 66.59 -33.93
C THR N 78 15.53 65.56 -32.86
N ILE N 79 15.78 64.29 -33.14
CA ILE N 79 15.72 63.28 -32.13
C ILE N 79 16.67 63.65 -30.97
N MET N 80 17.90 64.02 -31.26
CA MET N 80 18.89 64.26 -30.25
C MET N 80 18.49 65.39 -29.35
N ARG N 81 17.87 66.42 -29.92
CA ARG N 81 17.42 67.54 -29.12
C ARG N 81 16.22 67.18 -28.19
N LEU N 82 15.23 66.48 -28.73
CA LEU N 82 14.12 66.02 -27.94
C LEU N 82 14.50 64.94 -26.93
N GLN N 83 15.60 64.23 -27.11
CA GLN N 83 16.08 63.32 -26.04
C GLN N 83 16.50 64.15 -24.84
N LYS N 84 17.16 65.26 -25.10
CA LYS N 84 17.55 66.15 -24.06
C LYS N 84 16.35 66.61 -23.32
N LEU N 85 15.29 66.94 -24.04
CA LEU N 85 14.13 67.54 -23.38
C LEU N 85 13.37 66.45 -22.60
N ALA N 86 13.28 65.27 -23.18
CA ALA N 86 12.59 64.18 -22.51
C ALA N 86 13.27 63.89 -21.17
N LYS N 87 14.58 63.86 -21.21
CA LYS N 87 15.34 63.61 -20.04
C LYS N 87 15.23 64.74 -19.03
N GLU N 88 15.28 65.99 -19.46
CA GLU N 88 15.17 67.10 -18.51
C GLU N 88 13.83 66.99 -17.75
N LEU N 89 12.73 66.67 -18.46
CA LEU N 89 11.39 66.74 -17.86
C LEU N 89 10.83 65.46 -17.32
N GLY N 90 11.44 64.34 -17.66
CA GLY N 90 10.95 63.04 -17.19
C GLY N 90 9.71 62.56 -17.89
N VAL N 91 9.70 62.75 -19.21
CA VAL N 91 8.53 62.41 -20.01
C VAL N 91 8.92 61.69 -21.27
N VAL N 92 8.04 60.79 -21.65
CA VAL N 92 8.16 59.96 -22.84
C VAL N 92 7.70 60.81 -24.01
N ILE N 93 8.54 60.88 -25.06
CA ILE N 93 8.25 61.64 -26.26
C ILE N 93 8.49 60.80 -27.53
N PRO N 94 7.43 60.38 -28.21
CA PRO N 94 7.62 59.79 -29.55
C PRO N 94 7.99 60.87 -30.63
N VAL N 95 8.99 60.64 -31.47
CA VAL N 95 9.46 61.66 -32.42
C VAL N 95 9.30 61.27 -33.91
N SER N 96 8.23 61.79 -34.55
CA SER N 96 7.96 61.56 -35.97
C SER N 96 9.03 62.17 -36.82
N PHE N 97 9.63 61.42 -37.73
CA PHE N 97 10.55 62.03 -38.70
C PHE N 97 10.59 61.27 -40.00
N PHE N 98 11.17 61.89 -41.01
CA PHE N 98 11.39 61.30 -42.33
C PHE N 98 12.77 60.67 -42.42
N GLU N 99 12.81 59.35 -42.55
CA GLU N 99 14.08 58.60 -42.47
C GLU N 99 14.67 58.21 -43.82
N GLU N 100 15.97 58.40 -43.95
CA GLU N 100 16.72 57.87 -45.10
C GLU N 100 17.49 56.69 -44.52
N ALA N 101 17.30 55.47 -45.03
CA ALA N 101 18.21 54.38 -44.72
C ALA N 101 18.79 53.71 -45.97
N ASN N 102 19.99 54.18 -46.32
CA ASN N 102 20.60 53.90 -47.62
C ASN N 102 19.65 54.37 -48.75
N ASN N 103 19.17 53.48 -49.62
CA ASN N 103 18.24 53.90 -50.69
C ASN N 103 16.76 53.71 -50.31
N ALA N 104 16.51 53.19 -49.10
CA ALA N 104 15.15 53.14 -48.59
C ALA N 104 14.76 54.41 -47.87
N HIS N 105 13.47 54.70 -47.80
CA HIS N 105 12.98 55.89 -47.12
C HIS N 105 11.73 55.52 -46.36
N TYR N 106 11.53 56.08 -45.18
CA TYR N 106 10.39 55.71 -44.38
C TYR N 106 9.81 56.91 -43.67
N ASN N 107 8.54 56.80 -43.31
CA ASN N 107 7.90 57.71 -42.44
C ASN N 107 8.02 57.01 -41.08
N SER N 108 8.95 57.46 -40.25
CA SER N 108 9.39 56.70 -39.06
C SER N 108 9.14 57.44 -37.77
N ILE N 109 9.23 56.72 -36.68
CA ILE N 109 9.06 57.31 -35.33
C ILE N 109 9.97 56.67 -34.29
N ALA N 110 10.69 57.52 -33.59
CA ALA N 110 11.63 57.11 -32.56
C ALA N 110 11.01 57.34 -31.18
N ILE N 111 11.04 56.32 -30.34
CA ILE N 111 10.37 56.46 -29.05
C ILE N 111 11.36 56.77 -27.97
N ILE N 112 11.33 58.01 -27.45
CA ILE N 112 12.23 58.40 -26.39
C ILE N 112 11.64 58.21 -24.99
N ASP N 113 12.35 57.48 -24.15
CA ASP N 113 11.88 57.16 -22.81
C ASP N 113 12.10 58.39 -21.93
N ALA N 114 11.44 58.38 -20.78
CA ALA N 114 11.56 59.43 -19.76
C ALA N 114 12.95 59.67 -19.18
N ASP N 115 13.90 58.76 -19.33
CA ASP N 115 15.27 59.01 -18.93
C ASP N 115 16.11 59.39 -20.15
N GLY N 116 15.47 59.70 -21.28
CA GLY N 116 16.23 60.13 -22.46
C GLY N 116 16.62 59.03 -23.44
N THR N 117 16.55 57.78 -23.01
CA THR N 117 16.95 56.64 -23.81
C THR N 117 16.13 56.46 -25.08
N ASP N 118 16.80 56.24 -26.19
CA ASP N 118 16.14 55.92 -27.46
C ASP N 118 15.73 54.49 -27.49
N LEU N 119 14.46 54.19 -27.36
CA LEU N 119 14.00 52.80 -27.29
C LEU N 119 13.86 52.11 -28.65
N GLY N 120 14.04 52.81 -29.74
CA GLY N 120 13.84 52.13 -31.02
C GLY N 120 12.84 52.84 -31.96
N ILE N 121 12.67 52.30 -33.17
CA ILE N 121 11.73 52.92 -34.08
C ILE N 121 10.67 52.03 -34.58
N TYR N 122 9.62 52.66 -35.04
CA TYR N 122 8.63 52.03 -35.81
C TYR N 122 8.60 52.76 -37.16
N ARG N 123 8.36 51.98 -38.22
CA ARG N 123 8.23 52.48 -39.60
C ARG N 123 6.81 52.32 -40.08
N LYS N 124 6.19 53.45 -40.44
CA LYS N 124 4.81 53.44 -40.95
C LYS N 124 4.59 52.30 -41.93
N SER N 125 3.54 51.52 -41.68
CA SER N 125 3.27 50.30 -42.39
C SER N 125 2.31 50.49 -43.57
N HIS N 126 1.23 51.22 -43.34
CA HIS N 126 0.27 51.48 -44.33
C HIS N 126 0.48 52.89 -44.89
N ILE N 127 0.68 52.98 -46.21
CA ILE N 127 1.04 54.26 -46.85
C ILE N 127 -0.11 54.69 -47.76
N PRO N 128 -0.74 55.83 -47.44
CA PRO N 128 -1.83 56.37 -48.20
C PRO N 128 -1.41 56.99 -49.51
N ASP N 129 -2.39 57.29 -50.35
CA ASP N 129 -2.13 57.87 -51.67
C ASP N 129 -3.34 58.67 -52.12
N GLY N 130 -3.13 59.56 -53.07
CA GLY N 130 -4.24 60.30 -53.66
C GLY N 130 -3.97 61.78 -53.58
N PRO N 131 -4.83 62.58 -54.20
CA PRO N 131 -4.60 64.02 -54.23
C PRO N 131 -4.47 64.59 -52.85
N GLY N 132 -3.39 65.32 -52.67
CA GLY N 132 -3.05 65.93 -51.39
C GLY N 132 -2.21 65.06 -50.49
N TYR N 133 -2.30 63.73 -50.66
CA TYR N 133 -1.63 62.82 -49.76
C TYR N 133 -0.81 61.75 -50.52
N GLU N 134 0.16 62.21 -51.31
CA GLU N 134 0.94 61.31 -52.19
C GLU N 134 2.12 60.65 -51.41
N GLU N 135 1.80 60.00 -50.29
CA GLU N 135 2.81 59.39 -49.43
C GLU N 135 3.50 58.24 -50.17
N LYS N 136 2.78 57.55 -51.04
CA LYS N 136 3.37 56.35 -51.67
C LYS N 136 4.55 56.67 -52.57
N PHE N 137 4.66 57.90 -53.01
CA PHE N 137 5.82 58.35 -53.79
C PHE N 137 7.13 58.52 -52.93
N TYR N 138 6.96 58.79 -51.63
CA TYR N 138 8.08 59.04 -50.71
C TYR N 138 8.60 57.87 -49.89
N PHE N 139 7.72 57.02 -49.37
CA PHE N 139 8.07 56.03 -48.34
C PHE N 139 7.90 54.62 -48.83
N ASN N 140 8.95 53.79 -48.69
CA ASN N 140 8.80 52.37 -48.72
C ASN N 140 7.79 51.99 -47.64
N PRO N 141 6.98 50.99 -47.92
CA PRO N 141 6.17 50.42 -46.84
C PRO N 141 7.01 49.91 -45.69
N GLY N 142 6.61 50.26 -44.48
CA GLY N 142 7.34 49.93 -43.28
C GLY N 142 7.67 48.46 -43.14
N ASP N 143 8.89 48.17 -42.71
CA ASP N 143 9.31 46.80 -42.46
C ASP N 143 9.58 46.47 -40.99
N THR N 144 9.10 47.26 -40.04
CA THR N 144 9.43 46.90 -38.64
C THR N 144 8.35 45.99 -38.10
N GLY N 145 7.16 46.04 -38.69
CA GLY N 145 6.00 45.41 -38.11
C GLY N 145 5.45 46.29 -36.99
N PHE N 146 4.29 45.92 -36.47
CA PHE N 146 3.75 46.65 -35.33
C PHE N 146 4.56 46.29 -34.07
N LYS N 147 4.87 47.34 -33.32
CA LYS N 147 5.71 47.22 -32.11
C LYS N 147 5.07 47.80 -30.85
N VAL N 148 5.57 47.37 -29.72
CA VAL N 148 5.25 48.02 -28.48
C VAL N 148 6.52 48.31 -27.72
N PHE N 149 6.54 49.36 -26.92
CA PHE N 149 7.71 49.82 -26.24
C PHE N 149 7.41 49.87 -24.74
N GLN N 150 8.35 49.38 -23.95
CA GLN N 150 8.23 49.46 -22.50
C GLN N 150 8.90 50.77 -22.04
N THR N 151 8.06 51.75 -21.72
CA THR N 151 8.53 53.00 -21.16
C THR N 151 8.53 52.90 -19.63
N LYS N 152 9.13 53.89 -18.97
CA LYS N 152 9.07 53.97 -17.53
C LYS N 152 7.64 54.03 -16.99
N TYR N 153 6.68 54.51 -17.77
CA TYR N 153 5.32 54.70 -17.22
C TYR N 153 4.27 53.67 -17.70
N ALA N 154 4.56 53.03 -18.86
CA ALA N 154 3.66 52.05 -19.43
C ALA N 154 4.28 51.35 -20.62
N LYS N 155 3.61 50.29 -21.03
CA LYS N 155 3.93 49.62 -22.23
C LYS N 155 3.05 50.23 -23.31
N ILE N 156 3.62 50.79 -24.36
CA ILE N 156 2.79 51.55 -25.28
C ILE N 156 2.93 51.11 -26.73
N GLY N 157 1.86 51.37 -27.48
CA GLY N 157 1.86 51.11 -28.89
C GLY N 157 1.73 52.38 -29.68
N VAL N 158 2.69 52.59 -30.57
CA VAL N 158 2.73 53.81 -31.40
C VAL N 158 2.68 53.38 -32.86
N ALA N 159 1.68 53.87 -33.57
CA ALA N 159 1.67 53.72 -35.02
C ALA N 159 1.55 55.13 -35.62
N ILE N 160 1.40 55.25 -36.92
CA ILE N 160 1.52 56.57 -37.51
C ILE N 160 0.43 56.86 -38.50
N SER N 161 -0.26 57.94 -38.21
CA SER N 161 -1.21 58.52 -39.16
C SER N 161 -2.18 57.54 -39.82
N TRP N 162 -1.98 57.25 -41.13
CA TRP N 162 -2.88 56.42 -41.92
C TRP N 162 -3.06 55.03 -41.24
N ASP N 163 -2.00 54.55 -40.57
CA ASP N 163 -2.09 53.30 -39.80
C ASP N 163 -3.38 53.28 -38.97
N GLN N 164 -3.84 54.44 -38.56
CA GLN N 164 -4.95 54.50 -37.62
C GLN N 164 -6.31 54.04 -38.24
N TRP N 165 -6.36 53.81 -39.55
CA TRP N 165 -7.58 53.40 -40.16
C TRP N 165 -7.71 51.89 -40.12
N PHE N 166 -6.65 51.17 -39.67
CA PHE N 166 -6.58 49.71 -39.81
C PHE N 166 -6.69 49.02 -38.48
N PRO N 167 -7.83 48.36 -38.23
CA PRO N 167 -8.07 47.65 -36.98
C PRO N 167 -6.96 46.65 -36.69
N GLU N 168 -6.39 46.06 -37.72
CA GLU N 168 -5.34 45.12 -37.57
C GLU N 168 -4.16 45.70 -36.81
N ALA N 169 -3.83 46.98 -37.03
CA ALA N 169 -2.64 47.56 -36.37
C ALA N 169 -2.90 47.70 -34.87
N ALA N 170 -4.13 48.12 -34.55
CA ALA N 170 -4.44 48.37 -33.18
C ALA N 170 -4.45 47.05 -32.41
N ARG N 171 -4.93 45.98 -33.04
CA ARG N 171 -5.03 44.69 -32.40
C ARG N 171 -3.66 44.05 -32.25
N ALA N 172 -2.83 44.22 -33.30
CA ALA N 172 -1.48 43.66 -33.26
C ALA N 172 -0.70 44.21 -32.05
N MET N 173 -0.89 45.50 -31.78
CA MET N 173 -0.18 46.15 -30.66
C MET N 173 -0.83 45.75 -29.32
N ALA N 174 -2.15 45.68 -29.28
CA ALA N 174 -2.79 45.26 -28.02
C ALA N 174 -2.47 43.80 -27.64
N LEU N 175 -2.45 42.91 -28.61
CA LEU N 175 -2.08 41.53 -28.37
C LEU N 175 -0.70 41.42 -27.79
N GLN N 176 0.14 42.42 -28.09
CA GLN N 176 1.52 42.39 -27.54
C GLN N 176 1.67 43.12 -26.20
N GLY N 177 0.57 43.55 -25.65
CA GLY N 177 0.62 44.22 -24.38
C GLY N 177 0.48 45.73 -24.37
N ALA N 178 0.28 46.37 -25.51
CA ALA N 178 0.14 47.82 -25.45
C ALA N 178 -0.99 48.17 -24.46
N GLU N 179 -0.74 49.14 -23.59
CA GLU N 179 -1.69 49.61 -22.64
C GLU N 179 -2.33 50.92 -23.06
N ILE N 180 -1.73 51.60 -24.04
CA ILE N 180 -2.25 52.83 -24.63
C ILE N 180 -1.74 52.89 -26.06
N LEU N 181 -2.58 53.35 -26.98
CA LEU N 181 -2.18 53.54 -28.37
C LEU N 181 -2.04 55.04 -28.65
N PHE N 182 -1.03 55.38 -29.43
CA PHE N 182 -0.76 56.70 -29.88
C PHE N 182 -0.64 56.69 -31.40
N TYR N 183 -1.29 57.68 -32.06
CA TYR N 183 -1.33 57.87 -33.52
C TYR N 183 -1.13 59.39 -33.84
N PRO N 184 0.12 59.81 -34.01
CA PRO N 184 0.45 61.11 -34.56
C PRO N 184 -0.03 61.19 -36.01
N THR N 185 -0.68 62.28 -36.33
CA THR N 185 -1.48 62.36 -37.56
C THR N 185 -1.28 63.63 -38.38
N ALA N 186 -1.57 63.55 -39.66
CA ALA N 186 -1.70 64.76 -40.48
C ALA N 186 -2.81 64.56 -41.49
N ILE N 187 -3.97 65.12 -41.18
CA ILE N 187 -5.12 64.93 -42.05
C ILE N 187 -6.01 66.17 -42.09
N GLY N 188 -6.57 66.43 -43.27
CA GLY N 188 -7.39 67.61 -43.51
C GLY N 188 -8.33 67.42 -44.70
N SER N 189 -8.70 68.55 -45.29
CA SER N 189 -9.39 68.65 -46.58
C SER N 189 -8.53 68.00 -47.65
N GLU N 190 -9.16 67.79 -48.81
CA GLU N 190 -8.51 67.08 -49.92
C GLU N 190 -8.67 67.99 -51.12
N PRO N 191 -7.54 68.40 -51.75
CA PRO N 191 -7.50 69.48 -52.73
C PRO N 191 -8.35 69.24 -54.04
N HIS N 192 -8.67 67.99 -54.36
CA HIS N 192 -9.51 67.68 -55.53
C HIS N 192 -11.03 67.72 -55.32
N ASP N 193 -11.51 67.78 -54.07
CA ASP N 193 -12.95 67.65 -53.79
C ASP N 193 -13.27 68.19 -52.43
N GLN N 194 -13.80 69.42 -52.39
CA GLN N 194 -14.06 70.12 -51.14
C GLN N 194 -15.31 69.61 -50.43
N SER N 195 -16.02 68.71 -51.03
CA SER N 195 -17.17 68.16 -50.35
C SER N 195 -16.71 67.06 -49.38
N ILE N 196 -15.52 66.52 -49.56
CA ILE N 196 -15.01 65.51 -48.62
C ILE N 196 -14.62 66.13 -47.26
N ASP N 197 -15.27 65.67 -46.18
CA ASP N 197 -14.91 66.04 -44.79
C ASP N 197 -14.86 64.75 -43.97
N SER N 198 -13.65 64.28 -43.68
CA SER N 198 -13.43 62.97 -43.14
C SER N 198 -13.44 62.92 -41.63
N ARG N 199 -13.59 64.07 -40.96
CA ARG N 199 -13.22 64.14 -39.54
C ARG N 199 -14.08 63.22 -38.62
N ASP N 200 -15.38 63.08 -38.90
CA ASP N 200 -16.27 62.22 -38.10
C ASP N 200 -16.02 60.74 -38.37
N HIS N 201 -15.70 60.44 -39.62
CA HIS N 201 -15.35 59.10 -40.07
C HIS N 201 -14.06 58.71 -39.42
N TRP N 202 -13.07 59.59 -39.49
CA TRP N 202 -11.75 59.38 -38.79
C TRP N 202 -11.88 59.02 -37.28
N LYS N 203 -12.60 59.83 -36.53
CA LYS N 203 -12.76 59.59 -35.13
C LYS N 203 -13.50 58.28 -34.84
N ARG N 204 -14.50 57.93 -35.63
CA ARG N 204 -15.31 56.78 -35.34
C ARG N 204 -14.46 55.53 -35.44
N VAL N 205 -13.55 55.55 -36.42
CA VAL N 205 -12.78 54.36 -36.70
C VAL N 205 -11.86 54.15 -35.50
N MET N 206 -11.15 55.19 -35.08
CA MET N 206 -10.24 55.08 -33.94
C MET N 206 -11.01 54.77 -32.62
N GLN N 207 -12.19 55.33 -32.44
CA GLN N 207 -12.94 55.06 -31.24
C GLN N 207 -13.24 53.58 -31.18
N GLY N 208 -13.40 53.01 -32.38
CA GLY N 208 -13.66 51.59 -32.56
C GLY N 208 -12.50 50.73 -32.08
N HIS N 209 -11.28 51.15 -32.43
CA HIS N 209 -10.10 50.45 -31.96
C HIS N 209 -10.01 50.42 -30.42
N ALA N 210 -10.27 51.55 -29.78
CA ALA N 210 -10.13 51.68 -28.35
C ALA N 210 -11.15 50.77 -27.68
N GLY N 211 -12.37 50.82 -28.19
CA GLY N 211 -13.44 50.03 -27.65
C GLY N 211 -13.28 48.53 -27.84
N ALA N 212 -12.58 48.15 -28.90
CA ALA N 212 -12.51 46.76 -29.31
C ALA N 212 -11.37 46.10 -28.60
N ASN N 213 -10.31 46.88 -28.33
CA ASN N 213 -9.19 46.36 -27.58
C ASN N 213 -9.21 46.76 -26.05
N LEU N 214 -10.16 47.60 -25.63
CA LEU N 214 -10.24 48.16 -24.30
C LEU N 214 -8.91 48.76 -23.81
N VAL N 215 -8.38 49.69 -24.63
CA VAL N 215 -7.24 50.48 -24.30
C VAL N 215 -7.48 51.95 -24.64
N PRO N 216 -6.98 52.87 -23.83
CA PRO N 216 -7.08 54.26 -24.23
C PRO N 216 -6.28 54.56 -25.51
N LEU N 217 -6.64 55.60 -26.21
CA LEU N 217 -6.06 55.94 -27.50
C LEU N 217 -5.91 57.46 -27.64
N VAL N 218 -4.76 57.88 -28.16
CA VAL N 218 -4.34 59.28 -28.19
C VAL N 218 -4.02 59.60 -29.65
N ALA N 219 -4.65 60.65 -30.17
CA ALA N 219 -4.43 61.14 -31.53
C ALA N 219 -4.16 62.65 -31.56
N SER N 220 -3.02 62.98 -32.19
CA SER N 220 -2.51 64.34 -32.33
C SER N 220 -2.50 64.73 -33.77
N ASN N 221 -3.29 65.72 -34.16
CA ASN N 221 -3.39 66.13 -35.53
C ASN N 221 -3.01 67.60 -35.70
N ARG N 222 -2.55 67.89 -36.93
CA ARG N 222 -2.11 69.20 -37.34
C ARG N 222 -3.31 70.13 -37.55
N ILE N 223 -3.07 71.43 -37.42
CA ILE N 223 -4.01 72.46 -37.85
C ILE N 223 -3.37 73.42 -38.86
N GLY N 224 -4.20 74.33 -39.38
CA GLY N 224 -3.74 75.35 -40.28
C GLY N 224 -3.86 74.97 -41.75
N ASN N 225 -3.89 76.00 -42.57
CA ASN N 225 -3.80 75.92 -44.02
C ASN N 225 -2.39 75.86 -44.52
N GLU N 226 -2.08 74.92 -45.41
CA GLU N 226 -0.73 74.82 -46.03
C GLU N 226 -0.78 74.79 -47.58
N ILE N 227 0.11 75.55 -48.23
CA ILE N 227 0.13 75.67 -49.66
C ILE N 227 1.48 75.21 -50.20
N ILE N 228 1.47 74.14 -50.99
CA ILE N 228 2.67 73.54 -51.56
C ILE N 228 2.71 73.77 -53.05
N GLU N 229 3.87 74.13 -53.58
CA GLU N 229 4.07 74.11 -55.04
C GLU N 229 4.27 72.66 -55.52
N THR N 230 3.42 72.21 -56.45
CA THR N 230 3.48 70.89 -57.06
C THR N 230 3.95 71.05 -58.53
N GLU N 231 4.21 69.90 -59.15
CA GLU N 231 4.34 69.70 -60.60
C GLU N 231 3.24 70.37 -61.41
N HIS N 232 2.08 70.62 -60.79
CA HIS N 232 0.93 71.16 -61.54
C HIS N 232 0.37 72.44 -60.93
N GLY N 233 1.13 73.09 -60.05
CA GLY N 233 0.69 74.35 -59.43
C GLY N 233 0.40 74.25 -57.95
N LYS N 234 -0.42 75.13 -57.44
CA LYS N 234 -0.55 75.19 -56.02
C LYS N 234 -1.50 74.13 -55.60
N SER N 235 -1.24 73.53 -54.46
CA SER N 235 -2.21 72.64 -53.85
C SER N 235 -2.34 73.07 -52.38
N GLU N 236 -3.53 72.86 -51.83
CA GLU N 236 -3.88 73.41 -50.53
C GLU N 236 -4.65 72.40 -49.68
N ILE N 237 -4.19 72.23 -48.46
CA ILE N 237 -4.97 71.54 -47.44
C ILE N 237 -5.23 72.43 -46.21
N LYS N 238 -6.48 72.46 -45.77
CA LYS N 238 -6.82 72.99 -44.45
C LYS N 238 -6.80 71.79 -43.49
N PHE N 239 -5.78 71.71 -42.64
CA PHE N 239 -5.72 70.69 -41.59
C PHE N 239 -6.78 70.96 -40.52
N TYR N 240 -7.48 69.89 -40.07
CA TYR N 240 -8.71 70.06 -39.28
C TYR N 240 -8.64 69.72 -37.79
N GLY N 241 -7.43 69.57 -37.26
CA GLY N 241 -7.30 69.43 -35.81
C GLY N 241 -8.14 68.28 -35.33
N ASN N 242 -9.02 68.52 -34.36
CA ASN N 242 -9.78 67.45 -33.73
C ASN N 242 -8.89 66.38 -33.09
N SER N 243 -7.73 66.77 -32.62
CA SER N 243 -6.95 65.91 -31.77
C SER N 243 -7.83 65.45 -30.59
N PHE N 244 -7.66 64.20 -30.17
CA PHE N 244 -8.48 63.73 -29.12
C PHE N 244 -7.79 62.63 -28.32
N ILE N 245 -8.37 62.35 -27.15
CA ILE N 245 -7.98 61.25 -26.34
C ILE N 245 -9.26 60.50 -26.05
N ALA N 246 -9.23 59.20 -26.29
CA ALA N 246 -10.40 58.35 -26.07
C ALA N 246 -10.07 57.32 -24.97
N GLY N 247 -11.08 56.95 -24.19
CA GLY N 247 -10.91 55.96 -23.13
C GLY N 247 -11.18 54.56 -23.66
N PRO N 248 -11.11 53.59 -22.76
CA PRO N 248 -11.10 52.19 -23.19
C PRO N 248 -12.43 51.59 -23.64
N THR N 249 -13.52 52.33 -23.51
CA THR N 249 -14.73 51.94 -24.20
C THR N 249 -14.95 52.81 -25.48
N GLY N 250 -13.95 53.60 -25.86
CA GLY N 250 -14.06 54.50 -27.00
C GLY N 250 -14.67 55.86 -26.74
N GLU N 251 -14.97 56.17 -25.48
CA GLU N 251 -15.55 57.48 -25.12
C GLU N 251 -14.51 58.57 -25.41
N ILE N 252 -14.90 59.67 -26.00
CA ILE N 252 -13.94 60.77 -26.10
C ILE N 252 -13.82 61.46 -24.74
N VAL N 253 -12.63 61.51 -24.13
CA VAL N 253 -12.56 62.24 -22.83
C VAL N 253 -12.03 63.65 -22.99
N SER N 254 -11.32 63.91 -24.09
CA SER N 254 -10.77 65.23 -24.33
C SER N 254 -10.62 65.41 -25.85
N ILE N 255 -10.90 66.61 -26.30
CA ILE N 255 -10.93 66.86 -27.73
C ILE N 255 -10.82 68.32 -27.97
N ALA N 256 -10.08 68.60 -29.03
CA ALA N 256 -9.85 69.96 -29.46
C ALA N 256 -10.69 70.33 -30.70
N ASP N 257 -10.78 71.63 -31.00
CA ASP N 257 -11.52 72.08 -32.22
C ASP N 257 -10.64 72.05 -33.51
N ASP N 258 -11.12 72.61 -34.63
CA ASP N 258 -10.33 72.53 -35.90
C ASP N 258 -9.39 73.67 -36.17
N LYS N 259 -9.20 74.57 -35.24
CA LYS N 259 -8.27 75.64 -35.53
C LYS N 259 -7.42 76.16 -34.37
N GLU N 260 -7.75 75.80 -33.14
CA GLU N 260 -7.01 76.26 -31.96
C GLU N 260 -5.71 75.44 -31.74
N GLU N 261 -4.65 76.11 -31.32
CA GLU N 261 -3.55 75.40 -30.71
C GLU N 261 -4.08 74.74 -29.43
N ALA N 262 -3.61 73.52 -29.14
CA ALA N 262 -4.15 72.81 -27.95
C ALA N 262 -3.22 71.81 -27.28
N VAL N 263 -3.44 71.68 -25.98
CA VAL N 263 -2.75 70.72 -25.12
C VAL N 263 -3.87 69.97 -24.43
N LEU N 264 -4.02 68.71 -24.76
CA LEU N 264 -5.02 67.88 -24.13
C LEU N 264 -4.32 66.97 -23.12
N ILE N 265 -4.97 66.82 -21.96
CA ILE N 265 -4.48 66.06 -20.81
C ILE N 265 -5.53 65.02 -20.39
N ALA N 266 -5.13 63.77 -20.25
CA ALA N 266 -5.99 62.82 -19.60
C ALA N 266 -5.26 61.85 -18.70
N GLU N 267 -5.88 61.50 -17.57
CA GLU N 267 -5.29 60.49 -16.66
C GLU N 267 -6.08 59.19 -16.72
N PHE N 268 -5.34 58.08 -16.76
CA PHE N 268 -5.87 56.71 -16.85
C PHE N 268 -5.28 55.81 -15.79
N ASN N 269 -6.12 54.99 -15.15
CA ASN N 269 -5.65 53.97 -14.17
C ASN N 269 -5.39 52.65 -14.90
N LEU N 270 -4.14 52.42 -15.24
CA LEU N 270 -3.79 51.26 -16.03
C LEU N 270 -4.06 49.91 -15.34
N ASP N 271 -4.10 49.86 -14.00
CA ASP N 271 -4.50 48.60 -13.37
C ASP N 271 -5.99 48.36 -13.43
N LYS N 272 -6.83 49.38 -13.22
CA LYS N 272 -8.27 49.15 -13.35
C LYS N 272 -8.62 48.82 -14.79
N ILE N 273 -7.98 49.45 -15.72
CA ILE N 273 -8.31 49.19 -17.12
C ILE N 273 -7.87 47.78 -17.52
N LYS N 274 -6.69 47.34 -17.08
CA LYS N 274 -6.23 46.00 -17.39
C LYS N 274 -7.31 45.00 -16.88
N SER N 275 -7.78 45.22 -15.67
CA SER N 275 -8.76 44.36 -15.08
C SER N 275 -10.04 44.41 -15.87
N MET N 276 -10.46 45.60 -16.32
CA MET N 276 -11.70 45.74 -17.11
C MET N 276 -11.58 44.99 -18.48
N ARG N 277 -10.42 45.08 -19.11
CA ARG N 277 -10.19 44.60 -20.45
C ARG N 277 -10.26 43.09 -20.40
N HIS N 278 -9.64 42.51 -19.37
CA HIS N 278 -9.65 41.06 -19.29
C HIS N 278 -11.02 40.50 -18.96
N CYS N 279 -11.79 41.18 -18.16
CA CYS N 279 -13.05 40.59 -17.78
C CYS N 279 -14.17 40.87 -18.79
N TRP N 280 -13.98 41.83 -19.68
CA TRP N 280 -14.90 41.96 -20.79
C TRP N 280 -14.86 40.72 -21.66
N GLY N 281 -13.67 40.15 -21.78
CA GLY N 281 -13.51 38.82 -22.33
C GLY N 281 -13.08 38.72 -23.77
N VAL N 282 -12.88 39.84 -24.48
CA VAL N 282 -12.64 39.67 -25.87
C VAL N 282 -11.36 38.89 -26.15
N PHE N 283 -10.33 39.07 -25.35
CA PHE N 283 -9.07 38.40 -25.67
C PHE N 283 -9.10 36.94 -25.27
N ARG N 284 -9.95 36.59 -24.32
CA ARG N 284 -10.28 35.18 -24.01
C ARG N 284 -10.98 34.42 -25.17
N ASP N 285 -11.81 35.16 -25.90
CA ASP N 285 -12.77 34.61 -26.85
C ASP N 285 -12.33 34.69 -28.34
N ARG N 286 -11.17 35.28 -28.61
CA ARG N 286 -10.72 35.47 -29.99
C ARG N 286 -10.50 34.11 -30.66
N ARG N 287 -10.69 34.08 -31.99
CA ARG N 287 -10.59 32.81 -32.74
C ARG N 287 -9.51 32.85 -33.87
N PRO N 288 -8.22 32.88 -33.50
CA PRO N 288 -7.22 32.99 -34.54
C PRO N 288 -7.18 31.79 -35.49
N ASP N 289 -7.78 30.68 -35.10
CA ASP N 289 -7.91 29.56 -36.03
C ASP N 289 -8.76 29.92 -37.25
N LEU N 290 -9.61 30.94 -37.12
CA LEU N 290 -10.57 31.38 -38.12
C LEU N 290 -10.17 32.69 -38.82
N TYR N 291 -8.97 33.19 -38.47
CA TYR N 291 -8.54 34.46 -39.03
C TYR N 291 -7.50 34.36 -40.19
N LYS N 292 -7.27 33.22 -40.80
CA LYS N 292 -6.25 33.21 -41.88
C LYS N 292 -6.55 34.13 -43.07
N VAL N 293 -7.84 34.33 -43.31
CA VAL N 293 -8.24 35.16 -44.42
C VAL N 293 -7.67 36.58 -44.28
N LEU N 294 -7.27 36.99 -43.10
CA LEU N 294 -6.74 38.32 -42.91
C LEU N 294 -5.33 38.42 -43.42
N LEU N 295 -4.72 37.28 -43.73
CA LEU N 295 -3.44 37.31 -44.38
C LEU N 295 -3.55 37.32 -45.94
N THR N 296 -4.75 37.58 -46.49
CA THR N 296 -5.00 37.71 -47.91
C THR N 296 -5.32 39.18 -48.15
N LEU N 297 -5.09 39.65 -49.39
CA LEU N 297 -5.59 40.92 -49.80
C LEU N 297 -6.96 40.73 -50.40
N ASP N 298 -7.19 39.60 -51.07
CA ASP N 298 -8.40 39.44 -51.93
C ASP N 298 -9.53 38.51 -51.40
N GLY N 299 -9.37 38.03 -50.16
CA GLY N 299 -10.35 37.14 -49.55
C GLY N 299 -10.13 35.67 -49.79
N LYS N 300 -9.07 35.34 -50.54
CA LYS N 300 -8.88 34.00 -51.06
C LYS N 300 -7.41 33.61 -51.05
N ASN N 301 -6.51 34.42 -51.60
CA ASN N 301 -5.12 34.02 -51.70
C ASN N 301 -4.20 34.56 -50.67
N PRO N 302 -3.64 33.67 -49.82
CA PRO N 302 -2.73 34.15 -48.78
C PRO N 302 -1.52 34.80 -49.42
N VAL N 303 -1.06 35.93 -48.91
CA VAL N 303 0.19 36.51 -49.43
C VAL N 303 1.44 35.69 -49.09
N LEU N 304 2.48 35.93 -49.87
CA LEU N 304 3.68 35.12 -49.72
C LEU N 304 4.53 35.57 -48.50
N LYS O 8 18.97 22.13 -85.71
CA LYS O 8 17.83 21.23 -85.35
C LYS O 8 17.59 21.25 -83.83
N GLY O 9 16.40 20.83 -83.39
CA GLY O 9 15.97 21.05 -81.99
C GLY O 9 14.81 22.04 -81.92
N ARG O 10 14.27 22.26 -80.72
CA ARG O 10 13.00 23.00 -80.55
C ARG O 10 13.14 24.51 -80.90
N LYS O 11 12.44 24.94 -81.96
CA LYS O 11 12.39 26.35 -82.31
C LYS O 11 11.05 26.95 -81.94
N VAL O 12 11.07 28.18 -81.43
CA VAL O 12 9.86 28.93 -81.17
C VAL O 12 9.91 30.29 -81.84
N VAL O 13 8.80 30.72 -82.44
CA VAL O 13 8.74 32.07 -83.09
C VAL O 13 7.98 33.01 -82.14
N VAL O 14 8.64 34.09 -81.70
CA VAL O 14 8.06 35.04 -80.74
C VAL O 14 7.78 36.37 -81.43
N SER O 15 6.77 37.09 -80.96
CA SER O 15 6.40 38.35 -81.56
C SER O 15 6.21 39.41 -80.53
N ALA O 16 6.73 40.59 -80.84
CA ALA O 16 6.40 41.77 -80.09
C ALA O 16 5.47 42.64 -80.94
N LEU O 17 4.36 43.07 -80.34
CA LEU O 17 3.45 44.01 -81.05
C LEU O 17 3.50 45.44 -80.47
N GLN O 18 3.26 46.39 -81.39
CA GLN O 18 3.31 47.82 -81.09
C GLN O 18 2.18 48.59 -81.80
N PHE O 19 1.33 49.23 -80.99
CA PHE O 19 0.19 49.97 -81.55
C PHE O 19 -0.39 51.03 -80.63
N ALA O 20 -1.28 51.81 -81.24
CA ALA O 20 -1.95 52.92 -80.57
C ALA O 20 -3.36 52.52 -80.09
N CYS O 21 -3.76 53.12 -78.96
CA CYS O 21 -5.06 52.87 -78.37
C CYS O 21 -5.95 54.10 -78.33
N THR O 22 -7.25 53.89 -78.57
CA THR O 22 -8.33 54.86 -78.24
C THR O 22 -8.83 54.53 -76.80
N ASP O 23 -9.83 55.24 -76.28
CA ASP O 23 -10.42 54.86 -74.99
C ASP O 23 -11.66 53.95 -75.15
N ASP O 24 -11.64 53.14 -76.21
CA ASP O 24 -12.71 52.20 -76.49
C ASP O 24 -12.25 50.72 -76.43
N VAL O 25 -12.66 49.97 -75.40
CA VAL O 25 -12.31 48.52 -75.36
C VAL O 25 -12.51 47.86 -76.73
N SER O 26 -13.72 48.03 -77.24
CA SER O 26 -14.09 47.41 -78.47
C SER O 26 -13.19 47.71 -79.71
N THR O 27 -12.76 48.96 -79.94
CA THR O 27 -11.76 49.24 -81.01
C THR O 27 -10.38 48.58 -80.73
N ASN O 28 -9.89 48.74 -79.50
CA ASN O 28 -8.54 48.25 -79.11
C ASN O 28 -8.32 46.74 -79.26
N VAL O 29 -9.32 46.01 -78.77
CA VAL O 29 -9.36 44.56 -78.96
C VAL O 29 -9.40 44.17 -80.44
N THR O 30 -10.11 44.93 -81.30
CA THR O 30 -10.13 44.63 -82.76
C THR O 30 -8.73 44.84 -83.35
N THR O 31 -8.06 45.88 -82.87
CA THR O 31 -6.67 46.18 -83.27
C THR O 31 -5.79 45.04 -82.82
N ALA O 32 -5.87 44.69 -81.55
CA ALA O 32 -5.08 43.55 -81.06
C ALA O 32 -5.32 42.30 -81.96
N GLU O 33 -6.59 41.94 -82.16
CA GLU O 33 -6.96 40.80 -83.06
C GLU O 33 -6.28 40.84 -84.39
N ARG O 34 -6.26 42.03 -84.99
CA ARG O 34 -5.75 42.23 -86.35
C ARG O 34 -4.24 41.99 -86.38
N LEU O 35 -3.54 42.49 -85.35
CA LEU O 35 -2.09 42.39 -85.33
C LEU O 35 -1.65 40.96 -84.92
N VAL O 36 -2.38 40.32 -83.99
CA VAL O 36 -2.12 38.91 -83.71
C VAL O 36 -2.26 38.01 -84.95
N ARG O 37 -3.30 38.23 -85.75
CA ARG O 37 -3.45 37.46 -87.00
C ARG O 37 -2.27 37.67 -87.91
N ALA O 38 -1.66 38.86 -87.79
CA ALA O 38 -0.54 39.25 -88.68
C ALA O 38 0.74 38.61 -88.17
N ALA O 39 0.86 38.60 -86.84
CA ALA O 39 1.98 37.93 -86.18
C ALA O 39 2.00 36.48 -86.68
N HIS O 40 0.81 35.88 -86.62
CA HIS O 40 0.65 34.47 -86.92
C HIS O 40 0.95 34.10 -88.36
N LYS O 41 0.56 34.97 -89.27
CA LYS O 41 0.85 34.83 -90.70
C LYS O 41 2.38 34.78 -91.02
N GLN O 42 3.17 35.50 -90.19
CA GLN O 42 4.65 35.47 -90.24
C GLN O 42 5.32 34.30 -89.42
N GLY O 43 4.51 33.40 -88.85
CA GLY O 43 5.02 32.19 -88.21
C GLY O 43 4.98 32.17 -86.69
N ALA O 44 4.61 33.30 -86.08
CA ALA O 44 4.62 33.43 -84.64
C ALA O 44 3.85 32.32 -83.89
N ASN O 45 4.48 31.86 -82.80
CA ASN O 45 3.90 30.86 -81.93
C ASN O 45 3.39 31.51 -80.68
N ILE O 46 4.12 32.52 -80.24
CA ILE O 46 3.79 33.30 -79.04
C ILE O 46 3.73 34.77 -79.43
N VAL O 47 2.66 35.46 -79.04
CA VAL O 47 2.51 36.87 -79.41
C VAL O 47 2.20 37.74 -78.19
N LEU O 48 2.92 38.85 -78.11
CA LEU O 48 2.81 39.68 -76.94
C LEU O 48 2.16 41.04 -77.22
N ILE O 49 0.95 41.19 -76.67
CA ILE O 49 0.25 42.48 -76.62
C ILE O 49 0.66 43.41 -75.43
N GLN O 50 0.85 44.70 -75.72
CA GLN O 50 1.28 45.71 -74.73
C GLN O 50 0.34 45.87 -73.51
N GLU O 51 0.85 46.54 -72.46
CA GLU O 51 0.16 46.71 -71.15
C GLU O 51 -1.15 47.48 -71.28
N LEU O 52 -2.17 46.92 -70.66
CA LEU O 52 -3.42 47.64 -70.43
C LEU O 52 -4.07 48.23 -71.72
N PHE O 53 -3.93 47.44 -72.80
CA PHE O 53 -4.32 47.76 -74.17
C PHE O 53 -5.83 47.97 -74.41
N GLU O 54 -6.67 47.51 -73.49
CA GLU O 54 -8.13 47.70 -73.56
C GLU O 54 -8.58 49.18 -73.62
N GLY O 55 -7.71 50.07 -73.19
CA GLY O 55 -8.01 51.50 -73.19
C GLY O 55 -6.74 52.33 -73.18
N TYR O 56 -6.96 53.64 -72.95
CA TYR O 56 -5.85 54.57 -72.71
C TYR O 56 -5.15 54.16 -71.40
N TYR O 57 -3.86 54.53 -71.28
CA TYR O 57 -3.13 54.45 -70.03
C TYR O 57 -3.71 55.47 -69.03
N PHE O 58 -4.72 55.03 -68.30
CA PHE O 58 -5.53 55.96 -67.52
C PHE O 58 -4.76 56.39 -66.25
N CYS O 59 -3.65 55.72 -65.95
CA CYS O 59 -3.00 56.00 -64.69
C CYS O 59 -2.37 57.39 -64.69
N GLN O 60 -2.53 58.18 -65.74
CA GLN O 60 -2.10 59.57 -65.64
C GLN O 60 -2.87 60.31 -64.58
N ALA O 61 -4.08 59.85 -64.33
CA ALA O 61 -4.93 60.45 -63.33
C ALA O 61 -5.08 59.56 -62.08
N GLN O 62 -5.61 60.17 -61.03
CA GLN O 62 -5.97 59.52 -59.76
C GLN O 62 -7.49 59.78 -59.48
N ARG O 63 -8.31 58.96 -60.12
CA ARG O 63 -9.74 59.22 -60.14
C ARG O 63 -10.50 58.04 -59.58
N GLU O 64 -11.45 58.37 -58.72
CA GLU O 64 -12.41 57.41 -58.17
C GLU O 64 -13.04 56.53 -59.28
N ASP O 65 -13.60 57.19 -60.29
CA ASP O 65 -14.28 56.43 -61.34
C ASP O 65 -13.33 55.54 -62.20
N PHE O 66 -12.07 55.87 -62.39
CA PHE O 66 -11.22 54.98 -63.20
C PHE O 66 -10.93 53.67 -62.49
N ILE O 67 -11.01 53.66 -61.15
CA ILE O 67 -10.80 52.41 -60.42
C ILE O 67 -11.87 51.40 -60.85
N GLN O 68 -13.08 51.90 -61.03
CA GLN O 68 -14.17 51.02 -61.46
C GLN O 68 -14.03 50.53 -62.91
N ARG O 69 -12.88 50.72 -63.56
CA ARG O 69 -12.65 50.05 -64.88
C ARG O 69 -12.28 48.60 -64.70
N ALA O 70 -11.75 48.26 -63.54
CA ALA O 70 -11.38 46.89 -63.25
C ALA O 70 -12.58 45.94 -63.38
N LYS O 71 -12.26 44.70 -63.73
CA LYS O 71 -13.26 43.66 -63.89
C LYS O 71 -12.67 42.36 -63.35
N PRO O 72 -13.54 41.46 -62.89
CA PRO O 72 -12.97 40.23 -62.35
C PRO O 72 -12.22 39.42 -63.40
N TYR O 73 -11.29 38.63 -62.92
CA TYR O 73 -10.62 37.61 -63.70
C TYR O 73 -11.62 36.56 -64.27
N LYS O 74 -12.65 36.17 -63.51
CA LYS O 74 -13.58 35.17 -63.99
C LYS O 74 -14.53 35.73 -65.05
N ASP O 75 -14.76 34.90 -66.08
CA ASP O 75 -15.67 35.23 -67.19
C ASP O 75 -15.35 36.62 -67.75
N HIS O 76 -14.07 36.92 -67.99
CA HIS O 76 -13.66 38.23 -68.43
C HIS O 76 -13.79 38.33 -69.96
N PRO O 77 -14.52 39.35 -70.43
CA PRO O 77 -14.95 39.35 -71.86
C PRO O 77 -13.79 39.51 -72.84
N THR O 78 -12.79 40.29 -72.47
CA THR O 78 -11.63 40.36 -73.32
C THR O 78 -10.84 39.07 -73.33
N ILE O 79 -10.67 38.46 -72.14
CA ILE O 79 -9.87 37.23 -72.05
C ILE O 79 -10.58 36.16 -72.90
N MET O 80 -11.89 36.01 -72.67
CA MET O 80 -12.70 34.95 -73.33
C MET O 80 -12.61 35.04 -74.85
N ARG O 81 -12.59 36.27 -75.34
CA ARG O 81 -12.49 36.57 -76.78
C ARG O 81 -11.10 36.30 -77.37
N LEU O 82 -10.02 36.58 -76.63
CA LEU O 82 -8.69 36.21 -77.13
C LEU O 82 -8.39 34.74 -76.91
N GLN O 83 -9.13 34.10 -75.97
CA GLN O 83 -9.14 32.66 -75.91
C GLN O 83 -9.57 32.00 -77.24
N LYS O 84 -10.55 32.59 -77.92
CA LYS O 84 -11.05 31.96 -79.14
C LYS O 84 -9.96 32.07 -80.23
N LEU O 85 -9.44 33.28 -80.41
CA LEU O 85 -8.29 33.56 -81.27
C LEU O 85 -7.06 32.66 -81.02
N ALA O 86 -6.65 32.57 -79.75
CA ALA O 86 -5.49 31.80 -79.35
C ALA O 86 -5.65 30.36 -79.88
N LYS O 87 -6.86 29.84 -79.77
CA LYS O 87 -7.12 28.46 -80.19
C LYS O 87 -7.34 28.26 -81.70
N GLU O 88 -7.96 29.25 -82.36
CA GLU O 88 -8.16 29.23 -83.82
C GLU O 88 -6.78 29.18 -84.51
N LEU O 89 -5.80 29.91 -83.96
CA LEU O 89 -4.47 30.09 -84.57
C LEU O 89 -3.35 29.15 -84.08
N GLY O 90 -3.55 28.56 -82.89
CA GLY O 90 -2.51 27.75 -82.27
C GLY O 90 -1.40 28.66 -81.80
N VAL O 91 -1.76 29.81 -81.24
CA VAL O 91 -0.76 30.67 -80.68
C VAL O 91 -1.02 30.96 -79.19
N VAL O 92 0.08 31.21 -78.47
CA VAL O 92 0.07 31.62 -77.05
C VAL O 92 -0.09 33.13 -76.91
N ILE O 93 -1.10 33.55 -76.16
CA ILE O 93 -1.41 34.97 -75.99
C ILE O 93 -1.47 35.43 -74.50
N PRO O 94 -0.43 36.13 -73.99
CA PRO O 94 -0.65 36.83 -72.71
C PRO O 94 -1.61 38.04 -72.77
N VAL O 95 -2.56 38.08 -71.83
CA VAL O 95 -3.60 39.13 -71.84
C VAL O 95 -3.55 40.07 -70.60
N SER O 96 -2.95 41.25 -70.77
CA SER O 96 -2.92 42.30 -69.76
C SER O 96 -4.34 42.81 -69.49
N PHE O 97 -4.66 43.03 -68.22
CA PHE O 97 -5.96 43.54 -67.87
C PHE O 97 -6.02 44.08 -66.42
N PHE O 98 -7.05 44.86 -66.15
CA PHE O 98 -7.19 45.53 -64.88
C PHE O 98 -8.13 44.63 -64.04
N GLU O 99 -7.58 44.01 -62.97
CA GLU O 99 -8.31 42.98 -62.21
C GLU O 99 -9.00 43.52 -60.98
N GLU O 100 -10.27 43.16 -60.80
CA GLU O 100 -10.95 43.35 -59.53
C GLU O 100 -11.01 41.99 -58.78
N ALA O 101 -10.56 41.99 -57.52
CA ALA O 101 -10.64 40.78 -56.72
C ALA O 101 -11.15 41.11 -55.30
N ASN O 102 -12.46 40.97 -55.19
CA ASN O 102 -13.27 41.61 -54.16
C ASN O 102 -12.93 43.12 -53.97
N ASN O 103 -12.32 43.48 -52.82
CA ASN O 103 -11.86 44.85 -52.59
C ASN O 103 -10.40 45.12 -53.00
N ALA O 104 -9.64 44.10 -53.42
CA ALA O 104 -8.30 44.30 -54.00
C ALA O 104 -8.40 44.57 -55.46
N HIS O 105 -7.33 45.16 -56.02
CA HIS O 105 -7.25 45.47 -57.45
C HIS O 105 -5.85 45.20 -57.87
N TYR O 106 -5.66 44.63 -59.05
CA TYR O 106 -4.32 44.40 -59.52
C TYR O 106 -4.14 44.77 -61.00
N ASN O 107 -2.90 45.04 -61.37
CA ASN O 107 -2.48 45.06 -62.74
C ASN O 107 -2.04 43.67 -63.09
N SER O 108 -2.81 42.98 -63.92
CA SER O 108 -2.72 41.55 -64.07
C SER O 108 -2.48 41.05 -65.48
N ILE O 109 -2.05 39.80 -65.56
CA ILE O 109 -1.88 39.18 -66.88
C ILE O 109 -2.23 37.69 -66.85
N ALA O 110 -3.09 37.30 -67.83
CA ALA O 110 -3.57 35.88 -67.97
C ALA O 110 -2.89 35.22 -69.18
N ILE O 111 -2.27 34.06 -68.96
CA ILE O 111 -1.49 33.37 -69.97
C ILE O 111 -2.40 32.33 -70.66
N ILE O 112 -2.77 32.63 -71.92
CA ILE O 112 -3.61 31.71 -72.73
C ILE O 112 -2.71 30.83 -73.60
N ASP O 113 -2.90 29.52 -73.46
CA ASP O 113 -2.12 28.54 -74.22
C ASP O 113 -2.64 28.41 -75.71
N ALA O 114 -1.79 27.85 -76.57
CA ALA O 114 -2.09 27.54 -77.97
C ALA O 114 -3.37 26.74 -78.26
N ASP O 115 -3.88 25.99 -77.28
CA ASP O 115 -5.17 25.31 -77.41
C ASP O 115 -6.31 26.11 -76.72
N GLY O 116 -6.03 27.34 -76.27
CA GLY O 116 -7.08 28.17 -75.67
C GLY O 116 -7.24 28.04 -74.15
N THR O 117 -6.58 27.06 -73.55
CA THR O 117 -6.48 26.95 -72.09
C THR O 117 -5.96 28.26 -71.33
N ASP O 118 -6.78 28.78 -70.40
CA ASP O 118 -6.35 29.79 -69.40
C ASP O 118 -5.41 29.09 -68.40
N LEU O 119 -4.10 29.32 -68.48
CA LEU O 119 -3.14 28.65 -67.60
C LEU O 119 -2.97 29.37 -66.26
N GLY O 120 -3.60 30.51 -66.12
CA GLY O 120 -3.50 31.26 -64.89
C GLY O 120 -2.98 32.67 -65.08
N ILE O 121 -2.61 33.28 -63.96
CA ILE O 121 -2.50 34.72 -63.88
C ILE O 121 -1.25 35.10 -63.13
N TYR O 122 -0.60 36.18 -63.56
CA TYR O 122 0.45 36.84 -62.79
C TYR O 122 -0.04 38.23 -62.45
N ARG O 123 0.29 38.69 -61.23
CA ARG O 123 -0.14 39.97 -60.75
C ARG O 123 1.10 40.87 -60.60
N LYS O 124 1.11 42.04 -61.27
CA LYS O 124 2.27 42.92 -61.25
C LYS O 124 2.77 43.12 -59.81
N SER O 125 4.05 42.84 -59.56
CA SER O 125 4.66 42.96 -58.23
C SER O 125 5.19 44.40 -57.88
N HIS O 126 5.97 44.99 -58.79
CA HIS O 126 6.56 46.33 -58.60
C HIS O 126 5.70 47.39 -59.26
N ILE O 127 5.18 48.32 -58.48
CA ILE O 127 4.17 49.26 -58.94
C ILE O 127 4.74 50.70 -58.98
N PRO O 128 4.72 51.33 -60.16
CA PRO O 128 5.40 52.58 -60.27
C PRO O 128 4.58 53.73 -59.68
N ASP O 129 5.24 54.89 -59.51
CA ASP O 129 4.57 56.09 -59.00
C ASP O 129 5.20 57.38 -59.56
N GLY O 130 4.42 58.44 -59.58
CA GLY O 130 4.88 59.76 -60.02
C GLY O 130 4.08 60.37 -61.19
N PRO O 131 4.30 61.65 -61.47
CA PRO O 131 3.44 62.37 -62.42
C PRO O 131 3.40 61.61 -63.72
N GLY O 132 2.19 61.34 -64.18
CA GLY O 132 2.02 60.57 -65.43
C GLY O 132 1.80 59.06 -65.21
N TYR O 133 2.30 58.52 -64.09
CA TYR O 133 2.30 57.07 -63.84
C TYR O 133 1.90 56.73 -62.37
N GLU O 134 0.68 57.13 -62.01
CA GLU O 134 0.14 57.04 -60.65
C GLU O 134 -0.45 55.65 -60.44
N GLU O 135 0.34 54.63 -60.76
CA GLU O 135 -0.14 53.26 -60.68
C GLU O 135 -0.40 52.81 -59.22
N LYS O 136 0.39 53.31 -58.27
CA LYS O 136 0.21 52.91 -56.83
C LYS O 136 -1.16 53.33 -56.24
N PHE O 137 -1.79 54.34 -56.85
CA PHE O 137 -3.15 54.73 -56.48
C PHE O 137 -4.18 53.60 -56.82
N TYR O 138 -3.84 52.77 -57.81
CA TYR O 138 -4.79 51.85 -58.42
C TYR O 138 -4.60 50.44 -57.99
N PHE O 139 -3.35 49.98 -57.93
CA PHE O 139 -3.06 48.55 -57.82
C PHE O 139 -2.46 48.18 -56.44
N ASN O 140 -3.06 47.25 -55.70
CA ASN O 140 -2.34 46.49 -54.68
C ASN O 140 -1.05 45.95 -55.29
N PRO O 141 0.06 46.00 -54.53
CA PRO O 141 1.22 45.29 -55.05
C PRO O 141 0.90 43.79 -55.20
N GLY O 142 1.36 43.19 -56.29
CA GLY O 142 1.02 41.79 -56.56
C GLY O 142 1.41 40.79 -55.49
N ASP O 143 0.60 39.75 -55.37
CA ASP O 143 0.81 38.69 -54.39
C ASP O 143 0.84 37.26 -54.97
N THR O 144 1.04 37.16 -56.28
CA THR O 144 1.29 35.86 -56.91
C THR O 144 2.72 35.40 -56.76
N GLY O 145 3.63 36.36 -56.61
CA GLY O 145 5.02 36.06 -56.84
C GLY O 145 5.26 35.99 -58.34
N PHE O 146 6.54 35.86 -58.69
CA PHE O 146 6.98 35.64 -60.05
C PHE O 146 6.65 34.25 -60.49
N LYS O 147 6.17 34.16 -61.71
CA LYS O 147 5.72 32.88 -62.26
C LYS O 147 6.26 32.50 -63.62
N VAL O 148 6.30 31.19 -63.79
CA VAL O 148 6.67 30.57 -65.04
C VAL O 148 5.51 29.71 -65.54
N PHE O 149 5.22 29.77 -66.84
CA PHE O 149 4.13 29.00 -67.41
C PHE O 149 4.63 28.01 -68.45
N GLN O 150 4.25 26.75 -68.28
CA GLN O 150 4.52 25.70 -69.26
C GLN O 150 3.47 25.86 -70.40
N THR O 151 3.87 26.44 -71.52
CA THR O 151 2.96 26.46 -72.70
C THR O 151 3.29 25.31 -73.61
N LYS O 152 2.48 25.11 -74.62
CA LYS O 152 2.80 24.16 -75.71
C LYS O 152 4.22 24.31 -76.32
N TYR O 153 4.69 25.54 -76.53
CA TYR O 153 5.98 25.76 -77.16
C TYR O 153 7.16 25.96 -76.23
N ALA O 154 6.91 26.27 -74.94
CA ALA O 154 8.01 26.62 -74.02
C ALA O 154 7.52 26.96 -72.65
N LYS O 155 8.46 26.95 -71.70
CA LYS O 155 8.35 27.62 -70.40
C LYS O 155 8.67 29.09 -70.55
N ILE O 156 7.75 29.95 -70.19
CA ILE O 156 7.98 31.37 -70.39
C ILE O 156 7.82 32.12 -69.06
N GLY O 157 8.58 33.21 -68.89
CA GLY O 157 8.41 34.10 -67.75
C GLY O 157 7.70 35.33 -68.26
N VAL O 158 6.51 35.60 -67.73
CA VAL O 158 5.82 36.86 -68.03
C VAL O 158 5.68 37.79 -66.80
N ALA O 159 6.22 39.00 -66.88
CA ALA O 159 5.96 39.97 -65.83
C ALA O 159 5.51 41.24 -66.55
N ILE O 160 5.28 42.34 -65.82
CA ILE O 160 4.55 43.46 -66.40
C ILE O 160 5.30 44.77 -66.19
N SER O 161 5.61 45.46 -67.32
CA SER O 161 6.00 46.88 -67.34
C SER O 161 7.10 47.23 -66.33
N TRP O 162 6.84 48.13 -65.38
CA TRP O 162 7.83 48.47 -64.31
C TRP O 162 8.63 47.24 -63.78
N ASP O 163 8.02 46.04 -63.71
CA ASP O 163 8.77 44.83 -63.36
C ASP O 163 10.10 44.70 -64.12
N GLN O 164 10.09 45.05 -65.40
CA GLN O 164 11.23 44.90 -66.27
C GLN O 164 12.50 45.63 -65.78
N TRP O 165 12.38 46.57 -64.84
CA TRP O 165 13.53 47.35 -64.31
C TRP O 165 14.31 46.60 -63.15
N PHE O 166 13.74 45.48 -62.68
CA PHE O 166 14.25 44.78 -61.48
C PHE O 166 14.94 43.46 -61.84
N PRO O 167 16.27 43.39 -61.66
CA PRO O 167 17.01 42.14 -61.91
C PRO O 167 16.49 40.96 -61.13
N GLU O 168 15.92 41.19 -59.96
CA GLU O 168 15.42 40.08 -59.11
C GLU O 168 14.26 39.32 -59.82
N ALA O 169 13.40 40.05 -60.53
CA ALA O 169 12.25 39.45 -61.20
C ALA O 169 12.70 38.54 -62.33
N ALA O 170 13.62 39.03 -63.19
CA ALA O 170 14.24 38.22 -64.26
C ALA O 170 14.95 36.97 -63.72
N ARG O 171 15.78 37.16 -62.70
CA ARG O 171 16.50 36.03 -62.11
C ARG O 171 15.52 34.96 -61.52
N ALA O 172 14.51 35.41 -60.80
CA ALA O 172 13.51 34.53 -60.20
C ALA O 172 12.83 33.67 -61.24
N MET O 173 12.46 34.29 -62.35
CA MET O 173 11.75 33.59 -63.40
C MET O 173 12.71 32.61 -64.05
N ALA O 174 13.92 33.05 -64.34
CA ALA O 174 14.90 32.09 -64.90
C ALA O 174 15.19 30.93 -63.95
N LEU O 175 15.29 31.19 -62.64
CA LEU O 175 15.55 30.10 -61.67
C LEU O 175 14.44 29.04 -61.68
N GLN O 176 13.23 29.51 -62.01
CA GLN O 176 12.00 28.69 -62.05
C GLN O 176 11.82 28.01 -63.43
N GLY O 177 12.80 28.15 -64.32
CA GLY O 177 12.84 27.45 -65.63
C GLY O 177 12.45 28.24 -66.88
N ALA O 178 12.31 29.55 -66.80
CA ALA O 178 11.89 30.33 -67.96
C ALA O 178 12.96 30.29 -69.02
N GLU O 179 12.50 30.01 -70.24
CA GLU O 179 13.30 29.92 -71.46
C GLU O 179 13.25 31.20 -72.24
N ILE O 180 12.18 31.96 -72.03
CA ILE O 180 11.99 33.28 -72.64
C ILE O 180 11.25 34.19 -71.68
N LEU O 181 11.63 35.45 -71.66
CA LEU O 181 10.95 36.43 -70.84
C LEU O 181 10.12 37.46 -71.66
N PHE O 182 8.98 37.87 -71.10
CA PHE O 182 8.03 38.73 -71.78
C PHE O 182 7.63 39.84 -70.82
N TYR O 183 7.70 41.06 -71.32
CA TYR O 183 7.38 42.23 -70.55
C TYR O 183 6.47 43.20 -71.39
N PRO O 184 5.15 43.04 -71.32
CA PRO O 184 4.25 44.08 -71.85
C PRO O 184 4.27 45.41 -71.07
N THR O 185 4.28 46.50 -71.81
CA THR O 185 4.65 47.84 -71.35
C THR O 185 3.81 49.06 -71.83
N ALA O 186 3.84 50.10 -70.97
CA ALA O 186 3.33 51.43 -71.34
C ALA O 186 4.29 52.45 -70.77
N ILE O 187 5.28 52.85 -71.56
CA ILE O 187 6.26 53.79 -71.05
C ILE O 187 6.47 54.89 -72.08
N GLY O 188 6.64 56.12 -71.61
CA GLY O 188 6.77 57.27 -72.55
C GLY O 188 7.42 58.48 -71.95
N SER O 189 7.03 59.65 -72.44
CA SER O 189 7.44 60.89 -71.82
C SER O 189 6.79 60.97 -70.43
N GLU O 190 7.20 61.98 -69.68
CA GLU O 190 6.73 62.22 -68.33
C GLU O 190 6.23 63.65 -68.21
N PRO O 191 4.92 63.83 -67.95
CA PRO O 191 4.29 65.15 -68.05
C PRO O 191 4.89 66.26 -67.17
N HIS O 192 5.58 65.96 -66.06
CA HIS O 192 6.24 67.05 -65.27
C HIS O 192 7.60 67.62 -65.79
N ASP O 193 8.23 66.95 -66.74
CA ASP O 193 9.61 67.25 -67.08
C ASP O 193 9.87 66.73 -68.49
N GLN O 194 9.75 67.65 -69.48
CA GLN O 194 9.90 67.31 -70.92
C GLN O 194 11.33 66.84 -71.21
N SER O 195 12.26 67.08 -70.29
CA SER O 195 13.70 66.72 -70.44
C SER O 195 14.04 65.25 -70.05
N ILE O 196 13.05 64.55 -69.49
CA ILE O 196 13.19 63.17 -69.13
C ILE O 196 12.80 62.32 -70.37
N ASP O 197 13.81 61.58 -70.86
CA ASP O 197 13.66 60.65 -71.98
C ASP O 197 14.26 59.28 -71.59
N SER O 198 13.42 58.33 -71.21
CA SER O 198 13.92 57.12 -70.60
C SER O 198 14.21 55.93 -71.55
N ARG O 199 14.01 56.07 -72.86
CA ARG O 199 14.09 54.90 -73.78
C ARG O 199 15.42 54.11 -73.81
N ASP O 200 16.57 54.78 -73.74
CA ASP O 200 17.87 54.12 -73.84
C ASP O 200 18.18 53.36 -72.54
N HIS O 201 17.85 54.02 -71.42
CA HIS O 201 18.03 53.46 -70.08
C HIS O 201 17.21 52.18 -69.93
N TRP O 202 15.95 52.29 -70.32
CA TRP O 202 14.98 51.20 -70.37
C TRP O 202 15.48 49.98 -71.13
N LYS O 203 16.00 50.19 -72.32
CA LYS O 203 16.50 49.08 -73.14
C LYS O 203 17.70 48.45 -72.50
N ARG O 204 18.64 49.27 -72.07
CA ARG O 204 19.85 48.77 -71.46
C ARG O 204 19.59 47.89 -70.26
N VAL O 205 18.57 48.21 -69.48
CA VAL O 205 18.36 47.46 -68.23
C VAL O 205 17.85 46.06 -68.54
N MET O 206 16.97 46.00 -69.54
CA MET O 206 16.38 44.74 -70.00
C MET O 206 17.41 43.89 -70.73
N GLN O 207 18.27 44.54 -71.50
CA GLN O 207 19.35 43.82 -72.22
C GLN O 207 20.31 43.20 -71.21
N GLY O 208 20.54 43.89 -70.11
CA GLY O 208 21.29 43.31 -68.98
C GLY O 208 20.69 42.07 -68.30
N HIS O 209 19.36 41.98 -68.20
CA HIS O 209 18.70 40.77 -67.66
C HIS O 209 18.93 39.55 -68.56
N ALA O 210 18.76 39.73 -69.88
CA ALA O 210 18.84 38.63 -70.82
C ALA O 210 20.25 38.11 -70.80
N GLY O 211 21.18 39.05 -70.86
CA GLY O 211 22.59 38.71 -70.77
C GLY O 211 23.02 37.99 -69.52
N ALA O 212 22.61 38.48 -68.35
CA ALA O 212 22.88 37.81 -67.03
C ALA O 212 22.29 36.40 -66.83
N ASN O 213 21.22 36.10 -67.56
CA ASN O 213 20.49 34.87 -67.35
C ASN O 213 20.60 33.95 -68.55
N LEU O 214 21.17 34.48 -69.64
CA LEU O 214 21.23 33.77 -70.89
C LEU O 214 19.86 33.33 -71.41
N VAL O 215 18.91 34.26 -71.45
CA VAL O 215 17.60 34.00 -72.08
C VAL O 215 17.05 35.12 -73.00
N PRO O 216 16.41 34.72 -74.09
CA PRO O 216 15.81 35.72 -74.94
C PRO O 216 14.78 36.53 -74.18
N LEU O 217 14.44 37.69 -74.74
CA LEU O 217 13.58 38.66 -74.08
C LEU O 217 12.76 39.50 -75.06
N VAL O 218 11.47 39.63 -74.78
CA VAL O 218 10.54 40.36 -75.61
C VAL O 218 9.84 41.49 -74.84
N ALA O 219 9.99 42.71 -75.39
CA ALA O 219 9.31 43.91 -74.86
C ALA O 219 8.39 44.56 -75.91
N SER O 220 7.13 44.73 -75.50
CA SER O 220 6.06 45.31 -76.29
C SER O 220 5.57 46.58 -75.59
N ASN O 221 5.62 47.69 -76.29
CA ASN O 221 5.31 48.98 -75.74
C ASN O 221 4.34 49.75 -76.69
N ARG O 222 3.64 50.71 -76.08
CA ARG O 222 2.66 51.58 -76.66
C ARG O 222 3.33 52.67 -77.52
N ILE O 223 2.56 53.19 -78.50
CA ILE O 223 2.88 54.45 -79.22
C ILE O 223 1.67 55.41 -79.20
N GLY O 224 1.84 56.64 -79.69
CA GLY O 224 0.77 57.63 -79.66
C GLY O 224 0.74 58.60 -78.49
N ASN O 225 0.13 59.75 -78.72
CA ASN O 225 -0.09 60.75 -77.72
C ASN O 225 -1.44 60.45 -77.09
N GLU O 226 -1.55 60.66 -75.79
CA GLU O 226 -2.79 60.42 -75.07
C GLU O 226 -2.99 61.53 -74.03
N ILE O 227 -4.07 62.27 -74.15
CA ILE O 227 -4.51 63.24 -73.16
C ILE O 227 -5.54 62.61 -72.20
N ILE O 228 -5.27 62.68 -70.88
CA ILE O 228 -6.21 62.26 -69.86
C ILE O 228 -6.67 63.48 -69.03
N GLU O 229 -7.99 63.60 -68.84
CA GLU O 229 -8.55 64.61 -67.94
C GLU O 229 -8.34 64.12 -66.49
N THR O 230 -7.35 64.72 -65.85
CA THR O 230 -7.08 64.38 -64.48
C THR O 230 -7.92 65.29 -63.55
N GLU O 231 -7.90 64.89 -62.29
CA GLU O 231 -8.39 65.67 -61.20
C GLU O 231 -7.80 67.11 -61.16
N HIS O 232 -6.72 67.39 -61.92
CA HIS O 232 -6.10 68.75 -61.96
C HIS O 232 -5.85 69.33 -63.37
N GLY O 233 -6.54 68.80 -64.37
CA GLY O 233 -6.45 69.27 -65.75
C GLY O 233 -5.88 68.19 -66.68
N LYS O 234 -5.90 68.51 -67.98
CA LYS O 234 -5.28 67.68 -69.03
C LYS O 234 -3.85 67.33 -68.70
N SER O 235 -3.46 66.10 -68.98
CA SER O 235 -2.09 65.65 -68.75
C SER O 235 -1.74 64.79 -69.96
N GLU O 236 -0.54 64.95 -70.50
CA GLU O 236 -0.20 64.36 -71.78
C GLU O 236 1.04 63.51 -71.66
N ILE O 237 0.99 62.30 -72.22
CA ILE O 237 2.18 61.50 -72.47
C ILE O 237 2.31 61.17 -73.97
N LYS O 238 3.55 61.17 -74.46
CA LYS O 238 3.84 60.58 -75.74
C LYS O 238 4.55 59.28 -75.52
N PHE O 239 3.83 58.17 -75.69
CA PHE O 239 4.42 56.82 -75.62
C PHE O 239 5.37 56.62 -76.77
N TYR O 240 6.49 55.91 -76.52
CA TYR O 240 7.67 55.97 -77.40
C TYR O 240 8.12 54.65 -78.04
N GLY O 241 7.22 53.67 -78.09
CA GLY O 241 7.41 52.47 -78.88
C GLY O 241 8.73 51.85 -78.51
N ASN O 242 9.59 51.67 -79.48
CA ASN O 242 10.85 51.01 -79.23
C ASN O 242 10.61 49.60 -78.70
N SER O 243 9.48 49.01 -79.07
CA SER O 243 9.24 47.59 -78.77
C SER O 243 10.39 46.88 -79.43
N PHE O 244 10.86 45.82 -78.80
CA PHE O 244 12.04 45.10 -79.25
C PHE O 244 12.10 43.66 -78.73
N ILE O 245 13.01 42.90 -79.36
CA ILE O 245 13.24 41.50 -79.07
C ILE O 245 14.74 41.35 -78.98
N ALA O 246 15.19 40.87 -77.84
CA ALA O 246 16.62 40.65 -77.60
C ALA O 246 16.88 39.16 -77.49
N GLY O 247 18.09 38.77 -77.90
CA GLY O 247 18.57 37.39 -77.81
C GLY O 247 19.30 37.19 -76.51
N PRO O 248 19.89 35.98 -76.30
CA PRO O 248 20.31 35.46 -74.98
C PRO O 248 21.53 36.13 -74.38
N THR O 249 22.33 36.80 -75.21
CA THR O 249 23.43 37.63 -74.71
C THR O 249 23.05 39.12 -74.59
N GLY O 250 21.76 39.42 -74.70
CA GLY O 250 21.30 40.82 -74.72
C GLY O 250 21.27 41.57 -76.07
N GLU O 251 21.64 40.90 -77.18
CA GLU O 251 21.63 41.55 -78.50
C GLU O 251 20.20 41.81 -79.01
N ILE O 252 19.93 43.06 -79.40
CA ILE O 252 18.64 43.42 -79.99
C ILE O 252 18.58 42.75 -81.38
N VAL O 253 17.57 41.91 -81.67
CA VAL O 253 17.52 41.27 -83.01
C VAL O 253 16.42 41.85 -83.93
N SER O 254 15.57 42.68 -83.34
CA SER O 254 14.41 43.30 -83.96
C SER O 254 14.02 44.45 -83.01
N ILE O 255 13.78 45.61 -83.58
CA ILE O 255 13.40 46.79 -82.83
C ILE O 255 12.52 47.66 -83.73
N ALA O 256 11.52 48.27 -83.10
CA ALA O 256 10.60 49.15 -83.78
C ALA O 256 11.00 50.62 -83.49
N ASP O 257 10.54 51.54 -84.34
CA ASP O 257 10.83 52.96 -84.09
C ASP O 257 9.88 53.51 -83.02
N ASP O 258 9.68 54.80 -82.99
CA ASP O 258 9.01 55.36 -81.81
C ASP O 258 7.60 55.88 -82.07
N LYS O 259 7.15 55.78 -83.32
CA LYS O 259 5.78 56.19 -83.69
C LYS O 259 4.98 55.16 -84.52
N GLU O 260 5.71 54.25 -85.21
CA GLU O 260 5.11 53.28 -86.11
C GLU O 260 4.37 52.12 -85.39
N GLU O 261 3.21 51.72 -85.96
CA GLU O 261 2.59 50.44 -85.72
C GLU O 261 3.50 49.36 -86.27
N ALA O 262 3.64 48.25 -85.55
CA ALA O 262 4.68 47.28 -85.86
C ALA O 262 4.40 45.85 -85.40
N VAL O 263 4.90 44.92 -86.22
CA VAL O 263 4.94 43.50 -85.86
C VAL O 263 6.36 42.92 -86.02
N LEU O 264 7.02 42.63 -84.90
CA LEU O 264 8.40 42.09 -84.89
C LEU O 264 8.42 40.61 -84.66
N ILE O 265 9.47 39.99 -85.18
CA ILE O 265 9.59 38.55 -85.26
C ILE O 265 11.02 38.07 -85.03
N ALA O 266 11.15 37.04 -84.22
CA ALA O 266 12.43 36.40 -84.02
C ALA O 266 12.22 34.94 -83.66
N GLU O 267 13.02 34.08 -84.28
CA GLU O 267 13.07 32.67 -83.99
C GLU O 267 14.26 32.43 -83.10
N PHE O 268 14.05 31.65 -82.04
CA PHE O 268 15.13 31.11 -81.19
C PHE O 268 15.08 29.59 -81.10
N ASN O 269 16.26 28.97 -81.15
CA ASN O 269 16.40 27.55 -80.85
C ASN O 269 16.53 27.36 -79.34
N LEU O 270 15.44 27.05 -78.65
CA LEU O 270 15.51 26.82 -77.17
C LEU O 270 16.46 25.69 -76.67
N ASP O 271 16.56 24.57 -77.39
CA ASP O 271 17.51 23.53 -76.98
C ASP O 271 18.97 23.97 -77.04
N LYS O 272 19.33 24.74 -78.08
CA LYS O 272 20.73 25.21 -78.25
C LYS O 272 21.05 26.15 -77.10
N ILE O 273 20.14 27.08 -76.89
CA ILE O 273 20.31 28.09 -75.87
C ILE O 273 20.35 27.47 -74.45
N LYS O 274 19.64 26.38 -74.19
CA LYS O 274 19.78 25.71 -72.87
C LYS O 274 21.15 25.09 -72.65
N SER O 275 21.81 24.50 -73.66
CA SER O 275 23.17 24.02 -73.36
C SER O 275 24.15 25.18 -73.26
N MET O 276 23.93 26.24 -74.01
CA MET O 276 24.74 27.45 -73.81
C MET O 276 24.63 27.87 -72.34
N ARG O 277 23.41 28.04 -71.86
CA ARG O 277 23.15 28.42 -70.48
C ARG O 277 23.86 27.48 -69.48
N HIS O 278 23.72 26.17 -69.72
CA HIS O 278 24.25 25.13 -68.81
C HIS O 278 25.76 25.21 -68.75
N CYS O 279 26.39 25.13 -69.95
CA CYS O 279 27.86 25.08 -70.13
C CYS O 279 28.58 26.30 -69.51
N TRP O 280 28.04 27.48 -69.78
CA TRP O 280 28.54 28.74 -69.26
C TRP O 280 28.51 28.77 -67.75
N GLY O 281 27.43 28.19 -67.20
CA GLY O 281 27.42 27.67 -65.87
C GLY O 281 27.13 28.62 -64.75
N VAL O 282 26.68 29.82 -65.08
CA VAL O 282 26.52 30.85 -64.03
C VAL O 282 25.51 30.46 -62.94
N PHE O 283 24.54 29.61 -63.25
CA PHE O 283 23.52 29.22 -62.24
C PHE O 283 24.06 28.32 -61.14
N ARG O 284 24.96 27.43 -61.54
CA ARG O 284 25.71 26.55 -60.63
C ARG O 284 26.78 27.29 -59.80
N ASP O 285 27.22 28.46 -60.27
CA ASP O 285 28.24 29.26 -59.57
C ASP O 285 27.61 30.27 -58.57
N ARG O 286 26.30 30.50 -58.66
CA ARG O 286 25.64 31.48 -57.82
C ARG O 286 25.92 31.16 -56.33
N ARG O 287 25.92 32.21 -55.52
CA ARG O 287 26.19 32.18 -54.07
C ARG O 287 24.98 32.74 -53.30
N PRO O 288 23.90 31.96 -53.24
CA PRO O 288 22.74 32.40 -52.48
C PRO O 288 23.04 32.51 -50.99
N ASP O 289 24.03 31.77 -50.46
CA ASP O 289 24.47 31.95 -49.05
C ASP O 289 24.94 33.37 -48.77
N LEU O 290 25.31 34.12 -49.82
CA LEU O 290 25.77 35.50 -49.67
C LEU O 290 24.79 36.57 -50.09
N TYR O 291 23.56 36.18 -50.42
CA TYR O 291 22.56 37.07 -50.98
C TYR O 291 21.44 37.48 -50.03
N LYS O 292 21.59 37.22 -48.73
CA LYS O 292 20.58 37.62 -47.77
C LYS O 292 20.17 39.09 -47.82
N VAL O 293 21.11 39.95 -48.17
CA VAL O 293 20.82 41.37 -48.15
C VAL O 293 19.74 41.70 -49.16
N LEU O 294 19.50 40.82 -50.12
CA LEU O 294 18.48 41.12 -51.12
C LEU O 294 17.07 41.04 -50.56
N LEU O 295 16.94 40.39 -49.42
CA LEU O 295 15.68 40.35 -48.68
C LEU O 295 15.49 41.57 -47.77
N THR O 296 16.37 42.56 -47.85
CA THR O 296 16.18 43.80 -47.12
C THR O 296 15.82 44.83 -48.17
N LEU O 297 15.21 45.93 -47.70
CA LEU O 297 15.04 47.15 -48.49
C LEU O 297 16.22 48.13 -48.20
N ASP O 298 16.67 48.12 -46.93
CA ASP O 298 17.53 49.17 -46.39
C ASP O 298 19.04 48.78 -46.26
N GLY O 299 19.38 47.61 -46.77
CA GLY O 299 20.77 47.09 -46.69
C GLY O 299 21.09 46.42 -45.37
N LYS O 300 20.13 46.33 -44.44
CA LYS O 300 20.45 45.85 -43.13
C LYS O 300 19.34 44.96 -42.47
N ASN O 301 18.10 45.47 -42.50
CA ASN O 301 17.00 44.80 -41.85
C ASN O 301 16.23 43.89 -42.77
N PRO O 302 16.35 42.57 -42.55
CA PRO O 302 15.55 41.64 -43.34
C PRO O 302 14.06 41.94 -43.14
N VAL O 303 13.26 41.89 -44.22
CA VAL O 303 11.81 42.13 -44.09
C VAL O 303 11.10 40.99 -43.39
N LEU O 304 9.91 41.29 -42.84
CA LEU O 304 9.10 40.24 -42.26
C LEU O 304 8.42 39.41 -43.40
N ASP P 7 27.18 73.93 -61.26
CA ASP P 7 26.15 73.16 -60.51
C ASP P 7 26.70 72.52 -59.19
N LYS P 8 25.84 72.45 -58.16
CA LYS P 8 26.26 72.17 -56.77
C LYS P 8 26.21 70.67 -56.39
N GLY P 9 27.04 70.27 -55.40
CA GLY P 9 27.09 68.86 -54.92
C GLY P 9 28.45 68.18 -55.08
N ARG P 10 28.71 67.15 -54.26
CA ARG P 10 29.97 66.38 -54.28
C ARG P 10 30.28 65.89 -55.68
N LYS P 11 31.44 66.26 -56.18
CA LYS P 11 31.84 65.83 -57.52
C LYS P 11 33.01 64.90 -57.36
N VAL P 12 32.96 63.74 -58.00
CA VAL P 12 34.06 62.79 -57.90
C VAL P 12 34.52 62.35 -59.28
N VAL P 13 35.83 62.32 -59.44
CA VAL P 13 36.43 61.94 -60.71
C VAL P 13 36.98 60.55 -60.54
N VAL P 14 36.55 59.64 -61.41
CA VAL P 14 36.95 58.25 -61.33
C VAL P 14 37.71 57.88 -62.59
N SER P 15 38.43 56.77 -62.56
CA SER P 15 39.35 56.46 -63.63
C SER P 15 39.55 54.98 -63.72
N ALA P 16 39.38 54.48 -64.94
CA ALA P 16 39.70 53.10 -65.27
C ALA P 16 41.05 53.16 -65.89
N LEU P 17 41.90 52.21 -65.52
CA LEU P 17 43.20 52.00 -66.18
C LEU P 17 43.19 50.73 -67.01
N GLN P 18 44.04 50.71 -68.03
CA GLN P 18 44.13 49.56 -68.92
C GLN P 18 45.53 49.45 -69.44
N PHE P 19 46.18 48.33 -69.15
CA PHE P 19 47.55 48.11 -69.63
C PHE P 19 47.93 46.64 -69.83
N ALA P 20 49.12 46.45 -70.40
CA ALA P 20 49.68 45.16 -70.67
C ALA P 20 50.61 44.76 -69.50
N CYS P 21 50.56 43.49 -69.13
CA CYS P 21 51.37 42.96 -68.05
C CYS P 21 52.54 42.11 -68.55
N THR P 22 53.69 42.26 -67.92
CA THR P 22 54.72 41.23 -67.94
C THR P 22 54.44 40.30 -66.75
N ASP P 23 55.33 39.34 -66.53
CA ASP P 23 55.15 38.39 -65.43
C ASP P 23 56.19 38.64 -64.33
N ASP P 24 56.62 39.89 -64.20
CA ASP P 24 57.42 40.28 -63.05
C ASP P 24 56.68 41.35 -62.25
N VAL P 25 56.75 41.19 -60.93
CA VAL P 25 56.14 42.12 -60.00
C VAL P 25 56.72 43.53 -60.22
N SER P 26 58.04 43.62 -60.19
CA SER P 26 58.73 44.90 -60.11
C SER P 26 58.20 45.80 -61.18
N THR P 27 58.23 45.29 -62.40
CA THR P 27 57.87 46.03 -63.61
C THR P 27 56.37 46.37 -63.70
N ASN P 28 55.51 45.42 -63.33
CA ASN P 28 54.08 45.68 -63.35
C ASN P 28 53.68 46.73 -62.29
N VAL P 29 54.30 46.72 -61.10
CA VAL P 29 53.93 47.74 -60.12
C VAL P 29 54.40 49.09 -60.68
N THR P 30 55.57 49.10 -61.31
CA THR P 30 56.06 50.37 -61.87
C THR P 30 55.08 50.95 -62.91
N THR P 31 54.49 50.10 -63.78
CA THR P 31 53.43 50.54 -64.74
C THR P 31 52.15 51.10 -64.07
N ALA P 32 51.66 50.41 -63.04
CA ALA P 32 50.47 50.83 -62.32
C ALA P 32 50.69 52.20 -61.70
N GLU P 33 51.78 52.30 -60.94
CA GLU P 33 52.26 53.55 -60.39
C GLU P 33 52.29 54.73 -61.38
N ARG P 34 52.95 54.53 -62.53
CA ARG P 34 53.08 55.58 -63.54
C ARG P 34 51.67 56.03 -64.00
N LEU P 35 50.75 55.09 -64.15
CA LEU P 35 49.43 55.43 -64.71
C LEU P 35 48.43 55.96 -63.66
N VAL P 36 48.65 55.64 -62.39
CA VAL P 36 47.91 56.24 -61.29
C VAL P 36 48.28 57.73 -61.20
N ARG P 37 49.58 58.01 -61.33
CA ARG P 37 50.09 59.37 -61.43
C ARG P 37 49.49 60.15 -62.62
N ALA P 38 49.40 59.50 -63.77
CA ALA P 38 48.80 60.12 -64.95
C ALA P 38 47.28 60.28 -64.81
N ALA P 39 46.62 59.40 -64.09
CA ALA P 39 45.18 59.59 -63.86
C ALA P 39 44.98 60.78 -62.91
N HIS P 40 45.85 60.83 -61.90
CA HIS P 40 45.85 61.94 -60.95
C HIS P 40 46.12 63.29 -61.63
N LYS P 41 47.12 63.39 -62.52
CA LYS P 41 47.34 64.67 -63.22
C LYS P 41 46.07 65.14 -63.92
N GLN P 42 45.19 64.21 -64.30
CA GLN P 42 43.88 64.55 -64.92
C GLN P 42 42.71 64.72 -63.95
N GLY P 43 42.98 64.83 -62.66
CA GLY P 43 41.95 65.20 -61.71
C GLY P 43 41.33 64.02 -61.03
N ALA P 44 41.87 62.82 -61.29
CA ALA P 44 41.27 61.58 -60.75
C ALA P 44 41.30 61.50 -59.24
N ASN P 45 40.20 61.02 -58.66
CA ASN P 45 40.05 60.88 -57.19
C ASN P 45 40.12 59.41 -56.75
N ILE P 46 39.62 58.53 -57.60
CA ILE P 46 39.65 57.09 -57.38
C ILE P 46 40.14 56.42 -58.68
N VAL P 47 41.17 55.57 -58.58
CA VAL P 47 41.72 54.89 -59.78
C VAL P 47 41.69 53.37 -59.62
N LEU P 48 41.05 52.74 -60.60
CA LEU P 48 40.96 51.30 -60.60
C LEU P 48 42.08 50.69 -61.40
N ILE P 49 42.92 49.89 -60.74
CA ILE P 49 43.82 48.98 -61.49
C ILE P 49 43.12 47.65 -61.77
N GLN P 50 43.38 47.12 -62.96
CA GLN P 50 42.83 45.85 -63.44
C GLN P 50 43.25 44.64 -62.57
N GLU P 51 42.46 43.56 -62.71
CA GLU P 51 42.62 42.32 -61.94
C GLU P 51 44.02 41.74 -62.09
N LEU P 52 44.62 41.45 -60.93
CA LEU P 52 45.83 40.62 -60.78
C LEU P 52 47.05 41.10 -61.57
N PHE P 53 47.27 42.40 -61.47
CA PHE P 53 48.21 43.19 -62.27
C PHE P 53 49.69 42.86 -62.05
N GLU P 54 50.03 42.31 -60.88
CA GLU P 54 51.42 41.93 -60.55
C GLU P 54 52.07 40.86 -61.46
N GLY P 55 51.29 40.26 -62.37
CA GLY P 55 51.78 39.15 -63.17
C GLY P 55 50.79 38.79 -64.27
N TYR P 56 51.07 37.72 -65.01
CA TYR P 56 50.15 37.28 -66.07
C TYR P 56 48.95 36.67 -65.32
N TYR P 57 47.79 36.68 -65.98
CA TYR P 57 46.65 35.84 -65.59
C TYR P 57 47.04 34.37 -65.73
N PHE P 58 47.33 33.74 -64.59
CA PHE P 58 47.78 32.36 -64.52
C PHE P 58 46.68 31.39 -64.02
N CYS P 59 45.53 31.93 -63.61
CA CYS P 59 44.50 31.18 -62.84
C CYS P 59 43.91 29.94 -63.52
N GLN P 60 43.96 29.86 -64.85
CA GLN P 60 43.40 28.73 -65.59
C GLN P 60 44.43 27.63 -65.86
N ALA P 61 45.62 27.75 -65.26
CA ALA P 61 46.75 26.85 -65.54
C ALA P 61 47.14 25.99 -64.32
N GLN P 62 46.89 24.69 -64.40
CA GLN P 62 47.12 23.80 -63.27
C GLN P 62 48.60 23.70 -62.93
N ARG P 63 49.12 24.64 -62.14
CA ARG P 63 50.55 24.58 -61.78
C ARG P 63 50.81 24.94 -60.32
N GLU P 64 51.42 24.01 -59.59
CA GLU P 64 51.59 24.14 -58.13
C GLU P 64 52.50 25.32 -57.79
N ASP P 65 53.48 25.56 -58.64
CA ASP P 65 54.52 26.55 -58.35
C ASP P 65 54.03 27.99 -58.43
N PHE P 66 52.82 28.22 -58.95
CA PHE P 66 52.20 29.56 -58.90
C PHE P 66 51.42 29.79 -57.58
N ILE P 67 51.39 28.79 -56.69
CA ILE P 67 50.73 28.94 -55.38
C ILE P 67 51.58 29.83 -54.47
N GLN P 68 52.87 29.89 -54.76
CA GLN P 68 53.83 30.65 -53.95
C GLN P 68 53.73 32.18 -54.12
N ARG P 69 53.02 32.60 -55.16
CA ARG P 69 52.81 34.03 -55.42
C ARG P 69 51.78 34.59 -54.47
N ALA P 70 50.99 33.72 -53.85
CA ALA P 70 50.02 34.16 -52.83
C ALA P 70 50.81 34.65 -51.63
N LYS P 71 50.36 35.78 -51.06
CA LYS P 71 51.01 36.49 -49.93
C LYS P 71 49.93 36.97 -48.92
N PRO P 72 50.22 36.92 -47.57
CA PRO P 72 49.23 37.44 -46.62
C PRO P 72 48.77 38.88 -46.91
N TYR P 73 47.53 39.18 -46.53
CA TYR P 73 47.00 40.56 -46.49
C TYR P 73 47.90 41.46 -45.62
N LYS P 74 48.26 40.95 -44.45
CA LYS P 74 49.15 41.64 -43.53
C LYS P 74 50.53 41.97 -44.16
N ASP P 75 50.88 43.25 -44.18
CA ASP P 75 52.21 43.73 -44.64
C ASP P 75 52.58 43.30 -46.07
N HIS P 76 51.57 43.20 -46.93
CA HIS P 76 51.81 42.80 -48.32
C HIS P 76 52.65 43.90 -49.00
N PRO P 77 53.76 43.51 -49.64
CA PRO P 77 54.66 44.52 -50.18
C PRO P 77 54.04 45.41 -51.28
N THR P 78 53.22 44.84 -52.15
CA THR P 78 52.55 45.64 -53.19
C THR P 78 51.58 46.63 -52.53
N ILE P 79 50.71 46.14 -51.65
CA ILE P 79 49.80 47.02 -50.90
C ILE P 79 50.51 48.16 -50.12
N MET P 80 51.56 47.84 -49.37
CA MET P 80 52.24 48.83 -48.54
C MET P 80 52.89 49.91 -49.39
N ARG P 81 53.29 49.54 -50.60
CA ARG P 81 53.92 50.49 -51.53
C ARG P 81 52.88 51.44 -52.12
N LEU P 82 51.72 50.91 -52.47
CA LEU P 82 50.66 51.74 -53.03
C LEU P 82 49.92 52.52 -51.95
N GLN P 83 50.05 52.11 -50.68
CA GLN P 83 49.50 52.89 -49.56
C GLN P 83 50.23 54.24 -49.54
N LYS P 84 51.54 54.21 -49.77
CA LYS P 84 52.30 55.45 -49.73
C LYS P 84 51.96 56.32 -50.93
N LEU P 85 51.69 55.70 -52.08
CA LEU P 85 51.25 56.43 -53.29
C LEU P 85 49.85 57.10 -53.18
N ALA P 86 48.88 56.37 -52.63
CA ALA P 86 47.52 56.89 -52.36
C ALA P 86 47.54 58.10 -51.41
N LYS P 87 48.45 58.07 -50.44
CA LYS P 87 48.61 59.15 -49.49
C LYS P 87 49.31 60.29 -50.21
N GLU P 88 50.46 60.02 -50.81
CA GLU P 88 51.13 61.06 -51.62
C GLU P 88 50.13 61.87 -52.48
N LEU P 89 49.24 61.20 -53.22
CA LEU P 89 48.38 61.89 -54.20
C LEU P 89 46.98 62.33 -53.72
N GLY P 90 46.47 61.78 -52.62
CA GLY P 90 45.10 62.07 -52.19
C GLY P 90 44.12 61.34 -53.09
N VAL P 91 44.50 60.14 -53.52
CA VAL P 91 43.64 59.24 -54.31
C VAL P 91 43.33 57.87 -53.61
N VAL P 92 42.12 57.39 -53.84
CA VAL P 92 41.66 56.04 -53.45
C VAL P 92 42.12 54.99 -54.48
N ILE P 93 42.64 53.86 -54.01
CA ILE P 93 43.14 52.82 -54.92
C ILE P 93 42.84 51.44 -54.38
N PRO P 94 41.83 50.77 -54.96
CA PRO P 94 41.65 49.34 -54.65
C PRO P 94 42.79 48.55 -55.31
N VAL P 95 43.35 47.60 -54.55
CA VAL P 95 44.53 46.82 -54.94
C VAL P 95 44.21 45.32 -55.02
N SER P 96 44.08 44.83 -56.26
CA SER P 96 43.85 43.41 -56.55
C SER P 96 45.08 42.59 -56.27
N PHE P 97 44.92 41.48 -55.58
CA PHE P 97 46.04 40.67 -55.21
C PHE P 97 45.63 39.24 -54.85
N PHE P 98 46.62 38.38 -54.85
CA PHE P 98 46.42 36.97 -54.55
C PHE P 98 46.84 36.75 -53.09
N GLU P 99 45.85 36.52 -52.25
CA GLU P 99 45.98 36.40 -50.79
C GLU P 99 46.12 34.96 -50.36
N GLU P 100 47.13 34.71 -49.54
CA GLU P 100 47.19 33.51 -48.73
C GLU P 100 46.72 33.88 -47.33
N ALA P 101 45.87 33.02 -46.79
CA ALA P 101 45.30 33.15 -45.47
C ALA P 101 45.26 31.75 -44.85
N ASN P 102 46.35 31.30 -44.25
CA ASN P 102 46.34 30.00 -43.60
C ASN P 102 46.10 28.87 -44.60
N ASN P 103 45.07 28.05 -44.37
CA ASN P 103 44.74 26.94 -45.23
C ASN P 103 44.31 27.33 -46.63
N ALA P 104 43.52 28.39 -46.69
CA ALA P 104 42.94 28.91 -47.91
C ALA P 104 43.75 30.01 -48.57
N HIS P 105 43.43 30.18 -49.85
CA HIS P 105 43.95 31.23 -50.69
C HIS P 105 42.72 31.88 -51.31
N TYR P 106 42.75 33.20 -51.50
CA TYR P 106 41.63 33.91 -52.12
C TYR P 106 42.12 34.91 -53.17
N ASN P 107 41.31 35.16 -54.19
CA ASN P 107 41.54 36.26 -55.09
C ASN P 107 40.90 37.51 -54.47
N SER P 108 41.77 38.35 -53.91
CA SER P 108 41.34 39.49 -53.07
C SER P 108 41.59 40.93 -53.61
N ILE P 109 40.98 41.88 -52.90
CA ILE P 109 41.16 43.30 -53.18
C ILE P 109 41.17 44.10 -51.86
N ALA P 110 42.20 44.94 -51.70
CA ALA P 110 42.33 45.80 -50.52
C ALA P 110 42.07 47.24 -50.89
N ILE P 111 41.15 47.84 -50.14
CA ILE P 111 40.70 49.20 -50.40
C ILE P 111 41.54 50.23 -49.62
N ILE P 112 42.35 51.01 -50.36
CA ILE P 112 43.23 52.05 -49.79
C ILE P 112 42.61 53.44 -49.95
N ASP P 113 42.34 54.09 -48.83
CA ASP P 113 41.73 55.41 -48.84
C ASP P 113 42.80 56.43 -49.20
N ALA P 114 42.35 57.66 -49.40
CA ALA P 114 43.20 58.74 -49.88
C ALA P 114 44.14 59.39 -48.82
N ASP P 115 44.03 58.95 -47.55
CA ASP P 115 45.06 59.23 -46.54
C ASP P 115 46.00 58.03 -46.34
N GLY P 116 45.84 57.00 -47.17
CA GLY P 116 46.74 55.85 -47.19
C GLY P 116 46.21 54.72 -46.34
N THR P 117 45.16 55.01 -45.59
CA THR P 117 44.61 54.03 -44.67
C THR P 117 44.03 52.83 -45.40
N ASP P 118 44.26 51.63 -44.86
CA ASP P 118 43.73 50.40 -45.44
C ASP P 118 42.35 50.15 -44.80
N LEU P 119 41.29 50.15 -45.59
CA LEU P 119 39.93 50.06 -45.07
C LEU P 119 39.35 48.64 -44.94
N GLY P 120 40.05 47.67 -45.51
CA GLY P 120 39.60 46.28 -45.55
C GLY P 120 39.74 45.54 -46.89
N ILE P 121 39.30 44.29 -46.86
CA ILE P 121 39.36 43.36 -48.00
C ILE P 121 37.96 42.90 -48.42
N TYR P 122 37.85 42.69 -49.72
CA TYR P 122 36.79 41.90 -50.33
C TYR P 122 37.44 40.67 -50.97
N ARG P 123 36.84 39.51 -50.76
CA ARG P 123 37.33 38.28 -51.38
C ARG P 123 36.34 37.86 -52.44
N LYS P 124 36.89 37.49 -53.61
CA LYS P 124 36.10 37.07 -54.80
C LYS P 124 35.14 35.92 -54.45
N SER P 125 33.86 36.08 -54.77
CA SER P 125 32.79 35.18 -54.28
C SER P 125 32.44 34.05 -55.24
N HIS P 126 32.35 34.40 -56.52
CA HIS P 126 31.84 33.51 -57.58
C HIS P 126 32.97 32.85 -58.37
N ILE P 127 33.11 31.53 -58.22
CA ILE P 127 34.26 30.77 -58.75
C ILE P 127 33.80 29.69 -59.73
N PRO P 128 34.10 29.89 -61.00
CA PRO P 128 33.67 29.00 -62.07
C PRO P 128 34.49 27.69 -62.23
N ASP P 129 33.76 26.61 -62.63
CA ASP P 129 34.32 25.25 -62.98
C ASP P 129 34.06 24.67 -64.45
N GLY P 130 33.99 23.33 -64.62
CA GLY P 130 33.65 22.67 -65.91
C GLY P 130 34.82 22.42 -66.86
N TYR P 133 37.45 25.96 -67.52
CA TYR P 133 37.71 26.63 -66.23
C TYR P 133 38.14 25.66 -65.12
N GLU P 134 39.23 26.04 -64.43
CA GLU P 134 39.85 25.25 -63.38
C GLU P 134 40.51 26.15 -62.34
N GLU P 135 39.87 27.29 -62.05
CA GLU P 135 40.45 28.31 -61.18
C GLU P 135 40.26 27.99 -59.68
N LYS P 136 39.40 27.01 -59.38
CA LYS P 136 39.23 26.53 -58.00
C LYS P 136 40.52 25.88 -57.40
N PHE P 137 41.43 25.50 -58.29
CA PHE P 137 42.76 25.04 -57.94
C PHE P 137 43.63 26.07 -57.21
N TYR P 138 43.40 27.34 -57.49
CA TYR P 138 44.13 28.46 -56.87
C TYR P 138 43.35 29.12 -55.72
N PHE P 139 42.11 29.50 -56.02
CA PHE P 139 41.29 30.25 -55.09
C PHE P 139 40.19 29.41 -54.45
N ASN P 140 39.93 29.72 -53.19
CA ASN P 140 38.66 29.31 -52.53
C ASN P 140 37.51 30.31 -52.78
N PRO P 141 36.25 29.85 -52.57
CA PRO P 141 35.13 30.77 -52.57
C PRO P 141 35.22 31.77 -51.42
N GLY P 142 35.08 33.05 -51.81
CA GLY P 142 35.08 34.16 -50.88
C GLY P 142 34.11 33.97 -49.71
N ASP P 143 34.56 34.38 -48.53
CA ASP P 143 33.70 34.44 -47.35
C ASP P 143 33.54 35.86 -46.73
N THR P 144 34.06 36.92 -47.31
CA THR P 144 33.71 38.26 -46.80
C THR P 144 32.25 38.68 -47.04
N GLY P 145 31.66 38.22 -48.13
CA GLY P 145 30.39 38.75 -48.61
C GLY P 145 30.59 40.04 -49.39
N PHE P 146 29.51 40.61 -49.90
CA PHE P 146 29.64 41.82 -50.70
C PHE P 146 29.73 42.97 -49.75
N LYS P 147 30.68 43.85 -49.97
CA LYS P 147 31.02 44.90 -49.03
C LYS P 147 31.03 46.27 -49.63
N VAL P 148 30.85 47.26 -48.76
CA VAL P 148 31.03 48.67 -49.06
C VAL P 148 32.08 49.30 -48.15
N PHE P 149 32.67 50.39 -48.62
CA PHE P 149 33.82 50.95 -48.01
C PHE P 149 33.65 52.46 -48.12
N GLN P 150 33.62 53.14 -46.98
CA GLN P 150 33.52 54.58 -46.96
C GLN P 150 34.91 55.22 -47.14
N THR P 151 35.13 55.83 -48.31
CA THR P 151 36.35 56.55 -48.64
C THR P 151 36.20 58.05 -48.42
N LYS P 152 37.28 58.81 -48.61
CA LYS P 152 37.22 60.26 -48.39
C LYS P 152 36.22 60.89 -49.34
N TYR P 153 36.10 60.30 -50.53
CA TYR P 153 35.35 60.91 -51.63
C TYR P 153 33.98 60.34 -51.84
N ALA P 154 33.73 59.11 -51.38
CA ALA P 154 32.47 58.40 -51.69
C ALA P 154 32.40 57.04 -51.03
N LYS P 155 31.19 56.54 -50.84
CA LYS P 155 30.96 55.13 -50.48
C LYS P 155 31.00 54.29 -51.75
N ILE P 156 31.94 53.35 -51.82
CA ILE P 156 32.16 52.54 -53.02
C ILE P 156 31.97 51.02 -52.78
N GLY P 157 31.64 50.30 -53.83
CA GLY P 157 31.60 48.86 -53.72
C GLY P 157 32.47 48.26 -54.84
N VAL P 158 33.22 47.22 -54.46
CA VAL P 158 34.21 46.58 -55.32
C VAL P 158 34.03 45.07 -55.38
N ALA P 159 34.03 44.51 -56.58
CA ALA P 159 33.93 43.07 -56.77
C ALA P 159 34.84 42.69 -57.91
N ILE P 160 35.06 41.40 -58.08
CA ILE P 160 36.18 40.92 -58.89
C ILE P 160 35.82 39.93 -60.00
N SER P 161 36.40 40.15 -61.18
CA SER P 161 36.24 39.31 -62.38
C SER P 161 34.85 38.70 -62.54
N TRP P 162 34.77 37.38 -62.40
CA TRP P 162 33.52 36.62 -62.60
C TRP P 162 32.34 37.17 -61.79
N ASP P 163 32.59 37.75 -60.61
CA ASP P 163 31.57 38.51 -59.91
C ASP P 163 30.76 39.42 -60.86
N GLN P 164 31.42 39.88 -61.92
CA GLN P 164 30.84 40.83 -62.90
C GLN P 164 29.53 40.36 -63.54
N TRP P 165 29.36 39.05 -63.68
CA TRP P 165 28.20 38.50 -64.31
C TRP P 165 26.93 38.43 -63.45
N PHE P 166 27.02 38.78 -62.17
CA PHE P 166 25.91 38.48 -61.20
C PHE P 166 25.20 39.75 -60.71
N PRO P 167 23.96 40.00 -61.20
CA PRO P 167 23.22 41.18 -60.73
C PRO P 167 23.02 41.18 -59.21
N GLU P 168 23.09 40.03 -58.55
CA GLU P 168 23.00 39.98 -57.08
C GLU P 168 24.15 40.77 -56.44
N ALA P 169 25.33 40.70 -57.05
CA ALA P 169 26.50 41.29 -56.44
C ALA P 169 26.33 42.79 -56.44
N ALA P 170 25.82 43.34 -57.55
CA ALA P 170 25.73 44.80 -57.67
C ALA P 170 24.58 45.36 -56.84
N ARG P 171 23.46 44.64 -56.81
CA ARG P 171 22.35 45.01 -56.01
C ARG P 171 22.73 45.01 -54.50
N ALA P 172 23.34 43.92 -54.00
CA ALA P 172 23.85 43.85 -52.60
C ALA P 172 24.70 45.04 -52.24
N MET P 173 25.60 45.45 -53.14
CA MET P 173 26.44 46.61 -52.88
C MET P 173 25.62 47.90 -52.85
N ALA P 174 24.71 48.06 -53.83
CA ALA P 174 23.92 49.30 -53.89
C ALA P 174 22.94 49.40 -52.69
N LEU P 175 22.40 48.28 -52.24
CA LEU P 175 21.50 48.29 -51.08
C LEU P 175 22.15 48.75 -49.77
N GLN P 176 23.45 48.62 -49.73
CA GLN P 176 24.23 49.05 -48.56
C GLN P 176 24.83 50.42 -48.74
N GLY P 177 24.38 51.17 -49.75
CA GLY P 177 24.82 52.55 -49.92
C GLY P 177 25.95 52.81 -50.93
N ALA P 178 26.40 51.79 -51.65
CA ALA P 178 27.48 51.97 -52.67
C ALA P 178 27.11 53.10 -53.68
N GLU P 179 27.98 54.09 -53.85
CA GLU P 179 27.61 55.21 -54.70
C GLU P 179 28.23 55.04 -56.10
N ILE P 180 29.16 54.08 -56.19
CA ILE P 180 29.90 53.78 -57.38
C ILE P 180 30.38 52.34 -57.27
N LEU P 181 30.29 51.58 -58.36
CA LEU P 181 30.80 50.21 -58.40
C LEU P 181 32.06 50.03 -59.27
N PHE P 182 32.96 49.19 -58.76
CA PHE P 182 34.26 48.92 -59.40
C PHE P 182 34.42 47.43 -59.68
N TYR P 183 34.77 47.11 -60.93
CA TYR P 183 34.96 45.73 -61.35
C TYR P 183 36.27 45.57 -62.11
N PRO P 184 37.35 45.40 -61.36
CA PRO P 184 38.58 44.94 -61.96
C PRO P 184 38.43 43.49 -62.42
N THR P 185 38.85 43.25 -63.66
CA THR P 185 38.69 41.98 -64.37
C THR P 185 39.84 41.67 -65.36
N ALA P 186 39.82 40.45 -65.89
CA ALA P 186 40.77 40.00 -66.88
C ALA P 186 40.00 39.05 -67.78
N ILE P 187 39.79 39.43 -69.03
CA ILE P 187 38.98 38.62 -69.95
C ILE P 187 39.48 38.74 -71.40
N GLY P 188 39.59 37.59 -72.07
CA GLY P 188 40.06 37.50 -73.45
C GLY P 188 39.53 36.28 -74.18
N SER P 189 40.42 35.54 -74.84
CA SER P 189 40.03 34.42 -75.70
C SER P 189 41.27 33.69 -76.27
N GLU P 190 41.03 32.57 -76.94
CA GLU P 190 42.06 31.79 -77.65
C GLU P 190 42.13 32.13 -79.17
N PRO P 191 43.18 32.86 -79.64
CA PRO P 191 43.37 32.98 -81.12
C PRO P 191 43.62 31.65 -81.83
N ILE P 196 34.48 35.24 -82.18
CA ILE P 196 33.76 36.41 -81.65
C ILE P 196 33.72 36.36 -80.12
N ASP P 197 34.47 37.25 -79.44
CA ASP P 197 34.59 37.14 -77.97
C ASP P 197 33.35 37.64 -77.20
N SER P 198 33.43 37.56 -75.88
CA SER P 198 32.32 37.90 -74.99
C SER P 198 32.19 39.42 -74.69
N ARG P 199 32.76 40.26 -75.56
CA ARG P 199 32.93 41.68 -75.22
C ARG P 199 31.64 42.46 -75.16
N ASP P 200 30.80 42.32 -76.18
CA ASP P 200 29.50 42.98 -76.19
C ASP P 200 28.59 42.45 -75.11
N HIS P 201 28.71 41.15 -74.79
CA HIS P 201 27.87 40.51 -73.77
C HIS P 201 28.29 40.98 -72.35
N TRP P 202 29.59 40.94 -72.09
CA TRP P 202 30.14 41.50 -70.86
C TRP P 202 29.64 42.95 -70.64
N LYS P 203 29.90 43.80 -71.64
CA LYS P 203 29.48 45.19 -71.58
C LYS P 203 27.98 45.41 -71.35
N ARG P 204 27.15 44.70 -72.10
CA ARG P 204 25.71 44.81 -71.91
C ARG P 204 25.25 44.44 -70.50
N VAL P 205 25.95 43.48 -69.86
CA VAL P 205 25.59 42.99 -68.50
C VAL P 205 25.97 44.05 -67.47
N MET P 206 27.18 44.59 -67.61
CA MET P 206 27.64 45.67 -66.72
C MET P 206 26.77 46.94 -66.83
N GLN P 207 26.55 47.43 -68.06
CA GLN P 207 25.72 48.62 -68.24
C GLN P 207 24.37 48.38 -67.59
N GLY P 208 23.97 47.10 -67.57
CA GLY P 208 22.72 46.71 -66.95
C GLY P 208 22.73 46.86 -65.41
N HIS P 209 23.88 46.59 -64.77
CA HIS P 209 24.05 46.78 -63.29
C HIS P 209 23.91 48.30 -63.02
N ALA P 210 24.66 49.06 -63.81
CA ALA P 210 24.72 50.47 -63.65
C ALA P 210 23.30 51.01 -63.71
N GLY P 211 22.61 50.62 -64.77
CA GLY P 211 21.27 51.13 -65.05
C GLY P 211 20.19 50.74 -64.08
N ALA P 212 20.32 49.55 -63.52
CA ALA P 212 19.29 48.98 -62.64
C ALA P 212 19.46 49.51 -61.24
N ASN P 213 20.69 49.86 -60.89
CA ASN P 213 20.98 50.40 -59.58
C ASN P 213 21.13 51.92 -59.57
N LEU P 214 21.11 52.51 -60.77
CA LEU P 214 21.33 53.94 -60.94
C LEU P 214 22.61 54.42 -60.24
N VAL P 215 23.70 53.70 -60.46
CA VAL P 215 25.01 54.13 -59.98
C VAL P 215 26.03 54.01 -61.12
N PRO P 216 27.10 54.84 -61.09
CA PRO P 216 28.22 54.73 -62.02
C PRO P 216 29.03 53.47 -61.81
N LEU P 217 29.80 53.12 -62.82
CA LEU P 217 30.44 51.85 -62.83
C LEU P 217 31.72 51.92 -63.65
N VAL P 218 32.81 51.62 -62.96
CA VAL P 218 34.13 51.55 -63.56
C VAL P 218 34.50 50.10 -63.75
N ALA P 219 35.04 49.76 -64.92
CA ALA P 219 35.54 48.39 -65.19
C ALA P 219 36.91 48.45 -65.88
N SER P 220 37.93 47.98 -65.18
CA SER P 220 39.29 47.91 -65.69
C SER P 220 39.64 46.48 -66.17
N ASN P 221 40.01 46.36 -67.45
CA ASN P 221 40.44 45.07 -68.03
C ASN P 221 41.73 45.25 -68.76
N ARG P 222 42.58 44.21 -68.75
CA ARG P 222 43.88 44.30 -69.38
C ARG P 222 43.83 44.08 -70.89
N ILE P 223 44.97 44.36 -71.50
CA ILE P 223 45.20 44.11 -72.91
C ILE P 223 46.43 43.23 -73.02
N GLY P 224 46.74 42.87 -74.27
CA GLY P 224 47.96 42.17 -74.59
C GLY P 224 47.76 40.68 -74.66
N ASN P 225 48.86 40.04 -75.05
CA ASN P 225 48.97 38.64 -75.44
C ASN P 225 49.88 37.92 -74.43
N GLU P 226 49.34 36.96 -73.68
CA GLU P 226 50.13 36.27 -72.64
C GLU P 226 50.24 34.75 -72.94
N ILE P 227 51.44 34.14 -72.78
CA ILE P 227 51.68 32.67 -73.03
C ILE P 227 52.18 31.89 -71.79
N ILE P 228 51.60 30.71 -71.52
CA ILE P 228 51.84 29.92 -70.27
C ILE P 228 51.77 28.39 -70.46
N GLU P 229 52.57 27.63 -69.68
CA GLU P 229 52.95 26.21 -69.95
C GLU P 229 52.05 25.00 -69.46
N THR P 230 52.38 23.81 -69.97
CA THR P 230 51.89 22.49 -69.48
C THR P 230 52.73 21.39 -70.11
N LYS P 234 50.37 23.55 -73.32
CA LYS P 234 50.57 24.99 -73.44
C LYS P 234 49.25 25.74 -73.67
N SER P 235 49.26 27.09 -73.61
CA SER P 235 48.03 27.89 -73.57
C SER P 235 48.27 29.42 -73.65
N GLU P 236 47.46 30.11 -74.45
CA GLU P 236 47.68 31.54 -74.82
C GLU P 236 46.40 32.38 -74.80
N ILE P 237 46.50 33.58 -74.23
CA ILE P 237 45.35 34.50 -74.13
C ILE P 237 45.63 35.90 -74.67
N LYS P 238 44.77 36.37 -75.58
CA LYS P 238 44.78 37.77 -75.99
C LYS P 238 43.62 38.50 -75.33
N PHE P 239 43.99 39.25 -74.29
CA PHE P 239 43.05 40.06 -73.54
C PHE P 239 42.44 41.16 -74.40
N TYR P 240 41.13 41.36 -74.28
CA TYR P 240 40.45 42.23 -75.26
C TYR P 240 40.15 43.69 -74.82
N GLY P 241 40.82 44.14 -73.75
CA GLY P 241 40.64 45.50 -73.27
C GLY P 241 39.17 45.88 -73.06
N ASN P 242 38.78 46.93 -73.77
CA ASN P 242 37.48 47.54 -73.61
C ASN P 242 37.15 47.89 -72.15
N SER P 243 38.16 48.29 -71.38
CA SER P 243 37.87 49.02 -70.13
C SER P 243 36.88 50.17 -70.42
N PHE P 244 36.04 50.48 -69.46
CA PHE P 244 35.08 51.55 -69.65
C PHE P 244 34.56 52.10 -68.29
N ILE P 245 33.96 53.27 -68.40
CA ILE P 245 33.19 53.86 -67.33
C ILE P 245 31.76 54.01 -67.83
N ALA P 246 30.81 53.56 -67.02
CA ALA P 246 29.39 53.74 -67.33
C ALA P 246 28.70 54.74 -66.34
N GLY P 247 27.74 55.50 -66.86
CA GLY P 247 26.89 56.34 -66.03
C GLY P 247 25.77 55.57 -65.34
N PRO P 248 24.97 56.27 -64.55
CA PRO P 248 23.88 55.67 -63.73
C PRO P 248 22.66 55.19 -64.53
N THR P 249 22.61 55.57 -65.79
CA THR P 249 21.69 55.06 -66.77
C THR P 249 22.27 53.90 -67.56
N GLY P 250 23.50 53.52 -67.27
CA GLY P 250 24.18 52.51 -68.08
C GLY P 250 24.85 53.05 -69.33
N GLU P 251 24.76 54.35 -69.59
CA GLU P 251 25.41 54.92 -70.77
C GLU P 251 26.92 54.84 -70.66
N ILE P 252 27.60 54.50 -71.72
CA ILE P 252 29.04 54.41 -71.64
C ILE P 252 29.59 55.80 -71.92
N VAL P 253 30.26 56.39 -70.94
CA VAL P 253 30.78 57.73 -71.10
C VAL P 253 32.23 57.68 -71.55
N SER P 254 32.91 56.58 -71.29
CA SER P 254 34.32 56.48 -71.64
C SER P 254 34.66 55.03 -71.90
N ILE P 255 35.27 54.75 -73.05
CA ILE P 255 35.56 53.37 -73.42
C ILE P 255 36.94 53.28 -74.02
N ALA P 256 37.61 52.15 -73.79
CA ALA P 256 38.89 51.88 -74.49
C ALA P 256 38.72 50.86 -75.65
N ASP P 257 39.69 50.76 -76.54
CA ASP P 257 39.65 49.69 -77.54
C ASP P 257 40.49 48.52 -77.03
N ASP P 258 40.72 47.49 -77.85
CA ASP P 258 41.35 46.22 -77.40
C ASP P 258 42.89 46.14 -77.47
N LYS P 259 43.55 47.26 -77.79
CA LYS P 259 44.99 47.29 -78.13
C LYS P 259 45.77 48.26 -77.25
N GLU P 260 45.17 49.42 -77.02
CA GLU P 260 45.85 50.60 -76.48
C GLU P 260 46.00 50.49 -74.96
N GLU P 261 47.13 50.94 -74.45
CA GLU P 261 47.26 51.26 -73.05
C GLU P 261 46.45 52.55 -72.79
N ALA P 262 45.71 52.62 -71.69
CA ALA P 262 44.73 53.68 -71.55
C ALA P 262 44.48 54.19 -70.12
N VAL P 263 44.02 55.44 -70.06
CA VAL P 263 43.63 56.12 -68.83
C VAL P 263 42.26 56.78 -69.04
N LEU P 264 41.20 56.17 -68.56
CA LEU P 264 39.89 56.77 -68.80
C LEU P 264 39.48 57.71 -67.64
N ILE P 265 38.65 58.70 -67.91
CA ILE P 265 38.32 59.73 -66.94
C ILE P 265 36.85 60.10 -67.01
N ALA P 266 36.22 60.18 -65.85
CA ALA P 266 34.87 60.66 -65.81
C ALA P 266 34.60 61.32 -64.44
N GLU P 267 33.93 62.47 -64.47
CA GLU P 267 33.42 63.14 -63.30
C GLU P 267 31.93 62.85 -63.11
N PHE P 268 31.54 62.54 -61.88
CA PHE P 268 30.13 62.37 -61.51
C PHE P 268 29.74 63.23 -60.31
N ASN P 269 28.55 63.78 -60.35
CA ASN P 269 28.02 64.58 -59.27
C ASN P 269 27.20 63.62 -58.39
N LEU P 270 27.80 63.11 -57.33
CA LEU P 270 27.08 62.10 -56.50
C LEU P 270 25.82 62.59 -55.77
N ASP P 271 25.74 63.86 -55.42
CA ASP P 271 24.49 64.37 -54.83
C ASP P 271 23.32 64.33 -55.82
N LYS P 272 23.63 64.58 -57.10
CA LYS P 272 22.60 64.70 -58.13
C LYS P 272 22.23 63.31 -58.58
N ILE P 273 23.22 62.43 -58.68
CA ILE P 273 22.93 61.02 -59.02
C ILE P 273 22.08 60.36 -57.92
N LYS P 274 22.46 60.55 -56.66
CA LYS P 274 21.65 60.07 -55.55
C LYS P 274 20.21 60.60 -55.64
N SER P 275 20.04 61.91 -55.91
CA SER P 275 18.71 62.50 -56.08
C SER P 275 17.90 61.82 -57.21
N MET P 276 18.57 61.49 -58.31
CA MET P 276 17.92 60.80 -59.44
C MET P 276 17.61 59.33 -59.14
N ARG P 277 18.54 58.63 -58.48
CA ARG P 277 18.35 57.26 -58.08
C ARG P 277 17.09 57.12 -57.21
N HIS P 278 16.98 57.97 -56.19
CA HIS P 278 15.78 57.95 -55.36
C HIS P 278 14.49 58.31 -56.12
N CYS P 279 14.55 59.36 -56.96
CA CYS P 279 13.40 59.83 -57.70
C CYS P 279 12.89 58.82 -58.71
N TRP P 280 13.80 58.11 -59.37
CA TRP P 280 13.40 57.07 -60.31
C TRP P 280 12.58 55.98 -59.64
N GLY P 281 12.96 55.57 -58.44
CA GLY P 281 12.03 54.86 -57.55
C GLY P 281 12.19 53.37 -57.35
N VAL P 282 13.12 52.73 -58.06
CA VAL P 282 13.26 51.27 -58.01
C VAL P 282 13.42 50.71 -56.58
N PHE P 283 14.33 51.31 -55.83
CA PHE P 283 14.56 50.97 -54.40
C PHE P 283 13.37 51.14 -53.48
N ARG P 284 12.48 52.11 -53.80
CA ARG P 284 11.20 52.31 -53.04
C ARG P 284 10.18 51.17 -53.34
N ASP P 285 10.37 50.55 -54.51
CA ASP P 285 9.35 49.73 -55.18
C ASP P 285 9.67 48.25 -55.14
N ARG P 286 10.93 47.97 -54.77
CA ARG P 286 11.49 46.60 -54.52
C ARG P 286 10.62 45.68 -53.64
N ARG P 287 10.64 44.39 -53.94
CA ARG P 287 9.76 43.43 -53.28
C ARG P 287 10.53 42.24 -52.60
N PRO P 288 11.39 42.51 -51.59
CA PRO P 288 12.10 41.39 -50.92
C PRO P 288 11.18 40.29 -50.38
N ASP P 289 9.96 40.60 -50.00
CA ASP P 289 9.00 39.58 -49.61
C ASP P 289 8.71 38.50 -50.71
N LEU P 290 8.99 38.86 -51.95
CA LEU P 290 8.77 38.01 -53.10
C LEU P 290 10.10 37.49 -53.63
N TYR P 291 11.22 37.87 -53.01
CA TYR P 291 12.52 37.49 -53.51
C TYR P 291 13.19 36.25 -52.84
N LYS P 292 12.45 35.40 -52.11
CA LYS P 292 13.14 34.31 -51.40
C LYS P 292 13.79 33.24 -52.31
N VAL P 293 13.25 33.06 -53.51
CA VAL P 293 13.79 32.13 -54.48
C VAL P 293 15.21 32.45 -54.94
N LEU P 294 15.62 33.69 -54.85
CA LEU P 294 17.03 34.02 -55.10
C LEU P 294 17.97 33.36 -54.08
N LEU P 295 17.46 32.88 -52.95
CA LEU P 295 18.32 32.19 -51.99
C LEU P 295 18.36 30.67 -52.17
N THR P 296 17.79 30.19 -53.25
CA THR P 296 18.03 28.81 -53.68
C THR P 296 18.99 28.83 -54.84
N LEU P 297 19.54 27.64 -55.11
CA LEU P 297 20.35 27.36 -56.32
C LEU P 297 19.45 26.84 -57.44
N ASP P 298 18.46 26.01 -57.05
CA ASP P 298 17.61 25.24 -57.98
C ASP P 298 16.18 25.78 -58.13
N GLY P 299 15.94 26.97 -57.62
CA GLY P 299 14.58 27.54 -57.54
C GLY P 299 13.49 26.90 -56.66
N LYS P 300 13.84 26.01 -55.71
CA LYS P 300 12.89 25.46 -54.68
C LYS P 300 13.46 25.35 -53.24
N ASN P 301 14.74 24.94 -53.13
CA ASN P 301 15.36 24.49 -51.87
C ASN P 301 16.35 25.49 -51.32
N PRO P 302 15.99 26.12 -50.19
CA PRO P 302 16.84 27.23 -49.67
C PRO P 302 18.19 26.76 -49.16
N VAL P 303 19.24 27.55 -49.39
CA VAL P 303 20.54 27.24 -48.80
C VAL P 303 20.75 28.01 -47.49
#